data_8J1V
#
_entry.id   8J1V
#
_cell.length_a   1.00
_cell.length_b   1.00
_cell.length_c   1.00
_cell.angle_alpha   90.00
_cell.angle_beta   90.00
_cell.angle_gamma   90.00
#
_symmetry.space_group_name_H-M   'P 1'
#
loop_
_entity.id
_entity.type
_entity.pdbx_description
1 polymer "Spike protein S2'"
2 polymer '8-9D heavy chain'
3 polymer '8-9D light chain'
4 non-polymer 2-acetamido-2-deoxy-beta-D-glucopyranose
#
loop_
_entity_poly.entity_id
_entity_poly.type
_entity_poly.pdbx_seq_one_letter_code
_entity_poly.pdbx_strand_id
1 'polypeptide(L)'
;TQSYTNSFTRGVYYPDKVFRSSVLHSTQDLFLPFFSNVTWFHAISGTNGTKRFDNPVLPFNDGVYFASTEKSNIIRGWIF
GTTLDSKTQSLLIVNNATNVVIKVCEFQFCNDPFLDVYYHKNNKSWMESEFRVYSSANNCTFEYVSQPFLMDLEGKQGNF
KNLREFVFKNIDGYFKIYSKHTPINLGRDLPQGFSALEPLVDLPIGINITRFQTLLALHRSYLTPGDSSSGWTAGAAAYY
VGYLQPRTFLLKYNENGTITDAVDCALDPLSETKCTLKSFTVEKGIYQTSNFRVQPTESIVRFPNITNLCPFDEVFNATR
FASVYAWNRKRISNCVADYSVLYNFAPFFAFKCYGVSPTKLNDLCFTNVYADSFVIRGNEVSQIAPGQTGNIADYNYKLP
DDFTGCVIAWNSNKLDSKVGGNYNYRYRLFRKSNLKPFERDISTEIYQAGNKPCNGVAGVNCYFPLQSYGFRPTYGVGHQ
PYRVVVLSFELLHAPATVCGPKKSTNLVKNKCVNFNFNGLTGTGVLTESNKKFLPFQQFGRDIADTTDAVRDPQTLEILD
ITPCSFGGVSVITPGTNTSNQVAVLYQGVNCTEVPVAIHADQLTPTWRVYSTGSNVFQTRAGCLIGAEYVNNSYECDIPI
GAGICASYQTQTKSHGSASSVASQSIIAYTMSLGAENSVAYSNNSIAIPTNFTISVTTEILPVSMTKTSVDCTMYICGDS
TECSNLLLQYGSFCTQLKRALTGIAVEQDKNTQEVFAQVKQIYKTPPIKYFGGFNFSQILPDPSKPSKRSPIEDLLFNKV
TLADAGFIKQYGDCLGDIAARDLICAQKFNGLTVLPPLLTDEMIAQYTSALLAGTITSGWTFGAGPALQIPFPMQMAYRF
NGIGVTQNVLYENQKLIANQFNSAIGKIQDSLSSTPSALGKLQDVVNHNAQALNTLVKQLSSKFGAISSVLNDILSRLDP
PEAEVQIDRLITGRLQSLQTYVTQQLIRAAEIRASANLAATKMSECVLGQSKRVDFCGKGYHLMSFPQSAPHGVVFLHVT
YVPAQEKNFTTAPAICHDGKAHFPREGVFVSNGTHWFVTQRNFYEPQIITTDNTFVSGNCDVVIGIVNNTVYDPL
;
A,B,E
2 'polypeptide(L)'
;VQLVESGGGLVQPGGSLRLSCAASGLTVSSNYMNWVRQAPGKGLEWVSVFYPGGSTFYADSVRGRFTISRDNSKNTLYLQ
MNSLRAEDTAVYYCARDHSGHALDIWGQGTMVTVS
;
H,C,F
3 'polypeptide(L)'
;DIQMTQSPSFLSASVGDRVTITCRASQGISSYLAWYQQKPGKAPKLLIYAASTLQSGVPSRFSGSGSGTEFTLTISSLQP
EDFATYYCQHLNSYPSMYTFGQGTKVDI
;
K,D,G
#
# COMPACT_ATOMS: atom_id res chain seq x y z
N THR A 1 -9.52 -58.07 -13.49
CA THR A 1 -8.13 -58.30 -13.09
C THR A 1 -7.45 -57.00 -12.72
N GLN A 2 -6.91 -56.94 -11.50
CA GLN A 2 -6.28 -55.73 -10.98
C GLN A 2 -4.93 -56.06 -10.34
N SER A 3 -4.11 -56.84 -11.05
CA SER A 3 -2.78 -57.13 -10.56
C SER A 3 -1.92 -55.87 -10.57
N TYR A 4 -1.16 -55.68 -9.50
CA TYR A 4 -0.41 -54.45 -9.28
C TYR A 4 1.04 -54.60 -9.69
N THR A 5 1.63 -53.49 -10.13
CA THR A 5 3.03 -53.45 -10.53
C THR A 5 3.57 -52.06 -10.24
N ASN A 6 4.89 -51.96 -10.03
CA ASN A 6 5.56 -50.72 -9.74
C ASN A 6 6.02 -50.06 -11.03
N SER A 7 5.96 -48.73 -11.07
CA SER A 7 6.38 -47.95 -12.24
C SER A 7 7.79 -47.45 -12.02
N PHE A 8 8.73 -47.94 -12.83
CA PHE A 8 10.15 -47.61 -12.67
C PHE A 8 10.46 -46.39 -13.54
N THR A 9 10.31 -45.20 -12.95
CA THR A 9 10.67 -43.93 -13.59
C THR A 9 10.01 -43.78 -14.97
N ARG A 10 8.71 -44.09 -15.02
CA ARG A 10 7.91 -43.93 -16.23
C ARG A 10 6.82 -42.89 -15.98
N GLY A 11 6.52 -42.12 -17.03
CA GLY A 11 5.48 -41.13 -16.95
C GLY A 11 5.99 -39.71 -16.85
N VAL A 12 7.06 -39.41 -17.57
CA VAL A 12 7.65 -38.08 -17.60
C VAL A 12 7.36 -37.45 -18.95
N TYR A 13 6.89 -36.21 -18.93
CA TYR A 13 6.51 -35.49 -20.15
C TYR A 13 7.07 -34.08 -20.11
N TYR A 14 7.21 -33.48 -21.29
CA TYR A 14 7.68 -32.11 -21.38
C TYR A 14 6.63 -31.17 -20.82
N PRO A 15 6.96 -30.37 -19.80
CA PRO A 15 5.92 -29.49 -19.21
C PRO A 15 5.53 -28.34 -20.12
N ASP A 16 6.48 -27.70 -20.79
CA ASP A 16 6.21 -26.52 -21.59
C ASP A 16 6.79 -26.69 -22.99
N LYS A 17 6.44 -25.73 -23.86
CA LYS A 17 6.95 -25.71 -25.23
C LYS A 17 8.32 -25.06 -25.34
N VAL A 18 8.87 -24.55 -24.24
CA VAL A 18 10.14 -23.83 -24.30
C VAL A 18 11.30 -24.80 -24.51
N PHE A 19 12.45 -24.25 -24.86
CA PHE A 19 13.65 -25.02 -25.17
C PHE A 19 14.75 -24.64 -24.18
N ARG A 20 15.38 -25.65 -23.58
CA ARG A 20 16.48 -25.45 -22.66
C ARG A 20 17.60 -26.42 -22.99
N SER A 21 18.85 -25.96 -22.90
CA SER A 21 20.01 -26.76 -23.22
C SER A 21 20.99 -26.73 -22.05
N SER A 22 21.36 -27.92 -21.57
CA SER A 22 22.39 -28.08 -20.53
C SER A 22 22.08 -27.25 -19.29
N VAL A 23 20.89 -27.46 -18.74
CA VAL A 23 20.46 -26.75 -17.53
C VAL A 23 19.41 -27.60 -16.82
N LEU A 24 19.46 -27.59 -15.50
CA LEU A 24 18.49 -28.32 -14.68
C LEU A 24 17.36 -27.38 -14.29
N HIS A 25 16.13 -27.82 -14.53
CA HIS A 25 14.95 -27.02 -14.27
C HIS A 25 14.04 -27.72 -13.26
N SER A 26 13.53 -26.95 -12.31
CA SER A 26 12.60 -27.44 -11.30
C SER A 26 11.21 -26.93 -11.62
N THR A 27 10.25 -27.85 -11.77
CA THR A 27 8.89 -27.50 -12.10
C THR A 27 7.93 -28.22 -11.16
N GLN A 28 6.78 -27.61 -10.94
CA GLN A 28 5.74 -28.14 -10.04
C GLN A 28 4.46 -28.30 -10.86
N ASP A 29 4.24 -29.51 -11.38
CA ASP A 29 3.06 -29.83 -12.18
C ASP A 29 2.60 -31.23 -11.81
N LEU A 30 1.54 -31.68 -12.48
CA LEU A 30 1.04 -33.02 -12.26
C LEU A 30 1.99 -34.04 -12.89
N PHE A 31 2.37 -35.05 -12.11
CA PHE A 31 3.29 -36.08 -12.59
C PHE A 31 2.96 -37.39 -11.91
N LEU A 32 3.38 -38.48 -12.53
CA LEU A 32 3.25 -39.80 -11.93
C LEU A 32 4.37 -40.00 -10.92
N PRO A 33 4.07 -40.25 -9.65
CA PRO A 33 5.14 -40.39 -8.65
C PRO A 33 6.08 -41.54 -8.99
N PHE A 34 7.37 -41.32 -8.71
CA PHE A 34 8.36 -42.34 -8.99
C PHE A 34 8.16 -43.54 -8.09
N PHE A 35 8.31 -44.74 -8.65
CA PHE A 35 8.17 -46.01 -7.95
C PHE A 35 6.78 -46.20 -7.36
N SER A 36 5.78 -45.49 -7.90
CA SER A 36 4.41 -45.72 -7.49
C SER A 36 3.88 -47.00 -8.15
N ASN A 37 2.78 -47.51 -7.59
CA ASN A 37 2.20 -48.76 -8.06
C ASN A 37 1.08 -48.50 -9.06
N VAL A 38 1.12 -49.24 -10.17
CA VAL A 38 0.11 -49.16 -11.22
C VAL A 38 -0.70 -50.45 -11.22
N THR A 39 -1.75 -50.47 -12.03
CA THR A 39 -2.70 -51.57 -12.06
C THR A 39 -2.79 -52.15 -13.47
N TRP A 40 -2.47 -53.43 -13.60
CA TRP A 40 -2.71 -54.14 -14.84
C TRP A 40 -4.20 -54.47 -14.96
N PHE A 41 -4.72 -54.33 -16.18
CA PHE A 41 -6.11 -54.64 -16.47
C PHE A 41 -6.19 -55.69 -17.56
N HIS A 42 -7.08 -56.66 -17.37
CA HIS A 42 -7.31 -57.70 -18.36
C HIS A 42 -8.78 -57.79 -18.71
N ALA A 43 -9.17 -58.80 -19.49
CA ALA A 43 -10.56 -59.00 -19.86
C ALA A 43 -11.37 -59.53 -18.69
N PRO A 56 -16.30 -52.18 -15.98
CA PRO A 56 -15.63 -51.37 -14.95
C PRO A 56 -15.28 -49.97 -15.45
N VAL A 57 -15.48 -48.96 -14.61
CA VAL A 57 -15.23 -47.58 -14.97
C VAL A 57 -14.24 -46.99 -13.97
N LEU A 58 -13.20 -46.36 -14.50
CA LEU A 58 -12.10 -45.83 -13.72
C LEU A 58 -12.44 -44.46 -13.15
N PRO A 59 -11.83 -44.07 -12.03
CA PRO A 59 -12.22 -42.79 -11.41
C PRO A 59 -11.57 -41.56 -12.02
N PHE A 60 -10.45 -41.72 -12.75
CA PHE A 60 -9.82 -40.62 -13.49
C PHE A 60 -9.68 -39.36 -12.65
N ASN A 61 -8.85 -39.43 -11.60
CA ASN A 61 -8.61 -38.29 -10.74
C ASN A 61 -7.24 -37.67 -11.02
N ASP A 62 -7.26 -36.40 -11.41
CA ASP A 62 -6.04 -35.61 -11.65
C ASP A 62 -5.12 -36.29 -12.66
N GLY A 63 -5.61 -36.47 -13.88
CA GLY A 63 -4.83 -37.04 -14.94
C GLY A 63 -4.80 -38.56 -14.91
N VAL A 64 -4.09 -39.13 -15.89
CA VAL A 64 -3.97 -40.57 -16.02
C VAL A 64 -2.73 -40.90 -16.84
N TYR A 65 -2.18 -42.09 -16.64
CA TYR A 65 -1.06 -42.59 -17.42
C TYR A 65 -1.47 -43.91 -18.06
N PHE A 66 -1.44 -43.97 -19.38
CA PHE A 66 -1.87 -45.15 -20.13
C PHE A 66 -0.69 -45.75 -20.86
N ALA A 67 -0.52 -47.07 -20.73
CA ALA A 67 0.55 -47.77 -21.40
C ALA A 67 0.07 -49.17 -21.78
N SER A 68 0.49 -49.62 -22.96
CA SER A 68 0.13 -50.94 -23.45
C SER A 68 1.13 -51.36 -24.50
N THR A 69 1.39 -52.66 -24.57
CA THR A 69 2.32 -53.22 -25.54
C THR A 69 1.72 -54.49 -26.13
N GLU A 70 1.87 -54.66 -27.45
CA GLU A 70 1.36 -55.82 -28.16
C GLU A 70 1.87 -55.77 -29.60
N LYS A 71 1.91 -56.93 -30.23
CA LYS A 71 2.33 -57.04 -31.62
C LYS A 71 1.18 -56.86 -32.60
N SER A 72 -0.05 -56.69 -32.12
CA SER A 72 -1.22 -56.49 -32.96
C SER A 72 -1.75 -55.08 -32.77
N ASN A 73 -2.90 -54.81 -33.40
CA ASN A 73 -3.58 -53.52 -33.29
C ASN A 73 -4.95 -53.67 -32.63
N ILE A 74 -5.06 -54.58 -31.67
CA ILE A 74 -6.34 -54.83 -31.01
C ILE A 74 -6.78 -53.58 -30.24
N ILE A 75 -5.86 -52.94 -29.53
CA ILE A 75 -6.19 -51.79 -28.71
C ILE A 75 -6.38 -50.57 -29.60
N ARG A 76 -7.49 -49.85 -29.41
CA ARG A 76 -7.78 -48.61 -30.12
C ARG A 76 -8.95 -47.91 -29.44
N GLY A 77 -8.81 -46.62 -29.21
CA GLY A 77 -9.93 -45.79 -28.80
C GLY A 77 -10.01 -45.60 -27.29
N TRP A 78 -10.65 -44.51 -26.90
CA TRP A 78 -10.94 -44.20 -25.51
C TRP A 78 -12.20 -43.35 -25.44
N ILE A 79 -12.89 -43.41 -24.30
CA ILE A 79 -14.09 -42.63 -24.06
C ILE A 79 -13.94 -41.93 -22.71
N PHE A 80 -14.28 -40.64 -22.67
CA PHE A 80 -14.16 -39.83 -21.47
C PHE A 80 -15.49 -39.16 -21.17
N GLY A 81 -15.72 -38.86 -19.89
CA GLY A 81 -16.93 -38.18 -19.46
C GLY A 81 -17.07 -38.25 -17.96
N THR A 82 -18.02 -37.47 -17.45
CA THR A 82 -18.30 -37.45 -16.01
C THR A 82 -19.61 -38.15 -15.65
N THR A 83 -20.55 -38.26 -16.59
CA THR A 83 -21.81 -38.93 -16.32
C THR A 83 -22.20 -39.95 -17.38
N LEU A 84 -21.76 -39.81 -18.62
CA LEU A 84 -22.10 -40.72 -19.72
C LEU A 84 -23.61 -40.77 -19.96
N ASP A 85 -24.30 -39.70 -19.63
CA ASP A 85 -25.74 -39.56 -19.81
C ASP A 85 -26.02 -38.35 -20.70
N SER A 86 -27.32 -38.06 -20.90
CA SER A 86 -27.70 -36.93 -21.71
C SER A 86 -27.54 -35.61 -20.96
N LYS A 87 -27.37 -35.69 -19.64
CA LYS A 87 -27.26 -34.47 -18.83
C LYS A 87 -26.00 -33.69 -19.15
N THR A 88 -24.88 -34.39 -19.36
CA THR A 88 -23.59 -33.74 -19.54
C THR A 88 -22.92 -34.25 -20.81
N GLN A 89 -22.20 -33.35 -21.48
CA GLN A 89 -21.50 -33.67 -22.71
C GLN A 89 -20.40 -34.71 -22.45
N SER A 90 -20.20 -35.57 -23.45
CA SER A 90 -19.23 -36.66 -23.34
C SER A 90 -18.26 -36.58 -24.52
N LEU A 91 -17.09 -37.20 -24.33
CA LEU A 91 -15.99 -37.12 -25.27
C LEU A 91 -15.65 -38.51 -25.80
N LEU A 92 -15.24 -38.59 -27.06
CA LEU A 92 -14.84 -39.84 -27.70
C LEU A 92 -13.53 -39.65 -28.44
N ILE A 93 -12.69 -40.69 -28.41
CA ILE A 93 -11.49 -40.79 -29.22
C ILE A 93 -11.46 -42.20 -29.81
N VAL A 94 -11.43 -42.29 -31.14
CA VAL A 94 -11.33 -43.56 -31.84
C VAL A 94 -10.36 -43.41 -33.02
N ASN A 95 -9.49 -44.41 -33.18
CA ASN A 95 -8.48 -44.42 -34.23
C ASN A 95 -8.92 -45.39 -35.33
N ASN A 96 -8.91 -44.91 -36.57
CA ASN A 96 -9.14 -45.80 -37.69
C ASN A 96 -7.84 -46.50 -38.09
N ALA A 97 -7.87 -47.16 -39.24
CA ALA A 97 -6.67 -47.81 -39.76
C ALA A 97 -5.71 -46.77 -40.36
N THR A 98 -6.25 -45.66 -40.87
CA THR A 98 -5.45 -44.66 -41.55
C THR A 98 -5.74 -43.25 -41.04
N ASN A 99 -6.70 -43.09 -40.13
CA ASN A 99 -7.04 -41.78 -39.60
C ASN A 99 -7.48 -41.92 -38.15
N VAL A 100 -7.76 -40.78 -37.53
CA VAL A 100 -8.32 -40.72 -36.17
C VAL A 100 -9.48 -39.74 -36.17
N VAL A 101 -10.52 -40.07 -35.42
CA VAL A 101 -11.67 -39.20 -35.23
C VAL A 101 -11.80 -38.89 -33.74
N ILE A 102 -11.91 -37.61 -33.41
CA ILE A 102 -12.06 -37.17 -32.03
C ILE A 102 -13.22 -36.18 -32.02
N LYS A 103 -14.41 -36.66 -31.68
CA LYS A 103 -15.61 -35.84 -31.61
C LYS A 103 -16.15 -35.88 -30.19
N VAL A 104 -16.35 -34.70 -29.60
CA VAL A 104 -16.93 -34.57 -28.27
C VAL A 104 -18.44 -34.48 -28.43
N CYS A 105 -19.09 -35.64 -28.56
CA CYS A 105 -20.53 -35.70 -28.80
C CYS A 105 -21.18 -36.63 -27.80
N GLU A 106 -22.35 -36.23 -27.32
CA GLU A 106 -23.02 -36.97 -26.26
C GLU A 106 -23.51 -38.32 -26.76
N PHE A 107 -23.41 -39.32 -25.89
CA PHE A 107 -23.86 -40.68 -26.15
C PHE A 107 -24.79 -41.12 -25.01
N GLN A 108 -25.98 -41.61 -25.37
CA GLN A 108 -27.01 -41.90 -24.39
C GLN A 108 -26.99 -43.35 -23.92
N PHE A 109 -27.14 -44.29 -24.83
CA PHE A 109 -27.30 -45.70 -24.49
C PHE A 109 -26.11 -46.51 -24.97
N CYS A 110 -25.68 -47.48 -24.16
CA CYS A 110 -24.61 -48.41 -24.51
C CYS A 110 -25.08 -49.79 -24.05
N ASN A 111 -25.72 -50.53 -24.95
CA ASN A 111 -26.31 -51.82 -24.60
C ASN A 111 -25.23 -52.81 -24.16
N ASP A 112 -24.19 -53.00 -24.97
CA ASP A 112 -23.08 -53.88 -24.65
C ASP A 112 -21.97 -53.65 -25.66
N PRO A 113 -20.71 -53.64 -25.25
CA PRO A 113 -19.62 -53.55 -26.23
C PRO A 113 -19.65 -54.73 -27.18
N PHE A 114 -19.31 -54.46 -28.44
CA PHE A 114 -19.34 -55.51 -29.46
C PHE A 114 -18.35 -56.62 -29.13
N LEU A 115 -18.82 -57.86 -29.24
CA LEU A 115 -18.00 -59.03 -28.94
C LEU A 115 -18.54 -60.21 -29.75
N ASP A 116 -17.73 -60.70 -30.68
CA ASP A 116 -18.15 -61.85 -31.47
C ASP A 116 -18.21 -63.10 -30.60
N VAL A 117 -19.14 -64.00 -30.94
CA VAL A 117 -19.32 -65.21 -30.14
C VAL A 117 -18.06 -66.08 -30.18
N TYR A 118 -17.38 -66.08 -31.33
CA TYR A 118 -16.15 -66.90 -31.49
C TYR A 118 -14.91 -66.06 -31.15
N TYR A 119 -14.76 -64.90 -31.79
CA TYR A 119 -13.57 -64.04 -31.55
C TYR A 119 -12.31 -64.90 -31.60
N HIS A 120 -12.19 -65.77 -32.61
CA HIS A 120 -11.02 -66.62 -32.75
C HIS A 120 -10.17 -66.12 -33.91
N LYS A 121 -8.90 -65.82 -33.64
CA LYS A 121 -7.97 -65.36 -34.65
C LYS A 121 -7.15 -66.48 -35.27
N ASN A 122 -7.37 -67.72 -34.86
CA ASN A 122 -6.59 -68.83 -35.41
C ASN A 122 -7.04 -69.17 -36.83
N ASN A 123 -8.30 -68.90 -37.17
CA ASN A 123 -8.84 -69.19 -38.49
C ASN A 123 -9.15 -67.92 -39.29
N LYS A 124 -9.91 -67.00 -38.70
CA LYS A 124 -10.27 -65.75 -39.36
C LYS A 124 -9.72 -64.58 -38.55
N SER A 125 -9.00 -63.68 -39.21
CA SER A 125 -8.38 -62.54 -38.56
C SER A 125 -8.88 -61.22 -39.16
N TRP A 126 -10.07 -61.23 -39.75
CA TRP A 126 -10.65 -60.05 -40.37
C TRP A 126 -11.82 -59.56 -39.51
N MET A 127 -11.69 -58.33 -38.99
CA MET A 127 -12.73 -57.68 -38.20
C MET A 127 -12.83 -56.24 -38.69
N GLU A 128 -13.71 -55.99 -39.65
CA GLU A 128 -13.82 -54.70 -40.30
C GLU A 128 -15.28 -54.26 -40.39
N SER A 129 -15.48 -52.95 -40.42
CA SER A 129 -16.81 -52.35 -40.60
C SER A 129 -17.81 -52.86 -39.56
N GLU A 130 -17.37 -52.93 -38.31
CA GLU A 130 -18.19 -53.41 -37.21
C GLU A 130 -18.07 -52.49 -36.01
N PHE A 131 -18.20 -51.19 -36.23
CA PHE A 131 -18.07 -50.18 -35.18
C PHE A 131 -19.36 -49.39 -35.07
N ARG A 132 -20.15 -49.68 -34.03
CA ARG A 132 -21.35 -48.92 -33.72
C ARG A 132 -21.57 -48.99 -32.22
N VAL A 133 -21.13 -47.96 -31.50
CA VAL A 133 -21.21 -47.94 -30.04
C VAL A 133 -22.08 -46.78 -29.59
N TYR A 134 -22.23 -45.77 -30.44
CA TYR A 134 -23.03 -44.60 -30.12
C TYR A 134 -24.46 -44.86 -30.55
N SER A 135 -25.37 -44.92 -29.56
CA SER A 135 -26.79 -45.14 -29.87
C SER A 135 -27.42 -43.89 -30.47
N SER A 136 -27.13 -42.73 -29.89
CA SER A 136 -27.70 -41.47 -30.33
C SER A 136 -26.58 -40.45 -30.48
N ALA A 137 -26.55 -39.78 -31.63
CA ALA A 137 -25.56 -38.73 -31.90
C ALA A 137 -26.26 -37.39 -31.77
N ASN A 138 -26.30 -36.86 -30.55
CA ASN A 138 -27.00 -35.61 -30.28
C ASN A 138 -26.15 -34.43 -30.74
N ASN A 139 -26.62 -33.22 -30.45
CA ASN A 139 -25.88 -32.03 -30.84
C ASN A 139 -24.56 -31.95 -30.09
N CYS A 140 -23.52 -31.52 -30.78
CA CYS A 140 -22.19 -31.40 -30.20
C CYS A 140 -21.40 -30.31 -30.90
N THR A 141 -20.17 -30.10 -30.41
CA THR A 141 -19.42 -28.90 -30.75
C THR A 141 -18.21 -29.16 -31.63
N PHE A 142 -17.31 -30.04 -31.20
CA PHE A 142 -15.97 -30.11 -31.76
C PHE A 142 -15.74 -31.47 -32.40
N GLU A 143 -14.89 -31.50 -33.44
CA GLU A 143 -14.56 -32.72 -34.19
C GLU A 143 -13.20 -32.52 -34.86
N TYR A 144 -12.24 -33.39 -34.54
CA TYR A 144 -10.90 -33.25 -35.06
C TYR A 144 -10.43 -34.53 -35.74
N VAL A 145 -9.82 -34.39 -36.92
CA VAL A 145 -9.29 -35.53 -37.66
C VAL A 145 -7.84 -35.22 -38.04
N SER A 146 -6.96 -36.18 -37.80
CA SER A 146 -5.53 -36.00 -38.06
C SER A 146 -4.91 -37.37 -38.33
N GLN A 147 -3.59 -37.43 -38.28
CA GLN A 147 -2.85 -38.65 -38.53
C GLN A 147 -3.08 -39.64 -37.38
N PRO A 148 -3.02 -40.95 -37.65
CA PRO A 148 -3.24 -41.94 -36.60
C PRO A 148 -2.36 -41.72 -35.37
N PHE A 149 -2.99 -41.82 -34.19
CA PHE A 149 -2.25 -41.68 -32.93
C PHE A 149 -1.29 -42.84 -32.73
N LEU A 150 -1.74 -44.07 -32.96
CA LEU A 150 -0.92 -45.24 -32.76
C LEU A 150 -0.11 -45.55 -34.02
N MET A 151 0.85 -46.46 -33.87
CA MET A 151 1.70 -46.87 -34.99
C MET A 151 1.15 -48.12 -35.66
N ASN A 162 7.09 -52.81 -29.65
CA ASN A 162 7.03 -51.42 -29.26
C ASN A 162 6.04 -51.22 -28.12
N LEU A 163 6.29 -50.19 -27.32
CA LEU A 163 5.45 -49.83 -26.19
C LEU A 163 4.89 -48.43 -26.39
N ARG A 164 3.59 -48.27 -26.17
CA ARG A 164 2.90 -47.00 -26.31
C ARG A 164 2.56 -46.44 -24.95
N GLU A 165 2.92 -45.18 -24.71
CA GLU A 165 2.64 -44.52 -23.44
C GLU A 165 1.90 -43.22 -23.70
N PHE A 166 0.77 -43.04 -23.04
CA PHE A 166 -0.06 -41.85 -23.20
C PHE A 166 -0.40 -41.28 -21.83
N VAL A 167 -0.37 -39.96 -21.72
CA VAL A 167 -0.79 -39.24 -20.53
C VAL A 167 -1.85 -38.22 -20.93
N PHE A 168 -3.01 -38.28 -20.31
CA PHE A 168 -4.13 -37.40 -20.59
C PHE A 168 -4.33 -36.44 -19.43
N LYS A 169 -4.42 -35.15 -19.75
CA LYS A 169 -4.61 -34.11 -18.75
C LYS A 169 -5.77 -33.22 -19.15
N ASN A 170 -6.36 -32.55 -18.15
CA ASN A 170 -7.46 -31.62 -18.36
C ASN A 170 -7.24 -30.45 -17.38
N ILE A 171 -6.54 -29.42 -17.85
CA ILE A 171 -6.20 -28.27 -17.03
C ILE A 171 -6.64 -27.00 -17.76
N ASP A 172 -7.38 -26.14 -17.05
CA ASP A 172 -7.83 -24.85 -17.57
C ASP A 172 -8.57 -25.01 -18.89
N GLY A 173 -9.49 -25.98 -18.94
CA GLY A 173 -10.32 -26.17 -20.10
C GLY A 173 -9.64 -26.77 -21.31
N TYR A 174 -8.37 -27.14 -21.20
CA TYR A 174 -7.60 -27.69 -22.30
C TYR A 174 -7.30 -29.16 -22.02
N PHE A 175 -7.61 -30.02 -23.00
CA PHE A 175 -7.33 -31.44 -22.91
C PHE A 175 -6.05 -31.72 -23.70
N LYS A 176 -5.03 -32.23 -23.02
CA LYS A 176 -3.71 -32.44 -23.60
C LYS A 176 -3.39 -33.92 -23.65
N ILE A 177 -2.82 -34.36 -24.77
CA ILE A 177 -2.47 -35.76 -24.99
C ILE A 177 -0.98 -35.82 -25.33
N TYR A 178 -0.26 -36.69 -24.64
CA TYR A 178 1.16 -36.93 -24.88
C TYR A 178 1.35 -38.37 -25.32
N SER A 179 2.44 -38.62 -26.05
CA SER A 179 2.67 -39.95 -26.59
C SER A 179 4.16 -40.18 -26.80
N LYS A 180 4.54 -41.46 -26.86
CA LYS A 180 5.90 -41.89 -27.13
C LYS A 180 5.93 -43.38 -27.44
N HIS A 181 6.76 -43.78 -28.39
CA HIS A 181 6.90 -45.18 -28.79
C HIS A 181 8.29 -45.66 -28.36
N THR A 182 8.34 -46.45 -27.29
CA THR A 182 9.60 -46.95 -26.76
C THR A 182 9.73 -48.43 -27.03
N PRO A 183 10.64 -48.86 -27.90
CA PRO A 183 10.84 -50.30 -28.11
C PRO A 183 11.42 -50.95 -26.86
N ILE A 184 11.02 -52.20 -26.62
CA ILE A 184 11.44 -52.95 -25.44
C ILE A 184 12.01 -54.29 -25.88
N ASN A 185 12.81 -54.89 -25.02
CA ASN A 185 13.41 -56.19 -25.32
C ASN A 185 12.81 -57.28 -24.45
N LEU A 190 6.20 -52.30 -17.53
CA LEU A 190 6.91 -51.04 -17.49
C LEU A 190 8.41 -51.25 -17.29
N PRO A 191 9.15 -51.38 -18.39
CA PRO A 191 10.59 -51.61 -18.30
C PRO A 191 11.31 -50.41 -17.69
N GLN A 192 12.46 -50.70 -17.08
CA GLN A 192 13.29 -49.65 -16.50
C GLN A 192 13.87 -48.76 -17.60
N GLY A 193 14.15 -47.52 -17.24
CA GLY A 193 14.67 -46.54 -18.16
C GLY A 193 13.91 -45.23 -18.08
N PHE A 194 14.38 -44.27 -18.88
CA PHE A 194 13.82 -42.92 -18.92
C PHE A 194 13.46 -42.60 -20.36
N SER A 195 12.19 -42.26 -20.59
CA SER A 195 11.69 -41.86 -21.90
C SER A 195 10.74 -40.68 -21.72
N ALA A 196 11.07 -39.57 -22.36
CA ALA A 196 10.27 -38.35 -22.24
C ALA A 196 9.09 -38.41 -23.20
N LEU A 197 7.95 -37.93 -22.72
CA LEU A 197 6.72 -37.93 -23.51
C LEU A 197 6.57 -36.59 -24.20
N GLU A 198 6.48 -36.61 -25.54
CA GLU A 198 6.36 -35.36 -26.29
C GLU A 198 4.89 -35.03 -26.53
N PRO A 199 4.53 -33.74 -26.51
CA PRO A 199 3.14 -33.36 -26.75
C PRO A 199 2.68 -33.78 -28.15
N LEU A 200 1.42 -34.19 -28.25
CA LEU A 200 0.86 -34.65 -29.51
C LEU A 200 -0.25 -33.75 -30.03
N VAL A 201 -1.32 -33.62 -29.24
CA VAL A 201 -2.50 -32.84 -29.70
C VAL A 201 -3.21 -32.16 -28.53
N ASP A 202 -3.17 -30.83 -28.47
CA ASP A 202 -3.89 -30.07 -27.42
C ASP A 202 -5.28 -29.67 -27.93
N LEU A 203 -6.24 -30.59 -27.94
CA LEU A 203 -7.62 -30.32 -28.42
C LEU A 203 -8.42 -29.57 -27.35
N PRO A 204 -9.07 -28.43 -27.67
CA PRO A 204 -9.81 -27.61 -26.70
C PRO A 204 -11.29 -27.95 -26.45
N ILE A 205 -11.58 -29.11 -25.88
CA ILE A 205 -13.00 -29.54 -25.69
C ILE A 205 -13.73 -28.62 -24.72
N GLY A 206 -13.14 -28.31 -23.58
CA GLY A 206 -13.82 -27.48 -22.55
C GLY A 206 -14.73 -28.28 -21.63
N ILE A 207 -14.87 -29.60 -21.83
CA ILE A 207 -15.82 -30.44 -21.03
C ILE A 207 -15.19 -30.85 -19.70
N ASN A 208 -15.99 -31.21 -18.70
CA ASN A 208 -15.42 -31.74 -17.43
C ASN A 208 -15.32 -33.27 -17.56
N ILE A 209 -14.18 -33.87 -17.18
CA ILE A 209 -13.98 -35.31 -17.33
C ILE A 209 -13.71 -35.90 -15.96
N THR A 210 -14.49 -36.92 -15.61
CA THR A 210 -14.37 -37.56 -14.30
C THR A 210 -14.30 -39.08 -14.42
N ARG A 211 -14.50 -39.64 -15.61
CA ARG A 211 -14.43 -41.07 -15.81
C ARG A 211 -13.89 -41.35 -17.20
N PHE A 212 -13.26 -42.52 -17.37
CA PHE A 212 -12.74 -42.91 -18.67
C PHE A 212 -12.76 -44.42 -18.78
N GLN A 213 -12.73 -44.89 -20.04
CA GLN A 213 -12.84 -46.32 -20.32
C GLN A 213 -12.21 -46.59 -21.68
N THR A 214 -11.55 -47.74 -21.78
CA THR A 214 -10.87 -48.15 -23.00
C THR A 214 -11.76 -49.06 -23.83
N LEU A 215 -11.43 -49.18 -25.11
CA LEU A 215 -12.19 -49.99 -26.06
C LEU A 215 -11.28 -51.02 -26.72
N LEU A 216 -11.91 -52.00 -27.35
CA LEU A 216 -11.20 -53.10 -28.00
C LEU A 216 -11.47 -53.03 -29.51
N ALA A 217 -11.00 -54.04 -30.23
CA ALA A 217 -11.20 -54.13 -31.67
C ALA A 217 -12.49 -54.87 -31.98
N ALA A 238 -4.03 -56.13 -20.79
CA ALA A 238 -2.80 -55.48 -21.26
C ALA A 238 -2.91 -53.97 -21.15
N TYR A 239 -3.30 -53.49 -19.98
CA TYR A 239 -3.45 -52.07 -19.73
C TYR A 239 -2.62 -51.66 -18.52
N TYR A 240 -1.94 -50.53 -18.63
CA TYR A 240 -1.16 -49.96 -17.53
C TYR A 240 -1.80 -48.61 -17.20
N VAL A 241 -2.39 -48.51 -16.00
CA VAL A 241 -3.11 -47.31 -15.60
C VAL A 241 -2.43 -46.73 -14.36
N GLY A 242 -2.06 -45.46 -14.43
CA GLY A 242 -1.50 -44.77 -13.29
C GLY A 242 -2.07 -43.37 -13.19
N TYR A 243 -2.06 -42.84 -11.97
CA TYR A 243 -2.70 -41.57 -11.65
C TYR A 243 -1.67 -40.57 -11.16
N LEU A 244 -1.84 -39.32 -11.56
CA LEU A 244 -0.86 -38.27 -11.29
C LEU A 244 -1.25 -37.48 -10.05
N GLN A 245 -0.23 -36.88 -9.42
CA GLN A 245 -0.39 -36.06 -8.24
C GLN A 245 0.38 -34.75 -8.42
N PRO A 246 -0.04 -33.68 -7.74
CA PRO A 246 0.68 -32.41 -7.88
C PRO A 246 2.03 -32.43 -7.19
N ARG A 247 3.02 -33.03 -7.86
CA ARG A 247 4.37 -33.19 -7.34
C ARG A 247 5.28 -32.11 -7.93
N THR A 248 6.54 -32.14 -7.51
CA THR A 248 7.57 -31.27 -8.05
C THR A 248 8.75 -32.12 -8.50
N PHE A 249 9.30 -31.78 -9.67
CA PHE A 249 10.37 -32.54 -10.29
C PHE A 249 11.57 -31.65 -10.54
N LEU A 250 12.67 -32.27 -10.98
CA LEU A 250 13.89 -31.57 -11.38
C LEU A 250 14.42 -32.28 -12.62
N LEU A 251 14.05 -31.76 -13.80
CA LEU A 251 14.41 -32.40 -15.04
C LEU A 251 15.83 -32.01 -15.46
N LYS A 252 16.46 -32.88 -16.24
CA LYS A 252 17.78 -32.63 -16.81
C LYS A 252 17.62 -32.50 -18.33
N TYR A 253 18.07 -31.38 -18.88
CA TYR A 253 17.93 -31.09 -20.30
C TYR A 253 19.25 -31.30 -21.00
N ASN A 254 19.23 -32.01 -22.11
CA ASN A 254 20.42 -32.24 -22.91
C ASN A 254 20.77 -30.97 -23.70
N GLU A 255 21.96 -30.98 -24.30
CA GLU A 255 22.39 -29.85 -25.11
C GLU A 255 21.51 -29.70 -26.34
N ASN A 256 21.00 -30.81 -26.87
CA ASN A 256 20.10 -30.74 -28.02
C ASN A 256 18.69 -30.30 -27.62
N GLY A 257 18.35 -30.41 -26.35
CA GLY A 257 17.07 -29.97 -25.86
C GLY A 257 16.09 -31.05 -25.44
N THR A 258 16.56 -32.25 -25.12
CA THR A 258 15.70 -33.36 -24.71
C THR A 258 16.01 -33.77 -23.29
N ILE A 259 15.00 -34.27 -22.59
CA ILE A 259 15.15 -34.68 -21.20
C ILE A 259 15.77 -36.07 -21.16
N THR A 260 16.83 -36.23 -20.37
CA THR A 260 17.52 -37.50 -20.22
C THR A 260 17.30 -38.14 -18.85
N ASP A 261 17.33 -37.34 -17.79
CA ASP A 261 17.15 -37.83 -16.44
C ASP A 261 16.26 -36.86 -15.65
N ALA A 262 15.63 -37.38 -14.61
CA ALA A 262 14.82 -36.58 -13.71
C ALA A 262 14.82 -37.22 -12.33
N VAL A 263 14.55 -36.41 -11.31
CA VAL A 263 14.51 -36.86 -9.93
C VAL A 263 13.23 -36.32 -9.28
N ASP A 264 12.54 -37.17 -8.54
CA ASP A 264 11.36 -36.75 -7.81
C ASP A 264 11.77 -36.17 -6.45
N CYS A 265 11.32 -34.95 -6.17
CA CYS A 265 11.76 -34.21 -4.99
C CYS A 265 11.01 -34.61 -3.73
N ALA A 266 10.24 -35.70 -3.76
CA ALA A 266 9.51 -36.13 -2.57
C ALA A 266 9.57 -37.64 -2.36
N LEU A 267 10.64 -38.29 -2.81
CA LEU A 267 10.72 -39.75 -2.68
C LEU A 267 11.57 -40.15 -1.47
N ASP A 268 12.82 -39.69 -1.43
CA ASP A 268 13.73 -40.02 -0.35
C ASP A 268 14.55 -38.77 -0.01
N PRO A 269 15.14 -38.71 1.20
CA PRO A 269 15.87 -37.49 1.58
C PRO A 269 17.01 -37.13 0.64
N LEU A 270 17.64 -38.11 0.01
CA LEU A 270 18.70 -37.81 -0.95
C LEU A 270 18.17 -37.00 -2.12
N SER A 271 16.98 -37.34 -2.61
CA SER A 271 16.38 -36.57 -3.70
C SER A 271 16.04 -35.16 -3.26
N GLU A 272 15.57 -35.00 -2.02
CA GLU A 272 15.31 -33.66 -1.49
C GLU A 272 16.59 -32.85 -1.43
N THR A 273 17.69 -33.47 -0.99
CA THR A 273 18.98 -32.79 -0.99
C THR A 273 19.41 -32.38 -2.40
N LYS A 274 19.21 -33.29 -3.37
CA LYS A 274 19.56 -32.97 -4.75
C LYS A 274 18.75 -31.79 -5.27
N CYS A 275 17.44 -31.77 -4.97
CA CYS A 275 16.59 -30.68 -5.43
C CYS A 275 16.97 -29.37 -4.75
N THR A 276 17.31 -29.42 -3.46
CA THR A 276 17.75 -28.21 -2.76
C THR A 276 19.04 -27.67 -3.37
N LEU A 277 19.99 -28.56 -3.67
CA LEU A 277 21.25 -28.14 -4.27
C LEU A 277 21.16 -27.91 -5.76
N LYS A 278 20.04 -28.28 -6.39
CA LYS A 278 19.85 -28.14 -7.85
C LYS A 278 20.97 -28.82 -8.62
N SER A 279 21.32 -30.03 -8.20
CA SER A 279 22.37 -30.80 -8.87
C SER A 279 22.08 -32.27 -8.70
N PHE A 280 22.66 -33.08 -9.58
CA PHE A 280 22.50 -34.52 -9.52
C PHE A 280 23.59 -35.23 -8.74
N THR A 281 24.71 -34.55 -8.51
CA THR A 281 25.81 -35.08 -7.71
C THR A 281 25.96 -34.24 -6.45
N VAL A 282 25.92 -34.89 -5.29
CA VAL A 282 26.03 -34.22 -4.00
C VAL A 282 27.38 -34.58 -3.38
N GLU A 283 28.07 -33.58 -2.87
CA GLU A 283 29.36 -33.80 -2.22
C GLU A 283 29.17 -34.20 -0.77
N LYS A 284 30.27 -34.59 -0.14
CA LYS A 284 30.24 -34.96 1.28
C LYS A 284 29.89 -33.75 2.13
N GLY A 285 28.97 -33.95 3.08
CA GLY A 285 28.60 -32.88 3.97
C GLY A 285 27.21 -33.10 4.53
N ILE A 286 26.75 -32.10 5.28
CA ILE A 286 25.42 -32.09 5.87
C ILE A 286 24.65 -30.94 5.24
N TYR A 287 23.45 -31.24 4.73
CA TYR A 287 22.65 -30.25 4.02
C TYR A 287 21.26 -30.16 4.64
N GLN A 288 20.76 -28.93 4.75
CA GLN A 288 19.40 -28.69 5.22
C GLN A 288 18.45 -28.72 4.03
N THR A 289 17.40 -29.54 4.13
CA THR A 289 16.49 -29.76 3.01
C THR A 289 15.12 -29.12 3.25
N SER A 290 14.46 -29.44 4.36
CA SER A 290 13.11 -28.96 4.61
C SER A 290 12.96 -28.69 6.10
N ASN A 291 11.72 -28.52 6.54
CA ASN A 291 11.41 -28.26 7.94
C ASN A 291 10.42 -29.29 8.46
N PHE A 292 10.49 -29.56 9.76
CA PHE A 292 9.65 -30.54 10.42
C PHE A 292 8.71 -29.83 11.39
N ARG A 293 7.46 -30.28 11.45
CA ARG A 293 6.47 -29.66 12.31
C ARG A 293 5.41 -30.69 12.66
N VAL A 294 5.10 -30.83 13.95
CA VAL A 294 4.07 -31.75 14.40
C VAL A 294 2.71 -31.09 14.22
N GLN A 295 1.85 -31.71 13.43
CA GLN A 295 0.54 -31.14 13.17
C GLN A 295 -0.42 -31.44 14.32
N PRO A 296 -1.41 -30.57 14.53
CA PRO A 296 -2.40 -30.83 15.58
C PRO A 296 -3.20 -32.09 15.30
N THR A 297 -3.61 -32.77 16.37
CA THR A 297 -4.39 -33.99 16.27
C THR A 297 -5.86 -33.81 16.66
N GLU A 298 -6.22 -32.68 17.27
CA GLU A 298 -7.58 -32.46 17.71
C GLU A 298 -7.80 -30.96 17.89
N SER A 299 -9.07 -30.56 17.96
CA SER A 299 -9.45 -29.19 18.24
C SER A 299 -10.47 -29.20 19.37
N ILE A 300 -10.22 -28.40 20.41
CA ILE A 300 -11.09 -28.34 21.58
C ILE A 300 -11.45 -26.89 21.86
N VAL A 301 -12.63 -26.70 22.43
CA VAL A 301 -13.12 -25.38 22.85
C VAL A 301 -13.67 -25.52 24.26
N ARG A 302 -13.22 -24.64 25.16
CA ARG A 302 -13.62 -24.68 26.56
C ARG A 302 -14.25 -23.35 26.95
N PHE A 303 -15.42 -23.41 27.57
CA PHE A 303 -16.16 -22.25 28.03
C PHE A 303 -16.70 -22.54 29.41
N PRO A 304 -16.98 -21.52 30.21
CA PRO A 304 -17.43 -21.76 31.59
C PRO A 304 -18.81 -22.40 31.63
N ASN A 305 -19.13 -22.94 32.81
CA ASN A 305 -20.41 -23.69 32.92
C ASN A 305 -21.54 -22.78 32.43
N ILE A 306 -22.60 -23.36 31.90
CA ILE A 306 -23.78 -22.56 31.48
C ILE A 306 -24.72 -22.41 32.68
N THR A 307 -25.07 -21.17 33.04
CA THR A 307 -25.96 -20.89 34.19
C THR A 307 -26.62 -19.54 33.97
N ASN A 308 -27.59 -19.16 34.82
CA ASN A 308 -28.32 -17.90 34.60
C ASN A 308 -29.00 -17.95 33.24
N LEU A 309 -29.59 -19.09 32.90
CA LEU A 309 -30.35 -19.21 31.63
C LEU A 309 -31.55 -18.25 31.70
N CYS A 310 -31.84 -17.55 30.60
CA CYS A 310 -32.93 -16.54 30.61
C CYS A 310 -34.26 -17.17 31.03
N PRO A 311 -35.23 -16.39 31.52
CA PRO A 311 -36.55 -16.91 31.91
C PRO A 311 -37.53 -17.08 30.75
N PHE A 312 -37.03 -17.66 29.65
CA PHE A 312 -37.92 -17.99 28.54
C PHE A 312 -38.91 -19.08 28.93
N ASP A 313 -38.53 -19.91 29.90
CA ASP A 313 -39.46 -20.93 30.39
C ASP A 313 -40.66 -20.30 31.08
N GLU A 314 -40.44 -19.25 31.87
CA GLU A 314 -41.54 -18.61 32.58
C GLU A 314 -42.48 -17.88 31.64
N VAL A 315 -41.94 -17.22 30.62
CA VAL A 315 -42.78 -16.45 29.71
C VAL A 315 -43.72 -17.35 28.93
N PHE A 316 -43.22 -18.49 28.43
CA PHE A 316 -44.02 -19.30 27.53
C PHE A 316 -45.06 -20.13 28.28
N ASN A 317 -44.76 -20.59 29.49
CA ASN A 317 -45.67 -21.46 30.22
C ASN A 317 -46.38 -20.63 31.30
N ALA A 318 -46.89 -19.46 30.96
CA ALA A 318 -47.76 -18.74 31.87
C ALA A 318 -49.12 -19.43 31.91
N THR A 319 -49.63 -19.64 33.13
CA THR A 319 -50.93 -20.28 33.29
C THR A 319 -52.03 -19.40 32.69
N ARG A 320 -51.97 -18.10 32.92
CA ARG A 320 -52.95 -17.16 32.40
C ARG A 320 -52.22 -15.99 31.76
N PHE A 321 -52.47 -15.77 30.47
CA PHE A 321 -51.98 -14.59 29.77
C PHE A 321 -52.96 -13.43 29.96
N ALA A 322 -52.68 -12.31 29.31
CA ALA A 322 -53.53 -11.12 29.40
C ALA A 322 -54.16 -10.86 28.04
N SER A 323 -55.13 -9.96 28.04
CA SER A 323 -55.77 -9.56 26.79
C SER A 323 -54.79 -8.73 25.95
N VAL A 324 -55.11 -8.60 24.67
CA VAL A 324 -54.18 -7.92 23.76
C VAL A 324 -54.07 -6.44 24.09
N TYR A 325 -55.16 -5.82 24.55
CA TYR A 325 -55.15 -4.38 24.78
C TYR A 325 -54.18 -3.99 25.88
N ALA A 326 -54.01 -4.84 26.88
CA ALA A 326 -53.03 -4.65 27.95
C ALA A 326 -52.07 -5.83 27.89
N TRP A 327 -51.05 -5.72 27.07
CA TRP A 327 -50.13 -6.82 26.82
C TRP A 327 -48.90 -6.71 27.72
N ASN A 328 -48.48 -7.85 28.25
CA ASN A 328 -47.32 -7.90 29.12
C ASN A 328 -46.04 -7.61 28.33
N ARG A 329 -44.98 -7.33 29.06
CA ARG A 329 -43.69 -7.04 28.46
C ARG A 329 -42.63 -7.44 29.45
N LYS A 330 -41.57 -8.09 28.98
CA LYS A 330 -40.48 -8.52 29.84
C LYS A 330 -39.16 -8.19 29.18
N ARG A 331 -38.36 -7.37 29.86
CA ARG A 331 -37.05 -6.97 29.35
C ARG A 331 -36.03 -8.03 29.75
N ILE A 332 -35.88 -9.05 28.91
CA ILE A 332 -34.90 -10.09 29.16
C ILE A 332 -33.51 -9.53 28.89
N SER A 333 -32.71 -9.39 29.94
CA SER A 333 -31.37 -8.85 29.78
C SER A 333 -30.43 -9.57 30.74
N ASN A 334 -29.16 -9.67 30.32
CA ASN A 334 -28.08 -10.24 31.13
C ASN A 334 -28.40 -11.70 31.49
N CYS A 335 -28.51 -12.53 30.45
CA CYS A 335 -28.65 -13.96 30.65
C CYS A 335 -28.36 -14.68 29.34
N VAL A 336 -28.05 -15.96 29.44
CA VAL A 336 -27.87 -16.80 28.27
C VAL A 336 -29.23 -17.22 27.74
N ALA A 337 -29.44 -17.07 26.44
CA ALA A 337 -30.77 -17.23 25.87
C ALA A 337 -31.14 -18.69 25.72
N ASP A 338 -30.39 -19.44 24.91
CA ASP A 338 -30.68 -20.84 24.60
C ASP A 338 -32.09 -20.97 23.99
N TYR A 339 -32.23 -20.40 22.80
CA TYR A 339 -33.49 -20.39 22.10
C TYR A 339 -33.98 -21.76 21.69
N SER A 340 -33.13 -22.79 21.74
CA SER A 340 -33.54 -24.12 21.30
C SER A 340 -34.60 -24.75 22.20
N VAL A 341 -34.83 -24.20 23.39
CA VAL A 341 -35.80 -24.78 24.31
C VAL A 341 -37.23 -24.62 23.80
N LEU A 342 -37.47 -23.67 22.88
CA LEU A 342 -38.82 -23.45 22.39
C LEU A 342 -39.35 -24.64 21.61
N TYR A 343 -38.57 -25.14 20.65
CA TYR A 343 -39.05 -26.22 19.78
C TYR A 343 -39.32 -27.49 20.57
N ASN A 344 -38.43 -27.82 21.51
CA ASN A 344 -38.48 -29.13 22.16
C ASN A 344 -39.76 -29.32 22.96
N PHE A 345 -40.23 -28.26 23.63
CA PHE A 345 -41.36 -28.38 24.54
C PHE A 345 -42.69 -27.97 23.93
N ALA A 346 -42.77 -26.82 23.29
CA ALA A 346 -44.05 -26.32 22.79
C ALA A 346 -44.13 -26.49 21.28
N PRO A 347 -45.07 -27.29 20.75
CA PRO A 347 -45.32 -27.27 19.31
C PRO A 347 -45.87 -25.93 18.88
N PHE A 348 -45.56 -25.54 17.64
CA PHE A 348 -45.84 -24.19 17.16
C PHE A 348 -46.81 -24.22 16.00
N PHE A 349 -47.53 -23.11 15.83
CA PHE A 349 -48.46 -22.93 14.70
C PHE A 349 -47.90 -21.97 13.65
N ALA A 350 -47.39 -20.82 14.07
CA ALA A 350 -46.81 -19.83 13.15
C ALA A 350 -45.53 -19.29 13.78
N PHE A 351 -44.41 -19.93 13.49
CA PHE A 351 -43.10 -19.54 13.99
C PHE A 351 -42.40 -18.75 12.89
N LYS A 352 -42.38 -17.42 13.03
CA LYS A 352 -41.85 -16.53 12.00
C LYS A 352 -40.88 -15.54 12.62
N CYS A 353 -39.88 -15.14 11.86
CA CYS A 353 -38.88 -14.19 12.31
C CYS A 353 -38.60 -13.18 11.22
N TYR A 354 -38.36 -11.94 11.62
CA TYR A 354 -38.08 -10.83 10.70
C TYR A 354 -36.76 -10.19 11.10
N GLY A 355 -35.82 -10.17 10.17
CA GLY A 355 -34.51 -9.60 10.42
C GLY A 355 -33.52 -10.52 11.08
N VAL A 356 -33.97 -11.69 11.57
CA VAL A 356 -33.10 -12.66 12.22
C VAL A 356 -33.48 -14.05 11.72
N SER A 357 -32.61 -15.01 12.01
CA SER A 357 -32.83 -16.37 11.57
C SER A 357 -33.01 -17.30 12.77
N PRO A 358 -33.81 -18.35 12.64
CA PRO A 358 -34.07 -19.23 13.79
C PRO A 358 -32.84 -20.02 14.22
N THR A 359 -32.19 -20.70 13.27
CA THR A 359 -31.03 -21.51 13.61
C THR A 359 -29.86 -20.64 14.07
N LYS A 360 -29.65 -19.50 13.42
CA LYS A 360 -28.54 -18.61 13.73
C LYS A 360 -28.88 -17.63 14.84
N LEU A 361 -29.94 -17.89 15.61
CA LEU A 361 -30.31 -17.00 16.70
C LEU A 361 -29.40 -17.17 17.92
N ASN A 362 -28.95 -18.41 18.18
CA ASN A 362 -28.15 -18.65 19.37
C ASN A 362 -26.79 -17.96 19.29
N ASP A 363 -26.15 -18.01 18.13
CA ASP A 363 -24.80 -17.44 17.98
C ASP A 363 -24.85 -15.98 17.57
N LEU A 364 -25.61 -15.18 18.33
CA LEU A 364 -25.70 -13.75 18.12
C LEU A 364 -25.83 -13.06 19.47
N CYS A 365 -25.45 -11.79 19.50
CA CYS A 365 -25.44 -11.00 20.73
C CYS A 365 -26.38 -9.83 20.58
N PHE A 366 -27.22 -9.61 21.60
CA PHE A 366 -28.14 -8.49 21.63
C PHE A 366 -28.09 -7.87 23.03
N THR A 367 -28.40 -6.58 23.10
CA THR A 367 -28.41 -5.90 24.38
C THR A 367 -29.74 -6.03 25.11
N ASN A 368 -30.84 -6.17 24.36
CA ASN A 368 -32.17 -6.29 24.95
C ASN A 368 -33.01 -7.18 24.07
N VAL A 369 -33.58 -8.23 24.66
CA VAL A 369 -34.50 -9.12 23.96
C VAL A 369 -35.82 -9.04 24.73
N TYR A 370 -36.78 -8.29 24.20
CA TYR A 370 -38.04 -8.14 24.89
C TYR A 370 -38.93 -9.37 24.66
N ALA A 371 -40.11 -9.34 25.27
CA ALA A 371 -41.05 -10.46 25.16
C ALA A 371 -42.44 -9.94 25.46
N ASP A 372 -43.30 -9.91 24.45
CA ASP A 372 -44.66 -9.43 24.57
C ASP A 372 -45.63 -10.58 24.35
N SER A 373 -46.55 -10.78 25.28
CA SER A 373 -47.43 -11.95 25.25
C SER A 373 -48.88 -11.54 25.35
N PHE A 374 -49.74 -12.22 24.58
CA PHE A 374 -51.17 -11.97 24.60
C PHE A 374 -51.88 -13.17 23.96
N VAL A 375 -53.20 -13.10 23.93
CA VAL A 375 -54.05 -14.14 23.36
C VAL A 375 -54.94 -13.53 22.29
N ILE A 376 -54.88 -14.08 21.08
CA ILE A 376 -55.56 -13.57 19.91
C ILE A 376 -56.32 -14.70 19.24
N ARG A 377 -57.41 -14.37 18.57
CA ARG A 377 -58.11 -15.32 17.72
C ARG A 377 -57.15 -15.93 16.70
N GLY A 378 -57.49 -17.12 16.22
CA GLY A 378 -56.64 -17.80 15.28
C GLY A 378 -56.52 -17.07 13.96
N ASN A 379 -57.67 -16.63 13.42
CA ASN A 379 -57.68 -15.95 12.13
C ASN A 379 -57.11 -14.55 12.20
N GLU A 380 -56.87 -14.02 13.40
CA GLU A 380 -56.31 -12.69 13.58
C GLU A 380 -54.85 -12.71 14.00
N VAL A 381 -54.22 -13.89 14.05
CA VAL A 381 -52.79 -13.97 14.34
C VAL A 381 -51.98 -13.28 13.25
N SER A 382 -52.45 -13.38 12.00
CA SER A 382 -51.73 -12.83 10.87
C SER A 382 -51.62 -11.31 10.90
N GLN A 383 -52.39 -10.64 11.74
CA GLN A 383 -52.26 -9.18 11.86
C GLN A 383 -51.03 -8.76 12.64
N ILE A 384 -50.37 -9.70 13.33
CA ILE A 384 -49.14 -9.41 14.03
C ILE A 384 -48.01 -9.64 13.03
N ALA A 385 -47.61 -8.57 12.36
CA ALA A 385 -46.58 -8.58 11.32
C ALA A 385 -46.24 -7.13 11.00
N PRO A 386 -45.12 -6.84 10.32
CA PRO A 386 -44.80 -5.44 10.01
C PRO A 386 -45.90 -4.79 9.20
N GLY A 387 -46.17 -3.53 9.51
CA GLY A 387 -47.25 -2.82 8.83
C GLY A 387 -48.61 -3.39 9.23
N GLN A 388 -49.39 -3.77 8.21
CA GLN A 388 -50.69 -4.41 8.37
C GLN A 388 -51.73 -3.48 8.97
N THR A 389 -53.01 -3.74 8.66
CA THR A 389 -54.12 -2.97 9.20
C THR A 389 -55.23 -3.91 9.62
N GLY A 390 -55.88 -3.58 10.74
CA GLY A 390 -56.94 -4.43 11.24
C GLY A 390 -57.38 -3.97 12.61
N ASN A 391 -58.31 -4.74 13.19
CA ASN A 391 -58.82 -4.42 14.52
C ASN A 391 -57.73 -4.52 15.57
N ILE A 392 -56.89 -5.55 15.49
CA ILE A 392 -55.85 -5.79 16.50
C ILE A 392 -54.60 -4.96 16.22
N ALA A 393 -54.11 -5.00 14.98
CA ALA A 393 -52.85 -4.33 14.66
C ALA A 393 -52.95 -2.82 14.83
N ASP A 394 -54.04 -2.23 14.35
CA ASP A 394 -54.13 -0.77 14.33
C ASP A 394 -54.47 -0.20 15.69
N TYR A 395 -55.30 -0.89 16.48
CA TYR A 395 -55.87 -0.31 17.68
C TYR A 395 -55.42 -0.95 18.99
N ASN A 396 -54.73 -2.09 18.94
CA ASN A 396 -54.27 -2.74 20.16
C ASN A 396 -52.76 -2.85 20.27
N TYR A 397 -52.09 -3.38 19.25
CA TYR A 397 -50.66 -3.61 19.32
C TYR A 397 -50.11 -3.56 17.91
N LYS A 398 -49.32 -2.54 17.60
CA LYS A 398 -48.82 -2.29 16.26
C LYS A 398 -47.32 -2.54 16.23
N LEU A 399 -46.89 -3.46 15.38
CA LEU A 399 -45.46 -3.72 15.21
C LEU A 399 -44.85 -2.68 14.27
N PRO A 400 -43.56 -2.38 14.43
CA PRO A 400 -42.91 -1.42 13.54
C PRO A 400 -42.58 -2.04 12.19
N ASP A 401 -42.26 -1.15 11.25
CA ASP A 401 -41.91 -1.60 9.90
C ASP A 401 -40.57 -2.30 9.88
N ASP A 402 -39.51 -1.61 10.30
CA ASP A 402 -38.16 -2.19 10.36
C ASP A 402 -38.05 -2.99 11.66
N PHE A 403 -38.65 -4.17 11.66
CA PHE A 403 -38.79 -4.98 12.86
C PHE A 403 -37.75 -6.10 12.84
N THR A 404 -36.97 -6.18 13.91
CA THR A 404 -35.97 -7.23 14.10
C THR A 404 -36.42 -8.06 15.29
N GLY A 405 -36.98 -9.23 15.03
CA GLY A 405 -37.49 -10.06 16.09
C GLY A 405 -38.17 -11.30 15.54
N CYS A 406 -38.81 -12.03 16.44
CA CYS A 406 -39.50 -13.26 16.11
C CYS A 406 -40.90 -13.25 16.68
N VAL A 407 -41.83 -13.87 15.96
CA VAL A 407 -43.22 -13.98 16.39
C VAL A 407 -43.56 -15.46 16.51
N ILE A 408 -44.08 -15.85 17.66
CA ILE A 408 -44.39 -17.24 17.97
C ILE A 408 -45.86 -17.35 18.29
N ALA A 409 -46.57 -18.24 17.60
CA ALA A 409 -47.98 -18.47 17.85
C ALA A 409 -48.22 -19.97 17.92
N TRP A 410 -48.96 -20.40 18.94
CA TRP A 410 -49.31 -21.81 19.09
C TRP A 410 -50.70 -21.92 19.67
N ASN A 411 -51.43 -22.94 19.23
CA ASN A 411 -52.81 -23.11 19.61
C ASN A 411 -52.95 -23.40 21.10
N SER A 412 -54.05 -22.94 21.68
CA SER A 412 -54.32 -23.15 23.08
C SER A 412 -55.77 -23.50 23.33
N ASN A 413 -56.43 -24.10 22.34
CA ASN A 413 -57.82 -24.51 22.52
C ASN A 413 -57.97 -25.59 23.57
N LYS A 414 -56.91 -26.36 23.84
CA LYS A 414 -56.98 -27.40 24.85
C LYS A 414 -57.13 -26.82 26.24
N LEU A 415 -56.44 -25.72 26.53
CA LEU A 415 -56.37 -25.17 27.87
C LEU A 415 -57.02 -23.81 28.01
N ASP A 416 -56.75 -22.89 27.08
CA ASP A 416 -57.24 -21.52 27.24
C ASP A 416 -58.75 -21.44 27.06
N SER A 417 -59.32 -22.28 26.20
CA SER A 417 -60.76 -22.31 26.03
C SER A 417 -61.43 -22.75 27.33
N LYS A 418 -62.56 -22.13 27.64
CA LYS A 418 -63.26 -22.39 28.90
C LYS A 418 -64.46 -23.30 28.65
N VAL A 419 -65.17 -23.62 29.73
CA VAL A 419 -66.25 -24.60 29.66
C VAL A 419 -67.40 -24.07 28.82
N GLY A 420 -67.85 -22.85 29.12
CA GLY A 420 -68.97 -22.28 28.39
C GLY A 420 -68.86 -20.80 28.14
N GLY A 421 -67.71 -20.21 28.49
CA GLY A 421 -67.50 -18.79 28.28
C GLY A 421 -66.16 -18.30 28.79
N ASN A 422 -65.49 -17.49 27.98
CA ASN A 422 -64.19 -16.91 28.33
C ASN A 422 -64.22 -15.40 28.11
N TYR A 423 -65.24 -14.75 28.66
CA TYR A 423 -65.43 -13.32 28.50
C TYR A 423 -64.33 -12.49 29.16
N ASN A 424 -63.33 -13.13 29.77
CA ASN A 424 -62.25 -12.38 30.40
C ASN A 424 -61.43 -11.61 29.37
N TYR A 425 -61.17 -12.22 28.22
CA TYR A 425 -60.30 -11.62 27.22
C TYR A 425 -61.05 -10.60 26.39
N ARG A 426 -60.43 -9.44 26.18
CA ARG A 426 -61.08 -8.34 25.48
C ARG A 426 -60.10 -7.72 24.50
N TYR A 427 -60.64 -7.00 23.51
CA TYR A 427 -59.82 -6.23 22.59
C TYR A 427 -60.49 -4.88 22.37
N ARG A 428 -59.70 -3.90 21.95
CA ARG A 428 -60.16 -2.52 21.82
C ARG A 428 -60.79 -2.34 20.45
N LEU A 429 -62.11 -2.35 20.42
CA LEU A 429 -62.82 -2.20 19.16
C LEU A 429 -62.81 -0.75 18.68
N PHE A 430 -62.92 0.20 19.59
CA PHE A 430 -63.10 1.60 19.26
C PHE A 430 -61.92 2.43 19.74
N ARG A 431 -61.34 3.20 18.83
CA ARG A 431 -60.26 4.13 19.17
C ARG A 431 -60.28 5.25 18.13
N LYS A 432 -59.87 6.43 18.57
CA LYS A 432 -59.89 7.60 17.69
C LYS A 432 -58.87 7.50 16.56
N SER A 433 -57.70 6.93 16.82
CA SER A 433 -56.65 6.90 15.81
C SER A 433 -55.72 5.72 16.06
N ASN A 434 -54.91 5.41 15.06
CA ASN A 434 -54.01 4.28 15.13
C ASN A 434 -52.94 4.48 16.19
N LEU A 435 -52.28 3.38 16.55
CA LEU A 435 -51.22 3.41 17.56
C LEU A 435 -49.86 3.57 16.92
N LYS A 436 -49.02 4.38 17.55
CA LYS A 436 -47.61 4.40 17.19
C LYS A 436 -47.00 3.03 17.51
N PRO A 437 -45.98 2.61 16.77
CA PRO A 437 -45.46 1.25 16.96
C PRO A 437 -45.03 1.01 18.39
N PHE A 438 -45.38 -0.18 18.90
CA PHE A 438 -45.03 -0.60 20.26
C PHE A 438 -45.63 0.36 21.29
N GLU A 439 -46.96 0.41 21.33
CA GLU A 439 -47.66 1.28 22.27
C GLU A 439 -48.72 0.46 23.00
N ARG A 440 -49.35 1.09 23.99
CA ARG A 440 -50.34 0.40 24.81
C ARG A 440 -51.32 1.42 25.36
N ASP A 441 -52.59 1.03 25.41
CA ASP A 441 -53.66 1.85 25.98
C ASP A 441 -54.56 0.94 26.82
N ILE A 442 -54.74 1.31 28.09
CA ILE A 442 -55.57 0.55 29.01
C ILE A 442 -56.75 1.37 29.51
N SER A 443 -57.10 2.43 28.80
CA SER A 443 -58.22 3.27 29.21
C SER A 443 -59.54 2.56 28.95
N THR A 444 -60.45 2.63 29.94
CA THR A 444 -61.78 2.07 29.82
C THR A 444 -62.85 3.16 29.73
N GLU A 445 -62.47 4.36 29.31
CA GLU A 445 -63.43 5.44 29.20
C GLU A 445 -64.42 5.16 28.08
N ILE A 446 -65.63 5.70 28.24
CA ILE A 446 -66.68 5.48 27.25
C ILE A 446 -66.40 6.29 26.00
N TYR A 447 -66.46 5.63 24.85
CA TYR A 447 -66.20 6.27 23.56
C TYR A 447 -67.33 7.22 23.20
N GLN A 448 -67.01 8.19 22.35
CA GLN A 448 -67.95 9.20 21.89
C GLN A 448 -68.17 9.04 20.39
N ALA A 449 -69.44 8.95 20.00
CA ALA A 449 -69.82 8.88 18.59
C ALA A 449 -70.87 9.96 18.34
N GLY A 450 -70.52 10.96 17.55
CA GLY A 450 -71.40 12.07 17.28
C GLY A 450 -70.96 13.33 18.01
N ASN A 451 -71.37 14.48 17.45
CA ASN A 451 -71.00 15.76 18.01
C ASN A 451 -71.67 16.03 19.35
N LYS A 452 -72.75 15.32 19.67
CA LYS A 452 -73.41 15.51 20.95
C LYS A 452 -72.48 15.08 22.08
N PRO A 453 -72.44 15.82 23.19
CA PRO A 453 -71.57 15.43 24.31
C PRO A 453 -71.93 14.05 24.84
N CYS A 454 -70.91 13.30 25.22
CA CYS A 454 -71.07 11.92 25.66
C CYS A 454 -71.01 11.86 27.18
N ASN A 455 -72.05 11.29 27.78
CA ASN A 455 -72.12 11.16 29.23
C ASN A 455 -71.44 9.86 29.67
N GLY A 456 -71.45 9.61 30.98
CA GLY A 456 -70.82 8.40 31.49
C GLY A 456 -71.54 7.14 31.06
N VAL A 457 -72.86 7.14 31.08
CA VAL A 457 -73.63 5.96 30.68
C VAL A 457 -73.47 5.74 29.19
N ALA A 458 -73.24 4.49 28.80
CA ALA A 458 -73.05 4.15 27.39
C ALA A 458 -74.30 4.47 26.58
N GLY A 459 -75.40 3.78 26.85
CA GLY A 459 -76.65 4.09 26.19
C GLY A 459 -76.54 4.02 24.67
N VAL A 460 -76.96 5.10 24.01
CA VAL A 460 -76.96 5.21 22.56
C VAL A 460 -75.94 6.26 22.16
N ASN A 461 -75.16 5.95 21.12
CA ASN A 461 -74.11 6.79 20.55
C ASN A 461 -72.89 6.90 21.45
N CYS A 462 -72.87 6.23 22.59
CA CYS A 462 -71.68 6.06 23.41
C CYS A 462 -71.51 4.59 23.73
N TYR A 463 -70.31 4.06 23.48
CA TYR A 463 -70.06 2.63 23.59
C TYR A 463 -68.91 2.37 24.54
N PHE A 464 -69.01 1.27 25.29
CA PHE A 464 -67.87 0.72 25.99
C PHE A 464 -66.91 0.17 24.95
N PRO A 465 -65.66 0.64 24.88
CA PRO A 465 -64.80 0.23 23.76
C PRO A 465 -64.51 -1.26 23.72
N LEU A 466 -64.09 -1.83 24.85
CA LEU A 466 -63.63 -3.21 24.86
C LEU A 466 -64.78 -4.16 24.54
N GLN A 467 -64.49 -5.17 23.74
CA GLN A 467 -65.46 -6.20 23.38
C GLN A 467 -64.88 -7.56 23.73
N SER A 468 -65.74 -8.46 24.19
CA SER A 468 -65.30 -9.72 24.77
C SER A 468 -65.27 -10.81 23.73
N TYR A 469 -64.17 -11.56 23.70
CA TYR A 469 -64.10 -12.79 22.94
C TYR A 469 -65.12 -13.79 23.46
N GLY A 470 -65.56 -14.68 22.57
CA GLY A 470 -66.33 -15.83 22.98
C GLY A 470 -65.56 -17.09 22.69
N PHE A 471 -65.14 -17.80 23.73
CA PHE A 471 -64.35 -19.01 23.57
C PHE A 471 -65.13 -20.20 24.12
N ARG A 472 -65.35 -21.20 23.27
CA ARG A 472 -65.96 -22.46 23.66
C ARG A 472 -65.28 -23.57 22.89
N PRO A 473 -65.18 -24.77 23.48
CA PRO A 473 -64.41 -25.84 22.83
C PRO A 473 -64.98 -26.28 21.49
N THR A 474 -66.25 -26.04 21.22
CA THR A 474 -66.87 -26.48 19.97
C THR A 474 -66.65 -25.51 18.82
N TYR A 475 -65.97 -24.39 19.05
CA TYR A 475 -65.81 -23.39 18.00
C TYR A 475 -64.78 -23.85 16.97
N GLY A 476 -64.90 -23.31 15.77
CA GLY A 476 -64.03 -23.70 14.69
C GLY A 476 -62.61 -23.23 14.87
N VAL A 477 -61.72 -23.77 14.03
CA VAL A 477 -60.30 -23.48 14.17
C VAL A 477 -60.02 -22.01 13.94
N GLY A 478 -60.88 -21.33 13.17
CA GLY A 478 -60.69 -19.90 12.96
C GLY A 478 -60.87 -19.09 14.23
N HIS A 479 -61.88 -19.42 15.01
CA HIS A 479 -62.24 -18.67 16.20
C HIS A 479 -61.64 -19.26 17.48
N GLN A 480 -60.75 -20.23 17.35
CA GLN A 480 -60.15 -20.88 18.51
C GLN A 480 -59.07 -19.98 19.13
N PRO A 481 -58.86 -20.08 20.43
CA PRO A 481 -57.87 -19.22 21.09
C PRO A 481 -56.45 -19.57 20.67
N TYR A 482 -55.61 -18.54 20.62
CA TYR A 482 -54.20 -18.69 20.30
C TYR A 482 -53.36 -17.88 21.27
N ARG A 483 -52.11 -18.31 21.44
CA ARG A 483 -51.16 -17.63 22.29
C ARG A 483 -49.99 -17.14 21.45
N VAL A 484 -49.72 -15.84 21.51
CA VAL A 484 -48.69 -15.20 20.70
C VAL A 484 -47.70 -14.52 21.62
N VAL A 485 -46.42 -14.78 21.41
CA VAL A 485 -45.34 -14.12 22.14
C VAL A 485 -44.40 -13.52 21.10
N VAL A 486 -44.15 -12.22 21.20
CA VAL A 486 -43.27 -11.52 20.29
C VAL A 486 -42.00 -11.16 21.04
N LEU A 487 -40.87 -11.62 20.53
CA LEU A 487 -39.57 -11.36 21.15
C LEU A 487 -38.85 -10.32 20.32
N SER A 488 -38.99 -9.05 20.71
CA SER A 488 -38.29 -7.96 20.05
C SER A 488 -36.81 -8.03 20.37
N PHE A 489 -35.99 -7.59 19.42
CA PHE A 489 -34.54 -7.62 19.57
C PHE A 489 -33.99 -6.20 19.50
N GLU A 490 -32.86 -6.00 20.15
CA GLU A 490 -32.26 -4.67 20.22
C GLU A 490 -30.75 -4.76 20.46
N THR A 497 -24.54 -8.69 25.94
CA THR A 497 -24.85 -9.37 27.19
C THR A 497 -25.72 -10.59 26.97
N VAL A 498 -26.78 -10.44 26.17
CA VAL A 498 -27.67 -11.59 25.84
C VAL A 498 -27.07 -12.35 24.67
N CYS A 499 -26.33 -13.43 24.94
CA CYS A 499 -25.67 -14.21 23.85
C CYS A 499 -25.92 -15.71 24.08
N GLY A 500 -25.96 -16.50 23.00
CA GLY A 500 -26.31 -17.95 23.11
C GLY A 500 -25.28 -18.79 23.82
N PRO A 501 -25.68 -19.88 24.49
CA PRO A 501 -24.75 -20.68 25.27
C PRO A 501 -23.66 -21.25 24.35
N LYS A 502 -22.40 -21.20 24.79
CA LYS A 502 -21.30 -21.75 23.98
C LYS A 502 -20.94 -23.12 24.54
N LYS A 503 -21.06 -24.17 23.74
CA LYS A 503 -20.87 -25.56 24.27
C LYS A 503 -19.40 -25.83 24.50
N SER A 504 -19.08 -26.91 25.21
CA SER A 504 -17.67 -27.19 25.57
C SER A 504 -17.17 -28.49 24.96
N THR A 505 -15.89 -28.79 25.14
CA THR A 505 -15.23 -29.99 24.66
C THR A 505 -14.35 -30.56 25.76
N ASN A 506 -14.20 -31.89 25.77
CA ASN A 506 -13.41 -32.54 26.79
C ASN A 506 -11.95 -32.10 26.72
N LEU A 507 -11.29 -32.10 27.87
CA LEU A 507 -9.92 -31.61 27.99
C LEU A 507 -8.95 -32.75 27.69
N VAL A 508 -8.01 -32.50 26.79
CA VAL A 508 -6.98 -33.47 26.43
C VAL A 508 -5.62 -32.90 26.79
N LYS A 509 -4.73 -33.74 27.31
CA LYS A 509 -3.43 -33.31 27.80
C LYS A 509 -2.32 -34.11 27.15
N ASN A 510 -1.14 -33.50 27.12
CA ASN A 510 0.09 -34.12 26.60
C ASN A 510 -0.01 -34.41 25.10
N LYS A 511 -0.80 -33.63 24.37
CA LYS A 511 -0.88 -33.73 22.92
C LYS A 511 -0.98 -32.33 22.33
N CYS A 512 -0.43 -32.17 21.13
CA CYS A 512 -0.50 -30.89 20.43
C CYS A 512 -1.93 -30.70 19.92
N VAL A 513 -2.72 -29.92 20.65
CA VAL A 513 -4.14 -29.78 20.39
C VAL A 513 -4.48 -28.29 20.30
N ASN A 514 -5.37 -27.95 19.38
CA ASN A 514 -5.88 -26.59 19.25
C ASN A 514 -6.84 -26.32 20.39
N PHE A 515 -6.68 -25.18 21.06
CA PHE A 515 -7.48 -24.84 22.23
C PHE A 515 -8.11 -23.46 22.08
N ASN A 516 -9.18 -23.24 22.83
CA ASN A 516 -9.89 -21.97 22.83
C ASN A 516 -10.46 -21.77 24.24
N PHE A 517 -9.75 -21.01 25.06
CA PHE A 517 -10.14 -20.74 26.45
C PHE A 517 -10.64 -19.31 26.52
N ASN A 518 -11.97 -19.15 26.49
CA ASN A 518 -12.61 -17.83 26.58
C ASN A 518 -12.07 -16.87 25.52
N GLY A 519 -11.95 -17.35 24.30
CA GLY A 519 -11.47 -16.54 23.20
C GLY A 519 -9.97 -16.42 23.08
N LEU A 520 -9.21 -17.22 23.84
CA LEU A 520 -7.75 -17.20 23.76
C LEU A 520 -7.31 -18.32 22.83
N THR A 521 -7.37 -18.05 21.53
CA THR A 521 -7.04 -19.04 20.52
C THR A 521 -5.53 -19.29 20.49
N GLY A 522 -5.14 -20.53 20.24
CA GLY A 522 -3.74 -20.88 20.13
C GLY A 522 -3.56 -22.35 19.87
N THR A 523 -2.30 -22.73 19.66
CA THR A 523 -1.92 -24.13 19.41
C THR A 523 -0.75 -24.48 20.30
N GLY A 524 -0.79 -25.67 20.89
CA GLY A 524 0.30 -26.12 21.74
C GLY A 524 -0.11 -27.36 22.51
N VAL A 525 0.83 -27.85 23.31
CA VAL A 525 0.59 -29.01 24.15
C VAL A 525 0.08 -28.54 25.50
N LEU A 526 -0.73 -29.37 26.16
CA LEU A 526 -1.40 -29.02 27.40
C LEU A 526 -0.86 -29.92 28.51
N THR A 527 -0.14 -29.33 29.46
CA THR A 527 0.44 -30.06 30.58
C THR A 527 0.15 -29.34 31.89
N GLU A 528 0.05 -30.12 32.95
CA GLU A 528 -0.20 -29.56 34.28
C GLU A 528 1.02 -28.77 34.76
N SER A 529 0.77 -27.77 35.59
CA SER A 529 1.81 -26.84 36.02
C SER A 529 1.79 -26.67 37.53
N ASN A 530 2.97 -26.50 38.11
CA ASN A 530 3.11 -26.25 39.55
C ASN A 530 3.20 -24.74 39.83
N LYS A 531 2.24 -24.02 39.27
CA LYS A 531 2.12 -22.59 39.50
C LYS A 531 0.94 -22.32 40.43
N LYS A 532 0.87 -21.08 40.92
CA LYS A 532 -0.18 -20.64 41.84
C LYS A 532 -0.67 -19.27 41.39
N PHE A 533 -1.70 -19.25 40.56
CA PHE A 533 -2.31 -17.99 40.16
C PHE A 533 -3.13 -17.40 41.29
N LEU A 534 -3.35 -16.09 41.24
CA LEU A 534 -4.25 -15.44 42.18
C LEU A 534 -5.69 -15.84 41.87
N PRO A 535 -6.59 -15.71 42.85
CA PRO A 535 -7.98 -16.13 42.62
C PRO A 535 -8.65 -15.48 41.42
N PHE A 536 -8.31 -14.23 41.11
CA PHE A 536 -8.98 -13.52 40.02
C PHE A 536 -8.26 -13.65 38.69
N GLN A 537 -6.99 -14.02 38.66
CA GLN A 537 -6.28 -14.15 37.41
C GLN A 537 -6.77 -15.37 36.63
N GLN A 538 -6.69 -15.28 35.31
CA GLN A 538 -7.16 -16.34 34.43
C GLN A 538 -6.09 -16.83 33.46
N PHE A 539 -5.27 -15.93 32.91
CA PHE A 539 -4.27 -16.27 31.93
C PHE A 539 -2.86 -16.18 32.53
N GLY A 540 -1.88 -16.45 31.71
CA GLY A 540 -0.49 -16.28 32.10
C GLY A 540 0.32 -15.77 30.92
N ARG A 541 1.36 -15.01 31.18
CA ARG A 541 2.13 -14.43 30.05
C ARG A 541 3.59 -14.25 30.42
N ASP A 542 4.50 -14.73 29.57
CA ASP A 542 5.96 -14.70 29.87
C ASP A 542 6.59 -13.37 29.46
N ILE A 543 7.92 -13.27 29.56
CA ILE A 543 8.65 -12.00 29.28
C ILE A 543 8.43 -11.56 27.84
N ALA A 544 8.22 -12.49 26.92
CA ALA A 544 8.11 -12.15 25.48
C ALA A 544 6.65 -11.97 25.08
N ASP A 545 5.76 -11.76 26.05
CA ASP A 545 4.31 -11.54 25.76
C ASP A 545 3.73 -12.74 25.00
N THR A 546 4.07 -13.95 25.41
CA THR A 546 3.49 -15.18 24.79
C THR A 546 2.75 -15.98 25.86
N THR A 547 1.54 -16.45 25.56
CA THR A 547 0.73 -17.18 26.57
C THR A 547 1.49 -18.41 27.08
N ASP A 548 1.74 -18.49 28.39
CA ASP A 548 2.43 -19.60 29.01
C ASP A 548 1.46 -20.57 29.67
N ALA A 549 0.62 -20.10 30.58
CA ALA A 549 -0.30 -20.95 31.31
C ALA A 549 -1.71 -20.36 31.24
N VAL A 550 -2.70 -21.23 31.08
CA VAL A 550 -4.09 -20.84 30.96
C VAL A 550 -4.91 -21.66 31.94
N ARG A 551 -5.83 -21.01 32.64
CA ARG A 551 -6.74 -21.67 33.56
C ARG A 551 -8.05 -21.96 32.84
N ASP A 552 -8.46 -23.23 32.83
CA ASP A 552 -9.69 -23.60 32.15
C ASP A 552 -10.89 -23.08 32.94
N PRO A 553 -11.90 -22.51 32.28
CA PRO A 553 -12.97 -21.82 33.01
C PRO A 553 -13.83 -22.72 33.87
N GLN A 554 -13.83 -24.03 33.63
CA GLN A 554 -14.77 -24.91 34.33
C GLN A 554 -14.23 -25.36 35.70
N THR A 555 -13.10 -26.06 35.70
CA THR A 555 -12.51 -26.53 36.94
C THR A 555 -11.35 -25.63 37.37
N LEU A 556 -11.04 -25.68 38.67
CA LEU A 556 -10.01 -24.82 39.25
C LEU A 556 -8.66 -25.50 39.08
N GLU A 557 -8.19 -25.53 37.83
CA GLU A 557 -6.87 -26.07 37.51
C GLU A 557 -6.19 -25.15 36.50
N ILE A 558 -4.87 -25.09 36.58
CA ILE A 558 -4.07 -24.26 35.68
C ILE A 558 -3.05 -25.15 34.98
N LEU A 559 -2.90 -24.95 33.68
CA LEU A 559 -2.06 -25.80 32.85
C LEU A 559 -1.23 -24.95 31.90
N ASP A 560 -0.02 -25.43 31.60
CA ASP A 560 0.90 -24.71 30.73
C ASP A 560 0.54 -24.89 29.26
N ILE A 561 1.12 -24.03 28.43
CA ILE A 561 0.97 -24.07 26.99
C ILE A 561 2.37 -24.07 26.39
N THR A 562 2.79 -25.21 25.86
CA THR A 562 4.09 -25.35 25.22
C THR A 562 3.89 -25.73 23.76
N PRO A 563 4.53 -25.04 22.82
CA PRO A 563 4.36 -25.40 21.41
C PRO A 563 4.88 -26.80 21.13
N CYS A 564 4.11 -27.58 20.38
CA CYS A 564 4.53 -28.92 20.01
C CYS A 564 5.74 -28.85 19.07
N SER A 565 6.54 -29.91 19.10
CA SER A 565 7.90 -29.85 18.55
C SER A 565 7.91 -29.47 17.08
N PHE A 566 8.82 -28.55 16.74
CA PHE A 566 9.09 -28.19 15.35
C PHE A 566 10.59 -28.09 15.16
N GLY A 567 11.02 -27.67 13.97
CA GLY A 567 12.43 -27.49 13.70
C GLY A 567 12.76 -27.88 12.27
N GLY A 568 14.05 -27.76 11.94
CA GLY A 568 14.54 -28.10 10.64
C GLY A 568 15.07 -29.52 10.58
N VAL A 569 15.31 -29.98 9.35
CA VAL A 569 15.79 -31.33 9.09
C VAL A 569 17.03 -31.24 8.22
N SER A 570 17.96 -32.18 8.41
CA SER A 570 19.22 -32.20 7.68
C SER A 570 19.50 -33.61 7.20
N VAL A 571 20.28 -33.70 6.13
CA VAL A 571 20.64 -34.99 5.52
C VAL A 571 22.16 -35.09 5.53
N ILE A 572 22.67 -36.18 6.11
CA ILE A 572 24.10 -36.44 6.16
C ILE A 572 24.42 -37.56 5.19
N THR A 573 25.24 -37.26 4.19
CA THR A 573 25.62 -38.23 3.18
C THR A 573 27.06 -38.02 2.77
N PRO A 574 27.77 -39.10 2.42
CA PRO A 574 29.06 -38.94 1.75
C PRO A 574 28.86 -38.53 0.30
N GLY A 575 29.96 -38.54 -0.44
CA GLY A 575 29.86 -38.26 -1.87
C GLY A 575 28.95 -39.25 -2.56
N THR A 576 28.13 -38.74 -3.48
CA THR A 576 27.17 -39.60 -4.17
C THR A 576 27.86 -40.68 -5.00
N ASN A 577 29.11 -40.45 -5.42
CA ASN A 577 29.87 -41.50 -6.08
C ASN A 577 30.40 -42.52 -5.08
N THR A 578 30.73 -42.06 -3.87
CA THR A 578 31.26 -42.96 -2.85
C THR A 578 30.20 -43.98 -2.42
N SER A 579 28.97 -43.53 -2.20
CA SER A 579 27.89 -44.40 -1.78
C SER A 579 26.56 -43.69 -2.04
N ASN A 580 25.47 -44.32 -1.61
CA ASN A 580 24.14 -43.76 -1.77
C ASN A 580 23.34 -43.68 -0.47
N GLN A 581 23.81 -44.32 0.61
CA GLN A 581 23.10 -44.25 1.88
C GLN A 581 23.14 -42.84 2.44
N VAL A 582 22.08 -42.47 3.14
CA VAL A 582 21.96 -41.15 3.75
C VAL A 582 21.53 -41.30 5.19
N ALA A 583 21.90 -40.31 6.01
CA ALA A 583 21.49 -40.23 7.40
C ALA A 583 20.77 -38.91 7.60
N VAL A 584 19.67 -38.96 8.36
CA VAL A 584 18.78 -37.81 8.53
C VAL A 584 18.84 -37.36 9.99
N LEU A 585 19.10 -36.07 10.19
CA LEU A 585 19.17 -35.47 11.52
C LEU A 585 18.00 -34.51 11.69
N TYR A 586 17.22 -34.71 12.75
CA TYR A 586 16.14 -33.81 13.11
C TYR A 586 16.64 -32.90 14.23
N GLN A 587 16.68 -31.60 13.96
CA GLN A 587 17.34 -30.65 14.86
C GLN A 587 16.42 -30.28 16.01
N GLY A 588 16.91 -30.46 17.23
CA GLY A 588 16.24 -29.96 18.43
C GLY A 588 14.89 -30.58 18.74
N VAL A 589 14.70 -31.86 18.44
CA VAL A 589 13.47 -32.57 18.79
C VAL A 589 13.84 -33.91 19.41
N ASN A 590 13.11 -34.30 20.44
CA ASN A 590 13.30 -35.60 21.05
C ASN A 590 12.85 -36.69 20.09
N CYS A 591 13.52 -37.84 20.16
CA CYS A 591 13.25 -38.93 19.23
C CYS A 591 11.85 -39.51 19.42
N THR A 592 11.21 -39.27 20.56
CA THR A 592 9.85 -39.78 20.76
C THR A 592 8.86 -39.08 19.84
N GLU A 593 9.04 -37.78 19.62
CA GLU A 593 8.11 -37.04 18.77
C GLU A 593 8.17 -37.52 17.32
N VAL A 594 9.37 -37.82 16.82
CA VAL A 594 9.53 -38.28 15.45
C VAL A 594 8.90 -39.66 15.27
N GLY A 613 16.41 -45.70 7.67
CA GLY A 613 17.04 -46.64 8.57
C GLY A 613 16.27 -46.82 9.87
N SER A 614 16.47 -47.97 10.51
CA SER A 614 15.80 -48.28 11.77
C SER A 614 16.63 -47.90 12.99
N ASN A 615 17.81 -47.32 12.79
CA ASN A 615 18.68 -46.92 13.90
C ASN A 615 18.30 -45.52 14.35
N VAL A 616 18.05 -45.37 15.66
CA VAL A 616 17.67 -44.09 16.25
C VAL A 616 18.65 -43.79 17.37
N PHE A 617 19.32 -42.63 17.28
CA PHE A 617 20.28 -42.21 18.28
C PHE A 617 19.92 -40.80 18.74
N GLN A 618 19.98 -40.58 20.05
CA GLN A 618 19.63 -39.29 20.64
C GLN A 618 20.90 -38.47 20.84
N THR A 619 21.09 -37.44 20.02
CA THR A 619 22.21 -36.53 20.12
C THR A 619 21.75 -35.23 20.77
N ARG A 620 22.69 -34.53 21.41
CA ARG A 620 22.37 -33.24 22.02
C ARG A 620 21.85 -32.25 20.98
N ALA A 621 22.32 -32.37 19.73
CA ALA A 621 21.82 -31.51 18.66
C ALA A 621 20.43 -31.91 18.21
N GLY A 622 20.09 -33.20 18.29
CA GLY A 622 18.79 -33.65 17.87
C GLY A 622 18.76 -35.16 17.72
N CYS A 623 17.76 -35.64 16.98
CA CYS A 623 17.58 -37.05 16.72
C CYS A 623 18.24 -37.43 15.41
N LEU A 624 19.07 -38.48 15.45
CA LEU A 624 19.81 -38.95 14.29
C LEU A 624 19.25 -40.30 13.85
N ILE A 625 18.83 -40.39 12.59
CA ILE A 625 18.22 -41.59 12.04
C ILE A 625 19.07 -42.06 10.88
N GLY A 626 19.44 -43.35 10.90
CA GLY A 626 20.24 -43.94 9.85
C GLY A 626 21.71 -44.10 10.16
N ALA A 627 22.14 -43.73 11.36
CA ALA A 627 23.53 -43.86 11.77
C ALA A 627 23.62 -44.51 13.13
N GLU A 628 24.71 -45.24 13.36
CA GLU A 628 24.92 -45.97 14.60
C GLU A 628 26.07 -45.38 15.39
N TYR A 629 25.95 -45.43 16.71
CA TYR A 629 26.98 -44.92 17.60
C TYR A 629 28.11 -45.94 17.74
N VAL A 630 29.32 -45.44 17.88
CA VAL A 630 30.52 -46.28 17.98
C VAL A 630 31.31 -45.86 19.21
N ASN A 631 31.89 -46.84 19.90
CA ASN A 631 32.70 -46.59 21.08
C ASN A 631 34.12 -46.18 20.70
N ASN A 632 34.25 -45.21 19.81
CA ASN A 632 35.54 -44.80 19.27
C ASN A 632 35.63 -43.27 19.21
N SER A 633 36.69 -42.78 18.59
CA SER A 633 36.90 -41.35 18.40
C SER A 633 37.88 -41.17 17.24
N TYR A 634 37.44 -40.52 16.18
CA TYR A 634 38.22 -40.31 14.97
C TYR A 634 38.25 -38.83 14.62
N GLU A 635 39.25 -38.44 13.84
CA GLU A 635 39.29 -37.09 13.28
C GLU A 635 38.15 -36.96 12.29
N CYS A 636 37.09 -36.25 12.69
CA CYS A 636 35.84 -36.29 11.95
C CYS A 636 35.85 -35.31 10.78
N ASP A 637 35.07 -35.65 9.76
CA ASP A 637 34.96 -34.85 8.54
C ASP A 637 33.60 -34.19 8.38
N ILE A 638 32.54 -34.79 8.92
CA ILE A 638 31.19 -34.25 8.82
C ILE A 638 30.75 -33.84 10.23
N PRO A 639 30.76 -32.55 10.56
CA PRO A 639 30.36 -32.12 11.91
C PRO A 639 28.85 -32.11 12.07
N ILE A 640 28.35 -32.93 13.01
CA ILE A 640 26.93 -32.97 13.30
C ILE A 640 26.52 -31.93 14.33
N GLY A 641 27.28 -31.77 15.41
CA GLY A 641 26.97 -30.80 16.44
C GLY A 641 27.13 -31.38 17.84
N ALA A 642 27.48 -30.51 18.77
CA ALA A 642 27.70 -30.81 20.19
C ALA A 642 28.76 -31.88 20.40
N GLY A 643 29.84 -31.87 19.62
CA GLY A 643 30.90 -32.84 19.78
C GLY A 643 30.69 -34.16 19.08
N ILE A 644 29.62 -34.30 18.29
CA ILE A 644 29.31 -35.53 17.59
C ILE A 644 29.57 -35.33 16.11
N CYS A 645 30.25 -36.29 15.49
CA CYS A 645 30.54 -36.26 14.07
C CYS A 645 30.17 -37.59 13.42
N ALA A 646 29.94 -37.56 12.11
CA ALA A 646 29.58 -38.74 11.35
C ALA A 646 30.56 -38.94 10.20
N SER A 647 30.68 -40.19 9.77
CA SER A 647 31.56 -40.52 8.65
C SER A 647 31.08 -41.83 8.03
N TYR A 648 31.52 -42.07 6.80
CA TYR A 648 31.18 -43.28 6.07
C TYR A 648 32.38 -44.23 6.13
N GLN A 649 32.28 -45.23 7.01
CA GLN A 649 33.38 -46.16 7.22
C GLN A 649 32.81 -47.49 7.69
N THR A 650 33.52 -48.57 7.37
CA THR A 650 33.11 -49.91 7.79
C THR A 650 33.13 -50.05 9.31
N SER A 663 28.42 -53.98 4.78
CA SER A 663 29.70 -53.92 5.45
C SER A 663 30.12 -52.48 5.72
N GLN A 664 29.46 -51.55 5.04
CA GLN A 664 29.74 -50.13 5.18
C GLN A 664 28.49 -49.38 5.59
N SER A 665 28.62 -48.47 6.54
CA SER A 665 27.49 -47.70 7.02
C SER A 665 27.99 -46.41 7.64
N ILE A 666 27.07 -45.46 7.83
CA ILE A 666 27.40 -44.18 8.46
C ILE A 666 27.44 -44.38 9.97
N ILE A 667 28.50 -43.88 10.60
CA ILE A 667 28.74 -44.08 12.02
C ILE A 667 28.86 -42.71 12.70
N ALA A 668 28.18 -42.55 13.81
CA ALA A 668 28.25 -41.33 14.62
C ALA A 668 29.16 -41.57 15.82
N TYR A 669 30.02 -40.60 16.10
CA TYR A 669 31.03 -40.76 17.15
C TYR A 669 31.45 -39.39 17.65
N THR A 670 32.10 -39.39 18.81
CA THR A 670 32.66 -38.17 19.39
C THR A 670 33.99 -37.83 18.74
N MET A 671 34.26 -36.54 18.62
CA MET A 671 35.50 -36.10 17.98
C MET A 671 36.72 -36.53 18.79
N SER A 672 37.82 -36.71 18.08
CA SER A 672 39.12 -36.96 18.68
C SER A 672 40.00 -35.74 18.44
N LEU A 673 40.49 -35.14 19.53
CA LEU A 673 41.29 -33.93 19.41
C LEU A 673 42.63 -34.23 18.75
N GLY A 674 43.23 -35.36 19.08
CA GLY A 674 44.50 -35.74 18.49
C GLY A 674 45.17 -36.81 19.31
N ALA A 675 46.34 -37.23 18.83
CA ALA A 675 47.12 -38.23 19.54
C ALA A 675 47.63 -37.66 20.86
N GLU A 676 47.57 -38.48 21.91
CA GLU A 676 48.00 -38.07 23.24
C GLU A 676 49.49 -38.31 23.37
N ASN A 677 50.24 -37.24 23.65
CA ASN A 677 51.69 -37.30 23.77
C ASN A 677 52.08 -36.68 25.11
N SER A 678 52.92 -37.38 25.86
CA SER A 678 53.41 -36.92 27.16
C SER A 678 54.91 -36.69 27.03
N VAL A 679 55.31 -35.42 27.00
CA VAL A 679 56.73 -35.08 26.87
C VAL A 679 57.45 -35.38 28.18
N ALA A 680 58.54 -36.13 28.09
CA ALA A 680 59.32 -36.48 29.28
C ALA A 680 60.00 -35.24 29.83
N TYR A 681 59.63 -34.85 31.05
CA TYR A 681 60.18 -33.67 31.70
C TYR A 681 61.08 -34.11 32.85
N SER A 682 62.30 -33.55 32.88
CA SER A 682 63.24 -33.80 33.96
C SER A 682 64.01 -32.53 34.25
N ASN A 683 64.57 -32.47 35.47
CA ASN A 683 65.30 -31.28 35.88
C ASN A 683 66.61 -31.09 35.12
N ASN A 684 67.15 -32.16 34.52
CA ASN A 684 68.43 -32.09 33.82
C ASN A 684 68.34 -32.83 32.50
N SER A 685 67.27 -32.60 31.74
CA SER A 685 67.07 -33.23 30.44
C SER A 685 66.71 -32.18 29.41
N ILE A 686 67.42 -32.18 28.29
CA ILE A 686 67.15 -31.28 27.18
C ILE A 686 67.27 -32.07 25.88
N ALA A 687 66.37 -31.79 24.94
CA ALA A 687 66.37 -32.45 23.64
C ALA A 687 66.77 -31.44 22.57
N ILE A 688 67.84 -31.73 21.84
CA ILE A 688 68.38 -30.85 20.82
C ILE A 688 68.35 -31.59 19.49
N PRO A 689 67.79 -30.99 18.44
CA PRO A 689 67.73 -31.68 17.15
C PRO A 689 69.11 -31.92 16.55
N THR A 690 69.22 -33.00 15.79
CA THR A 690 70.45 -33.35 15.08
C THR A 690 70.31 -33.27 13.57
N ASN A 691 69.11 -33.03 13.05
CA ASN A 691 68.89 -32.92 11.62
C ASN A 691 67.66 -32.06 11.39
N PHE A 692 67.53 -31.57 10.15
CA PHE A 692 66.45 -30.65 9.79
C PHE A 692 65.84 -31.06 8.46
N THR A 693 64.58 -30.65 8.28
CA THR A 693 63.86 -30.88 7.03
C THR A 693 63.30 -29.55 6.55
N ILE A 694 63.59 -29.21 5.30
CA ILE A 694 63.06 -27.99 4.69
C ILE A 694 61.67 -28.29 4.13
N SER A 695 60.69 -27.50 4.53
CA SER A 695 59.30 -27.70 4.13
C SER A 695 58.77 -26.43 3.47
N VAL A 696 57.96 -26.61 2.43
CA VAL A 696 57.35 -25.50 1.71
C VAL A 696 55.83 -25.66 1.79
N THR A 697 55.16 -24.62 2.26
CA THR A 697 53.71 -24.61 2.40
C THR A 697 53.12 -23.55 1.49
N THR A 698 51.81 -23.67 1.25
CA THR A 698 51.09 -22.76 0.37
C THR A 698 49.93 -22.13 1.13
N GLU A 699 49.74 -20.83 0.91
CA GLU A 699 48.63 -20.08 1.50
C GLU A 699 47.98 -19.24 0.41
N ILE A 700 46.66 -19.34 0.31
CA ILE A 700 45.88 -18.61 -0.70
C ILE A 700 45.04 -17.57 0.02
N LEU A 701 45.13 -16.31 -0.44
CA LEU A 701 44.41 -15.21 0.17
C LEU A 701 43.68 -14.43 -0.92
N PRO A 702 42.38 -14.20 -0.77
CA PRO A 702 41.67 -13.34 -1.72
C PRO A 702 42.17 -11.90 -1.65
N VAL A 703 42.10 -11.22 -2.79
CA VAL A 703 42.58 -9.85 -2.92
C VAL A 703 41.47 -8.92 -3.40
N SER A 704 40.78 -9.29 -4.46
CA SER A 704 39.76 -8.43 -5.06
C SER A 704 38.58 -9.26 -5.52
N MET A 705 37.44 -8.59 -5.69
CA MET A 705 36.22 -9.19 -6.21
C MET A 705 35.78 -8.42 -7.45
N THR A 706 34.85 -9.03 -8.19
CA THR A 706 34.46 -8.50 -9.48
C THR A 706 33.73 -7.17 -9.34
N LYS A 707 34.05 -6.24 -10.24
CA LYS A 707 33.43 -4.93 -10.25
C LYS A 707 32.14 -4.98 -11.07
N THR A 708 31.07 -4.38 -10.53
CA THR A 708 29.77 -4.41 -11.18
C THR A 708 29.10 -3.05 -11.06
N SER A 709 28.20 -2.78 -12.00
CA SER A 709 27.42 -1.54 -12.01
C SER A 709 25.97 -1.87 -12.30
N VAL A 710 25.07 -1.01 -11.81
CA VAL A 710 23.63 -1.19 -11.96
C VAL A 710 23.03 0.10 -12.51
N ASP A 711 22.21 -0.02 -13.54
CA ASP A 711 21.44 1.09 -14.08
C ASP A 711 19.98 0.93 -13.70
N CYS A 712 19.42 1.95 -13.04
CA CYS A 712 18.06 1.85 -12.52
C CYS A 712 17.04 1.71 -13.65
N THR A 713 17.08 2.61 -14.63
CA THR A 713 16.05 2.64 -15.66
C THR A 713 16.01 1.35 -16.46
N MET A 714 17.18 0.80 -16.81
CA MET A 714 17.22 -0.44 -17.57
C MET A 714 16.83 -1.66 -16.74
N TYR A 715 16.98 -1.58 -15.42
CA TYR A 715 16.72 -2.71 -14.54
C TYR A 715 15.28 -2.71 -13.99
N ILE A 716 14.89 -1.60 -13.37
CA ILE A 716 13.66 -1.60 -12.56
C ILE A 716 12.43 -1.77 -13.44
N CYS A 717 12.38 -1.07 -14.58
CA CYS A 717 11.23 -1.21 -15.46
C CYS A 717 11.66 -1.53 -16.90
N GLY A 718 12.78 -0.99 -17.34
CA GLY A 718 13.26 -1.26 -18.68
C GLY A 718 12.82 -0.27 -19.74
N ASP A 719 13.09 1.02 -19.55
CA ASP A 719 12.87 2.10 -20.51
C ASP A 719 11.40 2.44 -20.72
N SER A 720 10.55 2.18 -19.72
CA SER A 720 9.16 2.59 -19.83
C SER A 720 8.99 4.05 -19.42
N THR A 721 8.21 4.79 -20.21
CA THR A 721 8.03 6.22 -19.96
C THR A 721 7.33 6.47 -18.63
N GLU A 722 6.29 5.67 -18.33
CA GLU A 722 5.55 5.87 -17.09
C GLU A 722 6.44 5.61 -15.88
N CYS A 723 7.24 4.53 -15.92
CA CYS A 723 8.15 4.24 -14.83
C CYS A 723 9.19 5.35 -14.68
N SER A 724 9.72 5.85 -15.79
CA SER A 724 10.71 6.92 -15.72
C SER A 724 10.11 8.16 -15.08
N ASN A 725 8.90 8.53 -15.49
CA ASN A 725 8.25 9.70 -14.92
C ASN A 725 7.96 9.51 -13.43
N LEU A 726 7.53 8.31 -13.03
CA LEU A 726 7.21 8.08 -11.63
C LEU A 726 8.46 8.07 -10.77
N LEU A 727 9.51 7.37 -11.22
CA LEU A 727 10.72 7.25 -10.41
C LEU A 727 11.50 8.56 -10.38
N LEU A 728 11.36 9.41 -11.40
CA LEU A 728 11.98 10.71 -11.37
C LEU A 728 11.50 11.53 -10.18
N GLN A 729 10.23 11.36 -9.80
CA GLN A 729 9.66 12.00 -8.64
C GLN A 729 9.72 11.13 -7.38
N TYR A 730 10.22 9.90 -7.50
CA TYR A 730 10.25 8.95 -6.39
C TYR A 730 11.67 8.90 -5.81
N GLY A 731 11.98 9.86 -4.94
CA GLY A 731 13.23 9.84 -4.21
C GLY A 731 14.46 10.02 -5.08
N SER A 732 15.63 9.83 -4.48
CA SER A 732 16.92 9.94 -5.15
C SER A 732 17.84 8.82 -4.69
N PHE A 733 17.29 7.60 -4.58
CA PHE A 733 18.09 6.46 -4.14
C PHE A 733 19.16 6.10 -5.16
N CYS A 734 18.85 6.20 -6.45
CA CYS A 734 19.75 5.71 -7.49
C CYS A 734 21.11 6.38 -7.43
N THR A 735 21.15 7.65 -7.01
CA THR A 735 22.44 8.31 -6.82
C THR A 735 23.26 7.59 -5.76
N GLN A 736 22.64 7.24 -4.63
CA GLN A 736 23.35 6.51 -3.59
C GLN A 736 23.79 5.13 -4.08
N LEU A 737 22.91 4.45 -4.82
CA LEU A 737 23.25 3.14 -5.38
C LEU A 737 24.50 3.23 -6.25
N LYS A 738 24.49 4.16 -7.21
CA LYS A 738 25.61 4.30 -8.14
C LYS A 738 26.89 4.74 -7.41
N ARG A 739 26.76 5.66 -6.45
CA ARG A 739 27.94 6.09 -5.71
C ARG A 739 28.56 4.95 -4.92
N ALA A 740 27.71 4.14 -4.26
CA ALA A 740 28.23 3.00 -3.51
C ALA A 740 28.92 2.00 -4.42
N LEU A 741 28.31 1.71 -5.58
CA LEU A 741 28.93 0.77 -6.51
C LEU A 741 30.26 1.29 -7.05
N THR A 742 30.31 2.58 -7.38
CA THR A 742 31.55 3.17 -7.88
C THR A 742 32.64 3.16 -6.81
N GLY A 743 32.28 3.47 -5.57
CA GLY A 743 33.24 3.39 -4.48
C GLY A 743 33.76 1.98 -4.28
N ILE A 744 32.88 0.99 -4.38
CA ILE A 744 33.30 -0.40 -4.26
C ILE A 744 34.27 -0.76 -5.37
N ALA A 745 33.98 -0.34 -6.61
CA ALA A 745 34.87 -0.63 -7.73
C ALA A 745 36.24 0.03 -7.54
N VAL A 746 36.25 1.28 -7.07
CA VAL A 746 37.51 1.96 -6.82
C VAL A 746 38.31 1.26 -5.75
N GLU A 747 37.65 0.83 -4.68
CA GLU A 747 38.34 0.11 -3.61
C GLU A 747 38.89 -1.22 -4.11
N GLN A 748 38.15 -1.90 -4.98
CA GLN A 748 38.64 -3.17 -5.52
C GLN A 748 39.85 -2.94 -6.42
N ASP A 749 39.85 -1.84 -7.18
CA ASP A 749 41.03 -1.50 -7.96
C ASP A 749 42.22 -1.20 -7.07
N LYS A 750 41.99 -0.50 -5.96
CA LYS A 750 43.07 -0.18 -5.02
C LYS A 750 43.61 -1.43 -4.33
N ASN A 751 42.76 -2.44 -4.12
CA ASN A 751 43.18 -3.64 -3.41
C ASN A 751 44.33 -4.34 -4.14
N THR A 752 44.15 -4.61 -5.44
CA THR A 752 45.23 -5.22 -6.21
C THR A 752 46.42 -4.27 -6.39
N GLN A 753 46.16 -2.96 -6.40
CA GLN A 753 47.23 -1.98 -6.51
C GLN A 753 48.17 -2.00 -5.30
N GLU A 754 47.64 -2.17 -4.10
CA GLU A 754 48.44 -2.08 -2.88
C GLU A 754 49.12 -3.38 -2.49
N VAL A 755 48.92 -4.46 -3.23
CA VAL A 755 49.49 -5.76 -2.88
C VAL A 755 50.66 -6.13 -3.80
N PHE A 756 50.50 -5.93 -5.11
CA PHE A 756 51.50 -6.36 -6.08
C PHE A 756 52.47 -5.26 -6.50
N ALA A 757 52.15 -4.00 -6.26
CA ALA A 757 52.98 -2.88 -6.69
C ALA A 757 53.87 -2.35 -5.59
N GLN A 758 54.34 -3.21 -4.69
CA GLN A 758 55.24 -2.79 -3.62
C GLN A 758 56.68 -2.61 -4.09
N VAL A 759 56.99 -3.00 -5.33
CA VAL A 759 58.34 -2.84 -5.88
C VAL A 759 58.34 -1.61 -6.78
N LYS A 760 59.50 -0.95 -6.85
CA LYS A 760 59.61 0.27 -7.64
C LYS A 760 60.10 0.02 -9.05
N GLN A 761 60.83 -1.06 -9.28
CA GLN A 761 61.37 -1.38 -10.60
C GLN A 761 61.07 -2.83 -10.94
N ILE A 762 61.15 -3.14 -12.24
CA ILE A 762 60.87 -4.48 -12.74
C ILE A 762 62.21 -5.17 -12.88
N TYR A 763 62.61 -5.91 -11.84
CA TYR A 763 63.85 -6.65 -11.86
C TYR A 763 63.73 -7.87 -12.76
N LYS A 764 64.85 -8.23 -13.40
CA LYS A 764 64.91 -9.38 -14.29
C LYS A 764 66.07 -10.27 -13.89
N THR A 765 65.85 -11.58 -13.97
CA THR A 765 66.87 -12.53 -13.57
C THR A 765 67.99 -12.58 -14.62
N PRO A 766 69.21 -12.92 -14.21
CA PRO A 766 70.29 -13.06 -15.18
C PRO A 766 70.01 -14.24 -16.09
N PRO A 767 70.55 -14.20 -17.32
CA PRO A 767 70.30 -15.33 -18.26
C PRO A 767 70.80 -16.66 -17.75
N ILE A 768 71.90 -16.69 -17.01
CA ILE A 768 72.45 -17.93 -16.46
C ILE A 768 71.76 -18.21 -15.14
N LYS A 769 70.88 -19.20 -15.11
CA LYS A 769 70.09 -19.52 -13.93
C LYS A 769 70.69 -20.70 -13.17
N TYR A 770 71.75 -20.40 -12.42
CA TYR A 770 72.36 -21.43 -11.56
C TYR A 770 71.80 -21.35 -10.14
N PHE A 771 71.98 -20.21 -9.48
CA PHE A 771 71.40 -19.95 -8.16
C PHE A 771 71.88 -20.98 -7.13
N GLY A 772 73.11 -21.45 -7.29
CA GLY A 772 73.72 -22.32 -6.30
C GLY A 772 73.03 -23.64 -6.08
N GLY A 773 72.59 -24.29 -7.16
CA GLY A 773 71.98 -25.60 -7.06
C GLY A 773 70.51 -25.62 -6.72
N PHE A 774 69.86 -24.47 -6.62
CA PHE A 774 68.43 -24.39 -6.36
C PHE A 774 67.67 -24.23 -7.67
N ASN A 775 66.58 -24.99 -7.78
CA ASN A 775 65.77 -25.04 -9.01
C ASN A 775 64.54 -24.16 -8.81
N PHE A 776 64.60 -22.93 -9.30
CA PHE A 776 63.47 -22.02 -9.27
C PHE A 776 62.66 -22.04 -10.56
N SER A 777 62.75 -23.13 -11.33
CA SER A 777 62.06 -23.18 -12.62
C SER A 777 60.55 -23.16 -12.44
N GLN A 778 60.03 -23.81 -11.40
CA GLN A 778 58.59 -23.89 -11.21
C GLN A 778 57.97 -22.57 -10.80
N ILE A 779 58.75 -21.60 -10.35
CA ILE A 779 58.21 -20.33 -9.89
C ILE A 779 58.58 -19.22 -10.85
N LEU A 780 59.69 -19.39 -11.57
CA LEU A 780 60.12 -18.40 -12.54
C LEU A 780 59.28 -18.49 -13.81
N PRO A 781 59.14 -17.38 -14.53
CA PRO A 781 58.35 -17.41 -15.77
C PRO A 781 58.98 -18.30 -16.83
N ASP A 782 58.12 -18.87 -17.68
CA ASP A 782 58.56 -19.76 -18.74
C ASP A 782 58.52 -19.02 -20.07
N PRO A 783 59.67 -18.71 -20.68
CA PRO A 783 59.64 -17.99 -21.97
C PRO A 783 59.03 -18.79 -23.10
N SER A 784 59.04 -20.12 -23.02
CA SER A 784 58.50 -20.93 -24.12
C SER A 784 57.00 -20.71 -24.28
N LYS A 785 56.27 -20.62 -23.17
CA LYS A 785 54.83 -20.39 -23.25
C LYS A 785 54.55 -19.00 -23.83
N PRO A 786 53.51 -18.86 -24.66
CA PRO A 786 53.21 -17.53 -25.22
C PRO A 786 52.95 -16.48 -24.15
N SER A 787 52.36 -16.86 -23.03
CA SER A 787 52.17 -15.95 -21.91
C SER A 787 53.25 -16.22 -20.87
N LYS A 788 53.93 -15.16 -20.44
CA LYS A 788 55.02 -15.29 -19.48
C LYS A 788 54.47 -15.56 -18.09
N ARG A 789 54.04 -16.80 -17.84
CA ARG A 789 53.42 -17.17 -16.58
C ARG A 789 54.02 -18.47 -16.09
N SER A 790 54.29 -18.54 -14.78
CA SER A 790 54.97 -19.69 -14.21
C SER A 790 54.08 -20.94 -14.24
N PRO A 791 54.69 -22.12 -14.21
CA PRO A 791 53.87 -23.36 -14.20
C PRO A 791 52.90 -23.43 -13.02
N ILE A 792 53.30 -22.97 -11.84
CA ILE A 792 52.39 -22.94 -10.71
C ILE A 792 51.22 -22.00 -11.00
N GLU A 793 51.52 -20.82 -11.56
CA GLU A 793 50.47 -19.88 -11.91
C GLU A 793 49.57 -20.44 -13.00
N ASP A 794 50.16 -21.14 -13.97
CA ASP A 794 49.36 -21.75 -15.03
C ASP A 794 48.41 -22.80 -14.47
N LEU A 795 48.90 -23.63 -13.54
CA LEU A 795 48.05 -24.64 -12.92
C LEU A 795 46.94 -23.99 -12.11
N LEU A 796 47.26 -22.94 -11.36
CA LEU A 796 46.25 -22.24 -10.57
C LEU A 796 45.19 -21.62 -11.45
N PHE A 797 45.60 -21.02 -12.57
CA PHE A 797 44.64 -20.39 -13.47
C PHE A 797 43.83 -21.42 -14.26
N ASN A 798 44.38 -22.60 -14.50
CA ASN A 798 43.61 -23.65 -15.14
C ASN A 798 42.57 -24.24 -14.18
N LYS A 799 42.93 -24.37 -12.90
CA LYS A 799 41.99 -24.93 -11.93
C LYS A 799 40.80 -24.00 -11.72
N VAL A 800 41.05 -22.71 -11.59
CA VAL A 800 40.00 -21.72 -11.37
C VAL A 800 39.93 -20.84 -12.62
N THR A 801 38.82 -20.93 -13.34
CA THR A 801 38.62 -20.15 -14.55
C THR A 801 37.59 -19.05 -14.34
N GLN A 827 26.61 -8.16 -21.09
CA GLN A 827 25.67 -7.22 -20.44
C GLN A 827 24.30 -7.89 -20.20
N LYS A 828 23.90 -8.05 -18.95
CA LYS A 828 22.62 -8.73 -18.61
C LYS A 828 21.48 -7.85 -19.05
N PHE A 829 20.32 -8.43 -19.29
CA PHE A 829 19.17 -7.67 -19.82
C PHE A 829 18.72 -6.65 -18.80
N ASN A 830 19.01 -6.87 -17.53
CA ASN A 830 18.42 -6.00 -16.48
C ASN A 830 19.35 -4.86 -16.13
N GLY A 831 20.38 -4.63 -16.91
CA GLY A 831 21.23 -3.46 -16.61
C GLY A 831 22.35 -3.85 -15.68
N LEU A 832 22.77 -5.11 -15.73
CA LEU A 832 23.95 -5.49 -14.96
C LEU A 832 25.16 -5.58 -15.87
N THR A 833 26.21 -4.83 -15.54
CA THR A 833 27.45 -4.83 -16.31
C THR A 833 28.62 -5.12 -15.38
N VAL A 834 29.62 -5.84 -15.89
CA VAL A 834 30.82 -6.18 -15.15
C VAL A 834 31.97 -5.40 -15.76
N LEU A 835 32.54 -4.48 -14.96
CA LEU A 835 33.64 -3.66 -15.43
C LEU A 835 34.95 -4.43 -15.41
N PRO A 836 35.86 -4.14 -16.34
CA PRO A 836 37.15 -4.84 -16.36
C PRO A 836 38.10 -4.24 -15.35
N PRO A 837 38.99 -5.04 -14.77
CA PRO A 837 39.97 -4.49 -13.83
C PRO A 837 41.00 -3.63 -14.54
N LEU A 838 41.53 -2.65 -13.80
CA LEU A 838 42.55 -1.77 -14.36
C LEU A 838 43.84 -2.53 -14.63
N LEU A 839 44.25 -3.38 -13.70
CA LEU A 839 45.44 -4.20 -13.88
C LEU A 839 45.05 -5.53 -14.53
N THR A 840 45.69 -5.84 -15.66
CA THR A 840 45.40 -7.07 -16.36
C THR A 840 46.16 -8.24 -15.73
N ASP A 841 45.96 -9.44 -16.27
CA ASP A 841 46.67 -10.61 -15.78
C ASP A 841 48.17 -10.49 -16.02
N GLU A 842 48.56 -9.99 -17.19
CA GLU A 842 49.97 -9.88 -17.53
C GLU A 842 50.69 -8.89 -16.62
N MET A 843 50.01 -7.81 -16.23
CA MET A 843 50.65 -6.83 -15.35
C MET A 843 50.91 -7.42 -13.97
N ILE A 844 49.94 -8.15 -13.42
CA ILE A 844 50.16 -8.80 -12.13
C ILE A 844 51.24 -9.86 -12.23
N ALA A 845 51.29 -10.59 -13.36
CA ALA A 845 52.34 -11.56 -13.56
C ALA A 845 53.71 -10.90 -13.61
N GLN A 846 53.81 -9.74 -14.28
CA GLN A 846 55.07 -9.01 -14.33
C GLN A 846 55.47 -8.52 -12.95
N TYR A 847 54.52 -8.04 -12.16
CA TYR A 847 54.84 -7.60 -10.80
C TYR A 847 55.35 -8.76 -9.96
N THR A 848 54.70 -9.92 -10.06
CA THR A 848 55.13 -11.10 -9.31
C THR A 848 56.53 -11.54 -9.76
N SER A 849 56.78 -11.52 -11.07
CA SER A 849 58.10 -11.90 -11.57
C SER A 849 59.18 -10.93 -11.10
N ALA A 850 58.86 -9.63 -11.07
CA ALA A 850 59.81 -8.65 -10.56
C ALA A 850 60.12 -8.89 -9.09
N LEU A 851 59.08 -9.17 -8.29
CA LEU A 851 59.31 -9.47 -6.88
C LEU A 851 60.17 -10.72 -6.70
N LEU A 852 59.89 -11.76 -7.51
CA LEU A 852 60.68 -12.99 -7.43
C LEU A 852 62.14 -12.73 -7.80
N ALA A 853 62.37 -11.98 -8.88
CA ALA A 853 63.73 -11.69 -9.29
C ALA A 853 64.46 -10.88 -8.22
N GLY A 854 63.77 -9.91 -7.62
CA GLY A 854 64.39 -9.13 -6.56
C GLY A 854 64.77 -9.98 -5.36
N THR A 855 63.84 -10.83 -4.90
CA THR A 855 64.13 -11.62 -3.71
C THR A 855 65.16 -12.71 -3.99
N ILE A 856 65.29 -13.14 -5.26
CA ILE A 856 66.31 -14.14 -5.58
C ILE A 856 67.69 -13.49 -5.69
N THR A 857 67.77 -12.36 -6.38
CA THR A 857 69.08 -11.77 -6.67
C THR A 857 69.62 -10.95 -5.50
N SER A 858 68.77 -10.12 -4.88
CA SER A 858 69.24 -9.17 -3.88
C SER A 858 68.84 -9.51 -2.45
N GLY A 859 67.86 -10.39 -2.25
CA GLY A 859 67.45 -10.73 -0.90
C GLY A 859 66.39 -9.77 -0.39
N TRP A 860 66.60 -9.23 0.80
CA TRP A 860 65.70 -8.24 1.37
C TRP A 860 66.15 -6.81 1.13
N THR A 861 67.27 -6.62 0.41
CA THR A 861 67.82 -5.28 0.25
C THR A 861 66.97 -4.41 -0.66
N PHE A 862 66.28 -5.02 -1.63
CA PHE A 862 65.50 -4.22 -2.58
C PHE A 862 64.25 -3.62 -1.96
N GLY A 863 63.89 -4.04 -0.75
CA GLY A 863 62.75 -3.44 -0.08
C GLY A 863 63.14 -2.27 0.79
N ALA A 864 64.29 -2.34 1.44
CA ALA A 864 64.76 -1.26 2.29
C ALA A 864 65.28 -0.09 1.49
N GLY A 865 65.92 -0.36 0.34
CA GLY A 865 66.49 0.68 -0.48
C GLY A 865 66.96 0.15 -1.82
N PRO A 866 68.12 0.61 -2.27
CA PRO A 866 68.65 0.12 -3.55
C PRO A 866 68.94 -1.36 -3.51
N ALA A 867 68.74 -2.02 -4.65
CA ALA A 867 69.00 -3.45 -4.75
C ALA A 867 70.49 -3.71 -4.71
N LEU A 868 70.91 -4.63 -3.84
CA LEU A 868 72.31 -5.01 -3.69
C LEU A 868 72.45 -6.50 -3.95
N GLN A 869 73.24 -6.85 -4.96
CA GLN A 869 73.40 -8.25 -5.33
C GLN A 869 74.16 -9.01 -4.25
N ILE A 870 73.79 -10.29 -4.10
CA ILE A 870 74.41 -11.18 -3.13
C ILE A 870 74.21 -12.61 -3.59
N PRO A 871 75.24 -13.46 -3.54
CA PRO A 871 75.06 -14.86 -3.91
C PRO A 871 73.99 -15.54 -3.04
N PHE A 872 73.21 -16.41 -3.67
CA PHE A 872 72.12 -17.07 -2.97
C PHE A 872 72.57 -17.90 -1.77
N PRO A 873 73.65 -18.69 -1.83
CA PRO A 873 74.09 -19.37 -0.59
C PRO A 873 74.39 -18.43 0.55
N MET A 874 74.98 -17.26 0.28
CA MET A 874 75.22 -16.29 1.34
C MET A 874 73.91 -15.76 1.90
N GLN A 875 72.92 -15.54 1.04
CA GLN A 875 71.61 -15.10 1.51
C GLN A 875 70.98 -16.15 2.41
N MET A 876 71.06 -17.43 2.02
CA MET A 876 70.52 -18.49 2.87
C MET A 876 71.28 -18.59 4.19
N ALA A 877 72.59 -18.34 4.16
CA ALA A 877 73.35 -18.31 5.41
C ALA A 877 72.87 -17.18 6.31
N TYR A 878 72.58 -16.02 5.73
CA TYR A 878 72.04 -14.92 6.52
C TYR A 878 70.69 -15.28 7.13
N ARG A 879 69.83 -15.95 6.34
CA ARG A 879 68.55 -16.39 6.89
C ARG A 879 68.75 -17.38 8.02
N PHE A 880 69.70 -18.29 7.88
CA PHE A 880 69.99 -19.26 8.93
C PHE A 880 70.46 -18.57 10.20
N ASN A 881 71.35 -17.59 10.07
CA ASN A 881 71.73 -16.80 11.24
C ASN A 881 70.53 -16.06 11.82
N GLY A 882 69.57 -15.67 10.97
CA GLY A 882 68.36 -15.04 11.47
C GLY A 882 67.53 -15.98 12.33
N ILE A 883 67.40 -17.24 11.90
CA ILE A 883 66.60 -18.20 12.67
C ILE A 883 67.33 -18.78 13.87
N GLY A 884 68.64 -18.56 13.99
CA GLY A 884 69.36 -19.04 15.19
C GLY A 884 70.46 -20.03 14.86
N VAL A 885 70.29 -20.83 13.81
CA VAL A 885 71.34 -21.81 13.38
C VAL A 885 72.51 -21.04 12.78
N THR A 886 73.74 -21.51 12.97
CA THR A 886 74.95 -20.78 12.49
C THR A 886 75.16 -21.04 10.99
N GLN A 887 75.99 -20.23 10.34
CA GLN A 887 76.21 -20.33 8.86
C GLN A 887 76.90 -21.64 8.49
N ASN A 888 77.81 -22.13 9.31
CA ASN A 888 78.48 -23.43 9.05
C ASN A 888 77.45 -24.48 8.64
N VAL A 889 76.34 -24.58 9.36
CA VAL A 889 75.35 -25.67 9.10
C VAL A 889 74.99 -25.67 7.62
N LEU A 890 74.73 -24.50 7.04
CA LEU A 890 74.32 -24.43 5.64
C LEU A 890 75.47 -24.75 4.71
N TYR A 891 76.63 -24.15 4.95
CA TYR A 891 77.75 -24.30 4.02
C TYR A 891 78.20 -25.76 3.93
N GLU A 892 78.18 -26.48 5.05
CA GLU A 892 78.58 -27.88 5.03
C GLU A 892 77.48 -28.76 4.42
N ASN A 893 76.22 -28.35 4.53
CA ASN A 893 75.08 -29.14 4.08
C ASN A 893 74.33 -28.44 2.94
N GLN A 894 75.05 -27.90 1.97
CA GLN A 894 74.41 -27.14 0.90
C GLN A 894 73.62 -28.06 -0.03
N LYS A 895 74.22 -29.17 -0.45
CA LYS A 895 73.58 -30.05 -1.42
C LYS A 895 72.29 -30.65 -0.87
N LEU A 896 72.32 -31.08 0.40
CA LEU A 896 71.12 -31.67 1.00
C LEU A 896 69.97 -30.66 1.06
N ILE A 897 70.28 -29.42 1.44
CA ILE A 897 69.24 -28.40 1.51
C ILE A 897 68.70 -28.08 0.12
N ALA A 898 69.57 -28.02 -0.88
CA ALA A 898 69.12 -27.78 -2.24
C ALA A 898 68.19 -28.90 -2.72
N ASN A 899 68.57 -30.15 -2.44
CA ASN A 899 67.74 -31.28 -2.83
C ASN A 899 66.39 -31.25 -2.12
N GLN A 900 66.39 -30.93 -0.82
CA GLN A 900 65.15 -30.83 -0.08
C GLN A 900 64.26 -29.72 -0.63
N PHE A 901 64.85 -28.58 -0.98
CA PHE A 901 64.07 -27.48 -1.55
C PHE A 901 63.43 -27.90 -2.87
N ASN A 902 64.21 -28.53 -3.75
CA ASN A 902 63.65 -28.97 -5.03
C ASN A 902 62.55 -30.00 -4.84
N SER A 903 62.76 -30.96 -3.92
CA SER A 903 61.73 -31.96 -3.65
C SER A 903 60.47 -31.32 -3.11
N ALA A 904 60.60 -30.35 -2.21
CA ALA A 904 59.44 -29.67 -1.66
C ALA A 904 58.67 -28.90 -2.73
N ILE A 905 59.40 -28.22 -3.62
CA ILE A 905 58.74 -27.49 -4.70
C ILE A 905 57.98 -28.46 -5.60
N GLY A 906 58.59 -29.58 -5.97
CA GLY A 906 57.89 -30.57 -6.76
C GLY A 906 56.67 -31.12 -6.07
N LYS A 907 56.79 -31.39 -4.76
CA LYS A 907 55.68 -31.95 -4.00
C LYS A 907 54.51 -30.97 -3.93
N ILE A 908 54.79 -29.69 -3.70
CA ILE A 908 53.69 -28.72 -3.66
C ILE A 908 53.10 -28.52 -5.04
N GLN A 909 53.92 -28.62 -6.09
CA GLN A 909 53.39 -28.54 -7.44
C GLN A 909 52.42 -29.68 -7.71
N ASP A 910 52.76 -30.89 -7.28
CA ASP A 910 51.85 -32.02 -7.43
C ASP A 910 50.60 -31.84 -6.57
N SER A 911 50.77 -31.33 -5.34
CA SER A 911 49.65 -31.21 -4.41
C SER A 911 48.64 -30.18 -4.89
N LEU A 912 49.10 -29.08 -5.49
CA LEU A 912 48.18 -28.05 -5.96
C LEU A 912 47.22 -28.58 -7.03
N SER A 913 47.62 -29.63 -7.75
CA SER A 913 46.74 -30.26 -8.73
C SER A 913 46.01 -31.47 -8.17
N SER A 914 46.57 -32.14 -7.16
CA SER A 914 45.95 -33.33 -6.61
C SER A 914 44.64 -33.01 -5.90
N THR A 915 44.65 -31.97 -5.06
CA THR A 915 43.48 -31.61 -4.28
C THR A 915 42.85 -30.34 -4.84
N PRO A 916 41.62 -30.39 -5.37
CA PRO A 916 40.99 -29.19 -5.91
C PRO A 916 40.40 -28.27 -4.86
N SER A 917 40.44 -28.65 -3.58
CA SER A 917 39.84 -27.84 -2.52
C SER A 917 40.76 -26.74 -2.02
N ALA A 918 41.99 -26.65 -2.53
CA ALA A 918 42.91 -25.62 -2.07
C ALA A 918 42.46 -24.23 -2.48
N LEU A 919 41.74 -24.11 -3.60
CA LEU A 919 41.30 -22.83 -4.14
C LEU A 919 39.91 -22.45 -3.63
N GLY A 920 39.56 -22.92 -2.43
CA GLY A 920 38.20 -22.78 -1.96
C GLY A 920 37.78 -21.35 -1.72
N LYS A 921 38.70 -20.50 -1.25
CA LYS A 921 38.34 -19.12 -0.96
C LYS A 921 37.96 -18.36 -2.23
N LEU A 922 38.80 -18.50 -3.28
CA LEU A 922 38.51 -17.82 -4.53
C LEU A 922 37.27 -18.41 -5.20
N GLN A 923 37.10 -19.74 -5.12
CA GLN A 923 35.90 -20.36 -5.67
C GLN A 923 34.65 -19.86 -4.96
N ASP A 924 34.73 -19.71 -3.63
CA ASP A 924 33.60 -19.20 -2.86
C ASP A 924 33.31 -17.74 -3.24
N VAL A 925 34.35 -16.94 -3.46
CA VAL A 925 34.15 -15.54 -3.85
C VAL A 925 33.40 -15.47 -5.18
N VAL A 926 33.87 -16.20 -6.19
CA VAL A 926 33.23 -16.12 -7.49
C VAL A 926 31.83 -16.73 -7.43
N ASN A 927 31.64 -17.79 -6.65
CA ASN A 927 30.32 -18.38 -6.50
C ASN A 927 29.35 -17.41 -5.83
N HIS A 928 29.83 -16.68 -4.82
CA HIS A 928 28.98 -15.70 -4.14
C HIS A 928 28.57 -14.58 -5.09
N ASN A 929 29.52 -14.09 -5.90
CA ASN A 929 29.17 -13.05 -6.86
C ASN A 929 28.14 -13.55 -7.87
N ALA A 930 28.36 -14.75 -8.40
CA ALA A 930 27.42 -15.31 -9.37
C ALA A 930 26.05 -15.54 -8.74
N GLN A 931 26.02 -16.03 -7.49
CA GLN A 931 24.77 -16.27 -6.80
C GLN A 931 24.01 -14.96 -6.56
N ALA A 932 24.72 -13.90 -6.18
CA ALA A 932 24.06 -12.61 -5.97
C ALA A 932 23.45 -12.09 -7.27
N LEU A 933 24.22 -12.15 -8.36
CA LEU A 933 23.70 -11.68 -9.65
C LEU A 933 22.49 -12.50 -10.10
N ASN A 934 22.59 -13.83 -10.00
CA ASN A 934 21.49 -14.69 -10.42
C ASN A 934 20.27 -14.50 -9.54
N THR A 935 20.47 -14.30 -8.24
CA THR A 935 19.36 -14.05 -7.34
C THR A 935 18.65 -12.75 -7.70
N LEU A 936 19.41 -11.70 -8.01
CA LEU A 936 18.79 -10.44 -8.42
C LEU A 936 17.98 -10.63 -9.71
N VAL A 937 18.58 -11.31 -10.70
CA VAL A 937 17.89 -11.50 -11.98
C VAL A 937 16.62 -12.31 -11.79
N LYS A 938 16.68 -13.38 -11.01
CA LYS A 938 15.50 -14.21 -10.77
C LYS A 938 14.44 -13.45 -9.98
N GLN A 939 14.85 -12.69 -8.97
CA GLN A 939 13.91 -11.94 -8.15
C GLN A 939 13.24 -10.81 -8.90
N LEU A 940 13.84 -10.32 -10.00
CA LEU A 940 13.15 -9.32 -10.80
C LEU A 940 11.84 -9.87 -11.35
N SER A 941 11.85 -11.13 -11.80
CA SER A 941 10.64 -11.76 -12.35
C SER A 941 9.80 -12.35 -11.21
N SER A 942 9.20 -11.44 -10.44
CA SER A 942 8.36 -11.81 -9.32
C SER A 942 7.11 -10.94 -9.31
N LYS A 943 6.03 -11.48 -8.74
CA LYS A 943 4.77 -10.73 -8.70
C LYS A 943 4.88 -9.49 -7.82
N PHE A 944 5.52 -9.61 -6.66
CA PHE A 944 5.65 -8.52 -5.70
C PHE A 944 4.28 -7.94 -5.33
N GLY A 945 3.30 -8.83 -5.16
CA GLY A 945 1.95 -8.41 -4.83
C GLY A 945 1.28 -7.60 -5.91
N ALA A 946 1.41 -8.01 -7.17
CA ALA A 946 0.82 -7.31 -8.29
C ALA A 946 0.06 -8.29 -9.17
N ILE A 947 -0.70 -7.75 -10.12
CA ILE A 947 -1.49 -8.58 -11.02
C ILE A 947 -0.58 -9.44 -11.88
N SER A 948 0.48 -8.85 -12.43
CA SER A 948 1.41 -9.58 -13.28
C SER A 948 2.81 -9.03 -13.07
N SER A 949 3.80 -9.88 -13.34
CA SER A 949 5.20 -9.47 -13.22
C SER A 949 5.63 -8.59 -14.39
N VAL A 950 5.15 -8.89 -15.59
CA VAL A 950 5.54 -8.15 -16.78
C VAL A 950 4.79 -6.83 -16.82
N LEU A 951 5.52 -5.72 -16.88
CA LEU A 951 4.91 -4.40 -16.86
C LEU A 951 4.03 -4.16 -18.09
N ASN A 952 4.35 -4.82 -19.21
CA ASN A 952 3.58 -4.61 -20.43
C ASN A 952 2.12 -5.00 -20.24
N ASP A 953 1.87 -6.11 -19.52
CA ASP A 953 0.50 -6.55 -19.29
C ASP A 953 -0.29 -5.51 -18.52
N ILE A 954 0.30 -4.94 -17.47
CA ILE A 954 -0.40 -3.92 -16.70
C ILE A 954 -0.63 -2.67 -17.53
N LEU A 955 0.39 -2.21 -18.27
CA LEU A 955 0.24 -0.95 -19.00
C LEU A 955 -0.69 -1.09 -20.19
N SER A 956 -0.88 -2.31 -20.71
CA SER A 956 -1.78 -2.49 -21.85
C SER A 956 -3.15 -3.02 -21.45
N ARG A 957 -3.31 -3.46 -20.20
CA ARG A 957 -4.59 -4.05 -19.79
C ARG A 957 -5.48 -3.01 -19.10
N LEU A 958 -4.99 -2.41 -18.02
CA LEU A 958 -5.80 -1.54 -17.18
C LEU A 958 -5.48 -0.07 -17.44
N ASP A 959 -6.40 0.79 -17.00
CA ASP A 959 -6.24 2.23 -17.11
C ASP A 959 -5.27 2.75 -16.05
N PRO A 960 -4.77 3.97 -16.21
CA PRO A 960 -3.77 4.53 -15.28
C PRO A 960 -4.21 4.52 -13.81
N PRO A 961 -5.50 4.75 -13.48
CA PRO A 961 -5.86 4.88 -12.06
C PRO A 961 -5.31 3.80 -11.12
N GLU A 962 -5.32 2.52 -11.53
CA GLU A 962 -4.70 1.48 -10.72
C GLU A 962 -3.37 0.99 -11.28
N ALA A 963 -3.09 1.25 -12.56
CA ALA A 963 -1.76 0.96 -13.08
C ALA A 963 -0.69 1.74 -12.34
N GLU A 964 -1.03 2.96 -11.88
CA GLU A 964 -0.09 3.73 -11.07
C GLU A 964 0.24 3.02 -9.77
N VAL A 965 -0.77 2.47 -9.10
CA VAL A 965 -0.53 1.74 -7.86
C VAL A 965 0.30 0.50 -8.13
N GLN A 966 -0.01 -0.23 -9.21
CA GLN A 966 0.75 -1.42 -9.54
C GLN A 966 2.22 -1.10 -9.81
N ILE A 967 2.48 -0.06 -10.61
CA ILE A 967 3.86 0.28 -10.91
C ILE A 967 4.56 0.84 -9.69
N ASP A 968 3.85 1.51 -8.79
CA ASP A 968 4.47 1.96 -7.55
C ASP A 968 4.89 0.78 -6.69
N ARG A 969 4.05 -0.25 -6.61
CA ARG A 969 4.42 -1.46 -5.87
C ARG A 969 5.64 -2.13 -6.49
N LEU A 970 5.68 -2.22 -7.82
CA LEU A 970 6.85 -2.79 -8.49
C LEU A 970 8.10 -1.96 -8.23
N ILE A 971 7.96 -0.63 -8.25
CA ILE A 971 9.08 0.26 -7.97
C ILE A 971 9.63 -0.03 -6.58
N THR A 972 8.74 -0.13 -5.59
CA THR A 972 9.18 -0.40 -4.22
C THR A 972 9.89 -1.74 -4.14
N GLY A 973 9.34 -2.77 -4.78
CA GLY A 973 9.98 -4.08 -4.73
C GLY A 973 11.38 -4.08 -5.32
N ARG A 974 11.54 -3.47 -6.51
CA ARG A 974 12.86 -3.46 -7.12
C ARG A 974 13.85 -2.58 -6.37
N LEU A 975 13.38 -1.46 -5.79
CA LEU A 975 14.26 -0.65 -4.97
C LEU A 975 14.74 -1.41 -3.74
N GLN A 976 13.84 -2.16 -3.10
CA GLN A 976 14.25 -2.97 -1.96
C GLN A 976 15.27 -4.03 -2.36
N SER A 977 15.06 -4.67 -3.52
CA SER A 977 16.01 -5.66 -3.99
C SER A 977 17.38 -5.05 -4.23
N LEU A 978 17.42 -3.88 -4.87
CA LEU A 978 18.70 -3.21 -5.13
C LEU A 978 19.39 -2.81 -3.83
N GLN A 979 18.62 -2.30 -2.86
CA GLN A 979 19.21 -1.92 -1.58
C GLN A 979 19.82 -3.12 -0.87
N THR A 980 19.11 -4.25 -0.85
CA THR A 980 19.66 -5.45 -0.25
C THR A 980 20.93 -5.89 -0.97
N TYR A 981 20.91 -5.85 -2.31
CA TYR A 981 22.08 -6.26 -3.07
C TYR A 981 23.30 -5.41 -2.72
N VAL A 982 23.13 -4.09 -2.67
CA VAL A 982 24.28 -3.24 -2.40
C VAL A 982 24.72 -3.34 -0.95
N THR A 983 23.81 -3.60 -0.02
CA THR A 983 24.22 -3.81 1.37
C THR A 983 25.10 -5.06 1.49
N GLN A 984 24.67 -6.16 0.88
CA GLN A 984 25.49 -7.37 0.90
C GLN A 984 26.81 -7.14 0.18
N GLN A 985 26.79 -6.38 -0.92
CA GLN A 985 28.02 -6.08 -1.64
C GLN A 985 28.97 -5.27 -0.78
N LEU A 986 28.46 -4.30 -0.01
CA LEU A 986 29.31 -3.51 0.88
C LEU A 986 29.93 -4.38 1.97
N ILE A 987 29.15 -5.30 2.56
CA ILE A 987 29.70 -6.18 3.58
C ILE A 987 30.80 -7.07 2.98
N ARG A 988 30.53 -7.64 1.81
CA ARG A 988 31.53 -8.49 1.16
C ARG A 988 32.77 -7.69 0.78
N ALA A 989 32.59 -6.43 0.36
CA ALA A 989 33.72 -5.58 0.02
C ALA A 989 34.56 -5.28 1.25
N ALA A 990 33.92 -5.08 2.41
CA ALA A 990 34.68 -4.88 3.64
C ALA A 990 35.50 -6.12 3.99
N GLU A 991 34.89 -7.30 3.86
CA GLU A 991 35.63 -8.54 4.12
C GLU A 991 36.81 -8.70 3.16
N ILE A 992 36.59 -8.40 1.88
CA ILE A 992 37.65 -8.53 0.88
C ILE A 992 38.75 -7.51 1.14
N ARG A 993 38.40 -6.30 1.61
CA ARG A 993 39.41 -5.31 1.93
C ARG A 993 40.26 -5.76 3.11
N ALA A 994 39.63 -6.36 4.12
CA ALA A 994 40.41 -6.92 5.23
C ALA A 994 41.35 -8.01 4.75
N SER A 995 40.86 -8.89 3.87
CA SER A 995 41.72 -9.95 3.34
C SER A 995 42.87 -9.38 2.52
N ALA A 996 42.60 -8.33 1.73
CA ALA A 996 43.65 -7.71 0.92
C ALA A 996 44.69 -7.02 1.79
N ASN A 997 44.25 -6.37 2.86
CA ASN A 997 45.21 -5.77 3.79
C ASN A 997 46.08 -6.84 4.43
N LEU A 998 45.48 -7.97 4.82
CA LEU A 998 46.27 -9.06 5.38
C LEU A 998 47.27 -9.59 4.35
N ALA A 999 46.84 -9.73 3.10
CA ALA A 999 47.74 -10.23 2.05
C ALA A 999 48.89 -9.26 1.82
N ALA A 1000 48.61 -7.96 1.81
CA ALA A 1000 49.67 -6.97 1.62
C ALA A 1000 50.66 -6.99 2.78
N THR A 1001 50.16 -7.11 4.01
CA THR A 1001 51.05 -7.18 5.16
C THR A 1001 51.91 -8.44 5.13
N LYS A 1002 51.31 -9.57 4.72
CA LYS A 1002 52.08 -10.80 4.57
C LYS A 1002 53.16 -10.66 3.50
N MET A 1003 52.81 -10.04 2.36
CA MET A 1003 53.82 -9.76 1.34
C MET A 1003 54.96 -8.95 1.92
N SER A 1004 54.64 -7.88 2.63
CA SER A 1004 55.66 -6.97 3.15
C SER A 1004 56.58 -7.68 4.14
N GLU A 1005 56.02 -8.48 5.04
CA GLU A 1005 56.83 -9.04 6.12
C GLU A 1005 57.36 -10.45 5.83
N CYS A 1006 56.98 -11.07 4.72
CA CYS A 1006 57.52 -12.37 4.37
C CYS A 1006 58.32 -12.39 3.08
N VAL A 1007 57.90 -11.63 2.07
CA VAL A 1007 58.62 -11.64 0.80
C VAL A 1007 59.72 -10.57 0.78
N LEU A 1008 59.45 -9.39 1.31
CA LEU A 1008 60.44 -8.32 1.33
C LEU A 1008 61.43 -8.44 2.48
N GLY A 1009 61.23 -9.39 3.38
CA GLY A 1009 62.14 -9.56 4.49
C GLY A 1009 61.75 -10.75 5.34
N GLN A 1010 62.71 -11.20 6.15
CA GLN A 1010 62.49 -12.31 7.06
C GLN A 1010 61.68 -11.87 8.26
N SER A 1011 60.76 -12.72 8.70
CA SER A 1011 59.84 -12.40 9.77
C SER A 1011 60.15 -13.26 11.00
N LYS A 1012 60.22 -12.61 12.17
CA LYS A 1012 60.39 -13.30 13.43
C LYS A 1012 59.07 -13.68 14.08
N ARG A 1013 57.95 -13.26 13.50
CA ARG A 1013 56.64 -13.60 14.04
C ARG A 1013 56.36 -15.09 13.88
N VAL A 1014 55.74 -15.68 14.90
CA VAL A 1014 55.52 -17.12 14.94
C VAL A 1014 54.23 -17.44 14.21
N ASP A 1015 54.30 -18.45 13.33
CA ASP A 1015 53.14 -18.96 12.60
C ASP A 1015 52.50 -17.89 11.72
N PHE A 1016 53.29 -16.91 11.31
CA PHE A 1016 52.75 -15.86 10.43
C PHE A 1016 53.06 -16.15 8.96
N CYS A 1017 54.33 -16.41 8.65
CA CYS A 1017 54.75 -16.72 7.29
C CYS A 1017 55.01 -18.21 7.09
N GLY A 1018 54.22 -19.07 7.72
CA GLY A 1018 54.36 -20.50 7.55
C GLY A 1018 54.25 -21.21 8.89
N LYS A 1019 54.57 -22.50 8.85
CA LYS A 1019 54.58 -23.35 10.03
C LYS A 1019 56.02 -23.76 10.32
N GLY A 1020 56.66 -23.06 11.24
CA GLY A 1020 58.05 -23.28 11.59
C GLY A 1020 58.85 -21.99 11.54
N TYR A 1021 60.16 -22.15 11.45
CA TYR A 1021 61.04 -21.00 11.36
C TYR A 1021 61.13 -20.53 9.92
N HIS A 1022 60.80 -19.26 9.69
CA HIS A 1022 60.67 -18.71 8.35
C HIS A 1022 62.04 -18.42 7.75
N LEU A 1023 62.24 -18.84 6.50
CA LEU A 1023 63.44 -18.52 5.74
C LEU A 1023 63.13 -17.62 4.55
N MET A 1024 62.25 -18.04 3.65
CA MET A 1024 61.93 -17.27 2.46
C MET A 1024 60.44 -17.39 2.19
N SER A 1025 59.97 -16.58 1.24
CA SER A 1025 58.58 -16.62 0.79
C SER A 1025 58.53 -16.12 -0.65
N PHE A 1026 57.77 -16.82 -1.49
CA PHE A 1026 57.65 -16.49 -2.89
C PHE A 1026 56.19 -16.27 -3.26
N PRO A 1027 55.85 -15.15 -3.89
CA PRO A 1027 54.46 -14.90 -4.25
C PRO A 1027 54.11 -15.45 -5.62
N GLN A 1028 52.83 -15.80 -5.79
CA GLN A 1028 52.31 -16.29 -7.06
C GLN A 1028 50.95 -15.66 -7.32
N SER A 1029 50.73 -15.27 -8.57
CA SER A 1029 49.44 -14.69 -8.95
C SER A 1029 48.39 -15.79 -9.05
N ALA A 1030 47.14 -15.38 -8.86
CA ALA A 1030 46.00 -16.28 -8.90
C ALA A 1030 44.76 -15.48 -9.25
N PRO A 1031 43.72 -16.12 -9.81
CA PRO A 1031 42.49 -15.39 -10.11
C PRO A 1031 41.85 -14.82 -8.85
N HIS A 1032 41.81 -13.49 -8.78
CA HIS A 1032 41.23 -12.77 -7.65
C HIS A 1032 41.90 -13.15 -6.34
N GLY A 1033 43.21 -13.25 -6.35
CA GLY A 1033 43.94 -13.57 -5.14
C GLY A 1033 45.42 -13.73 -5.40
N VAL A 1034 46.14 -14.04 -4.32
CA VAL A 1034 47.58 -14.27 -4.36
C VAL A 1034 47.90 -15.53 -3.59
N VAL A 1035 48.91 -16.25 -4.05
CA VAL A 1035 49.35 -17.50 -3.44
C VAL A 1035 50.77 -17.32 -2.92
N PHE A 1036 50.97 -17.65 -1.65
CA PHE A 1036 52.27 -17.49 -1.00
C PHE A 1036 52.91 -18.86 -0.80
N LEU A 1037 54.15 -18.99 -1.25
CA LEU A 1037 54.94 -20.21 -1.07
C LEU A 1037 55.91 -19.95 0.08
N HIS A 1038 55.66 -20.59 1.22
CA HIS A 1038 56.41 -20.33 2.45
C HIS A 1038 57.45 -21.43 2.65
N VAL A 1039 58.72 -21.06 2.64
CA VAL A 1039 59.81 -21.97 2.93
C VAL A 1039 60.16 -21.86 4.41
N THR A 1040 60.18 -23.00 5.10
CA THR A 1040 60.35 -23.01 6.55
C THR A 1040 61.45 -24.00 6.93
N TYR A 1041 61.89 -23.88 8.19
CA TYR A 1041 62.93 -24.72 8.75
C TYR A 1041 62.33 -25.48 9.93
N VAL A 1042 62.39 -26.82 9.87
CA VAL A 1042 61.77 -27.67 10.86
C VAL A 1042 62.78 -28.70 11.36
N PRO A 1043 63.05 -28.77 12.66
CA PRO A 1043 63.91 -29.83 13.19
C PRO A 1043 63.30 -31.20 12.96
N ALA A 1044 64.16 -32.19 12.75
CA ALA A 1044 63.72 -33.52 12.31
C ALA A 1044 63.95 -34.60 13.36
N GLN A 1045 65.19 -34.78 13.81
CA GLN A 1045 65.54 -35.90 14.70
C GLN A 1045 65.97 -35.34 16.05
N GLU A 1046 65.32 -35.81 17.11
CA GLU A 1046 65.55 -35.32 18.46
C GLU A 1046 66.37 -36.32 19.26
N LYS A 1047 67.42 -35.83 19.91
CA LYS A 1047 68.23 -36.62 20.83
C LYS A 1047 68.39 -35.87 22.13
N ASN A 1048 68.08 -36.53 23.24
CA ASN A 1048 68.11 -35.89 24.56
C ASN A 1048 69.41 -36.17 25.28
N PHE A 1049 69.79 -35.26 26.17
CA PHE A 1049 71.05 -35.32 26.91
C PHE A 1049 70.82 -34.84 28.34
N THR A 1050 71.92 -34.63 29.05
CA THR A 1050 71.91 -34.07 30.39
C THR A 1050 72.51 -32.67 30.36
N THR A 1051 71.83 -31.73 30.99
CA THR A 1051 72.22 -30.32 30.96
C THR A 1051 72.30 -29.76 32.37
N ALA A 1052 73.14 -28.74 32.54
CA ALA A 1052 73.30 -28.03 33.79
C ALA A 1052 73.28 -26.53 33.54
N PRO A 1053 72.72 -25.75 34.46
CA PRO A 1053 72.68 -24.28 34.24
C PRO A 1053 74.05 -23.65 34.11
N ALA A 1054 75.05 -24.13 34.85
CA ALA A 1054 76.37 -23.52 34.85
C ALA A 1054 77.40 -24.58 35.25
N ILE A 1055 78.67 -24.20 35.18
CA ILE A 1055 79.78 -25.09 35.49
C ILE A 1055 80.67 -24.41 36.52
N CYS A 1056 81.03 -25.15 37.57
CA CYS A 1056 81.87 -24.65 38.65
C CYS A 1056 83.31 -25.06 38.38
N HIS A 1057 84.21 -24.09 38.30
CA HIS A 1057 85.62 -24.36 38.07
C HIS A 1057 86.45 -23.29 38.77
N ASP A 1058 87.31 -23.71 39.69
CA ASP A 1058 88.14 -22.80 40.48
C ASP A 1058 87.28 -21.76 41.19
N GLY A 1059 86.14 -22.21 41.72
CA GLY A 1059 85.24 -21.35 42.45
C GLY A 1059 84.61 -20.26 41.60
N LYS A 1060 84.65 -20.43 40.28
CA LYS A 1060 84.12 -19.46 39.33
C LYS A 1060 83.02 -20.11 38.52
N ALA A 1061 81.84 -19.50 38.50
CA ALA A 1061 80.71 -20.02 37.77
C ALA A 1061 80.78 -19.59 36.31
N HIS A 1062 80.78 -20.56 35.40
CA HIS A 1062 80.85 -20.30 33.97
C HIS A 1062 79.48 -20.52 33.35
N PHE A 1063 78.99 -19.53 32.62
CA PHE A 1063 77.70 -19.60 31.95
C PHE A 1063 77.90 -19.66 30.44
N PRO A 1064 77.02 -20.35 29.72
CA PRO A 1064 77.21 -20.48 28.27
C PRO A 1064 76.87 -19.18 27.54
N ARG A 1065 77.72 -18.83 26.59
CA ARG A 1065 77.54 -17.64 25.77
C ARG A 1065 76.89 -18.06 24.46
N GLU A 1066 75.58 -17.84 24.36
CA GLU A 1066 74.79 -18.24 23.19
C GLU A 1066 74.91 -19.74 22.94
N GLY A 1067 74.48 -20.52 23.92
CA GLY A 1067 74.54 -21.97 23.82
C GLY A 1067 74.00 -22.62 25.07
N VAL A 1068 74.06 -23.95 25.10
CA VAL A 1068 73.58 -24.74 26.21
C VAL A 1068 74.58 -25.87 26.47
N PHE A 1069 74.83 -26.14 27.76
CA PHE A 1069 75.75 -27.21 28.12
C PHE A 1069 75.08 -28.57 27.91
N VAL A 1070 75.84 -29.51 27.35
CA VAL A 1070 75.32 -30.83 26.98
C VAL A 1070 76.32 -31.88 27.42
N SER A 1071 75.80 -32.95 28.04
CA SER A 1071 76.62 -34.07 28.48
C SER A 1071 76.05 -35.36 27.91
N ASN A 1072 76.94 -36.22 27.42
CA ASN A 1072 76.56 -37.53 26.90
C ASN A 1072 76.75 -38.65 27.93
N GLY A 1073 77.05 -38.29 29.18
CA GLY A 1073 77.26 -39.25 30.23
C GLY A 1073 78.69 -39.31 30.75
N THR A 1074 79.66 -38.82 29.97
CA THR A 1074 81.05 -38.83 30.41
C THR A 1074 81.79 -37.51 30.20
N HIS A 1075 81.34 -36.63 29.31
CA HIS A 1075 81.98 -35.34 29.10
C HIS A 1075 80.91 -34.29 28.82
N TRP A 1076 81.27 -33.03 29.04
CA TRP A 1076 80.36 -31.91 28.87
C TRP A 1076 80.83 -31.04 27.72
N PHE A 1077 79.90 -30.67 26.84
CA PHE A 1077 80.17 -29.83 25.68
C PHE A 1077 79.19 -28.67 25.64
N VAL A 1078 79.43 -27.75 24.71
CA VAL A 1078 78.57 -26.59 24.49
C VAL A 1078 78.14 -26.58 23.03
N THR A 1079 76.87 -26.30 22.80
CA THR A 1079 76.31 -26.34 21.45
C THR A 1079 75.13 -25.37 21.36
N GLN A 1080 74.78 -25.03 20.13
CA GLN A 1080 73.63 -24.17 19.90
C GLN A 1080 72.33 -24.90 20.21
N ARG A 1081 71.27 -24.12 20.40
CA ARG A 1081 70.00 -24.68 20.84
C ARG A 1081 69.30 -25.45 19.73
N ASN A 1082 69.32 -24.93 18.51
CA ASN A 1082 68.54 -25.50 17.41
C ASN A 1082 69.30 -26.51 16.58
N PHE A 1083 70.55 -26.83 16.93
CA PHE A 1083 71.32 -27.81 16.20
C PHE A 1083 72.39 -28.38 17.13
N TYR A 1084 72.72 -29.66 16.93
CA TYR A 1084 73.69 -30.34 17.78
C TYR A 1084 75.07 -30.19 17.15
N GLU A 1085 75.86 -29.25 17.67
CA GLU A 1085 77.24 -29.02 17.25
C GLU A 1085 78.11 -28.96 18.49
N PRO A 1086 78.51 -30.11 19.03
CA PRO A 1086 79.29 -30.11 20.27
C PRO A 1086 80.63 -29.40 20.10
N GLN A 1087 81.08 -28.74 21.17
CA GLN A 1087 82.33 -28.02 21.17
C GLN A 1087 82.97 -28.13 22.54
N ILE A 1088 84.31 -28.09 22.56
CA ILE A 1088 85.04 -28.16 23.82
C ILE A 1088 84.85 -26.84 24.57
N ILE A 1089 84.48 -26.94 25.85
CA ILE A 1089 84.18 -25.74 26.63
C ILE A 1089 85.47 -25.01 26.94
N THR A 1090 85.57 -23.77 26.46
CA THR A 1090 86.76 -22.94 26.67
C THR A 1090 86.32 -21.61 27.24
N THR A 1091 87.28 -20.68 27.35
CA THR A 1091 87.03 -19.39 27.95
C THR A 1091 86.40 -18.39 26.97
N ASP A 1092 86.27 -18.75 25.70
CA ASP A 1092 85.58 -17.90 24.74
C ASP A 1092 84.14 -18.33 24.50
N ASN A 1093 83.81 -19.60 24.72
CA ASN A 1093 82.44 -20.06 24.61
C ASN A 1093 81.61 -19.75 25.86
N THR A 1094 82.26 -19.40 26.96
CA THR A 1094 81.57 -19.17 28.22
C THR A 1094 82.10 -17.89 28.86
N PHE A 1095 81.27 -17.30 29.73
CA PHE A 1095 81.64 -16.13 30.50
C PHE A 1095 81.38 -16.38 31.98
N VAL A 1096 82.17 -15.72 32.82
CA VAL A 1096 82.12 -15.91 34.26
C VAL A 1096 81.36 -14.75 34.91
N SER A 1097 80.50 -15.08 35.86
CA SER A 1097 79.71 -14.07 36.57
C SER A 1097 79.23 -14.67 37.88
N GLY A 1098 79.56 -14.00 38.99
CA GLY A 1098 79.12 -14.45 40.28
C GLY A 1098 79.99 -15.56 40.84
N ASN A 1099 79.50 -16.17 41.93
CA ASN A 1099 80.18 -17.23 42.63
C ASN A 1099 79.52 -18.57 42.29
N CYS A 1100 80.01 -19.63 42.95
CA CYS A 1100 79.57 -20.99 42.65
C CYS A 1100 78.40 -21.45 43.50
N ASP A 1101 78.20 -20.86 44.68
CA ASP A 1101 77.17 -21.33 45.60
C ASP A 1101 75.76 -20.92 45.19
N VAL A 1102 75.63 -19.76 44.53
CA VAL A 1102 74.30 -19.20 44.29
C VAL A 1102 73.51 -20.05 43.30
N VAL A 1103 74.17 -20.60 42.28
CA VAL A 1103 73.48 -21.32 41.22
C VAL A 1103 72.96 -22.65 41.75
N ILE A 1104 71.77 -23.03 41.31
CA ILE A 1104 71.15 -24.30 41.69
C ILE A 1104 71.29 -25.27 40.53
N GLY A 1105 71.86 -26.43 40.81
CA GLY A 1105 72.09 -27.43 39.77
C GLY A 1105 73.40 -27.33 39.06
N ILE A 1106 74.34 -26.53 39.56
CA ILE A 1106 75.63 -26.34 38.91
C ILE A 1106 76.48 -27.59 39.10
N VAL A 1107 77.21 -27.97 38.05
CA VAL A 1107 78.05 -29.16 38.06
C VAL A 1107 79.50 -28.73 37.95
N ASN A 1108 80.40 -29.61 38.39
CA ASN A 1108 81.83 -29.35 38.35
C ASN A 1108 82.45 -29.92 37.09
N ASN A 1109 83.27 -29.11 36.43
CA ASN A 1109 83.99 -29.54 35.23
C ASN A 1109 85.15 -28.57 35.02
N THR A 1110 86.08 -28.97 34.15
CA THR A 1110 87.25 -28.16 33.84
C THR A 1110 87.03 -27.46 32.50
N VAL A 1111 87.33 -26.16 32.46
CA VAL A 1111 87.22 -25.35 31.26
C VAL A 1111 88.62 -25.08 30.74
N TYR A 1112 88.81 -25.25 29.44
CA TYR A 1112 90.13 -25.08 28.83
C TYR A 1112 90.43 -23.62 28.58
N ASP A 1113 91.69 -23.24 28.82
CA ASP A 1113 92.15 -21.88 28.57
C ASP A 1113 92.99 -21.86 27.31
N PRO A 1114 92.55 -21.16 26.25
CA PRO A 1114 93.38 -21.10 25.03
C PRO A 1114 94.81 -20.65 25.28
N LEU A 1115 95.02 -19.69 26.17
CA LEU A 1115 96.36 -19.20 26.48
C LEU A 1115 97.03 -20.08 27.52
N VAL B 1 -80.59 8.98 14.57
CA VAL B 1 -79.71 9.62 13.61
C VAL B 1 -80.12 9.24 12.19
N GLN B 2 -79.97 10.17 11.25
CA GLN B 2 -80.39 9.97 9.88
C GLN B 2 -79.17 9.90 8.99
N LEU B 3 -79.22 9.03 7.97
CA LEU B 3 -78.17 8.93 6.96
C LEU B 3 -78.84 9.06 5.59
N VAL B 4 -78.95 10.29 5.10
CA VAL B 4 -79.52 10.54 3.78
C VAL B 4 -78.42 10.43 2.73
N GLU B 5 -78.70 9.69 1.66
CA GLU B 5 -77.74 9.45 0.61
C GLU B 5 -78.17 10.14 -0.67
N SER B 6 -77.19 10.63 -1.43
CA SER B 6 -77.44 11.34 -2.67
C SER B 6 -76.63 10.70 -3.79
N GLY B 7 -76.87 11.16 -5.00
CA GLY B 7 -76.21 10.63 -6.17
C GLY B 7 -76.95 9.44 -6.75
N GLY B 8 -76.50 9.00 -7.91
CA GLY B 8 -77.11 7.85 -8.55
C GLY B 8 -77.43 8.06 -10.01
N GLY B 9 -78.63 7.68 -10.42
CA GLY B 9 -79.02 7.81 -11.81
C GLY B 9 -78.51 6.65 -12.65
N LEU B 10 -78.29 6.92 -13.93
CA LEU B 10 -77.80 5.94 -14.88
C LEU B 10 -76.44 6.37 -15.39
N VAL B 11 -75.49 5.43 -15.41
CA VAL B 11 -74.16 5.67 -15.96
C VAL B 11 -73.87 4.58 -16.99
N GLN B 12 -73.28 4.97 -18.11
CA GLN B 12 -72.95 4.01 -19.14
C GLN B 12 -71.83 3.09 -18.66
N PRO B 13 -71.70 1.89 -19.23
CA PRO B 13 -70.60 1.02 -18.85
C PRO B 13 -69.26 1.70 -19.09
N GLY B 14 -68.34 1.52 -18.15
CA GLY B 14 -67.08 2.21 -18.19
C GLY B 14 -67.12 3.63 -17.66
N GLY B 15 -68.29 4.11 -17.21
CA GLY B 15 -68.40 5.44 -16.68
C GLY B 15 -67.98 5.52 -15.23
N SER B 16 -68.38 6.62 -14.59
CA SER B 16 -68.00 6.89 -13.22
C SER B 16 -69.10 7.65 -12.50
N LEU B 17 -69.30 7.32 -11.23
CA LEU B 17 -70.24 8.03 -10.35
C LEU B 17 -69.61 8.18 -8.98
N ARG B 18 -70.18 9.08 -8.19
CA ARG B 18 -69.83 9.21 -6.78
C ARG B 18 -71.10 9.38 -5.96
N LEU B 19 -71.15 8.72 -4.81
CA LEU B 19 -72.28 8.81 -3.90
C LEU B 19 -71.83 9.37 -2.55
N SER B 20 -72.62 10.29 -2.00
CA SER B 20 -72.30 10.94 -0.74
C SER B 20 -73.28 10.48 0.33
N CYS B 21 -72.76 10.20 1.52
CA CYS B 21 -73.56 9.73 2.64
C CYS B 21 -73.59 10.82 3.69
N ALA B 22 -74.71 11.54 3.76
CA ALA B 22 -74.86 12.65 4.69
C ALA B 22 -75.40 12.12 6.01
N ALA B 23 -74.66 12.37 7.10
CA ALA B 23 -75.01 11.89 8.42
C ALA B 23 -75.10 13.05 9.38
N SER B 24 -76.24 13.18 10.07
CA SER B 24 -76.48 14.25 11.03
C SER B 24 -76.83 13.61 12.37
N GLY B 25 -75.84 13.51 13.26
CA GLY B 25 -76.05 12.92 14.56
C GLY B 25 -74.89 12.05 14.99
N LEU B 26 -74.16 11.50 14.03
CA LEU B 26 -72.99 10.68 14.29
C LEU B 26 -71.83 11.20 13.46
N THR B 27 -70.62 11.04 13.99
CA THR B 27 -69.42 11.51 13.31
C THR B 27 -68.92 10.43 12.36
N VAL B 28 -68.77 10.78 11.08
CA VAL B 28 -68.22 9.83 10.12
C VAL B 28 -66.77 9.49 10.45
N SER B 29 -66.02 10.44 11.02
CA SER B 29 -64.62 10.22 11.33
C SER B 29 -64.41 9.53 12.68
N SER B 30 -65.45 8.88 13.20
CA SER B 30 -65.35 8.21 14.49
C SER B 30 -66.00 6.84 14.55
N ASN B 31 -66.74 6.42 13.53
CA ASN B 31 -67.49 5.18 13.58
C ASN B 31 -67.12 4.29 12.40
N TYR B 32 -67.35 2.99 12.56
CA TYR B 32 -67.21 2.07 11.44
C TYR B 32 -68.32 2.34 10.43
N MET B 33 -67.96 2.81 9.25
CA MET B 33 -68.93 3.09 8.20
C MET B 33 -68.63 2.19 7.00
N ASN B 34 -69.69 1.74 6.34
CA ASN B 34 -69.53 0.75 5.29
C ASN B 34 -70.64 0.89 4.25
N TRP B 35 -70.42 0.26 3.10
CA TRP B 35 -71.34 0.31 1.97
C TRP B 35 -71.89 -1.08 1.70
N VAL B 36 -73.21 -1.17 1.53
CA VAL B 36 -73.90 -2.44 1.35
C VAL B 36 -74.69 -2.38 0.05
N ARG B 37 -74.62 -3.44 -0.74
CA ARG B 37 -75.19 -3.51 -2.08
C ARG B 37 -76.29 -4.56 -2.14
N GLN B 38 -77.35 -4.29 -2.90
CA GLN B 38 -78.49 -5.19 -3.00
C GLN B 38 -79.03 -5.15 -4.42
N ALA B 39 -78.70 -6.16 -5.22
CA ALA B 39 -79.28 -6.28 -6.54
C ALA B 39 -80.77 -6.52 -6.42
N PRO B 40 -81.56 -6.08 -7.41
CA PRO B 40 -83.02 -6.26 -7.33
C PRO B 40 -83.40 -7.72 -7.21
N GLY B 41 -84.28 -8.03 -6.25
CA GLY B 41 -84.76 -9.38 -6.06
C GLY B 41 -83.70 -10.38 -5.65
N LYS B 42 -82.69 -9.95 -4.89
CA LYS B 42 -81.63 -10.83 -4.44
C LYS B 42 -81.18 -10.40 -3.05
N GLY B 43 -80.24 -11.15 -2.48
CA GLY B 43 -79.74 -10.85 -1.16
C GLY B 43 -78.77 -9.69 -1.15
N LEU B 44 -78.34 -9.33 0.06
CA LEU B 44 -77.44 -8.21 0.24
C LEU B 44 -75.99 -8.65 0.15
N GLU B 45 -75.10 -7.68 -0.09
CA GLU B 45 -73.68 -7.94 -0.24
C GLU B 45 -72.92 -6.73 0.29
N TRP B 46 -71.67 -6.97 0.67
CA TRP B 46 -70.82 -5.97 1.30
C TRP B 46 -69.78 -5.44 0.31
N VAL B 47 -69.56 -4.13 0.33
CA VAL B 47 -68.71 -3.49 -0.66
C VAL B 47 -67.44 -2.92 -0.03
N SER B 48 -67.59 -2.02 0.94
CA SER B 48 -66.44 -1.32 1.51
C SER B 48 -66.59 -1.24 3.03
N VAL B 49 -65.59 -0.66 3.67
CA VAL B 49 -65.60 -0.40 5.11
C VAL B 49 -64.55 0.68 5.35
N PHE B 50 -64.74 1.48 6.39
CA PHE B 50 -63.87 2.62 6.60
C PHE B 50 -63.78 2.91 8.09
N TYR B 51 -62.65 2.54 8.69
CA TYR B 51 -62.43 2.62 10.13
C TYR B 51 -62.23 4.06 10.57
N PRO B 52 -62.29 4.33 11.88
CA PRO B 52 -61.90 5.66 12.36
C PRO B 52 -60.49 6.05 11.96
N GLY B 53 -59.55 5.13 11.99
CA GLY B 53 -58.23 5.40 11.47
C GLY B 53 -58.21 5.35 9.95
N GLY B 54 -57.06 5.70 9.39
CA GLY B 54 -56.93 5.70 7.94
C GLY B 54 -56.82 4.30 7.37
N SER B 55 -57.89 3.52 7.50
CA SER B 55 -57.91 2.15 7.03
C SER B 55 -59.14 1.92 6.17
N THR B 56 -59.03 0.99 5.24
CA THR B 56 -60.13 0.66 4.33
C THR B 56 -59.93 -0.75 3.79
N PHE B 57 -61.00 -1.54 3.83
CA PHE B 57 -60.99 -2.88 3.26
C PHE B 57 -62.13 -3.00 2.27
N TYR B 58 -61.86 -3.63 1.14
CA TYR B 58 -62.84 -3.78 0.08
C TYR B 58 -63.14 -5.26 -0.14
N ALA B 59 -64.32 -5.53 -0.67
CA ALA B 59 -64.65 -6.87 -1.09
C ALA B 59 -63.88 -7.22 -2.36
N ASP B 60 -63.83 -8.52 -2.65
CA ASP B 60 -63.08 -8.97 -3.82
C ASP B 60 -63.69 -8.46 -5.12
N SER B 61 -65.02 -8.42 -5.20
CA SER B 61 -65.70 -8.01 -6.42
C SER B 61 -65.66 -6.51 -6.67
N VAL B 62 -65.24 -5.72 -5.70
CA VAL B 62 -65.25 -4.26 -5.85
C VAL B 62 -63.88 -3.69 -5.52
N ARG B 63 -62.82 -4.45 -5.75
CA ARG B 63 -61.47 -4.03 -5.42
C ARG B 63 -60.78 -3.51 -6.67
N GLY B 64 -60.17 -2.33 -6.56
CA GLY B 64 -59.44 -1.73 -7.64
C GLY B 64 -60.23 -0.78 -8.52
N ARG B 65 -61.55 -0.87 -8.50
CA ARG B 65 -62.42 0.06 -9.22
C ARG B 65 -63.23 0.94 -8.29
N PHE B 66 -63.35 0.56 -7.03
CA PHE B 66 -64.15 1.28 -6.05
C PHE B 66 -63.23 1.93 -5.04
N THR B 67 -63.42 3.23 -4.82
CA THR B 67 -62.64 3.97 -3.84
C THR B 67 -63.57 4.73 -2.92
N ILE B 68 -63.25 4.71 -1.63
CA ILE B 68 -64.08 5.37 -0.62
C ILE B 68 -63.31 6.56 -0.09
N SER B 69 -64.06 7.57 0.35
CA SER B 69 -63.43 8.77 0.88
C SER B 69 -64.33 9.39 1.95
N ARG B 70 -63.70 10.11 2.88
CA ARG B 70 -64.39 10.76 3.99
C ARG B 70 -63.95 12.21 4.06
N ASP B 71 -64.89 13.10 4.32
CA ASP B 71 -64.63 14.54 4.46
C ASP B 71 -65.27 15.02 5.74
N ASN B 72 -64.43 15.42 6.70
CA ASN B 72 -64.95 15.89 7.99
C ASN B 72 -65.52 17.29 7.88
N SER B 73 -65.23 18.00 6.79
CA SER B 73 -65.76 19.35 6.63
C SER B 73 -67.28 19.33 6.48
N LYS B 74 -67.80 18.44 5.65
CA LYS B 74 -69.24 18.31 5.45
C LYS B 74 -69.85 17.18 6.28
N ASN B 75 -69.03 16.45 7.04
CA ASN B 75 -69.50 15.33 7.86
C ASN B 75 -70.26 14.32 6.98
N THR B 76 -69.63 13.92 5.89
CA THR B 76 -70.25 13.06 4.90
C THR B 76 -69.26 12.01 4.43
N LEU B 77 -69.80 10.91 3.91
CA LEU B 77 -69.00 9.81 3.40
C LEU B 77 -69.23 9.66 1.90
N TYR B 78 -68.15 9.51 1.14
CA TYR B 78 -68.21 9.44 -0.31
C TYR B 78 -67.69 8.09 -0.79
N LEU B 79 -68.31 7.58 -1.86
CA LEU B 79 -67.84 6.37 -2.53
C LEU B 79 -67.65 6.69 -4.00
N GLN B 80 -66.46 6.38 -4.53
CA GLN B 80 -66.13 6.62 -5.92
C GLN B 80 -66.09 5.29 -6.65
N MET B 81 -66.75 5.23 -7.81
CA MET B 81 -66.89 3.99 -8.56
C MET B 81 -66.49 4.22 -10.01
N ASN B 82 -65.92 3.19 -10.63
CA ASN B 82 -65.64 3.20 -12.07
C ASN B 82 -66.39 2.04 -12.70
N SER B 83 -67.65 2.26 -13.04
CA SER B 83 -68.68 1.23 -13.07
C SER B 83 -68.42 0.17 -14.13
N LEU B 84 -69.12 -0.94 -13.97
CA LEU B 84 -69.13 -2.06 -14.91
C LEU B 84 -70.56 -2.59 -14.97
N ARG B 85 -70.89 -3.27 -16.07
CA ARG B 85 -72.28 -3.59 -16.36
C ARG B 85 -72.90 -4.51 -15.31
N ALA B 86 -72.11 -5.39 -14.71
CA ALA B 86 -72.61 -6.31 -13.70
C ALA B 86 -72.07 -6.00 -12.30
N GLU B 87 -71.08 -5.12 -12.20
CA GLU B 87 -70.52 -4.75 -10.90
C GLU B 87 -71.45 -3.82 -10.12
N ASP B 88 -72.24 -2.99 -10.81
CA ASP B 88 -73.03 -1.95 -10.17
C ASP B 88 -74.39 -1.89 -10.86
N THR B 89 -75.35 -2.66 -10.35
CA THR B 89 -76.72 -2.63 -10.83
C THR B 89 -77.68 -2.75 -9.65
N ALA B 90 -77.41 -1.98 -8.59
CA ALA B 90 -78.10 -2.24 -7.34
C ALA B 90 -78.27 -0.97 -6.54
N VAL B 91 -79.17 -1.03 -5.55
CA VAL B 91 -79.32 0.03 -4.56
C VAL B 91 -78.19 -0.06 -3.56
N TYR B 92 -77.71 1.10 -3.11
CA TYR B 92 -76.55 1.19 -2.23
C TYR B 92 -76.97 1.76 -0.89
N TYR B 93 -76.45 1.17 0.19
CA TYR B 93 -76.83 1.53 1.55
C TYR B 93 -75.62 1.97 2.35
N CYS B 94 -75.87 2.87 3.29
CA CYS B 94 -74.86 3.42 4.19
C CYS B 94 -75.24 3.07 5.63
N ALA B 95 -74.29 2.55 6.41
CA ALA B 95 -74.64 2.05 7.73
C ALA B 95 -73.52 2.33 8.74
N ARG B 96 -73.87 2.21 10.02
CA ARG B 96 -72.93 2.32 11.12
C ARG B 96 -72.91 1.04 11.93
N ASP B 97 -71.75 0.73 12.52
CA ASP B 97 -71.55 -0.49 13.29
C ASP B 97 -71.45 -0.14 14.77
N HIS B 98 -72.34 -0.73 15.57
CA HIS B 98 -72.28 -0.50 17.02
C HIS B 98 -71.26 -1.41 17.68
N SER B 99 -71.52 -2.72 17.65
CA SER B 99 -70.81 -3.71 18.45
C SER B 99 -69.89 -4.56 17.60
N GLY B 100 -69.38 -3.99 16.51
CA GLY B 100 -68.43 -4.70 15.69
C GLY B 100 -69.02 -5.73 14.76
N HIS B 101 -70.34 -5.97 14.82
CA HIS B 101 -70.97 -6.88 13.88
C HIS B 101 -72.31 -6.41 13.34
N ALA B 102 -73.01 -5.50 14.02
CA ALA B 102 -74.39 -5.15 13.69
C ALA B 102 -74.46 -3.76 13.09
N LEU B 103 -75.15 -3.65 11.96
CA LEU B 103 -75.35 -2.38 11.29
C LEU B 103 -76.75 -1.89 11.62
N ASP B 104 -76.84 -0.78 12.35
CA ASP B 104 -78.12 -0.29 12.85
C ASP B 104 -78.71 0.83 11.99
N ILE B 105 -77.98 1.94 11.85
CA ILE B 105 -78.52 3.12 11.18
C ILE B 105 -78.31 2.94 9.69
N TRP B 106 -79.30 2.35 9.03
CA TRP B 106 -79.28 2.14 7.58
C TRP B 106 -80.00 3.29 6.91
N GLY B 107 -79.33 3.94 5.98
CA GLY B 107 -79.94 5.02 5.24
C GLY B 107 -80.79 4.52 4.09
N GLN B 108 -81.53 5.46 3.51
CA GLN B 108 -82.35 5.14 2.34
C GLN B 108 -81.47 4.82 1.15
N GLY B 109 -81.89 3.86 0.34
CA GLY B 109 -81.08 3.43 -0.78
C GLY B 109 -81.08 4.43 -1.92
N THR B 110 -80.03 4.34 -2.74
CA THR B 110 -79.91 5.11 -3.97
C THR B 110 -79.77 4.15 -5.15
N MET B 111 -80.62 4.32 -6.14
CA MET B 111 -80.58 3.47 -7.33
C MET B 111 -79.40 3.89 -8.21
N VAL B 112 -78.56 2.91 -8.56
CA VAL B 112 -77.40 3.14 -9.42
C VAL B 112 -77.44 2.05 -10.49
N THR B 113 -78.02 2.36 -11.64
CA THR B 113 -78.13 1.41 -12.73
C THR B 113 -77.18 1.81 -13.86
N VAL B 114 -76.73 0.82 -14.61
CA VAL B 114 -75.80 1.04 -15.71
C VAL B 114 -76.45 0.62 -17.03
N SER B 115 -76.40 1.50 -18.01
CA SER B 115 -76.94 1.24 -19.34
C SER B 115 -76.52 2.35 -20.32
N ASP C 1 -62.49 -19.95 5.66
CA ASP C 1 -63.71 -19.30 5.21
C ASP C 1 -64.94 -20.08 5.67
N ILE C 2 -66.03 -19.36 5.93
CA ILE C 2 -67.28 -19.95 6.39
C ILE C 2 -68.39 -19.51 5.45
N GLN C 3 -69.40 -20.35 5.30
CA GLN C 3 -70.54 -20.08 4.44
C GLN C 3 -71.81 -20.07 5.27
N MET C 4 -72.60 -19.02 5.12
CA MET C 4 -73.84 -18.85 5.89
C MET C 4 -75.02 -19.25 5.00
N THR C 5 -75.81 -20.21 5.46
CA THR C 5 -76.97 -20.67 4.71
C THR C 5 -78.16 -20.80 5.64
N GLN C 6 -79.35 -20.60 5.08
CA GLN C 6 -80.61 -20.68 5.81
C GLN C 6 -81.45 -21.80 5.24
N SER C 7 -82.00 -22.63 6.10
CA SER C 7 -82.79 -23.78 5.68
C SER C 7 -84.20 -23.44 5.21
N PRO C 8 -84.98 -22.64 5.95
CA PRO C 8 -86.40 -22.49 5.59
C PRO C 8 -86.63 -21.96 4.18
N SER C 9 -85.84 -21.00 3.73
CA SER C 9 -86.08 -20.29 2.46
C SER C 9 -87.51 -19.77 2.50
N PHE C 10 -88.34 -20.03 1.50
CA PHE C 10 -89.73 -19.60 1.55
C PHE C 10 -90.51 -20.38 2.60
N LEU C 11 -91.48 -19.70 3.22
CA LEU C 11 -92.35 -20.32 4.20
C LEU C 11 -93.77 -19.80 4.03
N SER C 12 -94.72 -20.52 4.60
CA SER C 12 -96.11 -20.09 4.68
C SER C 12 -96.56 -20.19 6.12
N ALA C 13 -96.91 -19.06 6.73
CA ALA C 13 -97.32 -19.01 8.12
C ALA C 13 -98.56 -18.16 8.26
N SER C 14 -99.56 -18.65 8.99
CA SER C 14 -100.78 -17.92 9.20
C SER C 14 -100.62 -16.93 10.35
N VAL C 15 -101.65 -16.10 10.55
CA VAL C 15 -101.62 -15.13 11.64
C VAL C 15 -101.63 -15.83 12.99
N GLY C 16 -102.44 -16.89 13.11
CA GLY C 16 -102.61 -17.53 14.41
C GLY C 16 -101.33 -18.17 14.95
N ASP C 17 -100.58 -18.85 14.08
CA ASP C 17 -99.42 -19.60 14.53
C ASP C 17 -98.17 -18.71 14.55
N ARG C 18 -97.06 -19.28 15.02
CA ARG C 18 -95.77 -18.62 15.08
C ARG C 18 -94.87 -19.16 13.98
N VAL C 19 -93.68 -18.55 13.89
CA VAL C 19 -92.70 -18.91 12.85
C VAL C 19 -91.33 -18.99 13.49
N THR C 20 -90.57 -20.02 13.08
CA THR C 20 -89.21 -20.24 13.57
C THR C 20 -88.27 -20.33 12.38
N ILE C 21 -87.17 -19.58 12.44
CA ILE C 21 -86.21 -19.45 11.34
C ILE C 21 -84.85 -19.88 11.86
N THR C 22 -84.08 -20.56 11.02
CA THR C 22 -82.74 -20.99 11.40
C THR C 22 -81.77 -20.78 10.25
N CYS C 23 -80.56 -20.32 10.57
CA CYS C 23 -79.49 -20.17 9.59
C CYS C 23 -78.23 -20.80 10.16
N ARG C 24 -77.54 -21.58 9.34
CA ARG C 24 -76.39 -22.36 9.77
C ARG C 24 -75.09 -21.72 9.28
N ALA C 25 -74.03 -21.92 10.05
CA ALA C 25 -72.70 -21.40 9.71
C ALA C 25 -71.73 -22.56 9.64
N SER C 26 -71.05 -22.69 8.51
CA SER C 26 -70.08 -23.76 8.36
C SER C 26 -68.83 -23.49 9.20
N GLN C 27 -68.18 -24.56 9.62
CA GLN C 27 -66.91 -24.50 10.35
C GLN C 27 -67.06 -23.72 11.66
N GLY C 28 -68.18 -23.90 12.34
CA GLY C 28 -68.37 -23.27 13.64
C GLY C 28 -68.60 -21.78 13.54
N ILE C 29 -68.79 -21.12 14.69
CA ILE C 29 -69.14 -19.70 14.70
C ILE C 29 -68.97 -19.15 16.10
N SER C 30 -68.77 -17.83 16.21
CA SER C 30 -68.73 -17.16 17.50
C SER C 30 -70.17 -16.84 17.94
N SER C 31 -70.30 -15.99 18.95
CA SER C 31 -71.60 -15.61 19.49
C SER C 31 -72.16 -14.34 18.87
N TYR C 32 -71.49 -13.78 17.85
CA TYR C 32 -71.89 -12.51 17.25
C TYR C 32 -72.66 -12.80 15.96
N LEU C 33 -73.97 -12.55 15.97
CA LEU C 33 -74.80 -12.68 14.79
C LEU C 33 -75.97 -11.71 14.91
N ALA C 34 -76.33 -11.10 13.79
CA ALA C 34 -77.39 -10.10 13.74
C ALA C 34 -78.50 -10.55 12.82
N TRP C 35 -79.73 -10.18 13.17
CA TRP C 35 -80.91 -10.47 12.37
C TRP C 35 -81.51 -9.17 11.85
N TYR C 36 -81.84 -9.14 10.57
CA TYR C 36 -82.42 -7.97 9.93
C TYR C 36 -83.81 -8.26 9.40
N GLN C 37 -84.61 -7.21 9.30
CA GLN C 37 -85.94 -7.28 8.72
C GLN C 37 -86.02 -6.26 7.58
N GLN C 38 -86.50 -6.70 6.42
CA GLN C 38 -86.54 -5.86 5.24
C GLN C 38 -87.89 -6.02 4.56
N LYS C 39 -88.81 -5.11 4.85
CA LYS C 39 -90.05 -5.03 4.10
C LYS C 39 -89.72 -4.62 2.66
N PRO C 40 -90.47 -5.12 1.68
CA PRO C 40 -90.12 -4.84 0.28
C PRO C 40 -90.07 -3.34 -0.01
N GLY C 41 -89.02 -2.92 -0.70
CA GLY C 41 -88.85 -1.53 -1.03
C GLY C 41 -88.50 -0.62 0.14
N LYS C 42 -87.90 -1.15 1.20
CA LYS C 42 -87.50 -0.34 2.33
C LYS C 42 -86.12 -0.78 2.81
N ALA C 43 -85.36 0.18 3.33
CA ALA C 43 -84.04 -0.13 3.86
C ALA C 43 -84.17 -0.99 5.10
N PRO C 44 -83.37 -2.06 5.21
CA PRO C 44 -83.53 -2.97 6.36
C PRO C 44 -83.10 -2.32 7.66
N LYS C 45 -83.72 -2.77 8.74
CA LYS C 45 -83.45 -2.26 10.07
C LYS C 45 -83.03 -3.40 10.99
N LEU C 46 -82.10 -3.10 11.89
CA LEU C 46 -81.63 -4.09 12.85
C LEU C 46 -82.78 -4.57 13.73
N LEU C 47 -82.84 -5.88 13.93
CA LEU C 47 -83.89 -6.49 14.74
C LEU C 47 -83.34 -7.15 15.99
N ILE C 48 -82.38 -8.06 15.86
CA ILE C 48 -81.73 -8.71 16.98
C ILE C 48 -80.24 -8.77 16.69
N TYR C 49 -79.42 -8.36 17.65
CA TYR C 49 -77.97 -8.41 17.48
C TYR C 49 -77.33 -9.12 18.66
N ALA C 50 -76.10 -9.59 18.43
CA ALA C 50 -75.29 -10.33 19.40
C ALA C 50 -76.07 -11.59 19.80
N ALA C 51 -76.02 -11.99 21.07
CA ALA C 51 -76.67 -13.22 21.53
C ALA C 51 -77.96 -12.84 22.24
N SER C 52 -79.03 -12.70 21.45
CA SER C 52 -80.36 -12.42 21.98
C SER C 52 -80.37 -11.16 22.84
N THR C 53 -79.63 -10.15 22.40
CA THR C 53 -79.56 -8.90 23.14
C THR C 53 -80.86 -8.11 23.09
N LEU C 54 -81.58 -8.17 21.97
CA LEU C 54 -82.77 -7.35 21.72
C LEU C 54 -82.37 -5.89 21.63
N GLN C 55 -83.14 -5.09 20.91
CA GLN C 55 -82.76 -3.71 20.63
C GLN C 55 -83.90 -2.78 20.98
N SER C 56 -83.54 -1.56 21.39
CA SER C 56 -84.54 -0.54 21.68
C SER C 56 -85.32 -0.19 20.42
N GLY C 57 -86.64 -0.17 20.54
CA GLY C 57 -87.52 0.03 19.42
C GLY C 57 -87.97 -1.25 18.75
N VAL C 58 -87.24 -2.34 18.93
CA VAL C 58 -87.67 -3.67 18.48
C VAL C 58 -88.61 -4.23 19.53
N PRO C 59 -89.80 -4.68 19.15
CA PRO C 59 -90.76 -5.18 20.15
C PRO C 59 -90.23 -6.41 20.87
N SER C 60 -90.68 -6.58 22.10
CA SER C 60 -90.39 -7.80 22.85
C SER C 60 -91.04 -9.01 22.22
N ARG C 61 -91.93 -8.80 21.25
CA ARG C 61 -92.48 -9.87 20.44
C ARG C 61 -91.38 -10.74 19.84
N PHE C 62 -90.32 -10.13 19.33
CA PHE C 62 -89.22 -10.84 18.71
C PHE C 62 -88.23 -11.31 19.77
N SER C 63 -87.68 -12.51 19.55
CA SER C 63 -86.66 -13.06 20.45
C SER C 63 -85.90 -14.13 19.69
N GLY C 64 -84.61 -13.91 19.47
CA GLY C 64 -83.79 -14.88 18.77
C GLY C 64 -82.63 -15.37 19.60
N SER C 65 -82.66 -16.64 19.98
CA SER C 65 -81.68 -17.22 20.88
C SER C 65 -81.03 -18.44 20.23
N GLY C 66 -79.72 -18.57 20.44
CA GLY C 66 -79.00 -19.70 19.91
C GLY C 66 -77.56 -19.66 20.38
N SER C 67 -76.87 -20.76 20.16
CA SER C 67 -75.47 -20.86 20.54
C SER C 67 -74.75 -21.78 19.56
N GLY C 68 -73.50 -21.42 19.27
CA GLY C 68 -72.71 -22.25 18.39
C GLY C 68 -73.28 -22.31 16.99
N THR C 69 -73.05 -23.45 16.33
CA THR C 69 -73.40 -23.58 14.91
C THR C 69 -74.89 -23.37 14.67
N GLU C 70 -75.74 -23.92 15.54
CA GLU C 70 -77.18 -23.82 15.38
C GLU C 70 -77.67 -22.49 15.95
N PHE C 71 -78.22 -21.65 15.08
CA PHE C 71 -78.77 -20.35 15.44
C PHE C 71 -80.19 -20.23 14.92
N THR C 72 -81.06 -19.59 15.70
CA THR C 72 -82.46 -19.50 15.32
C THR C 72 -83.09 -18.26 15.94
N LEU C 73 -84.20 -17.85 15.33
CA LEU C 73 -85.01 -16.75 15.83
C LEU C 73 -86.47 -17.15 15.76
N THR C 74 -87.26 -16.74 16.77
CA THR C 74 -88.66 -17.08 16.83
C THR C 74 -89.49 -15.84 17.15
N ILE C 75 -90.69 -15.81 16.59
CA ILE C 75 -91.66 -14.74 16.82
C ILE C 75 -92.85 -15.35 17.57
N SER C 76 -93.19 -14.74 18.71
CA SER C 76 -94.21 -15.31 19.58
C SER C 76 -95.63 -14.88 19.22
N SER C 77 -95.81 -13.61 18.89
CA SER C 77 -97.15 -13.04 18.74
C SER C 77 -97.74 -13.43 17.38
N LEU C 78 -98.89 -12.83 17.05
CA LEU C 78 -99.68 -13.24 15.89
C LEU C 78 -99.26 -12.56 14.59
N GLN C 79 -98.27 -11.66 14.63
CA GLN C 79 -97.75 -11.03 13.42
C GLN C 79 -98.85 -10.25 12.69
N PRO C 80 -99.30 -9.12 13.25
CA PRO C 80 -100.39 -8.36 12.60
C PRO C 80 -100.01 -7.92 11.19
N GLU C 81 -98.92 -7.17 11.06
CA GLU C 81 -98.38 -6.81 9.76
C GLU C 81 -97.46 -7.93 9.31
N ASP C 82 -97.89 -8.70 8.31
CA ASP C 82 -97.13 -9.86 7.89
C ASP C 82 -95.75 -9.46 7.40
N PHE C 83 -94.72 -9.93 8.11
CA PHE C 83 -93.35 -9.59 7.77
C PHE C 83 -92.95 -10.28 6.47
N ALA C 84 -91.86 -9.80 5.87
CA ALA C 84 -91.48 -10.24 4.52
C ALA C 84 -90.15 -10.98 4.48
N THR C 85 -89.05 -10.35 4.85
CA THR C 85 -87.73 -10.93 4.63
C THR C 85 -86.86 -10.81 5.87
N TYR C 86 -85.87 -11.70 5.96
CA TYR C 86 -85.00 -11.78 7.11
C TYR C 86 -83.65 -12.31 6.68
N TYR C 87 -82.60 -11.90 7.40
CA TYR C 87 -81.23 -12.22 7.01
C TYR C 87 -80.37 -12.45 8.25
N CYS C 88 -79.24 -13.12 8.04
CA CYS C 88 -78.21 -13.34 9.03
C CYS C 88 -76.94 -12.62 8.60
N GLN C 89 -76.01 -12.43 9.54
CA GLN C 89 -74.66 -12.04 9.18
C GLN C 89 -73.70 -12.42 10.27
N HIS C 90 -72.41 -12.25 9.98
CA HIS C 90 -71.34 -12.45 10.96
C HIS C 90 -70.08 -11.86 10.36
N LEU C 91 -69.42 -10.97 11.11
CA LEU C 91 -68.18 -10.39 10.61
C LEU C 91 -67.07 -11.42 10.64
N ASN C 92 -66.20 -11.37 9.62
CA ASN C 92 -65.15 -12.35 9.40
C ASN C 92 -63.78 -11.73 9.31
N SER C 93 -62.82 -12.48 8.77
CA SER C 93 -61.44 -12.04 8.68
C SER C 93 -61.28 -11.17 7.43
N TYR C 94 -60.04 -10.76 7.15
CA TYR C 94 -59.73 -9.75 6.14
C TYR C 94 -60.47 -9.91 4.82
N PRO C 95 -60.49 -11.08 4.15
CA PRO C 95 -60.95 -11.10 2.76
C PRO C 95 -62.45 -10.92 2.59
N SER C 96 -63.24 -11.55 3.47
CA SER C 96 -64.69 -11.60 3.29
C SER C 96 -65.44 -10.57 4.12
N MET C 97 -65.12 -10.45 5.40
CA MET C 97 -65.78 -9.53 6.33
C MET C 97 -67.26 -9.88 6.40
N TYR C 98 -68.17 -8.99 6.00
CA TYR C 98 -69.59 -9.19 6.28
C TYR C 98 -70.19 -10.20 5.32
N THR C 99 -70.72 -11.29 5.85
CA THR C 99 -71.33 -12.35 5.08
C THR C 99 -72.80 -12.45 5.46
N PHE C 100 -73.68 -12.21 4.50
CA PHE C 100 -75.11 -12.17 4.77
C PHE C 100 -75.83 -13.48 4.47
N GLY C 101 -75.36 -14.24 3.49
CA GLY C 101 -76.00 -15.50 3.16
C GLY C 101 -77.32 -15.31 2.45
N GLN C 102 -77.95 -16.44 2.13
CA GLN C 102 -79.21 -16.42 1.42
C GLN C 102 -80.31 -15.82 2.29
N GLY C 103 -81.28 -15.18 1.65
CA GLY C 103 -82.38 -14.58 2.35
C GLY C 103 -83.47 -15.57 2.71
N THR C 104 -84.48 -15.06 3.41
CA THR C 104 -85.63 -15.85 3.82
C THR C 104 -86.91 -15.05 3.55
N LYS C 105 -87.98 -15.77 3.21
CA LYS C 105 -89.26 -15.17 2.88
C LYS C 105 -90.34 -15.85 3.71
N VAL C 106 -91.18 -15.05 4.35
CA VAL C 106 -92.32 -15.54 5.12
C VAL C 106 -93.51 -14.64 4.80
N ASP C 107 -94.69 -15.25 4.69
CA ASP C 107 -95.88 -14.48 4.32
C ASP C 107 -97.12 -15.25 4.74
N ILE C 108 -98.28 -14.74 4.36
CA ILE C 108 -99.56 -15.37 4.63
C ILE C 108 -99.79 -16.52 3.65
N THR D 1 -15.41 20.77 54.55
CA THR D 1 -14.00 20.62 54.91
C THR D 1 -13.21 20.00 53.76
N GLN D 2 -12.15 20.69 53.35
CA GLN D 2 -11.34 20.26 52.21
C GLN D 2 -9.85 20.36 52.56
N SER D 3 -9.48 19.83 53.72
CA SER D 3 -8.08 19.79 54.10
C SER D 3 -7.31 18.83 53.18
N TYR D 4 -6.13 19.25 52.76
CA TYR D 4 -5.36 18.53 51.75
C TYR D 4 -4.28 17.67 52.39
N THR D 5 -3.97 16.56 51.73
CA THR D 5 -2.93 15.64 52.18
C THR D 5 -2.30 14.99 50.96
N ASN D 6 -1.05 14.56 51.11
CA ASN D 6 -0.30 13.92 50.03
C ASN D 6 -0.51 12.41 50.09
N SER D 7 -0.57 11.78 48.92
CA SER D 7 -0.76 10.33 48.82
C SER D 7 0.60 9.67 48.60
N PHE D 8 1.03 8.89 49.58
CA PHE D 8 2.35 8.26 49.56
C PHE D 8 2.22 6.88 48.91
N THR D 9 2.38 6.83 47.59
CA THR D 9 2.41 5.59 46.81
C THR D 9 1.16 4.73 47.08
N ARG D 10 0.00 5.38 47.07
CA ARG D 10 -1.28 4.70 47.23
C ARG D 10 -2.11 4.86 45.96
N GLY D 11 -2.87 3.81 45.65
CA GLY D 11 -3.73 3.85 44.49
C GLY D 11 -3.23 3.04 43.32
N VAL D 12 -2.62 1.89 43.59
CA VAL D 12 -2.11 1.00 42.57
C VAL D 12 -3.00 -0.23 42.50
N TYR D 13 -3.40 -0.60 41.29
CA TYR D 13 -4.31 -1.72 41.06
C TYR D 13 -3.78 -2.59 39.93
N TYR D 14 -4.22 -3.85 39.92
CA TYR D 14 -3.83 -4.76 38.85
C TYR D 14 -4.47 -4.32 37.54
N PRO D 15 -3.69 -4.04 36.50
CA PRO D 15 -4.31 -3.57 35.24
C PRO D 15 -5.08 -4.64 34.50
N ASP D 16 -4.56 -5.87 34.44
CA ASP D 16 -5.17 -6.93 33.66
C ASP D 16 -5.34 -8.18 34.51
N LYS D 17 -6.05 -9.16 33.95
CA LYS D 17 -6.26 -10.45 34.61
C LYS D 17 -5.10 -11.41 34.39
N VAL D 18 -4.08 -11.03 33.62
CA VAL D 18 -3.00 -11.95 33.31
C VAL D 18 -2.09 -12.13 34.51
N PHE D 19 -1.24 -13.15 34.44
CA PHE D 19 -0.34 -13.53 35.53
C PHE D 19 1.10 -13.41 35.05
N ARG D 20 1.93 -12.73 35.84
CA ARG D 20 3.34 -12.58 35.54
C ARG D 20 4.16 -12.84 36.80
N SER D 21 5.30 -13.50 36.64
CA SER D 21 6.16 -13.87 37.75
C SER D 21 7.57 -13.39 37.48
N SER D 22 8.13 -12.61 38.41
CA SER D 22 9.52 -12.16 38.38
C SER D 22 9.85 -11.45 37.06
N VAL D 23 9.07 -10.42 36.74
CA VAL D 23 9.28 -9.64 35.53
C VAL D 23 8.69 -8.26 35.74
N LEU D 24 9.37 -7.24 35.21
CA LEU D 24 8.90 -5.87 35.29
C LEU D 24 8.11 -5.52 34.05
N HIS D 25 6.90 -4.98 34.25
CA HIS D 25 6.00 -4.66 33.15
C HIS D 25 5.68 -3.18 33.15
N SER D 26 5.70 -2.58 31.96
CA SER D 26 5.36 -1.17 31.77
C SER D 26 3.99 -1.09 31.13
N THR D 27 3.07 -0.38 31.76
CA THR D 27 1.72 -0.22 31.28
C THR D 27 1.33 1.26 31.31
N GLN D 28 0.42 1.63 30.41
CA GLN D 28 -0.06 3.00 30.28
C GLN D 28 -1.58 2.98 30.45
N ASP D 29 -2.03 3.23 31.67
CA ASP D 29 -3.45 3.25 32.00
C ASP D 29 -3.70 4.39 32.99
N LEU D 30 -4.95 4.53 33.40
CA LEU D 30 -5.29 5.55 34.39
C LEU D 30 -4.77 5.13 35.76
N PHE D 31 -4.08 6.05 36.43
CA PHE D 31 -3.51 5.77 37.75
C PHE D 31 -3.49 7.06 38.55
N LEU D 32 -3.43 6.91 39.87
CA LEU D 32 -3.27 8.06 40.75
C LEU D 32 -1.80 8.46 40.77
N PRO D 33 -1.46 9.70 40.42
CA PRO D 33 -0.04 10.08 40.38
C PRO D 33 0.61 9.96 41.75
N PHE D 34 1.87 9.54 41.75
CA PHE D 34 2.60 9.39 42.99
C PHE D 34 2.85 10.75 43.63
N PHE D 35 2.70 10.79 44.96
CA PHE D 35 2.90 12.00 45.76
C PHE D 35 1.96 13.13 45.37
N SER D 36 0.83 12.80 44.73
CA SER D 36 -0.18 13.80 44.45
C SER D 36 -0.97 14.11 45.72
N ASN D 37 -1.68 15.24 45.68
CA ASN D 37 -2.42 15.71 46.84
C ASN D 37 -3.89 15.27 46.76
N VAL D 38 -4.39 14.75 47.88
CA VAL D 38 -5.78 14.32 47.99
C VAL D 38 -6.50 15.27 48.95
N THR D 39 -7.81 15.08 49.05
CA THR D 39 -8.67 15.98 49.81
C THR D 39 -9.43 15.19 50.87
N TRP D 40 -9.22 15.56 52.13
CA TRP D 40 -10.04 15.03 53.21
C TRP D 40 -11.41 15.71 53.21
N PHE D 41 -12.44 14.93 53.46
CA PHE D 41 -13.81 15.42 53.53
C PHE D 41 -14.41 15.11 54.89
N HIS D 42 -15.11 16.09 55.45
CA HIS D 42 -15.79 15.89 56.73
C HIS D 42 -17.26 16.28 56.60
N ALA D 43 -17.98 16.31 57.72
CA ALA D 43 -19.39 16.69 57.71
C ALA D 43 -19.54 18.20 57.52
N PRO D 56 -22.48 18.92 48.78
CA PRO D 56 -21.40 19.05 47.81
C PRO D 56 -21.32 17.86 46.86
N VAL D 57 -21.08 18.13 45.57
CA VAL D 57 -21.01 17.10 44.55
C VAL D 57 -19.66 17.18 43.86
N LEU D 58 -19.00 16.03 43.76
CA LEU D 58 -17.65 15.93 43.23
C LEU D 58 -17.66 15.87 41.71
N PRO D 59 -16.59 16.30 41.05
CA PRO D 59 -16.62 16.35 39.58
C PRO D 59 -16.33 15.02 38.90
N PHE D 60 -15.70 14.07 39.59
CA PHE D 60 -15.49 12.71 39.07
C PHE D 60 -14.95 12.71 37.64
N ASN D 61 -13.73 13.21 37.47
CA ASN D 61 -13.09 13.24 36.18
C ASN D 61 -12.01 12.16 36.06
N ASP D 62 -12.21 11.26 35.09
CA ASP D 62 -11.25 10.20 34.78
C ASP D 62 -10.93 9.35 36.01
N GLY D 63 -11.95 8.68 36.54
CA GLY D 63 -11.77 7.81 37.67
C GLY D 63 -11.75 8.53 39.00
N VAL D 64 -11.60 7.74 40.06
CA VAL D 64 -11.57 8.27 41.42
C VAL D 64 -10.88 7.26 42.33
N TYR D 65 -10.31 7.74 43.43
CA TYR D 65 -9.71 6.90 44.46
C TYR D 65 -10.39 7.21 45.78
N PHE D 66 -11.00 6.19 46.38
CA PHE D 66 -11.75 6.34 47.63
C PHE D 66 -11.07 5.56 48.73
N ALA D 67 -10.87 6.21 49.88
CA ALA D 67 -10.26 5.58 51.02
C ALA D 67 -10.87 6.13 52.30
N SER D 68 -11.08 5.25 53.27
CA SER D 68 -11.64 5.64 54.56
C SER D 68 -11.27 4.60 55.60
N THR D 69 -11.09 5.05 56.83
CA THR D 69 -10.74 4.17 57.94
C THR D 69 -11.57 4.56 59.16
N GLU D 70 -12.07 3.56 59.88
CA GLU D 70 -12.87 3.76 61.08
C GLU D 70 -13.11 2.41 61.73
N LYS D 71 -13.39 2.45 63.04
CA LYS D 71 -13.70 1.24 63.80
C LYS D 71 -15.17 0.86 63.76
N SER D 72 -16.01 1.69 63.14
CA SER D 72 -17.44 1.43 63.02
C SER D 72 -17.80 1.13 61.58
N ASN D 73 -19.11 1.01 61.33
CA ASN D 73 -19.64 0.76 60.00
C ASN D 73 -20.53 1.91 59.53
N ILE D 74 -20.17 3.14 59.92
CA ILE D 74 -20.98 4.31 59.56
C ILE D 74 -20.99 4.51 58.06
N ILE D 75 -19.84 4.36 57.41
CA ILE D 75 -19.72 4.60 55.98
C ILE D 75 -20.31 3.41 55.22
N ARG D 76 -21.17 3.70 54.25
CA ARG D 76 -21.75 2.69 53.38
C ARG D 76 -22.46 3.38 52.22
N GLY D 77 -22.21 2.89 51.01
CA GLY D 77 -22.99 3.29 49.86
C GLY D 77 -22.33 4.40 49.05
N TRP D 78 -22.69 4.46 47.78
CA TRP D 78 -22.28 5.53 46.87
C TRP D 78 -23.34 5.70 45.80
N ILE D 79 -23.40 6.90 45.23
CA ILE D 79 -24.33 7.23 44.16
C ILE D 79 -23.54 7.88 43.03
N PHE D 80 -23.81 7.45 41.80
CA PHE D 80 -23.12 7.95 40.61
C PHE D 80 -24.14 8.44 39.59
N GLY D 81 -23.72 9.38 38.75
CA GLY D 81 -24.57 9.90 37.70
C GLY D 81 -23.97 11.16 37.11
N THR D 82 -24.55 11.59 35.99
CA THR D 82 -24.11 12.81 35.32
C THR D 82 -25.09 13.97 35.48
N THR D 83 -26.37 13.69 35.75
CA THR D 83 -27.36 14.74 35.94
C THR D 83 -28.22 14.57 37.18
N LEU D 84 -28.42 13.34 37.66
CA LEU D 84 -29.25 13.07 38.84
C LEU D 84 -30.70 13.54 38.62
N ASP D 85 -31.13 13.58 37.38
CA ASP D 85 -32.49 13.97 37.01
C ASP D 85 -33.14 12.84 36.23
N SER D 86 -34.37 13.09 35.76
CA SER D 86 -35.09 12.08 35.00
C SER D 86 -34.58 11.98 33.57
N LYS D 87 -33.79 12.98 33.14
CA LYS D 87 -33.30 12.99 31.76
C LYS D 87 -32.34 11.83 31.49
N THR D 88 -31.46 11.54 32.45
CA THR D 88 -30.41 10.55 32.26
C THR D 88 -30.44 9.52 33.38
N GLN D 89 -30.11 8.28 33.03
CA GLN D 89 -30.09 7.17 33.96
C GLN D 89 -29.02 7.40 35.03
N SER D 90 -29.33 6.95 36.26
CA SER D 90 -28.44 7.13 37.40
C SER D 90 -28.15 5.78 38.04
N LEU D 91 -27.03 5.73 38.78
CA LEU D 91 -26.52 4.50 39.35
C LEU D 91 -26.49 4.60 40.87
N LEU D 92 -26.74 3.48 41.54
CA LEU D 92 -26.71 3.40 43.01
C LEU D 92 -25.91 2.19 43.45
N ILE D 93 -25.16 2.36 44.54
CA ILE D 93 -24.51 1.26 45.26
C ILE D 93 -24.78 1.46 46.74
N VAL D 94 -25.39 0.44 47.37
CA VAL D 94 -25.65 0.45 48.80
C VAL D 94 -25.35 -0.93 49.36
N ASN D 95 -24.68 -0.95 50.52
CA ASN D 95 -24.30 -2.18 51.19
C ASN D 95 -25.22 -2.40 52.40
N ASN D 96 -25.80 -3.58 52.48
CA ASN D 96 -26.55 -3.96 53.67
C ASN D 96 -25.61 -4.47 54.75
N ALA D 97 -26.20 -5.05 55.80
CA ALA D 97 -25.40 -5.66 56.86
C ALA D 97 -24.84 -7.00 56.43
N THR D 98 -25.54 -7.69 55.52
CA THR D 98 -25.16 -9.04 55.09
C THR D 98 -25.15 -9.17 53.57
N ASN D 99 -25.55 -8.13 52.84
CA ASN D 99 -25.59 -8.20 51.40
C ASN D 99 -25.28 -6.83 50.82
N VAL D 100 -25.22 -6.76 49.49
CA VAL D 100 -25.05 -5.51 48.76
C VAL D 100 -26.06 -5.47 47.63
N VAL D 101 -26.62 -4.29 47.37
CA VAL D 101 -27.53 -4.07 46.25
C VAL D 101 -26.93 -3.00 45.35
N ILE D 102 -26.85 -3.30 44.06
CA ILE D 102 -26.32 -2.38 43.06
C ILE D 102 -27.32 -2.35 41.92
N LYS D 103 -28.20 -1.36 41.93
CA LYS D 103 -29.21 -1.19 40.89
C LYS D 103 -29.01 0.15 40.22
N VAL D 104 -28.89 0.14 38.90
CA VAL D 104 -28.76 1.36 38.10
C VAL D 104 -30.16 1.83 37.73
N CYS D 105 -30.80 2.54 38.66
CA CYS D 105 -32.18 2.98 38.47
C CYS D 105 -32.28 4.47 38.74
N GLU D 106 -33.07 5.15 37.92
CA GLU D 106 -33.16 6.61 37.98
C GLU D 106 -33.85 7.06 39.27
N PHE D 107 -33.35 8.17 39.82
CA PHE D 107 -33.89 8.79 41.02
C PHE D 107 -34.16 10.25 40.72
N GLN D 108 -35.38 10.72 41.02
CA GLN D 108 -35.82 12.05 40.64
C GLN D 108 -35.58 13.08 41.73
N PHE D 109 -36.17 12.88 42.90
CA PHE D 109 -36.16 13.88 43.96
C PHE D 109 -35.35 13.38 45.16
N CYS D 110 -34.59 14.28 45.77
CA CYS D 110 -33.84 14.01 47.00
C CYS D 110 -34.04 15.21 47.92
N ASN D 111 -35.04 15.12 48.79
CA ASN D 111 -35.40 16.25 49.65
C ASN D 111 -34.25 16.61 50.59
N ASP D 112 -33.74 15.62 51.34
CA ASP D 112 -32.61 15.82 52.24
C ASP D 112 -32.12 14.47 52.71
N PRO D 113 -30.82 14.25 52.82
CA PRO D 113 -30.33 12.99 53.40
C PRO D 113 -30.83 12.81 54.83
N PHE D 114 -31.13 11.56 55.18
CA PHE D 114 -31.66 11.28 56.51
C PHE D 114 -30.64 11.65 57.59
N LEU D 115 -31.12 12.35 58.61
CA LEU D 115 -30.26 12.78 59.72
C LEU D 115 -31.14 12.93 60.96
N ASP D 116 -30.88 12.11 61.97
CA ASP D 116 -31.64 12.20 63.21
C ASP D 116 -31.28 13.49 63.94
N VAL D 117 -32.27 14.04 64.66
CA VAL D 117 -32.06 15.30 65.36
C VAL D 117 -30.98 15.15 66.43
N TYR D 118 -30.94 13.97 67.06
CA TYR D 118 -29.94 13.72 68.15
C TYR D 118 -28.69 13.08 67.55
N TYR D 119 -28.85 11.97 66.81
CA TYR D 119 -27.68 11.24 66.24
C TYR D 119 -26.60 11.09 67.31
N HIS D 120 -26.99 10.66 68.52
CA HIS D 120 -26.04 10.46 69.60
C HIS D 120 -25.85 8.97 69.84
N LYS D 121 -24.60 8.51 69.75
CA LYS D 121 -24.26 7.11 69.96
C LYS D 121 -23.85 6.80 71.40
N ASN D 122 -23.86 7.81 72.28
CA ASN D 122 -23.46 7.57 73.66
C ASN D 122 -24.53 6.81 74.45
N ASN D 123 -25.80 6.95 74.05
CA ASN D 123 -26.91 6.28 74.72
C ASN D 123 -27.55 5.21 73.85
N LYS D 124 -27.92 5.54 72.62
CA LYS D 124 -28.55 4.59 71.70
C LYS D 124 -27.66 4.45 70.46
N SER D 125 -27.34 3.21 70.12
CA SER D 125 -26.47 2.91 68.97
C SER D 125 -27.18 2.04 67.95
N TRP D 126 -28.51 2.09 67.91
CA TRP D 126 -29.31 1.30 66.99
C TRP D 126 -29.91 2.22 65.93
N MET D 127 -29.55 1.99 64.67
CA MET D 127 -30.07 2.74 63.53
C MET D 127 -30.37 1.72 62.43
N GLU D 128 -31.61 1.23 62.40
CA GLU D 128 -32.01 0.16 61.51
C GLU D 128 -33.32 0.50 60.83
N SER D 129 -33.50 -0.05 59.61
CA SER D 129 -34.74 0.08 58.85
C SER D 129 -35.13 1.54 58.65
N GLU D 130 -34.15 2.37 58.30
CA GLU D 130 -34.34 3.79 58.09
C GLU D 130 -33.65 4.24 56.82
N PHE D 131 -33.86 3.51 55.72
CA PHE D 131 -33.23 3.80 54.44
C PHE D 131 -34.30 4.06 53.39
N ARG D 132 -34.49 5.33 53.04
CA ARG D 132 -35.40 5.72 51.96
C ARG D 132 -34.86 7.02 51.36
N VAL D 133 -34.13 6.89 50.25
CA VAL D 133 -33.50 8.06 49.64
C VAL D 133 -34.04 8.23 48.22
N TYR D 134 -34.56 7.15 47.64
CA TYR D 134 -35.10 7.19 46.28
C TYR D 134 -36.56 7.59 46.36
N SER D 135 -36.89 8.76 45.81
CA SER D 135 -38.28 9.21 45.79
C SER D 135 -39.11 8.44 44.79
N SER D 136 -38.57 8.22 43.58
CA SER D 136 -39.27 7.52 42.52
C SER D 136 -38.35 6.45 41.95
N ALA D 137 -38.86 5.23 41.83
CA ALA D 137 -38.11 4.12 41.24
C ALA D 137 -38.65 3.87 39.84
N ASN D 138 -38.10 4.60 38.87
CA ASN D 138 -38.57 4.52 37.49
C ASN D 138 -38.03 3.24 36.84
N ASN D 139 -38.29 3.09 35.54
CA ASN D 139 -37.82 1.92 34.82
C ASN D 139 -36.30 1.92 34.76
N CYS D 140 -35.71 0.74 34.90
CA CYS D 140 -34.27 0.58 34.87
C CYS D 140 -33.89 -0.81 34.36
N THR D 141 -32.58 -1.04 34.27
CA THR D 141 -32.07 -2.19 33.52
C THR D 141 -31.44 -3.26 34.40
N PHE D 142 -30.45 -2.87 35.21
CA PHE D 142 -29.55 -3.85 35.81
C PHE D 142 -29.67 -3.81 37.33
N GLU D 143 -29.42 -4.95 37.98
CA GLU D 143 -29.50 -5.10 39.43
C GLU D 143 -28.62 -6.29 39.84
N TYR D 144 -27.64 -6.03 40.71
CA TYR D 144 -26.71 -7.06 41.11
C TYR D 144 -26.64 -7.18 42.63
N VAL D 145 -26.67 -8.41 43.13
CA VAL D 145 -26.57 -8.69 44.56
C VAL D 145 -25.47 -9.73 44.78
N SER D 146 -24.60 -9.46 45.74
CA SER D 146 -23.47 -10.35 46.02
C SER D 146 -23.07 -10.17 47.48
N GLN D 147 -21.88 -10.67 47.81
CA GLN D 147 -21.37 -10.59 49.18
C GLN D 147 -21.02 -9.14 49.53
N PRO D 148 -21.12 -8.76 50.80
CA PRO D 148 -20.81 -7.38 51.19
C PRO D 148 -19.45 -6.90 50.70
N PHE D 149 -19.44 -5.67 50.16
CA PHE D 149 -18.19 -5.07 49.70
C PHE D 149 -17.26 -4.78 50.86
N LEU D 150 -17.78 -4.20 51.93
CA LEU D 150 -16.97 -3.83 53.08
C LEU D 150 -16.87 -5.01 54.06
N MET D 151 -15.96 -4.86 55.02
CA MET D 151 -15.75 -5.89 56.03
C MET D 151 -16.58 -5.60 57.29
N ASN D 162 -8.53 -1.21 60.36
CA ASN D 162 -8.38 -1.54 58.96
C ASN D 162 -8.70 -0.33 58.09
N LEU D 163 -8.08 -0.30 56.91
CA LEU D 163 -8.28 0.76 55.94
C LEU D 163 -8.85 0.18 54.65
N ARG D 164 -9.89 0.82 54.13
CA ARG D 164 -10.54 0.40 52.90
C ARG D 164 -10.18 1.35 51.76
N GLU D 165 -9.74 0.79 50.64
CA GLU D 165 -9.37 1.58 49.48
C GLU D 165 -10.13 1.08 48.26
N PHE D 166 -10.81 1.99 47.57
CA PHE D 166 -11.60 1.66 46.40
C PHE D 166 -11.23 2.59 45.25
N VAL D 167 -11.14 2.04 44.04
CA VAL D 167 -10.93 2.81 42.83
C VAL D 167 -12.04 2.45 41.84
N PHE D 168 -12.76 3.46 41.38
CA PHE D 168 -13.87 3.29 40.45
C PHE D 168 -13.48 3.82 39.08
N LYS D 169 -13.70 3.02 38.05
CA LYS D 169 -13.38 3.38 36.69
C LYS D 169 -14.58 3.14 35.78
N ASN D 170 -14.61 3.85 34.66
CA ASN D 170 -15.67 3.71 33.66
C ASN D 170 -14.99 3.82 32.28
N ILE D 171 -14.60 2.69 31.72
CA ILE D 171 -13.89 2.64 30.44
C ILE D 171 -14.61 1.67 29.52
N ASP D 172 -14.91 2.12 28.31
CA ASP D 172 -15.54 1.29 27.27
C ASP D 172 -16.83 0.65 27.79
N GLY D 173 -17.67 1.46 28.44
CA GLY D 173 -18.96 1.00 28.89
C GLY D 173 -18.94 0.05 30.07
N TYR D 174 -17.78 -0.22 30.65
CA TYR D 174 -17.64 -1.14 31.77
C TYR D 174 -17.26 -0.36 33.02
N PHE D 175 -18.00 -0.59 34.10
CA PHE D 175 -17.73 0.03 35.39
C PHE D 175 -16.99 -0.98 36.26
N LYS D 176 -15.78 -0.64 36.66
CA LYS D 176 -14.90 -1.55 37.40
C LYS D 176 -14.65 -1.02 38.80
N ILE D 177 -14.69 -1.93 39.78
CA ILE D 177 -14.51 -1.60 41.18
C ILE D 177 -13.37 -2.46 41.73
N TYR D 178 -12.41 -1.80 42.38
CA TYR D 178 -11.28 -2.48 43.02
C TYR D 178 -11.34 -2.22 44.51
N SER D 179 -10.74 -3.13 45.29
CA SER D 179 -10.81 -3.02 46.74
C SER D 179 -9.61 -3.70 47.36
N LYS D 180 -9.31 -3.30 48.60
CA LYS D 180 -8.26 -3.89 49.42
C LYS D 180 -8.40 -3.44 50.87
N HIS D 181 -8.12 -4.34 51.80
CA HIS D 181 -8.20 -4.05 53.23
C HIS D 181 -6.79 -4.08 53.80
N THR D 182 -6.23 -2.89 54.07
CA THR D 182 -4.88 -2.78 54.59
C THR D 182 -4.91 -2.34 56.04
N PRO D 183 -4.54 -3.20 56.99
CA PRO D 183 -4.47 -2.76 58.39
C PRO D 183 -3.37 -1.73 58.59
N ILE D 184 -3.62 -0.79 59.50
CA ILE D 184 -2.69 0.30 59.78
C ILE D 184 -2.42 0.33 61.28
N ASN D 185 -1.31 0.96 61.65
CA ASN D 185 -0.94 1.08 63.05
C ASN D 185 -1.05 2.53 63.52
N LEU D 190 -3.49 8.34 54.77
CA LEU D 190 -2.84 7.47 53.79
C LEU D 190 -1.42 7.11 54.26
N PRO D 191 -1.31 5.99 54.98
CA PRO D 191 0.00 5.58 55.49
C PRO D 191 0.94 5.19 54.35
N GLN D 192 2.23 5.31 54.63
CA GLN D 192 3.25 4.92 53.66
C GLN D 192 3.24 3.40 53.46
N GLY D 193 3.67 2.99 52.27
CA GLY D 193 3.70 1.59 51.90
C GLY D 193 3.08 1.35 50.53
N PHE D 194 3.12 0.09 50.13
CA PHE D 194 2.62 -0.34 48.83
C PHE D 194 1.62 -1.46 49.04
N SER D 195 0.40 -1.26 48.53
CA SER D 195 -0.67 -2.26 48.61
C SER D 195 -1.40 -2.28 47.28
N ALA D 196 -1.40 -3.44 46.62
CA ALA D 196 -2.04 -3.58 45.32
C ALA D 196 -3.53 -3.81 45.48
N LEU D 197 -4.31 -3.18 44.60
CA LEU D 197 -5.76 -3.27 44.63
C LEU D 197 -6.21 -4.38 43.69
N GLU D 198 -6.92 -5.37 44.24
CA GLU D 198 -7.38 -6.49 43.43
C GLU D 198 -8.78 -6.22 42.88
N PRO D 199 -9.08 -6.65 41.65
CA PRO D 199 -10.41 -6.44 41.09
C PRO D 199 -11.48 -7.14 41.92
N LEU D 200 -12.65 -6.49 42.02
CA LEU D 200 -13.74 -7.03 42.81
C LEU D 200 -14.96 -7.39 41.98
N VAL D 201 -15.52 -6.38 41.30
CA VAL D 201 -16.77 -6.61 40.51
C VAL D 201 -16.82 -5.73 39.28
N ASP D 202 -16.75 -6.32 38.09
CA ASP D 202 -16.87 -5.56 36.82
C ASP D 202 -18.32 -5.57 36.35
N LEU D 203 -19.18 -4.72 36.95
CA LEU D 203 -20.62 -4.65 36.58
C LEU D 203 -20.80 -3.84 35.29
N PRO D 204 -21.52 -4.35 34.27
CA PRO D 204 -21.69 -3.67 32.98
C PRO D 204 -22.87 -2.69 32.83
N ILE D 205 -22.87 -1.59 33.56
CA ILE D 205 -24.02 -0.65 33.53
C ILE D 205 -24.19 -0.02 32.14
N GLY D 206 -23.12 0.48 31.54
CA GLY D 206 -23.22 1.17 30.24
C GLY D 206 -23.58 2.65 30.36
N ILE D 207 -23.81 3.17 31.56
CA ILE D 207 -24.27 4.58 31.76
C ILE D 207 -23.09 5.55 31.73
N ASN D 208 -23.31 6.83 31.45
CA ASN D 208 -22.21 7.82 31.53
C ASN D 208 -22.20 8.39 32.96
N ILE D 209 -21.03 8.50 33.61
CA ILE D 209 -20.94 8.96 34.98
C ILE D 209 -20.05 10.20 35.01
N THR D 210 -20.57 11.29 35.59
CA THR D 210 -19.84 12.55 35.64
C THR D 210 -19.86 13.15 37.05
N ARG D 211 -20.60 12.56 37.98
CA ARG D 211 -20.65 13.05 39.35
C ARG D 211 -20.85 11.87 40.29
N PHE D 212 -20.39 12.02 41.53
CA PHE D 212 -20.56 10.98 42.52
C PHE D 212 -20.65 11.61 43.90
N GLN D 213 -21.23 10.85 44.84
CA GLN D 213 -21.48 11.34 46.19
C GLN D 213 -21.57 10.16 47.12
N THR D 214 -21.06 10.33 48.34
CA THR D 214 -21.05 9.29 49.36
C THR D 214 -22.24 9.44 50.28
N LEU D 215 -22.57 8.37 50.99
CA LEU D 215 -23.70 8.33 51.91
C LEU D 215 -23.22 7.92 53.30
N LEU D 216 -24.09 8.16 54.28
CA LEU D 216 -23.79 7.86 55.68
C LEU D 216 -24.75 6.79 56.18
N ALA D 217 -24.69 6.50 57.47
CA ALA D 217 -25.56 5.51 58.09
C ALA D 217 -26.85 6.16 58.57
N ALA D 238 -14.07 11.88 57.09
CA ALA D 238 -13.21 10.71 56.99
C ALA D 238 -13.24 10.13 55.59
N TYR D 239 -13.01 10.97 54.59
CA TYR D 239 -13.01 10.57 53.20
C TYR D 239 -11.70 10.97 52.55
N TYR D 240 -11.15 10.07 51.75
CA TYR D 240 -9.93 10.32 50.98
C TYR D 240 -10.31 10.22 49.50
N VAL D 241 -10.26 11.34 48.79
CA VAL D 241 -10.68 11.39 47.40
C VAL D 241 -9.49 11.81 46.55
N GLY D 242 -9.18 11.00 45.53
CA GLY D 242 -8.14 11.33 44.59
C GLY D 242 -8.57 10.99 43.18
N TYR D 243 -7.97 11.68 42.22
CA TYR D 243 -8.38 11.59 40.82
C TYR D 243 -7.22 11.07 39.98
N LEU D 244 -7.55 10.25 38.99
CA LEU D 244 -6.56 9.56 38.19
C LEU D 244 -6.29 10.31 36.89
N GLN D 245 -5.09 10.10 36.34
CA GLN D 245 -4.65 10.69 35.10
C GLN D 245 -4.06 9.61 34.21
N PRO D 246 -4.09 9.81 32.88
CA PRO D 246 -3.51 8.81 31.98
C PRO D 246 -1.99 8.78 32.04
N ARG D 247 -1.46 8.13 33.07
CA ARG D 247 -0.02 8.04 33.31
C ARG D 247 0.50 6.70 32.81
N THR D 248 1.82 6.51 32.96
CA THR D 248 2.47 5.25 32.64
C THR D 248 3.28 4.79 33.86
N PHE D 249 3.21 3.51 34.16
CA PHE D 249 3.84 2.93 35.34
C PHE D 249 4.78 1.81 34.93
N LEU D 250 5.53 1.31 35.91
CA LEU D 250 6.41 0.15 35.74
C LEU D 250 6.27 -0.70 37.01
N LEU D 251 5.39 -1.70 36.94
CA LEU D 251 5.10 -2.53 38.09
C LEU D 251 6.15 -3.63 38.25
N LYS D 252 6.33 -4.08 39.48
CA LYS D 252 7.21 -5.20 39.80
C LYS D 252 6.35 -6.37 40.27
N TYR D 253 6.49 -7.51 39.61
CA TYR D 253 5.68 -8.69 39.90
C TYR D 253 6.51 -9.70 40.67
N ASN D 254 5.94 -10.22 41.76
CA ASN D 254 6.61 -11.24 42.56
C ASN D 254 6.55 -12.58 41.86
N GLU D 255 7.31 -13.55 42.37
CA GLU D 255 7.31 -14.89 41.80
C GLU D 255 5.95 -15.54 41.96
N ASN D 256 5.23 -15.22 43.05
CA ASN D 256 3.89 -15.76 43.24
C ASN D 256 2.85 -15.08 42.37
N GLY D 257 3.16 -13.89 41.86
CA GLY D 257 2.28 -13.18 40.97
C GLY D 257 1.61 -11.93 41.53
N THR D 258 2.16 -11.32 42.57
CA THR D 258 1.59 -10.14 43.18
C THR D 258 2.55 -8.95 43.04
N ILE D 259 1.98 -7.75 42.96
CA ILE D 259 2.78 -6.55 42.78
C ILE D 259 3.33 -6.12 44.15
N THR D 260 4.63 -5.87 44.20
CA THR D 260 5.30 -5.45 45.44
C THR D 260 5.75 -4.00 45.39
N ASP D 261 6.30 -3.56 44.25
CA ASP D 261 6.79 -2.20 44.09
C ASP D 261 6.39 -1.68 42.71
N ALA D 262 6.33 -0.35 42.60
CA ALA D 262 6.06 0.30 41.33
C ALA D 262 6.72 1.68 41.33
N VAL D 263 6.98 2.20 40.14
CA VAL D 263 7.60 3.51 39.96
C VAL D 263 6.80 4.29 38.92
N ASP D 264 6.53 5.56 39.23
CA ASP D 264 5.86 6.43 38.27
C ASP D 264 6.87 7.03 37.31
N CYS D 265 6.62 6.87 36.01
CA CYS D 265 7.58 7.26 34.98
C CYS D 265 7.53 8.74 34.63
N ALA D 266 6.82 9.55 35.43
CA ALA D 266 6.75 10.98 35.16
C ALA D 266 6.89 11.83 36.41
N LEU D 267 7.61 11.33 37.43
CA LEU D 267 7.73 12.08 38.67
C LEU D 267 9.05 12.85 38.73
N ASP D 268 10.17 12.15 38.61
CA ASP D 268 11.48 12.77 38.67
C ASP D 268 12.38 12.10 37.62
N PRO D 269 13.47 12.75 37.21
CA PRO D 269 14.30 12.17 36.14
C PRO D 269 14.86 10.80 36.47
N LEU D 270 15.10 10.50 37.75
CA LEU D 270 15.58 9.17 38.12
C LEU D 270 14.55 8.10 37.76
N SER D 271 13.28 8.39 37.98
CA SER D 271 12.23 7.44 37.61
C SER D 271 12.16 7.26 36.10
N GLU D 272 12.34 8.34 35.35
CA GLU D 272 12.38 8.22 33.89
C GLU D 272 13.54 7.35 33.44
N THR D 273 14.71 7.52 34.07
CA THR D 273 15.85 6.66 33.77
C THR D 273 15.55 5.21 34.09
N LYS D 274 14.91 4.96 35.23
CA LYS D 274 14.56 3.58 35.59
C LYS D 274 13.60 2.98 34.58
N CYS D 275 12.60 3.74 34.14
CA CYS D 275 11.65 3.23 33.16
C CYS D 275 12.32 2.99 31.81
N THR D 276 13.23 3.86 31.41
CA THR D 276 13.97 3.65 30.16
C THR D 276 14.82 2.39 30.23
N LEU D 277 15.49 2.17 31.36
CA LEU D 277 16.32 0.99 31.54
C LEU D 277 15.52 -0.25 31.92
N LYS D 278 14.23 -0.09 32.24
CA LYS D 278 13.37 -1.21 32.66
C LYS D 278 13.98 -1.96 33.84
N SER D 279 14.47 -1.22 34.82
CA SER D 279 15.07 -1.81 36.01
C SER D 279 14.87 -0.86 37.18
N PHE D 280 14.96 -1.42 38.39
CA PHE D 280 14.83 -0.63 39.60
C PHE D 280 16.15 -0.15 40.15
N THR D 281 17.26 -0.75 39.73
CA THR D 281 18.60 -0.34 40.13
C THR D 281 19.34 0.18 38.90
N VAL D 282 19.85 1.40 39.00
CA VAL D 282 20.58 2.04 37.91
C VAL D 282 22.05 2.13 38.29
N GLU D 283 22.92 1.76 37.36
CA GLU D 283 24.35 1.83 37.59
C GLU D 283 24.88 3.23 37.30
N LYS D 284 26.15 3.44 37.65
CA LYS D 284 26.80 4.72 37.39
C LYS D 284 26.91 4.97 35.89
N GLY D 285 26.56 6.18 35.47
CA GLY D 285 26.67 6.52 34.06
C GLY D 285 25.72 7.65 33.71
N ILE D 286 25.68 7.95 32.42
CA ILE D 286 24.80 8.97 31.85
C ILE D 286 23.83 8.26 30.92
N TYR D 287 22.53 8.51 31.10
CA TYR D 287 21.50 7.83 30.34
C TYR D 287 20.57 8.84 29.69
N GLN D 288 20.21 8.57 28.43
CA GLN D 288 19.24 9.39 27.72
C GLN D 288 17.84 8.87 28.01
N THR D 289 16.95 9.78 28.45
CA THR D 289 15.61 9.40 28.88
C THR D 289 14.53 9.86 27.91
N SER D 290 14.49 11.15 27.58
CA SER D 290 13.43 11.68 26.74
C SER D 290 14.01 12.78 25.85
N ASN D 291 13.14 13.57 25.24
CA ASN D 291 13.53 14.65 24.36
C ASN D 291 12.91 15.96 24.83
N PHE D 292 13.59 17.06 24.56
CA PHE D 292 13.15 18.38 24.95
C PHE D 292 12.81 19.21 23.71
N ARG D 293 11.74 19.99 23.80
CA ARG D 293 11.28 20.78 22.66
C ARG D 293 10.51 21.98 23.18
N VAL D 294 10.86 23.17 22.70
CA VAL D 294 10.16 24.39 23.11
C VAL D 294 8.89 24.51 22.27
N GLN D 295 7.74 24.55 22.94
CA GLN D 295 6.47 24.63 22.24
C GLN D 295 6.18 26.06 21.82
N PRO D 296 5.42 26.24 20.73
CA PRO D 296 5.06 27.59 20.30
C PRO D 296 4.20 28.29 21.34
N THR D 297 4.35 29.61 21.40
CA THR D 297 3.61 30.44 22.35
C THR D 297 2.52 31.27 21.68
N GLU D 298 2.50 31.36 20.35
CA GLU D 298 1.51 32.17 19.66
C GLU D 298 1.43 31.71 18.21
N SER D 299 0.35 32.10 17.54
CA SER D 299 0.16 31.84 16.12
C SER D 299 -0.19 33.15 15.43
N ILE D 300 0.54 33.48 14.37
CA ILE D 300 0.33 34.71 13.63
C ILE D 300 0.16 34.41 12.15
N VAL D 301 -0.60 35.26 11.47
CA VAL D 301 -0.81 35.17 10.03
C VAL D 301 -0.62 36.56 9.44
N ARG D 302 0.22 36.66 8.41
CA ARG D 302 0.54 37.94 7.78
C ARG D 302 0.19 37.87 6.30
N PHE D 303 -0.54 38.87 5.82
CA PHE D 303 -0.96 39.00 4.44
C PHE D 303 -0.78 40.44 4.01
N PRO D 304 -0.62 40.69 2.72
CA PRO D 304 -0.36 42.07 2.26
C PRO D 304 -1.56 42.98 2.49
N ASN D 305 -1.28 44.29 2.40
CA ASN D 305 -2.36 45.25 2.72
C ASN D 305 -3.57 44.93 1.86
N ILE D 306 -4.77 45.24 2.34
CA ILE D 306 -6.00 45.02 1.53
C ILE D 306 -6.24 46.28 0.68
N THR D 307 -6.36 46.12 -0.63
CA THR D 307 -6.59 47.25 -1.55
C THR D 307 -7.26 46.72 -2.81
N ASN D 308 -7.70 47.61 -3.72
CA ASN D 308 -8.44 47.16 -4.92
C ASN D 308 -9.69 46.41 -4.47
N LEU D 309 -10.38 46.94 -3.47
CA LEU D 309 -11.65 46.32 -3.02
C LEU D 309 -12.67 46.42 -4.16
N CYS D 310 -13.44 45.37 -4.41
CA CYS D 310 -14.38 45.36 -5.56
C CYS D 310 -15.35 46.54 -5.48
N PRO D 311 -15.96 46.96 -6.61
CA PRO D 311 -16.93 48.06 -6.62
C PRO D 311 -18.35 47.64 -6.21
N PHE D 312 -18.45 46.85 -5.14
CA PHE D 312 -19.77 46.52 -4.60
C PHE D 312 -20.45 47.74 -4.04
N ASP D 313 -19.67 48.74 -3.60
CA ASP D 313 -20.26 49.98 -3.11
C ASP D 313 -20.97 50.72 -4.23
N GLU D 314 -20.40 50.75 -5.43
CA GLU D 314 -21.01 51.47 -6.54
C GLU D 314 -22.28 50.79 -7.03
N VAL D 315 -22.29 49.46 -7.06
CA VAL D 315 -23.46 48.73 -7.56
C VAL D 315 -24.66 48.95 -6.68
N PHE D 316 -24.47 48.89 -5.36
CA PHE D 316 -25.61 48.91 -4.44
C PHE D 316 -26.18 50.31 -4.27
N ASN D 317 -25.34 51.34 -4.28
CA ASN D 317 -25.79 52.70 -4.03
C ASN D 317 -25.89 53.46 -5.37
N ALA D 318 -26.49 52.84 -6.38
CA ALA D 318 -26.81 53.58 -7.58
C ALA D 318 -27.99 54.52 -7.32
N THR D 319 -27.85 55.77 -7.74
CA THR D 319 -28.93 56.74 -7.55
C THR D 319 -30.18 56.33 -8.33
N ARG D 320 -30.00 55.86 -9.56
CA ARG D 320 -31.10 55.43 -10.41
C ARG D 320 -30.75 54.08 -11.01
N PHE D 321 -31.59 53.07 -10.74
CA PHE D 321 -31.48 51.77 -11.38
C PHE D 321 -32.24 51.78 -12.70
N ALA D 322 -32.29 50.64 -13.38
CA ALA D 322 -32.98 50.50 -14.65
C ALA D 322 -34.19 49.59 -14.47
N SER D 323 -35.03 49.58 -15.49
CA SER D 323 -36.18 48.68 -15.49
C SER D 323 -35.72 47.23 -15.65
N VAL D 324 -36.61 46.31 -15.32
CA VAL D 324 -36.23 44.89 -15.32
C VAL D 324 -35.96 44.41 -16.74
N TYR D 325 -36.69 44.94 -17.73
CA TYR D 325 -36.56 44.43 -19.10
C TYR D 325 -35.17 44.69 -19.67
N ALA D 326 -34.55 45.80 -19.28
CA ALA D 326 -33.17 46.13 -19.66
C ALA D 326 -32.38 46.24 -18.36
N TRP D 327 -31.87 45.11 -17.89
CA TRP D 327 -31.19 45.05 -16.60
C TRP D 327 -29.68 45.20 -16.79
N ASN D 328 -29.07 45.96 -15.89
CA ASN D 328 -27.63 46.17 -15.94
C ASN D 328 -26.89 44.88 -15.57
N ARG D 329 -25.60 44.87 -15.87
CA ARG D 329 -24.75 43.72 -15.58
C ARG D 329 -23.35 44.25 -15.38
N LYS D 330 -22.66 43.73 -14.36
CA LYS D 330 -21.29 44.16 -14.08
C LYS D 330 -20.45 42.94 -13.80
N ARG D 331 -19.41 42.74 -14.61
CA ARG D 331 -18.50 41.61 -14.46
C ARG D 331 -17.42 41.99 -13.45
N ILE D 332 -17.71 41.75 -12.17
CA ILE D 332 -16.74 42.02 -11.12
C ILE D 332 -15.65 40.96 -11.18
N SER D 333 -14.44 41.37 -11.54
CA SER D 333 -13.33 40.44 -11.64
C SER D 333 -12.06 41.12 -11.18
N ASN D 334 -11.14 40.32 -10.63
CA ASN D 334 -9.81 40.77 -10.21
C ASN D 334 -9.94 41.87 -9.14
N CYS D 335 -10.54 41.50 -8.01
CA CYS D 335 -10.58 42.37 -6.85
C CYS D 335 -10.97 41.57 -5.62
N VAL D 336 -10.65 42.13 -4.46
CA VAL D 336 -11.07 41.53 -3.20
C VAL D 336 -12.52 41.89 -2.93
N ALA D 337 -13.32 40.89 -2.58
CA ALA D 337 -14.76 41.09 -2.52
C ALA D 337 -15.18 41.82 -1.25
N ASP D 338 -14.91 41.22 -0.08
CA ASP D 338 -15.33 41.76 1.21
C ASP D 338 -16.86 41.94 1.25
N TYR D 339 -17.55 40.79 1.20
CA TYR D 339 -19.00 40.78 1.18
C TYR D 339 -19.63 41.31 2.45
N SER D 340 -18.88 41.48 3.53
CA SER D 340 -19.46 41.93 4.78
C SER D 340 -19.96 43.37 4.73
N VAL D 341 -19.59 44.14 3.70
CA VAL D 341 -20.01 45.53 3.61
C VAL D 341 -21.51 45.66 3.35
N LEU D 342 -22.15 44.61 2.84
CA LEU D 342 -23.56 44.68 2.52
C LEU D 342 -24.41 44.86 3.77
N TYR D 343 -24.20 44.02 4.78
CA TYR D 343 -25.04 44.05 5.97
C TYR D 343 -24.91 45.38 6.71
N ASN D 344 -23.69 45.89 6.83
CA ASN D 344 -23.43 47.03 7.70
C ASN D 344 -24.17 48.28 7.24
N PHE D 345 -24.25 48.49 5.93
CA PHE D 345 -24.80 49.73 5.40
C PHE D 345 -26.27 49.62 4.99
N ALA D 346 -26.63 48.61 4.21
CA ALA D 346 -27.99 48.53 3.67
C ALA D 346 -28.79 47.47 4.42
N PRO D 347 -29.86 47.83 5.12
CA PRO D 347 -30.78 46.81 5.64
C PRO D 347 -31.46 46.08 4.50
N PHE D 348 -31.77 44.81 4.73
CA PHE D 348 -32.23 43.91 3.68
C PHE D 348 -33.65 43.42 3.94
N PHE D 349 -34.35 43.08 2.87
CA PHE D 349 -35.69 42.51 2.94
C PHE D 349 -35.70 41.01 2.66
N ALA D 350 -35.04 40.58 1.59
CA ALA D 350 -34.97 39.16 1.23
C ALA D 350 -33.53 38.85 0.79
N PHE D 351 -32.70 38.45 1.75
CA PHE D 351 -31.31 38.12 1.50
C PHE D 351 -31.21 36.59 1.41
N LYS D 352 -31.11 36.07 0.19
CA LYS D 352 -31.13 34.63 -0.06
C LYS D 352 -29.97 34.25 -0.96
N CYS D 353 -29.46 33.04 -0.76
CA CYS D 353 -28.36 32.52 -1.56
C CYS D 353 -28.63 31.07 -1.94
N TYR D 354 -28.20 30.71 -3.15
CA TYR D 354 -28.39 29.37 -3.68
C TYR D 354 -27.04 28.82 -4.10
N GLY D 355 -26.66 27.68 -3.52
CA GLY D 355 -25.38 27.06 -3.82
C GLY D 355 -24.21 27.60 -3.04
N VAL D 356 -24.37 28.71 -2.32
CA VAL D 356 -23.31 29.31 -1.53
C VAL D 356 -23.90 29.74 -0.19
N SER D 357 -23.01 30.05 0.75
CA SER D 357 -23.42 30.44 2.09
C SER D 357 -23.02 31.88 2.36
N PRO D 358 -23.79 32.61 3.17
CA PRO D 358 -23.48 34.02 3.42
C PRO D 358 -22.20 34.22 4.22
N THR D 359 -22.08 33.52 5.35
CA THR D 359 -20.91 33.68 6.20
C THR D 359 -19.66 33.14 5.52
N LYS D 360 -19.77 32.01 4.83
CA LYS D 360 -18.64 31.37 4.17
C LYS D 360 -18.40 31.92 2.77
N LEU D 361 -18.97 33.08 2.45
CA LEU D 361 -18.76 33.66 1.13
C LEU D 361 -17.38 34.31 1.00
N ASN D 362 -16.87 34.91 2.08
CA ASN D 362 -15.60 35.61 2.00
C ASN D 362 -14.44 34.65 1.74
N ASP D 363 -14.43 33.50 2.41
CA ASP D 363 -13.32 32.56 2.28
C ASP D 363 -13.54 31.57 1.14
N LEU D 364 -13.83 32.11 -0.05
CA LEU D 364 -14.00 31.30 -1.25
C LEU D 364 -13.46 32.08 -2.43
N CYS D 365 -13.10 31.35 -3.49
CA CYS D 365 -12.49 31.93 -4.67
C CYS D 365 -13.37 31.67 -5.88
N PHE D 366 -13.62 32.70 -6.67
CA PHE D 366 -14.40 32.60 -7.89
C PHE D 366 -13.68 33.35 -8.99
N THR D 367 -13.91 32.94 -10.24
CA THR D 367 -13.29 33.62 -11.36
C THR D 367 -14.12 34.80 -11.86
N ASN D 368 -15.44 34.76 -11.68
CA ASN D 368 -16.32 35.82 -12.13
C ASN D 368 -17.50 35.91 -11.17
N VAL D 369 -17.72 37.09 -10.62
CA VAL D 369 -18.87 37.37 -9.77
C VAL D 369 -19.66 38.47 -10.46
N TYR D 370 -20.75 38.11 -11.12
CA TYR D 370 -21.53 39.11 -11.83
C TYR D 370 -22.42 39.88 -10.87
N ALA D 371 -23.17 40.83 -11.41
CA ALA D 371 -24.06 41.66 -10.59
C ALA D 371 -25.13 42.24 -11.50
N ASP D 372 -26.37 41.80 -11.31
CA ASP D 372 -27.50 42.24 -12.11
C ASP D 372 -28.47 43.01 -11.23
N SER D 373 -28.83 44.22 -11.64
CA SER D 373 -29.62 45.11 -10.81
C SER D 373 -30.85 45.61 -11.55
N PHE D 374 -31.97 45.69 -10.83
CA PHE D 374 -33.23 46.19 -11.39
C PHE D 374 -34.16 46.55 -10.24
N VAL D 375 -35.34 47.05 -10.60
CA VAL D 375 -36.37 47.44 -9.65
C VAL D 375 -37.65 46.69 -9.95
N ILE D 376 -38.18 46.00 -8.95
CA ILE D 376 -39.34 45.13 -9.09
C ILE D 376 -40.34 45.47 -7.99
N ARG D 377 -41.62 45.24 -8.27
CA ARG D 377 -42.64 45.32 -7.24
C ARG D 377 -42.30 44.41 -6.07
N GLY D 378 -42.84 44.75 -4.91
CA GLY D 378 -42.55 43.97 -3.72
C GLY D 378 -43.08 42.55 -3.79
N ASN D 379 -44.33 42.41 -4.22
CA ASN D 379 -44.96 41.10 -4.30
C ASN D 379 -44.41 40.25 -5.45
N GLU D 380 -43.61 40.83 -6.34
CA GLU D 380 -43.02 40.11 -7.46
C GLU D 380 -41.54 39.84 -7.27
N VAL D 381 -40.98 40.16 -6.10
CA VAL D 381 -39.58 39.84 -5.83
C VAL D 381 -39.39 38.32 -5.80
N SER D 382 -40.39 37.60 -5.31
CA SER D 382 -40.30 36.15 -5.16
C SER D 382 -40.19 35.42 -6.48
N GLN D 383 -40.44 36.07 -7.61
CA GLN D 383 -40.27 35.43 -8.91
C GLN D 383 -38.80 35.33 -9.31
N ILE D 384 -37.90 36.03 -8.63
CA ILE D 384 -36.48 35.92 -8.87
C ILE D 384 -35.98 34.77 -8.00
N ALA D 385 -35.93 33.58 -8.57
CA ALA D 385 -35.53 32.35 -7.91
C ALA D 385 -35.37 31.28 -8.98
N PRO D 386 -34.71 30.16 -8.69
CA PRO D 386 -34.57 29.12 -9.72
C PRO D 386 -35.92 28.63 -10.22
N GLY D 387 -35.99 28.40 -11.53
CA GLY D 387 -37.25 28.00 -12.13
C GLY D 387 -38.26 29.13 -12.10
N GLN D 388 -39.44 28.85 -11.53
CA GLN D 388 -40.51 29.82 -11.33
C GLN D 388 -41.13 30.29 -12.64
N THR D 389 -42.39 30.71 -12.59
CA THR D 389 -43.10 31.22 -13.75
C THR D 389 -43.89 32.46 -13.35
N GLY D 390 -43.92 33.44 -14.24
CA GLY D 390 -44.61 34.68 -13.95
C GLY D 390 -44.34 35.72 -15.01
N ASN D 391 -44.89 36.91 -14.79
CA ASN D 391 -44.69 38.02 -15.73
C ASN D 391 -43.23 38.42 -15.82
N ILE D 392 -42.55 38.49 -14.68
CA ILE D 392 -41.15 38.95 -14.64
C ILE D 392 -40.18 37.82 -14.96
N ALA D 393 -40.35 36.67 -14.31
CA ALA D 393 -39.39 35.58 -14.47
C ALA D 393 -39.38 35.05 -15.90
N ASP D 394 -40.56 34.85 -16.48
CA ASP D 394 -40.63 34.18 -17.78
C ASP D 394 -40.27 35.12 -18.92
N TYR D 395 -40.63 36.41 -18.82
CA TYR D 395 -40.54 37.30 -19.96
C TYR D 395 -39.53 38.43 -19.83
N ASN D 396 -38.96 38.65 -18.64
CA ASN D 396 -37.98 39.71 -18.45
C ASN D 396 -36.60 39.20 -18.05
N TYR D 397 -36.51 38.39 -17.00
CA TYR D 397 -35.22 37.94 -16.50
C TYR D 397 -35.42 36.59 -15.84
N LYS D 398 -34.86 35.55 -16.43
CA LYS D 398 -35.07 34.17 -15.99
C LYS D 398 -33.76 33.63 -15.42
N LEU D 399 -33.80 33.23 -14.15
CA LEU D 399 -32.63 32.61 -13.52
C LEU D 399 -32.54 31.14 -13.90
N PRO D 400 -31.33 30.59 -13.94
CA PRO D 400 -31.17 29.18 -14.28
C PRO D 400 -31.53 28.27 -13.10
N ASP D 401 -31.70 26.98 -13.42
CA ASP D 401 -32.04 26.00 -12.39
C ASP D 401 -30.88 25.76 -11.45
N ASP D 402 -29.74 25.32 -11.99
CA ASP D 402 -28.54 25.07 -11.18
C ASP D 402 -27.83 26.41 -10.99
N PHE D 403 -28.37 27.21 -10.08
CA PHE D 403 -27.92 28.58 -9.90
C PHE D 403 -27.03 28.67 -8.66
N THR D 404 -25.83 29.20 -8.84
CA THR D 404 -24.88 29.42 -7.75
C THR D 404 -24.70 30.93 -7.61
N GLY D 405 -25.33 31.51 -6.60
CA GLY D 405 -25.28 32.94 -6.42
C GLY D 405 -26.16 33.37 -5.26
N CYS D 406 -26.29 34.69 -5.14
CA CYS D 406 -27.07 35.29 -4.06
C CYS D 406 -28.01 36.33 -4.65
N VAL D 407 -29.19 36.46 -4.02
CA VAL D 407 -30.21 37.41 -4.42
C VAL D 407 -30.46 38.35 -3.24
N ILE D 408 -30.37 39.64 -3.49
CA ILE D 408 -30.50 40.66 -2.45
C ILE D 408 -31.65 41.58 -2.84
N ALA D 409 -32.60 41.76 -1.94
CA ALA D 409 -33.73 42.66 -2.16
C ALA D 409 -33.92 43.52 -0.91
N TRP D 410 -34.08 44.82 -1.12
CA TRP D 410 -34.33 45.74 -0.03
C TRP D 410 -35.27 46.84 -0.48
N ASN D 411 -36.13 47.27 0.43
CA ASN D 411 -37.17 48.23 0.09
C ASN D 411 -36.58 49.57 -0.29
N SER D 412 -37.26 50.27 -1.18
CA SER D 412 -36.82 51.58 -1.64
C SER D 412 -37.99 52.54 -1.77
N ASN D 413 -39.04 52.33 -0.98
CA ASN D 413 -40.18 53.25 -1.03
C ASN D 413 -39.82 54.64 -0.53
N LYS D 414 -38.77 54.76 0.28
CA LYS D 414 -38.36 56.06 0.77
C LYS D 414 -37.82 56.93 -0.35
N LEU D 415 -37.06 56.35 -1.26
CA LEU D 415 -36.35 57.12 -2.29
C LEU D 415 -36.84 56.85 -3.70
N ASP D 416 -37.03 55.58 -4.07
CA ASP D 416 -37.38 55.27 -5.45
C ASP D 416 -38.79 55.71 -5.81
N SER D 417 -39.71 55.69 -4.84
CA SER D 417 -41.06 56.18 -5.08
C SER D 417 -41.03 57.67 -5.38
N LYS D 418 -41.86 58.09 -6.32
CA LYS D 418 -41.87 59.48 -6.76
C LYS D 418 -43.06 60.22 -6.14
N VAL D 419 -43.16 61.51 -6.47
CA VAL D 419 -44.15 62.37 -5.82
C VAL D 419 -45.56 61.96 -6.22
N GLY D 420 -45.80 61.79 -7.51
CA GLY D 420 -47.13 61.44 -7.99
C GLY D 420 -47.13 60.50 -9.17
N GLY D 421 -45.96 60.00 -9.55
CA GLY D 421 -45.86 59.09 -10.67
C GLY D 421 -44.43 58.70 -11.01
N ASN D 422 -44.22 57.41 -11.24
CA ASN D 422 -42.90 56.85 -11.59
C ASN D 422 -43.02 55.99 -12.84
N TYR D 423 -43.65 56.54 -13.87
CA TYR D 423 -43.87 55.82 -15.12
C TYR D 423 -42.59 55.49 -15.85
N ASN D 424 -41.42 55.85 -15.31
CA ASN D 424 -40.17 55.53 -15.98
C ASN D 424 -39.94 54.03 -16.04
N TYR D 425 -40.27 53.31 -14.98
CA TYR D 425 -39.97 51.88 -14.89
C TYR D 425 -41.02 51.08 -15.64
N ARG D 426 -40.57 50.10 -16.42
CA ARG D 426 -41.46 49.31 -17.26
C ARG D 426 -41.06 47.85 -17.19
N TYR D 427 -42.00 46.98 -17.54
CA TYR D 427 -41.72 45.55 -17.66
C TYR D 427 -42.40 45.03 -18.92
N ARG D 428 -41.89 43.91 -19.42
CA ARG D 428 -42.34 43.36 -20.69
C ARG D 428 -43.55 42.47 -20.45
N LEU D 429 -44.73 43.00 -20.73
CA LEU D 429 -45.96 42.25 -20.52
C LEU D 429 -46.17 41.20 -21.59
N PHE D 430 -45.81 41.50 -22.84
CA PHE D 430 -46.12 40.65 -23.97
C PHE D 430 -44.84 40.16 -24.63
N ARG D 431 -44.76 38.84 -24.81
CA ARG D 431 -43.65 38.21 -25.51
C ARG D 431 -44.14 36.89 -26.08
N LYS D 432 -43.57 36.50 -27.21
CA LYS D 432 -43.99 35.28 -27.89
C LYS D 432 -43.64 34.02 -27.09
N SER D 433 -42.49 34.00 -26.42
CA SER D 433 -42.05 32.79 -25.75
C SER D 433 -41.13 33.16 -24.59
N ASN D 434 -40.90 32.18 -23.72
CA ASN D 434 -40.10 32.39 -22.53
C ASN D 434 -38.64 32.67 -22.91
N LEU D 435 -37.90 33.19 -21.93
CA LEU D 435 -36.49 33.52 -22.11
C LEU D 435 -35.60 32.36 -21.68
N LYS D 436 -34.55 32.13 -22.46
CA LYS D 436 -33.48 31.25 -21.99
C LYS D 436 -32.81 31.89 -20.78
N PRO D 437 -32.28 31.08 -19.86
CA PRO D 437 -31.74 31.65 -18.62
C PRO D 437 -30.68 32.70 -18.89
N PHE D 438 -30.76 33.79 -18.12
CA PHE D 438 -29.80 34.90 -18.23
C PHE D 438 -29.82 35.50 -19.64
N GLU D 439 -30.97 36.07 -20.01
CA GLU D 439 -31.13 36.68 -21.32
C GLU D 439 -31.71 38.08 -21.15
N ARG D 440 -31.78 38.82 -22.25
CA ARG D 440 -32.27 40.18 -22.21
C ARG D 440 -32.86 40.55 -23.56
N ASP D 441 -33.95 41.31 -23.54
CA ASP D 441 -34.61 41.81 -24.74
C ASP D 441 -35.00 43.26 -24.49
N ILE D 442 -34.54 44.16 -25.38
CA ILE D 442 -34.84 45.58 -25.27
C ILE D 442 -35.64 46.08 -26.47
N SER D 443 -36.27 45.17 -27.21
CA SER D 443 -37.04 45.57 -28.37
C SER D 443 -38.34 46.25 -27.95
N THR D 444 -38.66 47.36 -28.61
CA THR D 444 -39.89 48.09 -28.39
C THR D 444 -40.86 47.96 -29.56
N GLU D 445 -40.71 46.92 -30.36
CA GLU D 445 -41.60 46.71 -31.50
C GLU D 445 -43.01 46.40 -31.02
N ILE D 446 -43.99 46.77 -31.84
CA ILE D 446 -45.39 46.55 -31.50
C ILE D 446 -45.73 45.08 -31.64
N TYR D 447 -46.34 44.52 -30.60
CA TYR D 447 -46.72 43.12 -30.57
C TYR D 447 -47.88 42.85 -31.53
N GLN D 448 -48.00 41.60 -31.96
CA GLN D 448 -49.03 41.17 -32.89
C GLN D 448 -49.94 40.17 -32.19
N ALA D 449 -51.25 40.44 -32.24
CA ALA D 449 -52.26 39.55 -31.70
C ALA D 449 -53.29 39.29 -32.79
N GLY D 450 -53.35 38.06 -33.28
CA GLY D 450 -54.24 37.69 -34.34
C GLY D 450 -53.50 37.48 -35.66
N ASN D 451 -54.11 36.68 -36.53
CA ASN D 451 -53.50 36.36 -37.82
C ASN D 451 -53.45 37.56 -38.75
N LYS D 452 -54.24 38.58 -38.50
CA LYS D 452 -54.21 39.77 -39.34
C LYS D 452 -52.85 40.46 -39.21
N PRO D 453 -52.28 40.95 -40.30
CA PRO D 453 -50.99 41.64 -40.21
C PRO D 453 -51.07 42.85 -39.30
N CYS D 454 -50.00 43.07 -38.55
CA CYS D 454 -49.93 44.14 -37.56
C CYS D 454 -49.15 45.32 -38.11
N ASN D 455 -49.79 46.49 -38.09
CA ASN D 455 -49.15 47.71 -38.58
C ASN D 455 -48.36 48.37 -37.45
N GLY D 456 -47.74 49.51 -37.77
CA GLY D 456 -46.96 50.21 -36.77
C GLY D 456 -47.80 50.76 -35.64
N VAL D 457 -48.96 51.34 -35.96
CA VAL D 457 -49.83 51.90 -34.94
C VAL D 457 -50.41 50.78 -34.10
N ALA D 458 -50.41 50.97 -32.78
CA ALA D 458 -50.92 49.97 -31.87
C ALA D 458 -52.40 49.69 -32.11
N GLY D 459 -53.25 50.70 -31.85
CA GLY D 459 -54.66 50.56 -32.15
C GLY D 459 -55.29 49.37 -31.45
N VAL D 460 -55.97 48.53 -32.23
CA VAL D 460 -56.66 47.34 -31.74
C VAL D 460 -55.94 46.11 -32.26
N ASN D 461 -55.76 45.11 -31.39
CA ASN D 461 -55.10 43.84 -31.64
C ASN D 461 -53.60 43.97 -31.84
N CYS D 462 -53.04 45.17 -31.70
CA CYS D 462 -51.61 45.38 -31.61
C CYS D 462 -51.32 46.26 -30.40
N TYR D 463 -50.40 45.81 -29.55
CA TYR D 463 -50.14 46.47 -28.28
C TYR D 463 -48.67 46.85 -28.16
N PHE D 464 -48.42 47.97 -27.52
CA PHE D 464 -47.08 48.30 -27.05
C PHE D 464 -46.74 47.35 -25.92
N PRO D 465 -45.68 46.56 -26.02
CA PRO D 465 -45.46 45.52 -25.00
C PRO D 465 -45.24 46.06 -23.60
N LEU D 466 -44.34 47.04 -23.45
CA LEU D 466 -43.94 47.49 -22.14
C LEU D 466 -45.11 48.18 -21.44
N GLN D 467 -45.25 47.91 -20.14
CA GLN D 467 -46.28 48.52 -19.32
C GLN D 467 -45.63 49.19 -18.13
N SER D 468 -46.17 50.32 -17.72
CA SER D 468 -45.52 51.18 -16.75
C SER D 468 -46.00 50.87 -15.34
N TYR D 469 -45.05 50.74 -14.42
CA TYR D 469 -45.37 50.70 -13.00
C TYR D 469 -46.03 52.00 -12.57
N GLY D 470 -46.85 51.91 -11.53
CA GLY D 470 -47.34 53.09 -10.86
C GLY D 470 -46.82 53.13 -9.45
N PHE D 471 -45.96 54.10 -9.15
CA PHE D 471 -45.35 54.23 -7.83
C PHE D 471 -45.78 55.54 -7.19
N ARG D 472 -46.39 55.43 -6.02
CA ARG D 472 -46.75 56.58 -5.20
C ARG D 472 -46.54 56.23 -3.74
N PRO D 473 -46.18 57.20 -2.91
CA PRO D 473 -45.83 56.88 -1.51
C PRO D 473 -46.97 56.27 -0.71
N THR D 474 -48.21 56.48 -1.11
CA THR D 474 -49.36 55.98 -0.35
C THR D 474 -49.72 54.54 -0.69
N TYR D 475 -49.00 53.91 -1.61
CA TYR D 475 -49.35 52.56 -2.03
C TYR D 475 -48.94 51.55 -0.96
N GLY D 476 -49.62 50.40 -0.98
CA GLY D 476 -49.38 49.39 0.02
C GLY D 476 -48.04 48.71 -0.15
N VAL D 477 -47.67 47.94 0.88
CA VAL D 477 -46.35 47.31 0.89
C VAL D 477 -46.20 46.32 -0.25
N GLY D 478 -47.31 45.77 -0.74
CA GLY D 478 -47.23 44.86 -1.86
C GLY D 478 -46.78 45.54 -3.14
N HIS D 479 -47.30 46.73 -3.40
CA HIS D 479 -47.03 47.45 -4.64
C HIS D 479 -45.90 48.46 -4.50
N GLN D 480 -45.19 48.46 -3.38
CA GLN D 480 -44.11 49.40 -3.13
C GLN D 480 -42.86 49.01 -3.93
N PRO D 481 -42.04 49.98 -4.33
CA PRO D 481 -40.85 49.67 -5.12
C PRO D 481 -39.82 48.91 -4.31
N TYR D 482 -39.09 48.04 -5.01
CA TYR D 482 -38.01 47.26 -4.42
C TYR D 482 -36.80 47.30 -5.32
N ARG D 483 -35.63 47.11 -4.73
CA ARG D 483 -34.37 47.04 -5.45
C ARG D 483 -33.75 45.67 -5.27
N VAL D 484 -33.47 45.00 -6.38
CA VAL D 484 -32.95 43.63 -6.36
C VAL D 484 -31.63 43.60 -7.13
N VAL D 485 -30.61 43.03 -6.50
CA VAL D 485 -29.31 42.83 -7.12
C VAL D 485 -28.98 41.35 -7.02
N VAL D 486 -28.70 40.72 -8.15
CA VAL D 486 -28.36 39.31 -8.19
C VAL D 486 -26.88 39.18 -8.53
N LEU D 487 -26.13 38.54 -7.65
CA LEU D 487 -24.69 38.35 -7.82
C LEU D 487 -24.45 36.92 -8.24
N SER D 488 -24.37 36.69 -9.54
CA SER D 488 -24.06 35.37 -10.07
C SER D 488 -22.60 35.03 -9.81
N PHE D 489 -22.35 33.74 -9.60
CA PHE D 489 -21.00 33.26 -9.31
C PHE D 489 -20.54 32.31 -10.40
N GLU D 490 -19.23 32.23 -10.59
CA GLU D 490 -18.66 31.42 -11.64
C GLU D 490 -17.22 31.02 -11.31
N THR D 497 -9.18 34.52 -8.64
CA THR D 497 -8.86 35.94 -8.62
C THR D 497 -9.74 36.72 -7.65
N VAL D 498 -11.05 36.45 -7.69
CA VAL D 498 -12.00 37.12 -6.75
C VAL D 498 -12.05 36.31 -5.46
N CYS D 499 -11.28 36.72 -4.45
CA CYS D 499 -11.23 35.96 -3.17
C CYS D 499 -11.36 36.95 -2.00
N GLY D 500 -11.91 36.50 -0.87
CA GLY D 500 -12.18 37.40 0.28
C GLY D 500 -10.95 37.92 0.98
N PRO D 501 -10.99 39.13 1.57
CA PRO D 501 -9.80 39.71 2.18
C PRO D 501 -9.30 38.81 3.31
N LYS D 502 -7.98 38.61 3.38
CA LYS D 502 -7.41 37.76 4.45
C LYS D 502 -6.83 38.71 5.51
N LYS D 503 -7.34 38.62 6.74
CA LYS D 503 -6.93 39.61 7.79
C LYS D 503 -5.53 39.29 8.29
N SER D 504 -4.92 40.22 9.02
CA SER D 504 -3.52 40.04 9.46
C SER D 504 -3.38 39.97 10.97
N THR D 505 -2.17 39.71 11.45
CA THR D 505 -1.84 39.62 12.86
C THR D 505 -0.55 40.37 13.12
N ASN D 506 -0.42 40.94 14.32
CA ASN D 506 0.76 41.72 14.67
C ASN D 506 2.01 40.84 14.65
N LEU D 507 3.14 41.45 14.34
CA LEU D 507 4.40 40.74 14.18
C LEU D 507 5.10 40.65 15.53
N VAL D 508 5.49 39.44 15.90
CA VAL D 508 6.22 39.17 17.14
C VAL D 508 7.59 38.61 16.80
N LYS D 509 8.61 39.04 17.55
CA LYS D 509 9.99 38.68 17.26
C LYS D 509 10.64 38.08 18.50
N ASN D 510 11.67 37.27 18.25
CA ASN D 510 12.49 36.64 19.29
C ASN D 510 11.68 35.66 20.14
N LYS D 511 10.65 35.06 19.56
CA LYS D 511 9.88 34.02 20.22
C LYS D 511 9.53 32.93 19.20
N CYS D 512 9.43 31.70 19.68
CA CYS D 512 9.05 30.58 18.82
C CYS D 512 7.55 30.70 18.53
N VAL D 513 7.22 31.24 17.36
CA VAL D 513 5.84 31.56 17.00
C VAL D 513 5.52 30.94 15.65
N ASN D 514 4.30 30.42 15.52
CA ASN D 514 3.81 29.91 14.25
C ASN D 514 3.51 31.07 13.32
N PHE D 515 3.99 30.98 12.08
CA PHE D 515 3.85 32.07 11.12
C PHE D 515 3.24 31.57 9.81
N ASN D 516 2.66 32.50 9.07
CA ASN D 516 2.05 32.20 7.78
C ASN D 516 2.23 33.43 6.89
N PHE D 517 3.26 33.42 6.05
CA PHE D 517 3.58 34.54 5.16
C PHE D 517 3.19 34.14 3.74
N ASN D 518 2.01 34.58 3.31
CA ASN D 518 1.50 34.31 1.96
C ASN D 518 1.48 32.81 1.66
N GLY D 519 0.99 32.03 2.63
CA GLY D 519 0.90 30.60 2.46
C GLY D 519 2.16 29.83 2.74
N LEU D 520 3.18 30.46 3.33
CA LEU D 520 4.42 29.78 3.69
C LEU D 520 4.35 29.40 5.16
N THR D 521 3.68 28.29 5.43
CA THR D 521 3.47 27.84 6.80
C THR D 521 4.78 27.29 7.37
N GLY D 522 4.99 27.51 8.67
CA GLY D 522 6.17 27.00 9.34
C GLY D 522 6.18 27.42 10.80
N THR D 523 7.18 26.92 11.51
CA THR D 523 7.38 27.22 12.93
C THR D 523 8.84 27.58 13.16
N GLY D 524 9.06 28.61 13.95
CA GLY D 524 10.42 29.03 14.26
C GLY D 524 10.43 30.38 14.95
N VAL D 525 11.63 30.84 15.28
CA VAL D 525 11.81 32.14 15.90
C VAL D 525 12.02 33.18 14.80
N LEU D 526 11.61 34.41 15.09
CA LEU D 526 11.62 35.50 14.11
C LEU D 526 12.62 36.56 14.59
N THR D 527 13.71 36.72 13.84
CA THR D 527 14.75 37.68 14.17
C THR D 527 15.13 38.48 12.93
N GLU D 528 15.55 39.73 13.15
CA GLU D 528 15.97 40.59 12.07
C GLU D 528 17.28 40.08 11.46
N SER D 529 17.47 40.37 10.17
CA SER D 529 18.59 39.83 9.42
C SER D 529 19.30 40.94 8.65
N ASN D 530 20.61 40.81 8.54
CA ASN D 530 21.43 41.75 7.76
C ASN D 530 21.66 41.22 6.35
N LYS D 531 20.56 40.85 5.70
CA LYS D 531 20.57 40.41 4.32
C LYS D 531 19.99 41.49 3.43
N LYS D 532 20.17 41.32 2.12
CA LYS D 532 19.70 42.27 1.11
C LYS D 532 19.07 41.49 -0.04
N PHE D 533 17.76 41.27 0.05
CA PHE D 533 17.05 40.61 -1.04
C PHE D 533 16.88 41.57 -2.21
N LEU D 534 16.68 41.00 -3.40
CA LEU D 534 16.34 41.80 -4.56
C LEU D 534 14.93 42.35 -4.43
N PRO D 535 14.61 43.43 -5.14
CA PRO D 535 13.28 44.04 -5.01
C PRO D 535 12.12 43.07 -5.25
N PHE D 536 12.28 42.10 -6.15
CA PHE D 536 11.18 41.20 -6.49
C PHE D 536 11.16 39.92 -5.66
N GLN D 537 12.27 39.56 -5.03
CA GLN D 537 12.29 38.34 -4.23
C GLN D 537 11.48 38.52 -2.95
N GLN D 538 10.91 37.41 -2.48
CA GLN D 538 10.07 37.42 -1.28
C GLN D 538 10.53 36.45 -0.21
N PHE D 539 11.00 35.26 -0.59
CA PHE D 539 11.41 34.23 0.34
C PHE D 539 12.93 34.08 0.35
N GLY D 540 13.39 33.14 1.15
CA GLY D 540 14.80 32.78 1.17
C GLY D 540 14.95 31.29 1.39
N ARG D 541 16.00 30.70 0.84
CA ARG D 541 16.13 29.22 0.98
C ARG D 541 17.60 28.82 1.01
N ASP D 542 17.98 27.99 1.99
CA ASP D 542 19.40 27.60 2.18
C ASP D 542 19.78 26.40 1.32
N ILE D 543 20.99 25.87 1.50
CA ILE D 543 21.51 24.76 0.66
C ILE D 543 20.63 23.52 0.80
N ALA D 544 20.00 23.34 1.96
CA ALA D 544 19.22 22.11 2.21
C ALA D 544 17.74 22.32 1.88
N ASP D 545 17.43 23.34 1.09
CA ASP D 545 16.02 23.62 0.68
C ASP D 545 15.13 23.84 1.91
N THR D 546 15.61 24.59 2.90
CA THR D 546 14.80 24.91 4.10
C THR D 546 14.66 26.43 4.20
N THR D 547 13.45 26.94 4.45
CA THR D 547 13.21 28.40 4.50
C THR D 547 14.11 29.06 5.54
N ASP D 548 14.95 30.00 5.14
CA ASP D 548 15.85 30.72 6.04
C ASP D 548 15.30 32.10 6.40
N ALA D 549 15.01 32.93 5.41
CA ALA D 549 14.54 34.29 5.65
C ALA D 549 13.28 34.55 4.84
N VAL D 550 12.32 35.25 5.45
CA VAL D 550 11.05 35.55 4.81
C VAL D 550 10.79 37.05 4.95
N ARG D 551 10.33 37.67 3.86
CA ARG D 551 9.96 39.08 3.86
C ARG D 551 8.47 39.20 4.12
N ASP D 552 8.09 39.96 5.15
CA ASP D 552 6.68 40.12 5.46
C ASP D 552 6.01 40.99 4.40
N PRO D 553 4.81 40.62 3.94
CA PRO D 553 4.23 41.33 2.77
C PRO D 553 3.87 42.78 3.02
N GLN D 554 3.75 43.22 4.28
CA GLN D 554 3.26 44.56 4.54
C GLN D 554 4.38 45.60 4.51
N THR D 555 5.36 45.47 5.38
CA THR D 555 6.47 46.41 5.43
C THR D 555 7.70 45.83 4.74
N LEU D 556 8.60 46.73 4.32
CA LEU D 556 9.79 46.34 3.57
C LEU D 556 10.89 45.96 4.56
N GLU D 557 10.70 44.81 5.19
CA GLU D 557 11.70 44.27 6.12
C GLU D 557 11.82 42.77 5.87
N ILE D 558 13.02 42.24 6.09
CA ILE D 558 13.29 40.82 5.91
C ILE D 558 13.84 40.27 7.22
N LEU D 559 13.36 39.09 7.61
CA LEU D 559 13.69 38.49 8.90
C LEU D 559 13.97 37.02 8.71
N ASP D 560 14.88 36.50 9.55
CA ASP D 560 15.29 35.11 9.48
C ASP D 560 14.26 34.20 10.16
N ILE D 561 14.38 32.91 9.87
CA ILE D 561 13.55 31.87 10.47
C ILE D 561 14.50 30.81 11.03
N THR D 562 14.60 30.75 12.36
CA THR D 562 15.43 29.78 13.05
C THR D 562 14.55 28.91 13.93
N PRO D 563 14.67 27.59 13.86
CA PRO D 563 13.84 26.73 14.71
C PRO D 563 14.15 26.94 16.18
N CYS D 564 13.10 27.05 16.99
CA CYS D 564 13.28 27.22 18.42
C CYS D 564 13.89 25.96 19.02
N SER D 565 14.60 26.14 20.14
CA SER D 565 15.53 25.12 20.62
C SER D 565 14.84 23.78 20.89
N PHE D 566 15.48 22.71 20.42
CA PHE D 566 15.06 21.35 20.73
C PHE D 566 16.28 20.52 21.08
N GLY D 567 16.09 19.23 21.30
CA GLY D 567 17.20 18.34 21.58
C GLY D 567 16.81 17.28 22.58
N GLY D 568 17.77 16.41 22.90
CA GLY D 568 17.58 15.35 23.85
C GLY D 568 17.99 15.76 25.26
N VAL D 569 17.61 14.93 26.22
CA VAL D 569 17.90 15.15 27.62
C VAL D 569 18.57 13.91 28.19
N SER D 570 19.47 14.11 29.16
CA SER D 570 20.22 13.03 29.77
C SER D 570 20.22 13.20 31.28
N VAL D 571 20.40 12.09 31.98
CA VAL D 571 20.41 12.05 33.44
C VAL D 571 21.74 11.48 33.89
N ILE D 572 22.46 12.22 34.73
CA ILE D 572 23.74 11.79 35.27
C ILE D 572 23.54 11.42 36.73
N THR D 573 23.78 10.16 37.07
CA THR D 573 23.62 9.69 38.42
C THR D 573 24.69 8.66 38.74
N PRO D 574 25.13 8.60 40.00
CA PRO D 574 25.95 7.46 40.43
C PRO D 574 25.08 6.22 40.61
N GLY D 575 25.69 5.19 41.18
CA GLY D 575 24.93 3.98 41.49
C GLY D 575 23.78 4.30 42.43
N THR D 576 22.63 3.69 42.18
CA THR D 576 21.44 3.96 42.99
C THR D 576 21.64 3.53 44.44
N ASN D 577 22.54 2.57 44.70
CA ASN D 577 22.87 2.23 46.07
C ASN D 577 23.81 3.28 46.69
N THR D 578 24.68 3.86 45.87
CA THR D 578 25.63 4.86 46.37
C THR D 578 24.90 6.10 46.85
N SER D 579 23.93 6.58 46.07
CA SER D 579 23.17 7.77 46.42
C SER D 579 21.88 7.79 45.59
N ASN D 580 21.14 8.88 45.71
CA ASN D 580 19.89 9.06 44.97
C ASN D 580 19.82 10.35 44.19
N GLN D 581 20.73 11.30 44.42
CA GLN D 581 20.73 12.55 43.68
C GLN D 581 21.05 12.30 42.21
N VAL D 582 20.46 13.12 41.35
CA VAL D 582 20.65 13.02 39.91
C VAL D 582 20.97 14.40 39.36
N ALA D 583 21.69 14.41 38.24
CA ALA D 583 22.00 15.62 37.50
C ALA D 583 21.48 15.47 36.09
N VAL D 584 20.87 16.54 35.56
CA VAL D 584 20.19 16.51 34.27
C VAL D 584 20.95 17.40 33.30
N LEU D 585 21.28 16.85 32.14
CA LEU D 585 21.99 17.56 31.08
C LEU D 585 21.06 17.74 29.89
N TYR D 586 20.87 18.98 29.45
CA TYR D 586 20.11 19.29 28.25
C TYR D 586 21.09 19.53 27.11
N GLN D 587 21.01 18.68 26.08
CA GLN D 587 22.03 18.67 25.03
C GLN D 587 21.78 19.78 24.02
N GLY D 588 22.80 20.61 23.80
CA GLY D 588 22.78 21.58 22.72
C GLY D 588 21.74 22.67 22.82
N VAL D 589 21.42 23.13 24.02
CA VAL D 589 20.50 24.24 24.23
C VAL D 589 21.11 25.20 25.24
N ASN D 590 20.97 26.50 24.99
CA ASN D 590 21.41 27.50 25.93
C ASN D 590 20.54 27.45 27.18
N CYS D 591 21.15 27.76 28.33
CA CYS D 591 20.46 27.67 29.60
C CYS D 591 19.31 28.67 29.72
N THR D 592 19.31 29.72 28.89
CA THR D 592 18.21 30.68 28.93
C THR D 592 16.90 30.05 28.47
N GLU D 593 16.96 29.19 27.45
CA GLU D 593 15.74 28.57 26.93
C GLU D 593 15.10 27.65 27.96
N VAL D 594 15.91 26.90 28.71
CA VAL D 594 15.39 25.98 29.71
C VAL D 594 14.74 26.75 30.86
N GLY D 613 17.62 20.54 41.04
CA GLY D 613 18.59 21.41 41.65
C GLY D 613 18.54 22.83 41.09
N SER D 614 19.01 23.79 41.89
CA SER D 614 19.02 25.19 41.50
C SER D 614 20.34 25.61 40.86
N ASN D 615 21.29 24.69 40.70
CA ASN D 615 22.58 25.00 40.10
C ASN D 615 22.48 24.85 38.59
N VAL D 616 22.89 25.89 37.87
CA VAL D 616 22.86 25.91 36.42
C VAL D 616 24.26 26.23 35.92
N PHE D 617 24.81 25.35 35.09
CA PHE D 617 26.14 25.52 34.52
C PHE D 617 26.06 25.37 33.01
N GLN D 618 26.74 26.26 32.29
CA GLN D 618 26.73 26.25 30.83
C GLN D 618 27.95 25.49 30.33
N THR D 619 27.73 24.30 29.81
CA THR D 619 28.77 23.47 29.21
C THR D 619 28.69 23.56 27.69
N ARG D 620 29.83 23.33 27.03
CA ARG D 620 29.85 23.33 25.57
C ARG D 620 28.91 22.28 25.00
N ALA D 621 28.73 21.16 25.72
CA ALA D 621 27.78 20.14 25.28
C ALA D 621 26.34 20.56 25.50
N GLY D 622 26.07 21.37 26.52
CA GLY D 622 24.72 21.80 26.78
C GLY D 622 24.60 22.41 28.18
N CYS D 623 23.37 22.47 28.67
CA CYS D 623 23.07 23.02 29.98
C CYS D 623 23.02 21.89 31.00
N LEU D 624 23.76 22.07 32.11
CA LEU D 624 23.85 21.08 33.17
C LEU D 624 23.13 21.62 34.41
N ILE D 625 22.16 20.86 34.90
CA ILE D 625 21.34 21.24 36.04
C ILE D 625 21.53 20.20 37.14
N GLY D 626 21.85 20.66 38.35
CA GLY D 626 22.04 19.79 39.48
C GLY D 626 23.48 19.50 39.84
N ALA D 627 24.44 20.07 39.13
CA ALA D 627 25.85 19.87 39.40
C ALA D 627 26.57 21.20 39.44
N GLU D 628 27.64 21.26 40.24
CA GLU D 628 28.40 22.48 40.44
C GLU D 628 29.80 22.33 39.86
N TYR D 629 30.32 23.44 39.33
CA TYR D 629 31.66 23.45 38.76
C TYR D 629 32.71 23.57 39.86
N VAL D 630 33.85 22.93 39.64
CA VAL D 630 34.94 22.90 40.63
C VAL D 630 36.22 23.33 39.95
N ASN D 631 37.06 24.08 40.66
CA ASN D 631 38.34 24.55 40.14
C ASN D 631 39.40 23.46 40.27
N ASN D 632 39.10 22.25 39.80
CA ASN D 632 39.98 21.11 39.96
C ASN D 632 40.04 20.30 38.66
N SER D 633 40.68 19.14 38.73
CA SER D 633 40.79 18.23 37.60
C SER D 633 41.09 16.84 38.14
N TYR D 634 40.20 15.90 37.89
CA TYR D 634 40.31 14.53 38.38
C TYR D 634 40.18 13.56 37.22
N GLU D 635 40.69 12.35 37.43
CA GLU D 635 40.47 11.25 36.47
C GLU D 635 39.00 10.90 36.50
N CYS D 636 38.27 11.33 35.47
CA CYS D 636 36.82 11.30 35.51
C CYS D 636 36.27 9.93 35.12
N ASP D 637 35.10 9.62 35.66
CA ASP D 637 34.43 8.34 35.42
C ASP D 637 33.16 8.48 34.59
N ILE D 638 32.48 9.62 34.65
CA ILE D 638 31.25 9.85 33.90
C ILE D 638 31.55 10.94 32.87
N PRO D 639 31.73 10.59 31.59
CA PRO D 639 32.03 11.60 30.57
C PRO D 639 30.78 12.36 30.15
N ILE D 640 30.79 13.68 30.37
CA ILE D 640 29.67 14.53 29.95
C ILE D 640 29.82 15.01 28.52
N GLY D 641 31.01 15.45 28.11
CA GLY D 641 31.24 15.93 26.77
C GLY D 641 32.05 17.22 26.75
N ALA D 642 32.81 17.38 25.67
CA ALA D 642 33.68 18.53 25.41
C ALA D 642 34.70 18.76 26.52
N GLY D 643 35.27 17.70 27.09
CA GLY D 643 36.28 17.84 28.12
C GLY D 643 35.74 18.00 29.52
N ILE D 644 34.42 17.90 29.71
CA ILE D 644 33.80 18.07 31.02
C ILE D 644 33.32 16.70 31.51
N CYS D 645 33.60 16.39 32.77
CA CYS D 645 33.18 15.14 33.39
C CYS D 645 32.54 15.44 34.73
N ALA D 646 31.71 14.49 35.19
CA ALA D 646 31.01 14.61 36.46
C ALA D 646 31.31 13.40 37.33
N SER D 647 31.20 13.59 38.64
CA SER D 647 31.43 12.51 39.59
C SER D 647 30.71 12.85 40.89
N TYR D 648 30.50 11.82 41.70
CA TYR D 648 29.83 11.96 43.00
C TYR D 648 30.91 11.95 44.08
N GLN D 649 31.23 13.14 44.58
CA GLN D 649 32.29 13.28 45.57
C GLN D 649 32.01 14.52 46.42
N THR D 650 32.46 14.47 47.67
CA THR D 650 32.28 15.59 48.59
C THR D 650 33.03 16.84 48.10
N SER D 663 26.69 17.14 52.32
CA SER D 663 28.14 17.10 52.30
C SER D 663 28.64 16.45 51.01
N GLN D 664 27.76 15.77 50.31
CA GLN D 664 28.08 15.09 49.07
C GLN D 664 27.18 15.59 47.95
N SER D 665 27.76 15.84 46.79
CA SER D 665 27.01 16.32 45.65
C SER D 665 27.76 15.98 44.37
N ILE D 666 27.05 16.08 43.24
CA ILE D 666 27.65 15.84 41.94
C ILE D 666 28.41 17.08 41.51
N ILE D 667 29.65 16.89 41.05
CA ILE D 667 30.54 17.99 40.70
C ILE D 667 30.98 17.81 39.25
N ALA D 668 30.92 18.90 38.49
CA ALA D 668 31.39 18.92 37.11
C ALA D 668 32.76 19.58 37.03
N TYR D 669 33.66 18.99 36.27
CA TYR D 669 35.04 19.45 36.22
C TYR D 669 35.67 19.01 34.90
N THR D 670 36.79 19.65 34.57
CA THR D 670 37.57 19.30 33.40
C THR D 670 38.43 18.07 33.68
N MET D 671 38.63 17.26 32.64
CA MET D 671 39.41 16.04 32.80
C MET D 671 40.86 16.35 33.14
N SER D 672 41.49 15.42 33.84
CA SER D 672 42.92 15.46 34.12
C SER D 672 43.59 14.34 33.34
N LEU D 673 44.54 14.70 32.48
CA LEU D 673 45.20 13.70 31.66
C LEU D 673 46.06 12.77 32.50
N GLY D 674 46.73 13.30 33.51
CA GLY D 674 47.55 12.49 34.37
C GLY D 674 48.53 13.35 35.14
N ALA D 675 49.32 12.67 35.98
CA ALA D 675 50.34 13.37 36.75
C ALA D 675 51.42 13.92 35.83
N GLU D 676 51.86 15.14 36.12
CA GLU D 676 52.88 15.80 35.31
C GLU D 676 54.25 15.40 35.81
N ASN D 677 55.05 14.79 34.93
CA ASN D 677 56.38 14.32 35.26
C ASN D 677 57.37 14.89 34.27
N SER D 678 58.46 15.46 34.78
CA SER D 678 59.52 16.03 33.96
C SER D 678 60.77 15.20 34.16
N VAL D 679 61.13 14.42 33.14
CA VAL D 679 62.32 13.57 33.23
C VAL D 679 63.57 14.42 33.13
N ALA D 680 64.47 14.25 34.08
CA ALA D 680 65.72 15.01 34.08
C ALA D 680 66.59 14.57 32.92
N TYR D 681 66.87 15.49 31.99
CA TYR D 681 67.67 15.20 30.81
C TYR D 681 69.01 15.92 30.94
N SER D 682 70.10 15.18 30.71
CA SER D 682 71.44 15.74 30.73
C SER D 682 72.27 15.05 29.66
N ASN D 683 73.34 15.73 29.24
CA ASN D 683 74.19 15.19 28.19
C ASN D 683 74.98 13.96 28.65
N ASN D 684 75.15 13.77 29.95
CA ASN D 684 75.94 12.66 30.48
C ASN D 684 75.22 12.01 31.66
N SER D 685 73.92 11.77 31.50
CA SER D 685 73.12 11.13 32.54
C SER D 685 72.32 9.99 31.95
N ILE D 686 72.40 8.82 32.58
CA ILE D 686 71.65 7.65 32.17
C ILE D 686 71.11 6.96 33.43
N ALA D 687 69.88 6.47 33.37
CA ALA D 687 69.25 5.76 34.47
C ALA D 687 69.09 4.30 34.10
N ILE D 688 69.68 3.42 34.90
CA ILE D 688 69.68 1.99 34.67
C ILE D 688 69.00 1.31 35.85
N PRO D 689 68.01 0.46 35.63
CA PRO D 689 67.33 -0.20 36.75
C PRO D 689 68.26 -1.13 37.52
N THR D 690 67.98 -1.26 38.82
CA THR D 690 68.71 -2.17 39.69
C THR D 690 67.87 -3.31 40.22
N ASN D 691 66.57 -3.32 39.93
CA ASN D 691 65.69 -4.40 40.37
C ASN D 691 64.51 -4.47 39.42
N PHE D 692 63.81 -5.60 39.46
CA PHE D 692 62.70 -5.87 38.54
C PHE D 692 61.52 -6.45 39.30
N THR D 693 60.33 -6.26 38.74
CA THR D 693 59.09 -6.82 39.26
C THR D 693 58.39 -7.59 38.16
N ILE D 694 58.05 -8.84 38.43
CA ILE D 694 57.30 -9.65 37.48
C ILE D 694 55.81 -9.37 37.66
N SER D 695 55.15 -9.01 36.56
CA SER D 695 53.73 -8.65 36.59
C SER D 695 52.97 -9.53 35.61
N VAL D 696 51.76 -9.92 36.00
CA VAL D 696 50.89 -10.75 35.17
C VAL D 696 49.59 -9.97 34.93
N THR D 697 49.24 -9.81 33.65
CA THR D 697 48.04 -9.10 33.26
C THR D 697 47.09 -10.06 32.55
N THR D 698 45.83 -9.64 32.45
CA THR D 698 44.78 -10.44 31.84
C THR D 698 44.14 -9.67 30.70
N GLU D 699 43.87 -10.38 29.60
CA GLU D 699 43.19 -9.80 28.45
C GLU D 699 42.11 -10.76 27.99
N ILE D 700 40.90 -10.25 27.81
CA ILE D 700 39.73 -11.05 27.40
C ILE D 700 39.35 -10.63 25.99
N LEU D 701 39.22 -11.61 25.10
CA LEU D 701 38.89 -11.36 23.71
C LEU D 701 37.74 -12.26 23.28
N PRO D 702 36.68 -11.70 22.72
CA PRO D 702 35.60 -12.55 22.18
C PRO D 702 36.09 -13.38 21.00
N VAL D 703 35.49 -14.56 20.85
CA VAL D 703 35.86 -15.50 19.81
C VAL D 703 34.68 -15.85 18.91
N SER D 704 33.55 -16.21 19.52
CA SER D 704 32.38 -16.64 18.77
C SER D 704 31.11 -16.12 19.41
N MET D 705 30.04 -16.08 18.62
CA MET D 705 28.72 -15.70 19.07
C MET D 705 27.74 -16.83 18.80
N THR D 706 26.56 -16.73 19.43
CA THR D 706 25.60 -17.82 19.40
C THR D 706 25.05 -18.04 17.99
N LYS D 707 24.91 -19.32 17.61
CA LYS D 707 24.36 -19.67 16.32
C LYS D 707 22.84 -19.74 16.39
N THR D 708 22.17 -19.16 15.39
CA THR D 708 20.71 -19.10 15.39
C THR D 708 20.20 -19.37 13.98
N SER D 709 18.96 -19.84 13.91
CA SER D 709 18.29 -20.11 12.65
C SER D 709 16.87 -19.57 12.71
N VAL D 710 16.33 -19.22 11.54
CA VAL D 710 14.99 -18.65 11.43
C VAL D 710 14.21 -19.42 10.38
N ASP D 711 12.99 -19.83 10.72
CA ASP D 711 12.07 -20.45 9.76
C ASP D 711 10.98 -19.45 9.41
N CYS D 712 10.81 -19.19 8.12
CA CYS D 712 9.87 -18.17 7.67
C CYS D 712 8.42 -18.55 8.02
N THR D 713 8.00 -19.76 7.64
CA THR D 713 6.60 -20.14 7.79
C THR D 713 6.17 -20.15 9.25
N MET D 714 7.02 -20.64 10.15
CA MET D 714 6.68 -20.68 11.56
C MET D 714 6.72 -19.29 12.20
N TYR D 715 7.49 -18.35 11.64
CA TYR D 715 7.67 -17.03 12.21
C TYR D 715 6.67 -16.01 11.66
N ILE D 716 6.64 -15.88 10.34
CA ILE D 716 5.95 -14.74 9.71
C ILE D 716 4.44 -14.83 9.93
N CYS D 717 3.86 -16.02 9.77
CA CYS D 717 2.42 -16.16 10.00
C CYS D 717 2.11 -17.30 10.95
N GLY D 718 2.89 -18.37 10.91
CA GLY D 718 2.66 -19.49 11.81
C GLY D 718 1.78 -20.59 11.27
N ASP D 719 2.12 -21.17 10.11
CA ASP D 719 1.48 -22.33 9.50
C ASP D 719 0.09 -22.03 8.94
N SER D 720 -0.18 -20.78 8.57
CA SER D 720 -1.45 -20.46 7.93
C SER D 720 -1.39 -20.77 6.44
N THR D 721 -2.45 -21.40 5.93
CA THR D 721 -2.47 -21.80 4.53
C THR D 721 -2.44 -20.60 3.60
N GLU D 722 -3.22 -19.56 3.93
CA GLU D 722 -3.26 -18.37 3.08
C GLU D 722 -1.90 -17.68 3.03
N CYS D 723 -1.24 -17.54 4.17
CA CYS D 723 0.08 -16.94 4.20
C CYS D 723 1.08 -17.77 3.40
N SER D 724 1.02 -19.10 3.54
CA SER D 724 1.93 -19.97 2.79
C SER D 724 1.73 -19.79 1.30
N ASN D 725 0.47 -19.77 0.85
CA ASN D 725 0.18 -19.61 -0.56
C ASN D 725 0.64 -18.24 -1.07
N LEU D 726 0.44 -17.20 -0.27
CA LEU D 726 0.83 -15.85 -0.71
C LEU D 726 2.34 -15.71 -0.77
N LEU D 727 3.04 -16.17 0.28
CA LEU D 727 4.49 -16.01 0.34
C LEU D 727 5.20 -16.91 -0.65
N LEU D 728 4.60 -18.04 -1.01
CA LEU D 728 5.17 -18.90 -2.04
C LEU D 728 5.32 -18.16 -3.35
N GLN D 729 4.39 -17.25 -3.64
CA GLN D 729 4.46 -16.40 -4.83
C GLN D 729 5.10 -15.05 -4.55
N TYR D 730 5.47 -14.76 -3.31
CA TYR D 730 6.02 -13.46 -2.92
C TYR D 730 7.54 -13.60 -2.77
N GLY D 731 8.24 -13.49 -3.90
CA GLY D 731 9.69 -13.45 -3.89
C GLY D 731 10.35 -14.72 -3.42
N SER D 732 11.67 -14.65 -3.23
CA SER D 732 12.48 -15.76 -2.73
C SER D 732 13.50 -15.27 -1.72
N PHE D 733 13.05 -14.38 -0.82
CA PHE D 733 13.96 -13.84 0.19
C PHE D 733 14.40 -14.91 1.18
N CYS D 734 13.51 -15.83 1.54
CA CYS D 734 13.79 -16.79 2.61
C CYS D 734 15.03 -17.62 2.31
N THR D 735 15.27 -17.92 1.03
CA THR D 735 16.50 -18.61 0.67
C THR D 735 17.73 -17.80 1.06
N GLN D 736 17.71 -16.50 0.76
CA GLN D 736 18.83 -15.64 1.16
C GLN D 736 18.97 -15.56 2.67
N LEU D 737 17.83 -15.44 3.37
CA LEU D 737 17.86 -15.41 4.84
C LEU D 737 18.53 -16.66 5.41
N LYS D 738 18.08 -17.83 4.96
CA LYS D 738 18.61 -19.09 5.48
C LYS D 738 20.08 -19.26 5.10
N ARG D 739 20.45 -18.89 3.87
CA ARG D 739 21.84 -19.02 3.45
C ARG D 739 22.75 -18.12 4.28
N ALA D 740 22.31 -16.89 4.54
CA ALA D 740 23.12 -15.97 5.35
C ALA D 740 23.27 -16.51 6.77
N LEU D 741 22.18 -17.02 7.36
CA LEU D 741 22.27 -17.55 8.72
C LEU D 741 23.18 -18.77 8.78
N THR D 742 23.08 -19.67 7.79
CA THR D 742 23.94 -20.84 7.77
C THR D 742 25.41 -20.47 7.59
N GLY D 743 25.69 -19.49 6.73
CA GLY D 743 27.05 -19.02 6.58
C GLY D 743 27.59 -18.41 7.86
N ILE D 744 26.76 -17.66 8.57
CA ILE D 744 27.17 -17.09 9.85
C ILE D 744 27.49 -18.20 10.84
N ALA D 745 26.64 -19.23 10.91
CA ALA D 745 26.89 -20.34 11.83
C ALA D 745 28.18 -21.06 11.49
N VAL D 746 28.43 -21.29 10.19
CA VAL D 746 29.66 -21.96 9.78
C VAL D 746 30.87 -21.13 10.16
N GLU D 747 30.80 -19.81 9.94
CA GLU D 747 31.92 -18.93 10.30
C GLU D 747 32.14 -18.94 11.81
N GLN D 748 31.06 -18.97 12.60
CA GLN D 748 31.23 -19.01 14.05
C GLN D 748 31.86 -20.32 14.49
N ASP D 749 31.51 -21.43 13.84
CA ASP D 749 32.17 -22.69 14.13
C ASP D 749 33.65 -22.63 13.78
N LYS D 750 33.98 -22.01 12.64
CA LYS D 750 35.38 -21.87 12.24
C LYS D 750 36.18 -20.98 13.19
N ASN D 751 35.52 -19.99 13.79
CA ASN D 751 36.22 -19.06 14.67
C ASN D 751 36.87 -19.77 15.85
N THR D 752 36.09 -20.57 16.58
CA THR D 752 36.66 -21.35 17.67
C THR D 752 37.62 -22.42 17.18
N GLN D 753 37.41 -22.94 15.97
CA GLN D 753 38.31 -23.93 15.40
C GLN D 753 39.70 -23.38 15.15
N GLU D 754 39.81 -22.14 14.68
CA GLU D 754 41.10 -21.58 14.29
C GLU D 754 41.87 -20.94 15.44
N VAL D 755 41.33 -20.93 16.65
CA VAL D 755 41.99 -20.30 17.79
C VAL D 755 42.56 -21.31 18.76
N PHE D 756 41.80 -22.37 19.08
CA PHE D 756 42.21 -23.33 20.08
C PHE D 756 42.87 -24.58 19.52
N ALA D 757 42.72 -24.86 18.23
CA ALA D 757 43.25 -26.07 17.62
C ALA D 757 44.57 -25.83 16.90
N GLN D 758 45.40 -24.93 17.41
CA GLN D 758 46.70 -24.68 16.81
C GLN D 758 47.75 -25.73 17.17
N VAL D 759 47.42 -26.63 18.10
CA VAL D 759 48.34 -27.69 18.49
C VAL D 759 47.92 -28.97 17.77
N LYS D 760 48.91 -29.82 17.49
CA LYS D 760 48.65 -31.06 16.76
C LYS D 760 48.39 -32.25 17.67
N GLN D 761 48.91 -32.23 18.90
CA GLN D 761 48.76 -33.32 19.83
C GLN D 761 48.31 -32.78 21.19
N ILE D 762 47.76 -33.67 22.01
CA ILE D 762 47.26 -33.32 23.33
C ILE D 762 48.36 -33.67 24.32
N TYR D 763 49.20 -32.68 24.62
CA TYR D 763 50.27 -32.88 25.58
C TYR D 763 49.73 -32.94 27.00
N LYS D 764 50.39 -33.74 27.83
CA LYS D 764 50.01 -33.92 29.23
C LYS D 764 51.21 -33.68 30.12
N THR D 765 50.97 -33.02 31.26
CA THR D 765 52.04 -32.70 32.17
C THR D 765 52.52 -33.96 32.91
N PRO D 766 53.79 -33.99 33.31
CA PRO D 766 54.26 -35.13 34.10
C PRO D 766 53.57 -35.18 35.45
N PRO D 767 53.45 -36.37 36.04
CA PRO D 767 52.78 -36.46 37.34
C PRO D 767 53.45 -35.66 38.44
N ILE D 768 54.77 -35.52 38.42
CA ILE D 768 55.50 -34.75 39.42
C ILE D 768 55.52 -33.30 38.95
N LYS D 769 54.76 -32.45 39.62
CA LYS D 769 54.63 -31.05 39.24
C LYS D 769 55.50 -30.16 40.10
N TYR D 770 56.80 -30.15 39.79
CA TYR D 770 57.73 -29.26 40.49
C TYR D 770 57.92 -27.96 39.72
N PHE D 771 58.41 -28.06 38.48
CA PHE D 771 58.54 -26.91 37.57
C PHE D 771 59.44 -25.83 38.17
N GLY D 772 60.44 -26.25 38.93
CA GLY D 772 61.44 -25.33 39.45
C GLY D 772 60.93 -24.24 40.36
N GLY D 773 60.02 -24.60 41.27
CA GLY D 773 59.52 -23.64 42.25
C GLY D 773 58.39 -22.76 41.78
N PHE D 774 57.88 -22.96 40.57
CA PHE D 774 56.75 -22.19 40.06
C PHE D 774 55.45 -22.95 40.29
N ASN D 775 54.44 -22.23 40.75
CA ASN D 775 53.14 -22.83 41.09
C ASN D 775 52.16 -22.56 39.96
N PHE D 776 51.99 -23.55 39.09
CA PHE D 776 51.03 -23.48 38.00
C PHE D 776 49.69 -24.12 38.36
N SER D 777 49.39 -24.26 39.65
CA SER D 777 48.17 -24.94 40.06
C SER D 777 46.93 -24.19 39.62
N GLN D 778 46.97 -22.85 39.65
CA GLN D 778 45.80 -22.06 39.31
C GLN D 778 45.45 -22.11 37.84
N ILE D 779 46.37 -22.53 36.97
CA ILE D 779 46.13 -22.54 35.54
C ILE D 779 46.00 -23.97 35.04
N LEU D 780 46.63 -24.91 35.74
CA LEU D 780 46.56 -26.32 35.35
C LEU D 780 45.20 -26.91 35.76
N PRO D 781 44.75 -27.93 35.04
CA PRO D 781 43.46 -28.55 35.39
C PRO D 781 43.50 -29.21 36.76
N ASP D 782 42.33 -29.25 37.41
CA ASP D 782 42.20 -29.83 38.73
C ASP D 782 41.53 -31.20 38.61
N PRO D 783 42.26 -32.30 38.86
CA PRO D 783 41.62 -33.63 38.73
C PRO D 783 40.53 -33.88 39.76
N SER D 784 40.56 -33.20 40.90
CA SER D 784 39.56 -33.44 41.94
C SER D 784 38.16 -33.04 41.47
N LYS D 785 38.05 -31.92 40.76
CA LYS D 785 36.76 -31.48 40.26
C LYS D 785 36.25 -32.47 39.20
N PRO D 786 34.94 -32.74 39.17
CA PRO D 786 34.42 -33.67 38.16
C PRO D 786 34.72 -33.24 36.73
N SER D 787 34.72 -31.94 36.47
CA SER D 787 35.11 -31.40 35.17
C SER D 787 36.55 -30.92 35.23
N LYS D 788 37.37 -31.38 34.28
CA LYS D 788 38.78 -31.03 34.27
C LYS D 788 38.96 -29.59 33.81
N ARG D 789 38.69 -28.64 34.69
CA ARG D 789 38.75 -27.22 34.36
C ARG D 789 39.50 -26.49 35.45
N SER D 790 40.36 -25.54 35.05
CA SER D 790 41.23 -24.85 35.98
C SER D 790 40.41 -23.91 36.89
N PRO D 791 40.95 -23.58 38.07
CA PRO D 791 40.23 -22.65 38.96
C PRO D 791 39.94 -21.30 38.32
N ILE D 792 40.86 -20.77 37.53
CA ILE D 792 40.60 -19.52 36.82
C ILE D 792 39.45 -19.70 35.83
N GLU D 793 39.46 -20.81 35.09
CA GLU D 793 38.38 -21.08 34.16
C GLU D 793 37.06 -21.30 34.89
N ASP D 794 37.10 -21.97 36.04
CA ASP D 794 35.88 -22.16 36.84
C ASP D 794 35.31 -20.83 37.31
N LEU D 795 36.18 -19.93 37.78
CA LEU D 795 35.72 -18.61 38.21
C LEU D 795 35.14 -17.83 37.05
N LEU D 796 35.80 -17.87 35.89
CA LEU D 796 35.30 -17.16 34.72
C LEU D 796 33.94 -17.69 34.28
N PHE D 797 33.77 -19.02 34.31
CA PHE D 797 32.51 -19.61 33.90
C PHE D 797 31.40 -19.40 34.92
N ASN D 798 31.76 -19.26 36.21
CA ASN D 798 30.76 -18.94 37.21
C ASN D 798 30.31 -17.49 37.10
N LYS D 799 31.24 -16.58 36.78
CA LYS D 799 30.87 -15.17 36.66
C LYS D 799 29.94 -14.95 35.48
N VAL D 800 30.24 -15.56 34.33
CA VAL D 800 29.43 -15.41 33.12
C VAL D 800 28.78 -16.76 32.84
N THR D 801 27.45 -16.82 32.96
CA THR D 801 26.71 -18.05 32.72
C THR D 801 25.92 -17.97 31.43
N GLN D 827 13.15 -23.72 22.01
CA GLN D 827 12.65 -23.27 20.68
C GLN D 827 11.55 -22.19 20.87
N LYS D 828 11.80 -20.97 20.40
CA LYS D 828 10.84 -19.85 20.57
C LYS D 828 9.64 -20.13 19.70
N PHE D 829 8.50 -19.55 20.04
CA PHE D 829 7.24 -19.84 19.32
C PHE D 829 7.34 -19.34 17.89
N ASN D 830 8.21 -18.36 17.63
CA ASN D 830 8.20 -17.72 16.31
C ASN D 830 9.20 -18.37 15.37
N GLY D 831 9.73 -19.52 15.72
CA GLY D 831 10.63 -20.18 14.77
C GLY D 831 12.05 -19.76 15.00
N LEU D 832 12.39 -19.38 16.23
CA LEU D 832 13.78 -19.09 16.52
C LEU D 832 14.41 -20.27 17.26
N THR D 833 15.50 -20.81 16.71
CA THR D 833 16.22 -21.91 17.30
C THR D 833 17.68 -21.54 17.46
N VAL D 834 18.31 -22.04 18.53
CA VAL D 834 19.72 -21.80 18.81
C VAL D 834 20.44 -23.12 18.64
N LEU D 835 21.33 -23.17 17.64
CA LEU D 835 22.08 -24.38 17.35
C LEU D 835 23.23 -24.55 18.34
N PRO D 836 23.59 -25.79 18.67
CA PRO D 836 24.70 -26.02 19.60
C PRO D 836 26.03 -25.92 18.87
N PRO D 837 27.08 -25.46 19.56
CA PRO D 837 28.39 -25.40 18.92
C PRO D 837 28.97 -26.79 18.68
N LEU D 838 29.79 -26.89 17.64
CA LEU D 838 30.43 -28.17 17.33
C LEU D 838 31.42 -28.57 18.41
N LEU D 839 32.22 -27.62 18.88
CA LEU D 839 33.17 -27.87 19.96
C LEU D 839 32.51 -27.59 21.30
N THR D 840 32.52 -28.58 22.18
CA THR D 840 31.92 -28.44 23.49
C THR D 840 32.88 -27.70 24.44
N ASP D 841 32.43 -27.48 25.67
CA ASP D 841 33.28 -26.85 26.67
C ASP D 841 34.48 -27.73 27.01
N GLU D 842 34.26 -29.04 27.14
CA GLU D 842 35.35 -29.94 27.51
C GLU D 842 36.42 -29.99 26.43
N MET D 843 36.02 -29.91 25.16
CA MET D 843 37.01 -29.96 24.09
C MET D 843 37.90 -28.72 24.10
N ILE D 844 37.30 -27.54 24.30
CA ILE D 844 38.11 -26.32 24.40
C ILE D 844 38.99 -26.36 25.63
N ALA D 845 38.49 -26.91 26.74
CA ALA D 845 39.31 -27.06 27.93
C ALA D 845 40.50 -27.99 27.68
N GLN D 846 40.27 -29.08 26.95
CA GLN D 846 41.36 -29.99 26.63
C GLN D 846 42.38 -29.33 25.72
N TYR D 847 41.92 -28.54 24.75
CA TYR D 847 42.87 -27.82 23.89
C TYR D 847 43.71 -26.83 24.69
N THR D 848 43.07 -26.09 25.61
CA THR D 848 43.79 -25.15 26.44
C THR D 848 44.80 -25.87 27.34
N SER D 849 44.40 -27.00 27.91
CA SER D 849 45.31 -27.77 28.75
C SER D 849 46.49 -28.31 27.96
N ALA D 850 46.24 -28.76 26.73
CA ALA D 850 47.33 -29.23 25.88
C ALA D 850 48.30 -28.10 25.56
N LEU D 851 47.78 -26.91 25.24
CA LEU D 851 48.65 -25.77 24.98
C LEU D 851 49.47 -25.41 26.22
N LEU D 852 48.83 -25.43 27.39
CA LEU D 852 49.55 -25.12 28.63
C LEU D 852 50.65 -26.13 28.90
N ALA D 853 50.35 -27.43 28.73
CA ALA D 853 51.35 -28.45 28.95
C ALA D 853 52.51 -28.31 27.98
N GLY D 854 52.20 -28.01 26.71
CA GLY D 854 53.26 -27.81 25.74
C GLY D 854 54.16 -26.64 26.09
N THR D 855 53.56 -25.49 26.43
CA THR D 855 54.38 -24.32 26.72
C THR D 855 55.13 -24.46 28.03
N ILE D 856 54.64 -25.29 28.95
CA ILE D 856 55.37 -25.50 30.20
C ILE D 856 56.53 -26.47 30.00
N THR D 857 56.28 -27.57 29.29
CA THR D 857 57.30 -28.62 29.20
C THR D 857 58.34 -28.33 28.12
N SER D 858 57.90 -27.89 26.94
CA SER D 858 58.80 -27.74 25.80
C SER D 858 59.13 -26.30 25.44
N GLY D 859 58.37 -25.32 25.89
CA GLY D 859 58.65 -23.94 25.55
C GLY D 859 57.96 -23.56 24.26
N TRP D 860 58.73 -22.97 23.33
CA TRP D 860 58.22 -22.61 22.02
C TRP D 860 58.52 -23.67 20.96
N THR D 861 59.15 -24.78 21.35
CA THR D 861 59.57 -25.76 20.36
C THR D 861 58.40 -26.53 19.76
N PHE D 862 57.32 -26.71 20.53
CA PHE D 862 56.20 -27.50 20.03
C PHE D 862 55.40 -26.76 18.97
N GLY D 863 55.66 -25.47 18.75
CA GLY D 863 54.99 -24.76 17.69
C GLY D 863 55.76 -24.79 16.38
N ALA D 864 57.08 -24.74 16.46
CA ALA D 864 57.91 -24.78 15.26
C ALA D 864 58.00 -26.18 14.67
N GLY D 865 58.00 -27.21 15.53
CA GLY D 865 58.12 -28.57 15.08
C GLY D 865 57.88 -29.56 16.20
N PRO D 866 58.69 -30.62 16.25
CA PRO D 866 58.54 -31.61 17.33
C PRO D 866 58.80 -31.00 18.70
N ALA D 867 58.07 -31.50 19.70
CA ALA D 867 58.23 -31.00 21.06
C ALA D 867 59.56 -31.47 21.62
N LEU D 868 60.34 -30.54 22.17
CA LEU D 868 61.63 -30.83 22.76
C LEU D 868 61.61 -30.39 24.22
N GLN D 869 61.82 -31.35 25.13
CA GLN D 869 61.77 -31.05 26.55
C GLN D 869 62.94 -30.17 26.97
N ILE D 870 62.68 -29.30 27.95
CA ILE D 870 63.68 -28.38 28.47
C ILE D 870 63.27 -27.99 29.89
N PRO D 871 64.19 -27.98 30.85
CA PRO D 871 63.83 -27.53 32.20
C PRO D 871 63.31 -26.10 32.19
N PHE D 872 62.31 -25.85 33.04
CA PHE D 872 61.69 -24.53 33.07
C PHE D 872 62.65 -23.40 33.42
N PRO D 873 63.56 -23.52 34.39
CA PRO D 873 64.53 -22.44 34.61
C PRO D 873 65.35 -22.12 33.37
N MET D 874 65.75 -23.12 32.60
CA MET D 874 66.48 -22.85 31.36
C MET D 874 65.61 -22.12 30.35
N GLN D 875 64.32 -22.48 30.28
CA GLN D 875 63.40 -21.76 29.40
C GLN D 875 63.28 -20.30 29.80
N MET D 876 63.15 -20.04 31.10
CA MET D 876 63.07 -18.67 31.58
C MET D 876 64.37 -17.91 31.31
N ALA D 877 65.51 -18.59 31.40
CA ALA D 877 66.78 -17.96 31.05
C ALA D 877 66.80 -17.58 29.57
N TYR D 878 66.27 -18.46 28.71
CA TYR D 878 66.19 -18.14 27.29
C TYR D 878 65.29 -16.93 27.05
N ARG D 879 64.16 -16.86 27.75
CA ARG D 879 63.29 -15.70 27.63
C ARG D 879 64.00 -14.42 28.09
N PHE D 880 64.76 -14.52 29.18
CA PHE D 880 65.50 -13.36 29.67
C PHE D 880 66.53 -12.89 28.65
N ASN D 881 67.26 -13.83 28.03
CA ASN D 881 68.16 -13.45 26.95
C ASN D 881 67.39 -12.85 25.78
N GLY D 882 66.15 -13.30 25.57
CA GLY D 882 65.33 -12.69 24.53
C GLY D 882 65.01 -11.24 24.80
N ILE D 883 64.68 -10.92 26.07
CA ILE D 883 64.33 -9.53 26.42
C ILE D 883 65.54 -8.65 26.60
N GLY D 884 66.75 -9.20 26.66
CA GLY D 884 67.95 -8.35 26.77
C GLY D 884 68.75 -8.60 28.03
N VAL D 885 68.10 -8.96 29.14
CA VAL D 885 68.79 -9.27 30.42
C VAL D 885 69.55 -10.60 30.26
N THR D 886 70.71 -10.74 30.88
CA THR D 886 71.54 -11.97 30.71
C THR D 886 71.01 -13.09 31.59
N GLN D 887 71.43 -14.34 31.34
CA GLN D 887 70.92 -15.53 32.08
C GLN D 887 71.32 -15.49 33.56
N ASN D 888 72.52 -15.01 33.87
CA ASN D 888 72.96 -14.88 35.28
C ASN D 888 71.85 -14.26 36.14
N VAL D 889 71.23 -13.19 35.67
CA VAL D 889 70.22 -12.48 36.50
C VAL D 889 69.19 -13.47 37.03
N LEU D 890 68.70 -14.36 36.17
CA LEU D 890 67.67 -15.31 36.58
C LEU D 890 68.23 -16.37 37.51
N TYR D 891 69.37 -16.95 37.16
CA TYR D 891 69.90 -18.07 37.93
C TYR D 891 70.25 -17.64 39.36
N GLU D 892 70.76 -16.43 39.53
CA GLU D 892 71.08 -15.95 40.87
C GLU D 892 69.82 -15.55 41.64
N ASN D 893 68.77 -15.13 40.93
CA ASN D 893 67.54 -14.64 41.55
C ASN D 893 66.34 -15.52 41.22
N GLN D 894 66.52 -16.84 41.31
CA GLN D 894 65.45 -17.76 40.93
C GLN D 894 64.30 -17.72 41.93
N LYS D 895 64.61 -17.77 43.23
CA LYS D 895 63.58 -17.84 44.25
C LYS D 895 62.71 -16.59 44.26
N LEU D 896 63.33 -15.42 44.12
CA LEU D 896 62.57 -14.17 44.12
C LEU D 896 61.60 -14.13 42.94
N ILE D 897 62.06 -14.54 41.76
CA ILE D 897 61.20 -14.53 40.59
C ILE D 897 60.06 -15.53 40.74
N ALA D 898 60.34 -16.70 41.30
CA ALA D 898 59.29 -17.68 41.54
C ALA D 898 58.24 -17.13 42.51
N ASN D 899 58.69 -16.49 43.59
CA ASN D 899 57.76 -15.92 44.55
C ASN D 899 56.92 -14.81 43.91
N GLN D 900 57.55 -13.96 43.10
CA GLN D 900 56.82 -12.91 42.43
C GLN D 900 55.78 -13.48 41.47
N PHE D 901 56.15 -14.54 40.74
CA PHE D 901 55.20 -15.16 39.82
C PHE D 901 54.00 -15.73 40.57
N ASN D 902 54.26 -16.44 41.67
CA ASN D 902 53.15 -17.00 42.46
C ASN D 902 52.26 -15.90 43.03
N SER D 903 52.87 -14.83 43.55
CA SER D 903 52.09 -13.72 44.09
C SER D 903 51.25 -13.06 43.01
N ALA D 904 51.81 -12.88 41.81
CA ALA D 904 51.06 -12.27 40.72
C ALA D 904 49.88 -13.15 40.29
N ILE D 905 50.10 -14.47 40.23
CA ILE D 905 49.02 -15.37 39.88
C ILE D 905 47.90 -15.30 40.91
N GLY D 906 48.26 -15.32 42.19
CA GLY D 906 47.25 -15.18 43.23
C GLY D 906 46.50 -13.86 43.15
N LYS D 907 47.24 -12.77 42.88
CA LYS D 907 46.62 -11.46 42.80
C LYS D 907 45.63 -11.37 41.65
N ILE D 908 46.00 -11.91 40.48
CA ILE D 908 45.07 -11.87 39.35
C ILE D 908 43.89 -12.79 39.60
N GLN D 909 44.10 -13.90 40.30
CA GLN D 909 42.99 -14.77 40.67
C GLN D 909 41.99 -14.04 41.56
N ASP D 910 42.49 -13.27 42.53
CA ASP D 910 41.61 -12.48 43.37
C ASP D 910 40.93 -11.37 42.57
N SER D 911 41.68 -10.72 41.66
CA SER D 911 41.14 -9.59 40.91
C SER D 911 40.03 -10.02 39.97
N LEU D 912 40.16 -11.20 39.35
CA LEU D 912 39.13 -11.67 38.42
C LEU D 912 37.78 -11.85 39.10
N SER D 913 37.77 -12.08 40.41
CA SER D 913 36.52 -12.17 41.16
C SER D 913 36.13 -10.86 41.84
N SER D 914 37.11 -10.00 42.13
CA SER D 914 36.82 -8.75 42.83
C SER D 914 36.01 -7.81 41.94
N THR D 915 36.43 -7.64 40.69
CA THR D 915 35.78 -6.71 39.78
C THR D 915 34.97 -7.49 38.74
N PRO D 916 33.64 -7.36 38.73
CA PRO D 916 32.84 -8.09 37.73
C PRO D 916 32.83 -7.44 36.35
N SER D 917 33.48 -6.29 36.17
CA SER D 917 33.46 -5.59 34.89
C SER D 917 34.53 -6.10 33.92
N ALA D 918 35.36 -7.06 34.34
CA ALA D 918 36.40 -7.57 33.46
C ALA D 918 35.82 -8.36 32.29
N LEU D 919 34.66 -8.98 32.48
CA LEU D 919 34.03 -9.81 31.46
C LEU D 919 33.06 -9.02 30.59
N GLY D 920 33.32 -7.72 30.44
CA GLY D 920 32.35 -6.84 29.81
C GLY D 920 32.11 -7.16 28.34
N LYS D 921 33.15 -7.56 27.62
CA LYS D 921 32.99 -7.85 26.20
C LYS D 921 32.06 -9.04 25.97
N LEU D 922 32.29 -10.13 26.69
CA LEU D 922 31.43 -11.31 26.55
C LEU D 922 30.02 -11.03 27.06
N GLN D 923 29.90 -10.27 28.16
CA GLN D 923 28.57 -9.91 28.64
C GLN D 923 27.83 -9.05 27.62
N ASP D 924 28.53 -8.12 26.97
CA ASP D 924 27.92 -7.31 25.94
C ASP D 924 27.50 -8.15 24.74
N VAL D 925 28.31 -9.15 24.37
CA VAL D 925 27.96 -10.01 23.25
C VAL D 925 26.67 -10.77 23.54
N VAL D 926 26.59 -11.41 24.71
CA VAL D 926 25.40 -12.19 25.03
C VAL D 926 24.20 -11.28 25.21
N ASN D 927 24.39 -10.09 25.78
CA ASN D 927 23.30 -9.14 25.94
C ASN D 927 22.79 -8.66 24.58
N HIS D 928 23.69 -8.42 23.63
CA HIS D 928 23.29 -8.00 22.30
C HIS D 928 22.48 -9.10 21.60
N ASN D 929 22.93 -10.34 21.72
CA ASN D 929 22.18 -11.44 21.11
C ASN D 929 20.78 -11.55 21.72
N ALA D 930 20.70 -11.50 23.05
CA ALA D 930 19.41 -11.59 23.73
C ALA D 930 18.51 -10.42 23.34
N GLN D 931 19.08 -9.21 23.26
CA GLN D 931 18.30 -8.04 22.90
C GLN D 931 17.77 -8.15 21.48
N ALA D 932 18.58 -8.65 20.55
CA ALA D 932 18.12 -8.81 19.17
C ALA D 932 16.97 -9.81 19.11
N LEU D 933 17.13 -10.95 19.78
CA LEU D 933 16.05 -11.95 19.76
C LEU D 933 14.77 -11.41 20.39
N ASN D 934 14.89 -10.75 21.55
CA ASN D 934 13.71 -10.22 22.22
C ASN D 934 13.06 -9.11 21.41
N THR D 935 13.87 -8.28 20.75
CA THR D 935 13.33 -7.22 19.90
C THR D 935 12.55 -7.82 18.74
N LEU D 936 13.08 -8.87 18.11
CA LEU D 936 12.34 -9.52 17.02
C LEU D 936 11.02 -10.10 17.53
N VAL D 937 11.06 -10.79 18.67
CA VAL D 937 9.84 -11.41 19.20
C VAL D 937 8.80 -10.35 19.55
N LYS D 938 9.23 -9.26 20.18
CA LYS D 938 8.30 -8.20 20.55
C LYS D 938 7.75 -7.50 19.31
N GLN D 939 8.60 -7.24 18.31
CA GLN D 939 8.18 -6.57 17.10
C GLN D 939 7.24 -7.40 16.25
N LEU D 940 7.25 -8.73 16.40
CA LEU D 940 6.26 -9.54 15.70
C LEU D 940 4.85 -9.16 16.10
N SER D 941 4.63 -8.92 17.39
CA SER D 941 3.30 -8.54 17.89
C SER D 941 3.10 -7.03 17.75
N SER D 942 2.96 -6.61 16.50
CA SER D 942 2.75 -5.21 16.17
C SER D 942 1.66 -5.09 15.10
N LYS D 943 0.98 -3.94 15.09
CA LYS D 943 -0.09 -3.72 14.13
C LYS D 943 0.44 -3.68 12.70
N PHE D 944 1.56 -2.98 12.49
CA PHE D 944 2.14 -2.80 11.15
C PHE D 944 1.12 -2.21 10.18
N GLY D 945 0.33 -1.25 10.67
CA GLY D 945 -0.68 -0.63 9.84
C GLY D 945 -1.79 -1.57 9.41
N ALA D 946 -2.28 -2.40 10.32
CA ALA D 946 -3.33 -3.36 10.02
C ALA D 946 -4.43 -3.26 11.07
N ILE D 947 -5.55 -3.94 10.80
CA ILE D 947 -6.68 -3.91 11.72
C ILE D 947 -6.30 -4.56 13.04
N SER D 948 -5.62 -5.70 12.98
CA SER D 948 -5.23 -6.41 14.19
C SER D 948 -3.89 -7.11 13.95
N SER D 949 -3.16 -7.33 15.05
CA SER D 949 -1.87 -8.01 14.95
C SER D 949 -2.05 -9.51 14.76
N VAL D 950 -3.05 -10.10 15.40
CA VAL D 950 -3.27 -11.54 15.33
C VAL D 950 -3.93 -11.87 14.00
N LEU D 951 -3.31 -12.76 13.22
CA LEU D 951 -3.82 -13.10 11.91
C LEU D 951 -5.18 -13.80 11.99
N ASN D 952 -5.44 -14.49 13.10
CA ASN D 952 -6.70 -15.22 13.23
C ASN D 952 -7.89 -14.27 13.16
N ASP D 953 -7.78 -13.09 13.78
CA ASP D 953 -8.88 -12.13 13.77
C ASP D 953 -9.19 -11.68 12.35
N ILE D 954 -8.16 -11.38 11.56
CA ILE D 954 -8.40 -10.97 10.17
C ILE D 954 -8.99 -12.12 9.36
N LEU D 955 -8.44 -13.33 9.49
CA LEU D 955 -8.90 -14.42 8.64
C LEU D 955 -10.30 -14.89 9.03
N SER D 956 -10.73 -14.64 10.27
CA SER D 956 -12.06 -15.06 10.69
C SER D 956 -13.08 -13.93 10.68
N ARG D 957 -12.63 -12.68 10.52
CA ARG D 957 -13.56 -11.56 10.56
C ARG D 957 -14.00 -11.13 9.17
N LEU D 958 -13.05 -10.79 8.31
CA LEU D 958 -13.34 -10.21 7.01
C LEU D 958 -13.17 -11.22 5.89
N ASP D 959 -13.76 -10.90 4.74
CA ASP D 959 -13.66 -11.73 3.55
C ASP D 959 -12.29 -11.56 2.89
N PRO D 960 -11.92 -12.47 1.99
CA PRO D 960 -10.59 -12.42 1.35
C PRO D 960 -10.27 -11.10 0.66
N PRO D 961 -11.24 -10.41 0.02
CA PRO D 961 -10.87 -9.21 -0.77
C PRO D 961 -9.96 -8.21 -0.06
N GLU D 962 -10.18 -7.92 1.23
CA GLU D 962 -9.25 -7.06 1.96
C GLU D 962 -8.36 -7.82 2.94
N ALA D 963 -8.72 -9.05 3.30
CA ALA D 963 -7.81 -9.89 4.07
C ALA D 963 -6.50 -10.12 3.32
N GLU D 964 -6.57 -10.20 1.99
CA GLU D 964 -5.35 -10.33 1.20
C GLU D 964 -4.44 -9.12 1.38
N VAL D 965 -5.02 -7.91 1.35
CA VAL D 965 -4.22 -6.70 1.54
C VAL D 965 -3.63 -6.68 2.95
N GLN D 966 -4.43 -7.05 3.95
CA GLN D 966 -3.93 -7.06 5.32
C GLN D 966 -2.77 -8.04 5.49
N ILE D 967 -2.92 -9.25 4.96
CA ILE D 967 -1.85 -10.24 5.10
C ILE D 967 -0.63 -9.84 4.27
N ASP D 968 -0.82 -9.16 3.14
CA ASP D 968 0.32 -8.66 2.38
C ASP D 968 1.10 -7.62 3.17
N ARG D 969 0.39 -6.72 3.86
CA ARG D 969 1.05 -5.74 4.71
C ARG D 969 1.82 -6.41 5.83
N LEU D 970 1.21 -7.42 6.46
CA LEU D 970 1.91 -8.17 7.51
C LEU D 970 3.14 -8.88 6.97
N ILE D 971 3.02 -9.46 5.78
CA ILE D 971 4.15 -10.13 5.13
C ILE D 971 5.29 -9.14 4.95
N THR D 972 4.99 -7.95 4.43
CA THR D 972 6.02 -6.95 4.21
C THR D 972 6.68 -6.55 5.52
N GLY D 973 5.88 -6.34 6.57
CA GLY D 973 6.45 -5.96 7.85
C GLY D 973 7.40 -7.00 8.41
N ARG D 974 6.98 -8.26 8.40
CA ARG D 974 7.83 -9.30 8.96
C ARG D 974 9.07 -9.54 8.10
N LEU D 975 8.95 -9.43 6.77
CA LEU D 975 10.12 -9.54 5.91
C LEU D 975 11.13 -8.43 6.19
N GLN D 976 10.64 -7.20 6.39
CA GLN D 976 11.54 -6.10 6.74
C GLN D 976 12.23 -6.35 8.07
N SER D 977 11.48 -6.85 9.06
CA SER D 977 12.08 -7.16 10.36
C SER D 977 13.17 -8.21 10.22
N LEU D 978 12.91 -9.28 9.47
CA LEU D 978 13.91 -10.33 9.28
C LEU D 978 15.15 -9.79 8.55
N GLN D 979 14.94 -8.95 7.54
CA GLN D 979 16.08 -8.38 6.81
C GLN D 979 16.94 -7.52 7.72
N THR D 980 16.31 -6.68 8.55
CA THR D 980 17.07 -5.88 9.50
C THR D 980 17.84 -6.77 10.47
N TYR D 981 17.19 -7.81 10.97
CA TYR D 981 17.84 -8.72 11.92
C TYR D 981 19.08 -9.34 11.31
N VAL D 982 18.97 -9.86 10.09
CA VAL D 982 20.12 -10.53 9.50
C VAL D 982 21.21 -9.54 9.09
N THR D 983 20.85 -8.31 8.73
CA THR D 983 21.87 -7.31 8.44
C THR D 983 22.69 -6.99 9.69
N GLN D 984 22.00 -6.77 10.83
CA GLN D 984 22.73 -6.53 12.07
C GLN D 984 23.54 -7.75 12.48
N GLN D 985 23.00 -8.95 12.24
CA GLN D 985 23.74 -10.17 12.56
C GLN D 985 25.00 -10.28 11.71
N LEU D 986 24.92 -9.92 10.43
CA LEU D 986 26.10 -9.95 9.57
C LEU D 986 27.16 -8.97 10.04
N ILE D 987 26.75 -7.76 10.41
CA ILE D 987 27.72 -6.77 10.91
C ILE D 987 28.39 -7.28 12.20
N ARG D 988 27.58 -7.81 13.12
CA ARG D 988 28.14 -8.35 14.36
C ARG D 988 29.05 -9.53 14.11
N ALA D 989 28.70 -10.37 13.12
CA ALA D 989 29.54 -11.50 12.77
C ALA D 989 30.87 -11.04 12.20
N ALA D 990 30.87 -9.97 11.39
CA ALA D 990 32.13 -9.42 10.90
C ALA D 990 33.00 -8.92 12.05
N GLU D 991 32.39 -8.21 13.00
CA GLU D 991 33.16 -7.73 14.15
C GLU D 991 33.72 -8.90 14.96
N ILE D 992 32.92 -9.94 15.17
CA ILE D 992 33.38 -11.10 15.93
C ILE D 992 34.47 -11.84 15.18
N ARG D 993 34.40 -11.90 13.85
CA ARG D 993 35.46 -12.54 13.08
C ARG D 993 36.76 -11.76 13.19
N ALA D 994 36.68 -10.43 13.17
CA ALA D 994 37.89 -9.63 13.38
C ALA D 994 38.48 -9.89 14.76
N SER D 995 37.62 -9.95 15.79
CA SER D 995 38.11 -10.23 17.14
C SER D 995 38.73 -11.62 17.23
N ALA D 996 38.13 -12.61 16.57
CA ALA D 996 38.66 -13.97 16.60
C ALA D 996 40.00 -14.05 15.88
N ASN D 997 40.14 -13.35 14.76
CA ASN D 997 41.43 -13.30 14.08
C ASN D 997 42.49 -12.67 14.96
N LEU D 998 42.14 -11.58 15.66
CA LEU D 998 43.09 -10.97 16.59
C LEU D 998 43.47 -11.94 17.70
N ALA D 999 42.49 -12.67 18.24
CA ALA D 999 42.77 -13.62 19.31
C ALA D 999 43.68 -14.75 18.82
N ALA D 1000 43.44 -15.24 17.60
CA ALA D 1000 44.29 -16.30 17.06
C ALA D 1000 45.72 -15.81 16.84
N THR D 1001 45.86 -14.58 16.33
CA THR D 1001 47.20 -14.02 16.12
C THR D 1001 47.92 -13.82 17.45
N LYS D 1002 47.19 -13.36 18.47
CA LYS D 1002 47.79 -13.21 19.80
C LYS D 1002 48.21 -14.57 20.36
N MET D 1003 47.37 -15.59 20.20
CA MET D 1003 47.77 -16.94 20.60
C MET D 1003 49.06 -17.35 19.92
N SER D 1004 49.13 -17.16 18.60
CA SER D 1004 50.28 -17.62 17.84
C SER D 1004 51.56 -16.90 18.27
N GLU D 1005 51.49 -15.59 18.47
CA GLU D 1005 52.71 -14.83 18.72
C GLU D 1005 53.03 -14.62 20.20
N CYS D 1006 52.15 -15.03 21.12
CA CYS D 1006 52.44 -14.90 22.54
C CYS D 1006 52.53 -16.24 23.26
N VAL D 1007 51.68 -17.21 22.91
CA VAL D 1007 51.70 -18.50 23.60
C VAL D 1007 52.66 -19.47 22.93
N LEU D 1008 52.70 -19.50 21.60
CA LEU D 1008 53.59 -20.41 20.88
C LEU D 1008 55.00 -19.87 20.76
N GLY D 1009 55.25 -18.64 21.18
CA GLY D 1009 56.58 -18.08 21.08
C GLY D 1009 56.64 -16.70 21.69
N GLN D 1010 57.86 -16.27 21.99
CA GLN D 1010 58.09 -14.94 22.55
C GLN D 1010 57.96 -13.88 21.47
N SER D 1011 57.36 -12.74 21.84
CA SER D 1011 57.07 -11.67 20.90
C SER D 1011 57.92 -10.45 21.22
N LYS D 1012 58.55 -9.88 20.19
CA LYS D 1012 59.30 -8.64 20.33
C LYS D 1012 58.45 -7.41 20.09
N ARG D 1013 57.19 -7.58 19.70
CA ARG D 1013 56.30 -6.45 19.47
C ARG D 1013 55.96 -5.76 20.79
N VAL D 1014 55.90 -4.44 20.75
CA VAL D 1014 55.71 -3.62 21.94
C VAL D 1014 54.22 -3.51 22.24
N ASP D 1015 53.85 -3.74 23.49
CA ASP D 1015 52.48 -3.58 23.97
C ASP D 1015 51.51 -4.50 23.25
N PHE D 1016 52.01 -5.63 22.73
CA PHE D 1016 51.13 -6.56 22.04
C PHE D 1016 50.70 -7.69 22.96
N CYS D 1017 51.65 -8.36 23.62
CA CYS D 1017 51.37 -9.44 24.55
C CYS D 1017 51.48 -9.00 26.00
N GLY D 1018 51.09 -7.77 26.31
CA GLY D 1018 51.12 -7.30 27.68
C GLY D 1018 51.65 -5.89 27.74
N LYS D 1019 51.90 -5.45 28.96
CA LYS D 1019 52.47 -4.13 29.23
C LYS D 1019 53.86 -4.32 29.81
N GLY D 1020 54.87 -4.20 28.97
CA GLY D 1020 56.26 -4.41 29.35
C GLY D 1020 56.95 -5.38 28.41
N TYR D 1021 58.06 -5.93 28.90
CA TYR D 1021 58.80 -6.91 28.13
C TYR D 1021 58.19 -8.29 28.32
N HIS D 1022 57.80 -8.92 27.22
CA HIS D 1022 57.05 -10.17 27.25
C HIS D 1022 57.97 -11.35 27.55
N LEU D 1023 57.54 -12.20 28.48
CA LEU D 1023 58.23 -13.44 28.79
C LEU D 1023 57.40 -14.67 28.40
N MET D 1024 56.19 -14.79 28.93
CA MET D 1024 55.35 -15.95 28.66
C MET D 1024 53.91 -15.48 28.53
N SER D 1025 53.05 -16.40 28.10
CA SER D 1025 51.62 -16.15 28.00
C SER D 1025 50.89 -17.48 28.13
N PHE D 1026 49.81 -17.48 28.91
CA PHE D 1026 49.03 -18.67 29.17
C PHE D 1026 47.58 -18.45 28.77
N PRO D 1027 46.99 -19.33 27.96
CA PRO D 1027 45.59 -19.15 27.57
C PRO D 1027 44.63 -19.81 28.54
N GLN D 1028 43.42 -19.24 28.61
CA GLN D 1028 42.36 -19.77 29.44
C GLN D 1028 41.04 -19.70 28.68
N SER D 1029 40.25 -20.76 28.79
CA SER D 1029 38.94 -20.79 28.14
C SER D 1029 37.96 -19.91 28.90
N ALA D 1030 36.96 -19.43 28.17
CA ALA D 1030 35.93 -18.56 28.72
C ALA D 1030 34.68 -18.69 27.86
N PRO D 1031 33.50 -18.39 28.42
CA PRO D 1031 32.28 -18.45 27.61
C PRO D 1031 32.33 -17.47 26.44
N HIS D 1032 32.34 -18.03 25.23
CA HIS D 1032 32.38 -17.24 24.00
C HIS D 1032 33.59 -16.32 23.96
N GLY D 1033 34.74 -16.84 24.35
CA GLY D 1033 35.95 -16.04 24.31
C GLY D 1033 37.13 -16.79 24.90
N VAL D 1034 38.27 -16.11 24.91
CA VAL D 1034 39.51 -16.64 25.45
C VAL D 1034 40.15 -15.58 26.33
N VAL D 1035 40.81 -16.02 27.39
CA VAL D 1035 41.48 -15.15 28.35
C VAL D 1035 42.97 -15.42 28.31
N PHE D 1036 43.76 -14.38 28.12
CA PHE D 1036 45.21 -14.48 28.03
C PHE D 1036 45.86 -13.95 29.30
N LEU D 1037 46.72 -14.77 29.89
CA LEU D 1037 47.50 -14.38 31.07
C LEU D 1037 48.90 -14.01 30.61
N HIS D 1038 49.22 -12.72 30.64
CA HIS D 1038 50.47 -12.20 30.09
C HIS D 1038 51.47 -11.96 31.22
N VAL D 1039 52.58 -12.69 31.19
CA VAL D 1039 53.67 -12.49 32.14
C VAL D 1039 54.68 -11.54 31.51
N THR D 1040 55.02 -10.47 32.23
CA THR D 1040 55.86 -9.42 31.71
C THR D 1040 57.01 -9.11 32.67
N TYR D 1041 57.99 -8.38 32.16
CA TYR D 1041 59.17 -7.98 32.91
C TYR D 1041 59.20 -6.46 32.97
N VAL D 1042 59.21 -5.91 34.18
CA VAL D 1042 59.13 -4.47 34.39
C VAL D 1042 60.25 -4.02 35.32
N PRO D 1043 61.11 -3.09 34.92
CA PRO D 1043 62.11 -2.54 35.85
C PRO D 1043 61.44 -1.82 37.01
N ALA D 1044 62.09 -1.88 38.16
CA ALA D 1044 61.48 -1.41 39.41
C ALA D 1044 62.18 -0.19 39.99
N GLN D 1045 63.47 -0.26 40.26
CA GLN D 1045 64.20 0.79 40.97
C GLN D 1045 65.22 1.40 40.02
N GLU D 1046 65.16 2.72 39.85
CA GLU D 1046 66.02 3.43 38.92
C GLU D 1046 67.11 4.19 39.67
N LYS D 1047 68.35 4.03 39.21
CA LYS D 1047 69.49 4.76 39.73
C LYS D 1047 70.26 5.36 38.56
N ASN D 1048 70.52 6.67 38.63
CA ASN D 1048 71.18 7.37 37.54
C ASN D 1048 72.67 7.53 37.80
N PHE D 1049 73.43 7.63 36.71
CA PHE D 1049 74.89 7.69 36.76
C PHE D 1049 75.38 8.68 35.70
N THR D 1050 76.69 8.67 35.48
CA THR D 1050 77.33 9.46 34.43
C THR D 1050 77.86 8.52 33.35
N THR D 1051 77.58 8.86 32.09
CA THR D 1051 77.92 8.01 30.97
C THR D 1051 78.66 8.81 29.91
N ALA D 1052 79.49 8.10 29.14
CA ALA D 1052 80.25 8.69 28.04
C ALA D 1052 80.12 7.79 26.82
N PRO D 1053 80.07 8.37 25.61
CA PRO D 1053 79.95 7.54 24.40
C PRO D 1053 81.10 6.55 24.21
N ALA D 1054 82.33 6.94 24.57
CA ALA D 1054 83.49 6.10 24.35
C ALA D 1054 84.57 6.48 25.35
N ILE D 1055 85.66 5.71 25.35
CA ILE D 1055 86.77 5.90 26.26
C ILE D 1055 88.05 6.01 25.45
N CYS D 1056 88.87 7.03 25.76
CA CYS D 1056 90.12 7.28 25.07
C CYS D 1056 91.25 6.66 25.88
N HIS D 1057 92.02 5.77 25.26
CA HIS D 1057 93.14 5.12 25.92
C HIS D 1057 94.21 4.81 24.89
N ASP D 1058 95.41 5.37 25.08
CA ASP D 1058 96.52 5.20 24.15
C ASP D 1058 96.12 5.62 22.74
N GLY D 1059 95.37 6.72 22.67
CA GLY D 1059 94.93 7.26 21.39
C GLY D 1059 93.98 6.36 20.63
N LYS D 1060 93.39 5.39 21.33
CA LYS D 1060 92.48 4.42 20.73
C LYS D 1060 91.11 4.56 21.39
N ALA D 1061 90.08 4.75 20.56
CA ALA D 1061 88.73 4.91 21.07
C ALA D 1061 88.10 3.54 21.30
N HIS D 1062 87.65 3.28 22.52
CA HIS D 1062 87.02 2.02 22.90
C HIS D 1062 85.53 2.22 23.04
N PHE D 1063 84.76 1.39 22.34
CA PHE D 1063 83.31 1.44 22.37
C PHE D 1063 82.75 0.22 23.08
N PRO D 1064 81.63 0.35 23.78
CA PRO D 1064 81.10 -0.79 24.54
C PRO D 1064 80.47 -1.82 23.61
N ARG D 1065 80.76 -3.10 23.89
CA ARG D 1065 80.22 -4.21 23.13
C ARG D 1065 79.01 -4.75 23.88
N GLU D 1066 77.82 -4.39 23.42
CA GLU D 1066 76.56 -4.78 24.06
C GLU D 1066 76.54 -4.32 25.52
N GLY D 1067 76.62 -3.01 25.71
CA GLY D 1067 76.61 -2.43 27.04
C GLY D 1067 76.72 -0.93 26.98
N VAL D 1068 76.78 -0.32 28.16
CA VAL D 1068 76.89 1.13 28.29
C VAL D 1068 77.88 1.45 29.41
N PHE D 1069 78.71 2.46 29.19
CA PHE D 1069 79.68 2.87 30.20
C PHE D 1069 78.97 3.61 31.33
N VAL D 1070 79.36 3.31 32.57
CA VAL D 1070 78.72 3.85 33.75
C VAL D 1070 79.80 4.28 34.74
N SER D 1071 79.63 5.48 35.31
CA SER D 1071 80.55 6.00 36.31
C SER D 1071 79.76 6.41 37.56
N ASN D 1072 80.30 6.05 38.72
CA ASN D 1072 79.70 6.42 40.00
C ASN D 1072 80.35 7.66 40.60
N GLY D 1073 81.22 8.34 39.85
CA GLY D 1073 81.90 9.52 40.32
C GLY D 1073 83.40 9.35 40.49
N THR D 1074 83.88 8.12 40.60
CA THR D 1074 85.31 7.88 40.75
C THR D 1074 85.87 6.79 39.86
N HIS D 1075 85.06 5.86 39.33
CA HIS D 1075 85.53 4.83 38.43
C HIS D 1075 84.47 4.56 37.37
N TRP D 1076 84.91 4.00 36.25
CA TRP D 1076 84.03 3.73 35.12
C TRP D 1076 83.90 2.22 34.92
N PHE D 1077 82.67 1.76 34.74
CA PHE D 1077 82.37 0.34 34.54
C PHE D 1077 81.50 0.18 33.29
N VAL D 1078 81.27 -1.07 32.92
CA VAL D 1078 80.42 -1.43 31.79
C VAL D 1078 79.34 -2.39 32.28
N THR D 1079 78.12 -2.17 31.82
CA THR D 1079 76.98 -2.96 32.28
C THR D 1079 75.91 -2.99 31.19
N GLN D 1080 75.02 -3.96 31.31
CA GLN D 1080 73.91 -4.07 30.37
C GLN D 1080 72.90 -2.94 30.58
N ARG D 1081 72.07 -2.72 29.57
CA ARG D 1081 71.17 -1.57 29.60
C ARG D 1081 70.01 -1.77 30.57
N ASN D 1082 69.45 -2.98 30.60
CA ASN D 1082 68.23 -3.24 31.37
C ASN D 1082 68.49 -3.73 32.78
N PHE D 1083 69.76 -3.83 33.20
CA PHE D 1083 70.07 -4.25 34.56
C PHE D 1083 71.45 -3.72 34.93
N TYR D 1084 71.63 -3.42 36.21
CA TYR D 1084 72.88 -2.84 36.70
C TYR D 1084 73.80 -3.97 37.15
N GLU D 1085 74.75 -4.35 36.28
CA GLU D 1085 75.75 -5.36 36.58
C GLU D 1085 77.11 -4.79 36.21
N PRO D 1086 77.72 -3.99 37.11
CA PRO D 1086 79.00 -3.35 36.78
C PRO D 1086 80.09 -4.39 36.54
N GLN D 1087 81.00 -4.05 35.63
CA GLN D 1087 82.11 -4.92 35.28
C GLN D 1087 83.33 -4.07 34.97
N ILE D 1088 84.51 -4.63 35.24
CA ILE D 1088 85.76 -3.93 34.95
C ILE D 1088 85.97 -3.89 33.44
N ILE D 1089 86.25 -2.69 32.92
CA ILE D 1089 86.38 -2.51 31.48
C ILE D 1089 87.66 -3.17 31.00
N THR D 1090 87.54 -4.16 30.12
CA THR D 1090 88.68 -4.89 29.60
C THR D 1090 88.59 -4.88 28.07
N THR D 1091 89.49 -5.63 27.44
CA THR D 1091 89.57 -5.67 25.98
C THR D 1091 88.57 -6.63 25.36
N ASP D 1092 87.84 -7.40 26.16
CA ASP D 1092 86.78 -8.25 25.65
C ASP D 1092 85.40 -7.64 25.78
N ASN D 1093 85.20 -6.73 26.74
CA ASN D 1093 83.94 -6.02 26.87
C ASN D 1093 83.81 -4.86 25.91
N THR D 1094 84.91 -4.44 25.29
CA THR D 1094 84.92 -3.27 24.41
C THR D 1094 85.70 -3.60 23.14
N PHE D 1095 85.39 -2.86 22.08
CA PHE D 1095 86.10 -2.97 20.82
C PHE D 1095 86.58 -1.59 20.37
N VAL D 1096 87.68 -1.57 19.63
CA VAL D 1096 88.33 -0.34 19.19
C VAL D 1096 87.98 -0.07 17.74
N SER D 1097 87.68 1.19 17.43
CA SER D 1097 87.34 1.60 16.08
C SER D 1097 87.54 3.09 15.95
N GLY D 1098 88.36 3.50 14.99
CA GLY D 1098 88.60 4.91 14.75
C GLY D 1098 89.62 5.50 15.71
N ASN D 1099 89.70 6.82 15.69
CA ASN D 1099 90.62 7.60 16.51
C ASN D 1099 89.87 8.24 17.68
N CYS D 1100 90.60 9.04 18.46
CA CYS D 1100 90.06 9.63 19.67
C CYS D 1100 89.44 10.99 19.45
N ASP D 1101 89.84 11.72 18.40
CA ASP D 1101 89.37 13.09 18.22
C ASP D 1101 87.94 13.17 17.68
N VAL D 1102 87.52 12.17 16.90
CA VAL D 1102 86.24 12.27 16.20
C VAL D 1102 85.07 12.24 17.17
N VAL D 1103 85.16 11.41 18.21
CA VAL D 1103 84.03 11.23 19.12
C VAL D 1103 83.82 12.48 19.96
N ILE D 1104 82.55 12.82 20.20
CA ILE D 1104 82.18 13.97 21.02
C ILE D 1104 81.74 13.47 22.38
N GLY D 1105 82.36 13.99 23.44
CA GLY D 1105 82.05 13.56 24.79
C GLY D 1105 82.86 12.39 25.30
N ILE D 1106 83.94 12.03 24.61
CA ILE D 1106 84.76 10.89 25.00
C ILE D 1106 85.59 11.27 26.23
N VAL D 1107 85.72 10.32 27.16
CA VAL D 1107 86.45 10.54 28.39
C VAL D 1107 87.67 9.64 28.41
N ASN D 1108 88.65 10.01 29.22
CA ASN D 1108 89.90 9.26 29.33
C ASN D 1108 89.83 8.30 30.49
N ASN D 1109 90.24 7.06 30.25
CA ASN D 1109 90.30 6.03 31.27
C ASN D 1109 91.22 4.92 30.78
N THR D 1110 91.61 4.04 31.69
CA THR D 1110 92.50 2.93 31.38
C THR D 1110 91.67 1.65 31.26
N VAL D 1111 91.93 0.89 30.20
CA VAL D 1111 91.26 -0.38 29.95
C VAL D 1111 92.25 -1.51 30.25
N TYR D 1112 91.79 -2.51 30.97
CA TYR D 1112 92.65 -3.61 31.38
C TYR D 1112 92.82 -4.62 30.26
N ASP D 1113 94.04 -5.14 30.12
CA ASP D 1113 94.34 -6.16 29.13
C ASP D 1113 94.47 -7.51 29.82
N PRO D 1114 93.59 -8.47 29.54
CA PRO D 1114 93.73 -9.80 30.18
C PRO D 1114 95.11 -10.42 30.01
N LEU D 1115 95.73 -10.26 28.84
CA LEU D 1115 97.05 -10.82 28.60
C LEU D 1115 98.14 -9.87 29.11
N VAL E 1 -63.64 40.88 -32.64
CA VAL E 1 -63.32 39.46 -32.62
C VAL E 1 -64.36 38.72 -31.80
N GLN E 2 -64.68 37.49 -32.21
CA GLN E 2 -65.70 36.70 -31.56
C GLN E 2 -65.06 35.51 -30.86
N LEU E 3 -65.60 35.17 -29.69
CA LEU E 3 -65.17 33.98 -28.94
C LEU E 3 -66.41 33.13 -28.64
N VAL E 4 -66.73 32.23 -29.57
CA VAL E 4 -67.86 31.32 -29.38
C VAL E 4 -67.40 30.10 -28.60
N GLU E 5 -68.16 29.73 -27.58
CA GLU E 5 -67.82 28.62 -26.71
C GLU E 5 -68.81 27.48 -26.90
N SER E 6 -68.31 26.25 -26.79
CA SER E 6 -69.12 25.07 -26.97
C SER E 6 -68.95 24.16 -25.76
N GLY E 7 -69.73 23.09 -25.73
CA GLY E 7 -69.72 22.16 -24.62
C GLY E 7 -70.66 22.58 -23.52
N GLY E 8 -70.83 21.69 -22.54
CA GLY E 8 -71.68 21.99 -21.42
C GLY E 8 -72.66 20.90 -21.08
N GLY E 9 -73.92 21.26 -20.85
CA GLY E 9 -74.92 20.29 -20.49
C GLY E 9 -74.89 19.96 -19.01
N LEU E 10 -75.30 18.74 -18.68
CA LEU E 10 -75.34 18.26 -17.30
C LEU E 10 -74.38 17.11 -17.16
N VAL E 11 -73.58 17.12 -16.10
CA VAL E 11 -72.67 16.03 -15.78
C VAL E 11 -72.91 15.62 -14.33
N GLN E 12 -72.93 14.32 -14.08
CA GLN E 12 -73.15 13.83 -12.72
C GLN E 12 -71.94 14.16 -11.86
N PRO E 13 -72.12 14.23 -10.54
CA PRO E 13 -70.98 14.47 -9.66
C PRO E 13 -69.92 13.40 -9.85
N GLY E 14 -68.66 13.83 -9.87
CA GLY E 14 -67.56 12.95 -10.17
C GLY E 14 -67.33 12.72 -11.65
N GLY E 15 -68.13 13.32 -12.52
CA GLY E 15 -67.96 13.15 -13.94
C GLY E 15 -66.90 14.07 -14.51
N SER E 16 -66.93 14.22 -15.83
CA SER E 16 -65.93 15.00 -16.54
C SER E 16 -66.55 15.66 -17.76
N LEU E 17 -66.12 16.89 -18.04
CA LEU E 17 -66.52 17.63 -19.23
C LEU E 17 -65.30 18.37 -19.79
N ARG E 18 -65.42 18.80 -21.03
CA ARG E 18 -64.43 19.68 -21.64
C ARG E 18 -65.15 20.77 -22.42
N LEU E 19 -64.65 22.00 -22.32
CA LEU E 19 -65.20 23.14 -23.04
C LEU E 19 -64.16 23.72 -23.98
N SER E 20 -64.57 24.06 -25.19
CA SER E 20 -63.69 24.60 -26.20
C SER E 20 -64.04 26.05 -26.47
N CYS E 21 -63.01 26.89 -26.59
CA CYS E 21 -63.18 28.32 -26.81
C CYS E 21 -62.70 28.64 -28.21
N ALA E 22 -63.64 28.82 -29.14
CA ALA E 22 -63.31 29.09 -30.53
C ALA E 22 -63.15 30.59 -30.72
N ALA E 23 -61.99 31.00 -31.21
CA ALA E 23 -61.66 32.40 -31.40
C ALA E 23 -61.26 32.64 -32.86
N SER E 24 -61.94 33.60 -33.50
CA SER E 24 -61.67 33.93 -34.91
C SER E 24 -61.35 35.43 -34.97
N GLY E 25 -60.06 35.74 -35.01
CA GLY E 25 -59.62 37.13 -35.07
C GLY E 25 -58.41 37.39 -34.20
N LEU E 26 -58.23 36.58 -33.16
CA LEU E 26 -57.09 36.69 -32.27
C LEU E 26 -56.46 35.31 -32.11
N THR E 27 -55.14 35.29 -31.91
CA THR E 27 -54.42 34.04 -31.77
C THR E 27 -54.44 33.59 -30.31
N VAL E 28 -54.92 32.37 -30.07
CA VAL E 28 -54.91 31.85 -28.71
C VAL E 28 -53.48 31.65 -28.21
N SER E 29 -52.54 31.33 -29.09
CA SER E 29 -51.16 31.09 -28.71
C SER E 29 -50.34 32.38 -28.60
N SER E 30 -51.01 33.52 -28.47
CA SER E 30 -50.31 34.80 -28.40
C SER E 30 -50.87 35.76 -27.36
N ASN E 31 -52.01 35.47 -26.74
CA ASN E 31 -52.66 36.41 -25.83
C ASN E 31 -52.91 35.75 -24.48
N TYR E 32 -53.05 36.59 -23.46
CA TYR E 32 -53.47 36.09 -22.15
C TYR E 32 -54.92 35.65 -22.25
N MET E 33 -55.16 34.36 -22.09
CA MET E 33 -56.52 33.82 -22.13
C MET E 33 -56.84 33.19 -20.79
N ASN E 34 -58.09 33.33 -20.36
CA ASN E 34 -58.47 32.91 -19.03
C ASN E 34 -59.94 32.50 -18.98
N TRP E 35 -60.30 31.80 -17.91
CA TRP E 35 -61.65 31.29 -17.70
C TRP E 35 -62.28 31.97 -16.49
N VAL E 36 -63.51 32.43 -16.65
CA VAL E 36 -64.22 33.17 -15.62
C VAL E 36 -65.54 32.47 -15.33
N ARG E 37 -65.86 32.31 -14.05
CA ARG E 37 -67.01 31.55 -13.58
C ARG E 37 -68.01 32.47 -12.88
N GLN E 38 -69.30 32.19 -13.06
CA GLN E 38 -70.36 33.01 -12.49
C GLN E 38 -71.52 32.12 -12.07
N ALA E 39 -71.61 31.84 -10.77
CA ALA E 39 -72.76 31.10 -10.28
C ALA E 39 -74.02 31.94 -10.44
N PRO E 40 -75.18 31.29 -10.61
CA PRO E 40 -76.42 32.05 -10.84
C PRO E 40 -76.72 32.99 -9.67
N GLY E 41 -77.03 34.23 -10.00
CA GLY E 41 -77.37 35.23 -9.00
C GLY E 41 -76.25 35.56 -8.04
N LYS E 42 -75.00 35.54 -8.49
CA LYS E 42 -73.86 35.86 -7.65
C LYS E 42 -72.80 36.54 -8.50
N GLY E 43 -71.71 36.95 -7.84
CA GLY E 43 -70.63 37.63 -8.53
C GLY E 43 -69.76 36.68 -9.33
N LEU E 44 -68.80 37.27 -10.04
CA LEU E 44 -67.91 36.51 -10.90
C LEU E 44 -66.69 36.03 -10.13
N GLU E 45 -66.02 35.02 -10.68
CA GLU E 45 -64.85 34.42 -10.07
C GLU E 45 -63.91 33.97 -11.17
N TRP E 46 -62.63 33.83 -10.82
CA TRP E 46 -61.58 33.50 -11.77
C TRP E 46 -61.13 32.05 -11.58
N VAL E 47 -60.92 31.35 -12.70
CA VAL E 47 -60.64 29.92 -12.66
C VAL E 47 -59.22 29.62 -13.12
N SER E 48 -58.88 30.01 -14.35
CA SER E 48 -57.59 29.65 -14.94
C SER E 48 -56.99 30.85 -15.66
N VAL E 49 -55.80 30.65 -16.21
CA VAL E 49 -55.11 31.65 -17.02
C VAL E 49 -54.07 30.89 -17.82
N PHE E 50 -53.73 31.41 -19.00
CA PHE E 50 -52.85 30.67 -19.89
C PHE E 50 -52.05 31.66 -20.73
N TYR E 51 -50.78 31.83 -20.39
CA TYR E 51 -49.89 32.81 -21.00
C TYR E 51 -49.49 32.39 -22.40
N PRO E 52 -48.91 33.31 -23.19
CA PRO E 52 -48.33 32.89 -24.47
C PRO E 52 -47.27 31.81 -24.32
N GLY E 53 -46.46 31.87 -23.29
CA GLY E 53 -45.54 30.79 -23.02
C GLY E 53 -46.25 29.62 -22.35
N GLY E 54 -45.51 28.54 -22.16
CA GLY E 54 -46.09 27.36 -21.55
C GLY E 54 -46.28 27.53 -20.05
N SER E 55 -47.16 28.43 -19.66
CA SER E 55 -47.42 28.72 -18.26
C SER E 55 -48.91 28.69 -17.99
N THR E 56 -49.27 28.35 -16.76
CA THR E 56 -50.67 28.26 -16.36
C THR E 56 -50.78 28.41 -14.86
N PHE E 57 -51.71 29.26 -14.42
CA PHE E 57 -51.98 29.46 -13.01
C PHE E 57 -53.46 29.21 -12.76
N TYR E 58 -53.77 28.52 -11.68
CA TYR E 58 -55.14 28.18 -11.34
C TYR E 58 -55.52 28.83 -10.02
N ALA E 59 -56.82 29.04 -9.84
CA ALA E 59 -57.32 29.49 -8.56
C ALA E 59 -57.25 28.34 -7.55
N ASP E 60 -57.36 28.69 -6.28
CA ASP E 60 -57.27 27.69 -5.22
C ASP E 60 -58.43 26.69 -5.28
N SER E 61 -59.63 27.17 -5.61
CA SER E 61 -60.81 26.32 -5.62
C SER E 61 -60.88 25.41 -6.84
N VAL E 62 -60.04 25.60 -7.84
CA VAL E 62 -60.10 24.82 -9.06
C VAL E 62 -58.73 24.22 -9.39
N ARG E 63 -57.92 23.96 -8.36
CA ARG E 63 -56.58 23.44 -8.56
C ARG E 63 -56.57 21.94 -8.35
N GLY E 64 -55.97 21.23 -9.30
CA GLY E 64 -55.84 19.79 -9.21
C GLY E 64 -56.94 18.99 -9.89
N ARG E 65 -58.10 19.61 -10.11
CA ARG E 65 -59.19 18.98 -10.83
C ARG E 65 -59.44 19.62 -12.19
N PHE E 66 -58.95 20.84 -12.40
CA PHE E 66 -59.18 21.60 -13.61
C PHE E 66 -57.88 21.69 -14.39
N THR E 67 -57.93 21.33 -15.67
CA THR E 67 -56.77 21.41 -16.53
C THR E 67 -57.13 22.17 -17.81
N ILE E 68 -56.23 23.04 -18.24
CA ILE E 68 -56.48 23.85 -19.42
C ILE E 68 -55.53 23.38 -20.51
N SER E 69 -55.97 23.56 -21.76
CA SER E 69 -55.15 23.15 -22.90
C SER E 69 -55.42 24.07 -24.08
N ARG E 70 -54.41 24.19 -24.94
CA ARG E 70 -54.48 25.03 -26.14
C ARG E 70 -54.05 24.23 -27.35
N ASP E 71 -54.73 24.42 -28.46
CA ASP E 71 -54.43 23.73 -29.71
C ASP E 71 -54.36 24.77 -30.82
N ASN E 72 -53.17 24.98 -31.37
CA ASN E 72 -53.00 25.98 -32.42
C ASN E 72 -53.54 25.47 -33.75
N SER E 73 -53.80 24.17 -33.87
CA SER E 73 -54.33 23.63 -35.11
C SER E 73 -55.73 24.16 -35.40
N LYS E 74 -56.60 24.16 -34.39
CA LYS E 74 -57.96 24.66 -34.52
C LYS E 74 -58.11 26.09 -34.01
N ASN E 75 -57.03 26.68 -33.49
CA ASN E 75 -57.06 28.04 -32.94
C ASN E 75 -58.16 28.15 -31.88
N THR E 76 -58.13 27.22 -30.92
CA THR E 76 -59.16 27.12 -29.90
C THR E 76 -58.52 26.83 -28.55
N LEU E 77 -59.26 27.17 -27.50
CA LEU E 77 -58.82 26.96 -26.12
C LEU E 77 -59.74 25.96 -25.45
N TYR E 78 -59.15 24.99 -24.75
CA TYR E 78 -59.91 23.92 -24.11
C TYR E 78 -59.69 23.97 -22.60
N LEU E 79 -60.75 23.64 -21.86
CA LEU E 79 -60.68 23.48 -20.41
C LEU E 79 -61.21 22.10 -20.04
N GLN E 80 -60.42 21.35 -19.28
CA GLN E 80 -60.79 20.02 -18.85
C GLN E 80 -61.13 20.06 -17.36
N MET E 81 -62.27 19.47 -16.98
CA MET E 81 -62.76 19.51 -15.61
C MET E 81 -63.10 18.11 -15.13
N ASN E 82 -62.91 17.87 -13.85
CA ASN E 82 -63.35 16.63 -13.21
C ASN E 82 -64.32 17.01 -12.09
N SER E 83 -65.59 17.16 -12.45
CA SER E 83 -66.52 18.05 -11.77
C SER E 83 -66.80 17.62 -10.34
N LEU E 84 -67.36 18.56 -9.58
CA LEU E 84 -67.83 18.36 -8.22
C LEU E 84 -69.12 19.17 -8.05
N ARG E 85 -69.94 18.77 -7.08
CA ARG E 85 -71.30 19.27 -7.00
C ARG E 85 -71.35 20.78 -6.77
N ALA E 86 -70.38 21.33 -6.05
CA ALA E 86 -70.34 22.76 -5.77
C ALA E 86 -69.20 23.47 -6.47
N GLU E 87 -68.27 22.72 -7.08
CA GLU E 87 -67.16 23.33 -7.80
C GLU E 87 -67.59 23.89 -9.15
N ASP E 88 -68.60 23.29 -9.78
CA ASP E 88 -68.98 23.63 -11.15
C ASP E 88 -70.50 23.64 -11.24
N THR E 89 -71.10 24.80 -10.99
CA THR E 89 -72.54 24.98 -11.15
C THR E 89 -72.81 26.35 -11.75
N ALA E 90 -72.06 26.71 -12.79
CA ALA E 90 -72.07 28.09 -13.23
C ALA E 90 -71.82 28.19 -14.73
N VAL E 91 -72.14 29.36 -15.28
CA VAL E 91 -71.79 29.69 -16.65
C VAL E 91 -70.31 30.04 -16.72
N TYR E 92 -69.67 29.64 -17.81
CA TYR E 92 -68.23 29.80 -17.98
C TYR E 92 -67.94 30.76 -19.12
N TYR E 93 -66.98 31.65 -18.92
CA TYR E 93 -66.66 32.68 -19.89
C TYR E 93 -65.20 32.60 -20.32
N CYS E 94 -64.96 33.01 -21.57
CA CYS E 94 -63.64 33.04 -22.19
C CYS E 94 -63.29 34.47 -22.55
N ALA E 95 -62.09 34.93 -22.19
CA ALA E 95 -61.76 36.34 -22.36
C ALA E 95 -60.30 36.51 -22.75
N ARG E 96 -59.99 37.71 -23.25
CA ARG E 96 -58.63 38.13 -23.58
C ARG E 96 -58.24 39.36 -22.78
N ASP E 97 -56.95 39.46 -22.47
CA ASP E 97 -56.41 40.55 -21.67
C ASP E 97 -55.61 41.50 -22.55
N HIS E 98 -56.01 42.76 -22.57
CA HIS E 98 -55.27 43.76 -23.35
C HIS E 98 -54.07 44.28 -22.57
N SER E 99 -54.32 44.96 -21.46
CA SER E 99 -53.32 45.75 -20.76
C SER E 99 -52.94 45.11 -19.44
N GLY E 100 -53.00 43.79 -19.38
CA GLY E 100 -52.57 43.08 -18.20
C GLY E 100 -53.54 43.09 -17.05
N HIS E 101 -54.67 43.80 -17.16
CA HIS E 101 -55.68 43.77 -16.13
C HIS E 101 -57.11 43.70 -16.65
N ALA E 102 -57.39 44.09 -17.88
CA ALA E 102 -58.76 44.25 -18.37
C ALA E 102 -59.09 43.15 -19.37
N LEU E 103 -60.24 42.51 -19.17
CA LEU E 103 -60.73 41.47 -20.06
C LEU E 103 -61.79 42.09 -20.96
N ASP E 104 -61.50 42.18 -22.26
CA ASP E 104 -62.39 42.87 -23.19
C ASP E 104 -63.30 41.91 -23.96
N ILE E 105 -62.72 40.99 -24.72
CA ILE E 105 -63.50 40.14 -25.62
C ILE E 105 -64.03 38.97 -24.80
N TRP E 106 -65.23 39.16 -24.23
CA TRP E 106 -65.91 38.13 -23.46
C TRP E 106 -66.85 37.36 -24.37
N GLY E 107 -66.70 36.05 -24.42
CA GLY E 107 -67.58 35.22 -25.20
C GLY E 107 -68.88 34.92 -24.50
N GLN E 108 -69.81 34.34 -25.24
CA GLN E 108 -71.09 33.93 -24.68
C GLN E 108 -70.88 32.78 -23.71
N GLY E 109 -71.65 32.78 -22.63
CA GLY E 109 -71.48 31.78 -21.60
C GLY E 109 -72.01 30.42 -22.02
N THR E 110 -71.49 29.38 -21.36
CA THR E 110 -71.97 28.02 -21.51
C THR E 110 -72.42 27.50 -20.16
N MET E 111 -73.65 26.99 -20.10
CA MET E 111 -74.19 26.45 -18.85
C MET E 111 -73.57 25.09 -18.59
N VAL E 112 -73.01 24.91 -17.39
CA VAL E 112 -72.41 23.65 -16.97
C VAL E 112 -72.96 23.35 -15.58
N THR E 113 -74.02 22.56 -15.52
CA THR E 113 -74.65 22.20 -14.25
C THR E 113 -74.35 20.74 -13.94
N VAL E 114 -74.33 20.43 -12.64
CA VAL E 114 -74.03 19.08 -12.17
C VAL E 114 -75.24 18.54 -11.42
N SER E 115 -75.66 17.32 -11.79
CA SER E 115 -76.77 16.63 -11.14
C SER E 115 -76.86 15.18 -11.62
N ASP F 1 -52.31 39.96 0.73
CA ASP F 1 -53.60 39.82 0.07
C ASP F 1 -54.46 41.05 0.28
N ILE F 2 -55.28 41.38 -0.73
CA ILE F 2 -56.17 42.53 -0.68
C ILE F 2 -57.59 42.06 -0.94
N GLN F 3 -58.56 42.77 -0.37
CA GLN F 3 -59.97 42.45 -0.52
C GLN F 3 -60.68 43.63 -1.17
N MET F 4 -61.44 43.36 -2.22
CA MET F 4 -62.16 44.38 -2.96
C MET F 4 -63.62 44.38 -2.53
N THR F 5 -64.11 45.51 -2.05
CA THR F 5 -65.48 45.63 -1.61
C THR F 5 -66.08 46.92 -2.15
N GLN F 6 -67.40 46.88 -2.38
CA GLN F 6 -68.15 48.02 -2.90
C GLN F 6 -69.17 48.44 -1.87
N SER F 7 -69.25 49.74 -1.62
CA SER F 7 -70.15 50.29 -0.61
C SER F 7 -71.62 50.36 -1.05
N PRO F 8 -71.94 50.88 -2.25
CA PRO F 8 -73.36 51.12 -2.56
C PRO F 8 -74.23 49.88 -2.51
N SER F 9 -73.75 48.74 -2.99
CA SER F 9 -74.55 47.53 -3.15
C SER F 9 -75.79 47.92 -3.97
N PHE F 10 -76.99 47.61 -3.52
CA PHE F 10 -78.19 48.02 -4.24
C PHE F 10 -78.37 49.53 -4.17
N LEU F 11 -78.92 50.10 -5.24
CA LEU F 11 -79.23 51.52 -5.30
C LEU F 11 -80.54 51.73 -6.01
N SER F 12 -81.11 52.92 -5.83
CA SER F 12 -82.29 53.36 -6.57
C SER F 12 -81.99 54.73 -7.18
N ALA F 13 -82.00 54.81 -8.50
CA ALA F 13 -81.69 56.04 -9.21
C ALA F 13 -82.70 56.26 -10.32
N SER F 14 -83.23 57.48 -10.40
CA SER F 14 -84.20 57.82 -11.42
C SER F 14 -83.50 58.18 -12.72
N VAL F 15 -84.29 58.38 -13.77
CA VAL F 15 -83.73 58.74 -15.07
C VAL F 15 -83.11 60.13 -15.01
N GLY F 16 -83.76 61.06 -14.31
CA GLY F 16 -83.30 62.45 -14.31
C GLY F 16 -81.92 62.62 -13.67
N ASP F 17 -81.69 61.96 -12.54
CA ASP F 17 -80.46 62.18 -11.79
C ASP F 17 -79.35 61.24 -12.29
N ARG F 18 -78.16 61.42 -11.72
CA ARG F 18 -76.99 60.62 -12.03
C ARG F 18 -76.73 59.63 -10.90
N VAL F 19 -75.73 58.77 -11.12
CA VAL F 19 -75.37 57.73 -10.16
C VAL F 19 -73.86 57.69 -10.01
N THR F 20 -73.40 57.53 -8.77
CA THR F 20 -71.98 57.45 -8.45
C THR F 20 -71.72 56.17 -7.67
N ILE F 21 -70.72 55.40 -8.10
CA ILE F 21 -70.40 54.09 -7.54
C ILE F 21 -68.96 54.12 -7.06
N THR F 22 -68.70 53.46 -5.94
CA THR F 22 -67.35 53.40 -5.40
C THR F 22 -67.04 52.00 -4.89
N CYS F 23 -65.82 51.52 -5.16
CA CYS F 23 -65.35 50.25 -4.63
C CYS F 23 -63.98 50.46 -4.02
N ARG F 24 -63.77 49.90 -2.83
CA ARG F 24 -62.57 50.11 -2.05
C ARG F 24 -61.66 48.89 -2.11
N ALA F 25 -60.35 49.13 -2.01
CA ALA F 25 -59.35 48.08 -2.01
C ALA F 25 -58.54 48.15 -0.74
N SER F 26 -58.49 47.05 0.00
CA SER F 26 -57.72 47.03 1.23
C SER F 26 -56.22 47.04 0.94
N GLN F 27 -55.46 47.59 1.88
CA GLN F 27 -54.00 47.60 1.82
C GLN F 27 -53.49 48.30 0.55
N GLY F 28 -54.15 49.40 0.17
CA GLY F 28 -53.69 50.18 -0.96
C GLY F 28 -53.91 49.50 -2.29
N ILE F 29 -53.53 50.16 -3.38
CA ILE F 29 -53.82 49.65 -4.72
C ILE F 29 -52.99 50.42 -5.74
N SER F 30 -52.75 49.80 -6.90
CA SER F 30 -52.09 50.46 -8.01
C SER F 30 -53.13 51.27 -8.81
N SER F 31 -52.76 51.69 -10.01
CA SER F 31 -53.63 52.48 -10.86
C SER F 31 -54.41 51.64 -11.85
N TYR F 32 -54.30 50.32 -11.78
CA TYR F 32 -54.94 49.42 -12.74
C TYR F 32 -56.23 48.87 -12.14
N LEU F 33 -57.37 49.31 -12.68
CA LEU F 33 -58.67 48.81 -12.27
C LEU F 33 -59.63 48.93 -13.45
N ALA F 34 -60.48 47.92 -13.61
CA ALA F 34 -61.42 47.86 -14.73
C ALA F 34 -62.84 47.82 -14.21
N TRP F 35 -63.74 48.44 -14.97
CA TRP F 35 -65.17 48.45 -14.66
C TRP F 35 -65.93 47.69 -15.74
N TYR F 36 -66.83 46.82 -15.32
CA TYR F 36 -67.64 46.01 -16.22
C TYR F 36 -69.12 46.32 -16.07
N GLN F 37 -69.85 46.09 -17.15
CA GLN F 37 -71.30 46.22 -17.17
C GLN F 37 -71.90 44.90 -17.61
N GLN F 38 -72.89 44.41 -16.86
CA GLN F 38 -73.48 43.10 -17.13
C GLN F 38 -75.00 43.21 -17.03
N LYS F 39 -75.65 43.41 -18.17
CA LYS F 39 -77.09 43.29 -18.23
C LYS F 39 -77.49 41.85 -17.92
N PRO F 40 -78.63 41.63 -17.24
CA PRO F 40 -78.98 40.27 -16.85
C PRO F 40 -79.07 39.33 -18.03
N GLY F 41 -78.47 38.16 -17.87
CA GLY F 41 -78.47 37.17 -18.94
C GLY F 41 -77.60 37.50 -20.13
N LYS F 42 -76.56 38.32 -19.96
CA LYS F 42 -75.66 38.65 -21.04
C LYS F 42 -74.22 38.64 -20.53
N ALA F 43 -73.30 38.29 -21.41
CA ALA F 43 -71.89 38.28 -21.05
C ALA F 43 -71.41 39.71 -20.82
N PRO F 44 -70.67 39.97 -19.74
CA PRO F 44 -70.28 41.35 -19.43
C PRO F 44 -69.27 41.88 -20.44
N LYS F 45 -69.30 43.18 -20.63
CA LYS F 45 -68.41 43.87 -21.56
C LYS F 45 -67.62 44.94 -20.83
N LEU F 46 -66.37 45.12 -21.25
CA LEU F 46 -65.50 46.13 -20.66
C LEU F 46 -66.09 47.52 -20.86
N LEU F 47 -66.07 48.31 -19.80
CA LEU F 47 -66.61 49.66 -19.83
C LEU F 47 -65.54 50.72 -19.64
N ILE F 48 -64.76 50.64 -18.55
CA ILE F 48 -63.65 51.55 -18.29
C ILE F 48 -62.49 50.72 -17.77
N TYR F 49 -61.30 50.94 -18.32
CA TYR F 49 -60.11 50.22 -17.89
C TYR F 49 -58.99 51.19 -17.58
N ALA F 50 -58.04 50.72 -16.78
CA ALA F 50 -56.86 51.49 -16.34
C ALA F 50 -57.37 52.72 -15.57
N ALA F 51 -56.72 53.86 -15.72
CA ALA F 51 -57.08 55.08 -14.98
C ALA F 51 -57.87 55.99 -15.91
N SER F 52 -59.19 55.75 -15.95
CA SER F 52 -60.09 56.59 -16.72
C SER F 52 -59.68 56.68 -18.20
N THR F 53 -59.23 55.55 -18.74
CA THR F 53 -58.80 55.51 -20.13
C THR F 53 -59.96 55.65 -21.11
N LEU F 54 -61.13 55.11 -20.76
CA LEU F 54 -62.28 55.03 -21.66
C LEU F 54 -61.96 54.11 -22.83
N GLN F 55 -62.98 53.49 -23.41
CA GLN F 55 -62.76 52.47 -24.43
C GLN F 55 -63.59 52.78 -25.66
N SER F 56 -63.05 52.38 -26.82
CA SER F 56 -63.78 52.54 -28.07
C SER F 56 -65.07 51.72 -28.04
N GLY F 57 -66.17 52.37 -28.43
CA GLY F 57 -67.48 51.76 -28.35
C GLY F 57 -68.21 52.04 -27.04
N VAL F 58 -67.50 52.38 -25.98
CA VAL F 58 -68.10 52.83 -24.74
C VAL F 58 -68.42 54.31 -24.88
N PRO F 59 -69.65 54.73 -24.61
CA PRO F 59 -70.02 56.13 -24.80
C PRO F 59 -69.23 57.05 -23.88
N SER F 60 -69.03 58.28 -24.33
CA SER F 60 -68.43 59.32 -23.50
C SER F 60 -69.32 59.66 -22.32
N ARG F 61 -70.56 59.19 -22.33
CA ARG F 61 -71.44 59.28 -21.17
C ARG F 61 -70.77 58.77 -19.90
N PHE F 62 -70.08 57.64 -20.00
CA PHE F 62 -69.42 57.03 -18.85
C PHE F 62 -68.05 57.67 -18.63
N SER F 63 -67.69 57.83 -17.36
CA SER F 63 -66.36 58.35 -17.01
C SER F 63 -66.08 57.94 -15.58
N GLY F 64 -65.05 57.13 -15.38
CA GLY F 64 -64.67 56.70 -14.05
C GLY F 64 -63.26 57.08 -13.69
N SER F 65 -63.11 57.99 -12.73
CA SER F 65 -61.83 58.55 -12.35
C SER F 65 -61.58 58.34 -10.86
N GLY F 66 -60.34 58.03 -10.52
CA GLY F 66 -59.97 57.83 -9.13
C GLY F 66 -58.48 57.57 -9.03
N SER F 67 -57.99 57.64 -7.81
CA SER F 67 -56.58 57.40 -7.55
C SER F 67 -56.42 56.76 -6.17
N GLY F 68 -55.47 55.85 -6.08
CA GLY F 68 -55.20 55.22 -4.80
C GLY F 68 -56.38 54.41 -4.31
N THR F 69 -56.50 54.33 -2.98
CA THR F 69 -57.49 53.44 -2.38
C THR F 69 -58.90 53.77 -2.81
N GLU F 70 -59.25 55.06 -2.88
CA GLU F 70 -60.58 55.50 -3.24
C GLU F 70 -60.73 55.51 -4.75
N PHE F 71 -61.62 54.68 -5.27
CA PHE F 71 -61.91 54.58 -6.69
C PHE F 71 -63.41 54.71 -6.91
N THR F 72 -63.79 55.37 -8.00
CA THR F 72 -65.20 55.64 -8.25
C THR F 72 -65.45 55.80 -9.74
N LEU F 73 -66.71 55.59 -10.12
CA LEU F 73 -67.17 55.80 -11.49
C LEU F 73 -68.49 56.56 -11.44
N THR F 74 -68.69 57.46 -12.40
CA THR F 74 -69.90 58.26 -12.45
C THR F 74 -70.46 58.27 -13.86
N ILE F 75 -71.78 58.33 -13.95
CA ILE F 75 -72.51 58.42 -15.21
C ILE F 75 -73.20 59.77 -15.26
N SER F 76 -72.95 60.53 -16.33
CA SER F 76 -73.43 61.90 -16.42
C SER F 76 -74.84 62.00 -16.99
N SER F 77 -75.15 61.24 -18.02
CA SER F 77 -76.39 61.41 -18.77
C SER F 77 -77.57 60.78 -18.01
N LEU F 78 -78.72 60.72 -18.66
CA LEU F 78 -79.98 60.35 -18.02
C LEU F 78 -80.23 58.85 -18.00
N GLN F 79 -79.33 58.04 -18.57
CA GLN F 79 -79.45 56.58 -18.53
C GLN F 79 -80.75 56.12 -19.16
N PRO F 80 -80.87 56.21 -20.50
CA PRO F 80 -82.13 55.79 -21.15
C PRO F 80 -82.47 54.34 -20.88
N GLU F 81 -81.56 53.43 -21.23
CA GLU F 81 -81.71 52.02 -20.90
C GLU F 81 -81.13 51.81 -19.51
N ASP F 82 -82.00 51.58 -18.52
CA ASP F 82 -81.54 51.49 -17.14
C ASP F 82 -80.56 50.34 -16.99
N PHE F 83 -79.33 50.67 -16.62
CA PHE F 83 -78.28 49.67 -16.46
C PHE F 83 -78.56 48.82 -15.23
N ALA F 84 -77.89 47.67 -15.15
CA ALA F 84 -78.20 46.68 -14.12
C ALA F 84 -77.07 46.43 -13.15
N THR F 85 -75.91 45.96 -13.60
CA THR F 85 -74.87 45.51 -12.68
C THR F 85 -73.51 46.05 -13.09
N TYR F 86 -72.61 46.12 -12.11
CA TYR F 86 -71.29 46.69 -12.31
C TYR F 86 -70.31 46.04 -11.35
N TYR F 87 -69.05 45.96 -11.77
CA TYR F 87 -68.04 45.24 -11.01
C TYR F 87 -66.69 45.95 -11.11
N CYS F 88 -65.81 45.63 -10.16
CA CYS F 88 -64.43 46.07 -10.14
C CYS F 88 -63.51 44.86 -10.31
N GLN F 89 -62.25 45.11 -10.64
CA GLN F 89 -61.23 44.08 -10.51
C GLN F 89 -59.86 44.71 -10.40
N HIS F 90 -58.87 43.86 -10.12
CA HIS F 90 -57.47 44.27 -10.10
C HIS F 90 -56.64 43.00 -10.09
N LEU F 91 -55.69 42.88 -11.03
CA LEU F 91 -54.84 41.70 -11.05
C LEU F 91 -53.86 41.74 -9.88
N ASN F 92 -53.59 40.57 -9.32
CA ASN F 92 -52.79 40.42 -8.11
C ASN F 92 -51.61 39.48 -8.31
N SER F 93 -51.04 39.01 -7.20
CA SER F 93 -49.87 38.15 -7.22
C SER F 93 -50.32 36.71 -7.45
N TYR F 94 -49.36 35.78 -7.40
CA TYR F 94 -49.56 34.39 -7.82
C TYR F 94 -50.84 33.74 -7.31
N PRO F 95 -51.19 33.79 -6.01
CA PRO F 95 -52.27 32.90 -5.54
C PRO F 95 -53.66 33.33 -5.97
N SER F 96 -53.94 34.63 -5.96
CA SER F 96 -55.30 35.12 -6.18
C SER F 96 -55.55 35.59 -7.60
N MET F 97 -54.65 36.41 -8.15
CA MET F 97 -54.78 36.97 -9.50
C MET F 97 -56.04 37.80 -9.57
N TYR F 98 -57.03 37.46 -10.40
CA TYR F 98 -58.14 38.36 -10.67
C TYR F 98 -59.14 38.34 -9.52
N THR F 99 -59.36 39.50 -8.90
CA THR F 99 -60.28 39.65 -7.79
C THR F 99 -61.39 40.61 -8.19
N PHE F 100 -62.62 40.11 -8.23
CA PHE F 100 -63.75 40.90 -8.71
C PHE F 100 -64.53 41.59 -7.59
N GLY F 101 -64.60 40.98 -6.42
CA GLY F 101 -65.32 41.60 -5.32
C GLY F 101 -66.82 41.50 -5.51
N GLN F 102 -67.54 42.06 -4.53
CA GLN F 102 -68.99 42.02 -4.54
C GLN F 102 -69.53 42.88 -5.68
N GLY F 103 -70.68 42.48 -6.22
CA GLY F 103 -71.30 43.21 -7.29
C GLY F 103 -72.09 44.42 -6.82
N THR F 104 -72.64 45.14 -7.79
CA THR F 104 -73.47 46.30 -7.53
C THR F 104 -74.70 46.26 -8.41
N LYS F 105 -75.82 46.77 -7.89
CA LYS F 105 -77.09 46.79 -8.58
C LYS F 105 -77.65 48.20 -8.57
N VAL F 106 -78.07 48.68 -9.74
CA VAL F 106 -78.71 49.97 -9.89
C VAL F 106 -79.90 49.81 -10.82
N ASP F 107 -80.99 50.50 -10.52
CA ASP F 107 -82.21 50.35 -11.32
C ASP F 107 -83.09 51.57 -11.10
N ILE F 108 -84.29 51.51 -11.68
CA ILE F 108 -85.29 52.55 -11.51
C ILE F 108 -85.97 52.43 -10.16
N THR G 1 12.85 39.10 -44.18
CA THR G 1 14.26 38.86 -43.86
C THR G 1 14.40 37.92 -42.67
N GLN G 2 15.13 36.82 -42.85
CA GLN G 2 15.30 35.81 -41.83
C GLN G 2 16.77 35.41 -41.70
N SER G 3 17.65 36.41 -41.62
CA SER G 3 19.05 36.13 -41.41
C SER G 3 19.28 35.55 -40.02
N TYR G 4 20.12 34.53 -39.94
CA TYR G 4 20.30 33.76 -38.72
C TYR G 4 21.55 34.21 -37.97
N THR G 5 21.49 34.08 -36.64
CA THR G 5 22.61 34.43 -35.78
C THR G 5 22.57 33.52 -34.55
N ASN G 6 23.74 33.32 -33.94
CA ASN G 6 23.87 32.48 -32.76
C ASN G 6 23.70 33.31 -31.50
N SER G 7 23.08 32.72 -30.48
CA SER G 7 22.85 33.40 -29.21
C SER G 7 23.93 32.98 -28.22
N PHE G 8 24.77 33.92 -27.83
CA PHE G 8 25.91 33.66 -26.95
C PHE G 8 25.47 33.85 -25.50
N THR G 9 24.98 32.77 -24.89
CA THR G 9 24.62 32.75 -23.47
C THR G 9 23.65 33.88 -23.11
N ARG G 10 22.63 34.05 -23.96
CA ARG G 10 21.58 35.03 -23.72
C ARG G 10 20.24 34.32 -23.53
N GLY G 11 19.41 34.89 -22.65
CA GLY G 11 18.10 34.33 -22.41
C GLY G 11 17.97 33.59 -21.10
N VAL G 12 18.62 34.10 -20.06
CA VAL G 12 18.58 33.50 -18.74
C VAL G 12 17.75 34.40 -17.83
N TYR G 13 16.81 33.80 -17.10
CA TYR G 13 15.89 34.53 -16.24
C TYR G 13 15.81 33.83 -14.89
N TYR G 14 15.41 34.59 -13.87
CA TYR G 14 15.22 34.04 -12.53
C TYR G 14 14.03 33.08 -12.54
N PRO G 15 14.22 31.81 -12.18
CA PRO G 15 13.08 30.87 -12.23
C PRO G 15 12.04 31.13 -11.15
N ASP G 16 12.46 31.43 -9.92
CA ASP G 16 11.53 31.58 -8.81
C ASP G 16 11.78 32.91 -8.09
N LYS G 17 10.88 33.22 -7.17
CA LYS G 17 11.00 34.42 -6.35
C LYS G 17 11.90 34.23 -5.14
N VAL G 18 12.43 33.02 -4.93
CA VAL G 18 13.22 32.76 -3.73
C VAL G 18 14.60 33.39 -3.86
N PHE G 19 15.30 33.46 -2.72
CA PHE G 19 16.60 34.11 -2.62
C PHE G 19 17.64 33.08 -2.20
N ARG G 20 18.75 33.02 -2.93
CA ARG G 20 19.85 32.12 -2.62
C ARG G 20 21.17 32.89 -2.71
N SER G 21 22.09 32.60 -1.79
CA SER G 21 23.37 33.27 -1.72
C SER G 21 24.48 32.24 -1.70
N SER G 22 25.42 32.36 -2.64
CA SER G 22 26.63 31.54 -2.70
C SER G 22 26.30 30.05 -2.71
N VAL G 23 25.47 29.65 -3.67
CA VAL G 23 25.09 28.25 -3.81
C VAL G 23 24.68 28.02 -5.27
N LEU G 24 25.03 26.83 -5.78
CA LEU G 24 24.68 26.45 -7.14
C LEU G 24 23.38 25.66 -7.12
N HIS G 25 22.43 26.06 -7.96
CA HIS G 25 21.12 25.43 -8.00
C HIS G 25 20.85 24.87 -9.39
N SER G 26 20.30 23.65 -9.43
CA SER G 26 19.93 22.99 -10.67
C SER G 26 18.42 23.03 -10.80
N THR G 27 17.93 23.58 -11.91
CA THR G 27 16.51 23.69 -12.17
C THR G 27 16.19 23.19 -13.57
N GLN G 28 14.97 22.69 -13.74
CA GLN G 28 14.50 22.15 -15.02
C GLN G 28 13.25 22.92 -15.42
N ASP G 29 13.44 23.95 -16.25
CA ASP G 29 12.35 24.79 -16.74
C ASP G 29 12.62 25.13 -18.19
N LEU G 30 11.72 25.91 -18.78
CA LEU G 30 11.91 26.34 -20.16
C LEU G 30 13.02 27.39 -20.23
N PHE G 31 13.96 27.18 -21.15
CA PHE G 31 15.08 28.09 -21.31
C PHE G 31 15.49 28.11 -22.77
N LEU G 32 16.18 29.18 -23.17
CA LEU G 32 16.76 29.26 -24.49
C LEU G 32 18.06 28.48 -24.53
N PRO G 33 18.20 27.47 -25.38
CA PRO G 33 19.43 26.66 -25.39
C PRO G 33 20.65 27.50 -25.68
N PHE G 34 21.76 27.18 -25.02
CA PHE G 34 23.00 27.91 -25.22
C PHE G 34 23.53 27.67 -26.63
N PHE G 35 24.04 28.74 -27.24
CA PHE G 35 24.61 28.71 -28.58
C PHE G 35 23.61 28.27 -29.64
N SER G 36 22.31 28.40 -29.35
CA SER G 36 21.30 28.14 -30.35
C SER G 36 21.21 29.31 -31.33
N ASN G 37 20.59 29.05 -32.48
CA ASN G 37 20.50 30.04 -33.54
C ASN G 37 19.17 30.79 -33.46
N VAL G 38 19.26 32.12 -33.58
CA VAL G 38 18.09 33.00 -33.56
C VAL G 38 17.93 33.60 -34.96
N THR G 39 16.82 34.31 -35.14
CA THR G 39 16.44 34.84 -36.44
C THR G 39 16.28 36.35 -36.36
N TRP G 40 17.07 37.07 -37.14
CA TRP G 40 16.86 38.50 -37.31
C TRP G 40 15.67 38.75 -38.23
N PHE G 41 14.87 39.76 -37.87
CA PHE G 41 13.71 40.14 -38.67
C PHE G 41 13.83 41.60 -39.08
N HIS G 42 13.50 41.88 -40.34
CA HIS G 42 13.50 43.24 -40.85
C HIS G 42 12.16 43.57 -41.48
N ALA G 43 12.07 44.73 -42.14
CA ALA G 43 10.84 45.14 -42.79
C ALA G 43 10.62 44.35 -44.08
N PRO G 56 3.85 38.45 -41.83
CA PRO G 56 4.34 37.18 -41.31
C PRO G 56 3.94 36.97 -39.85
N VAL G 57 3.54 35.74 -39.50
CA VAL G 57 3.10 35.41 -38.17
C VAL G 57 3.95 34.26 -37.64
N LEU G 58 4.47 34.44 -36.43
CA LEU G 58 5.41 33.53 -35.81
C LEU G 58 4.66 32.37 -35.14
N PRO G 59 5.29 31.20 -35.00
CA PRO G 59 4.56 30.05 -34.45
C PRO G 59 4.47 30.02 -32.93
N PHE G 60 5.35 30.75 -32.22
CA PHE G 60 5.27 30.90 -30.76
C PHE G 60 5.06 29.56 -30.06
N ASN G 61 6.06 28.68 -30.15
CA ASN G 61 6.00 27.38 -29.50
C ASN G 61 6.87 27.35 -28.25
N ASP G 62 6.23 27.10 -27.10
CA ASP G 62 6.91 26.95 -25.81
C ASP G 62 7.77 28.17 -25.49
N GLY G 63 7.13 29.32 -25.36
CA GLY G 63 7.81 30.54 -25.00
C GLY G 63 8.48 31.23 -26.18
N VAL G 64 9.11 32.36 -25.87
CA VAL G 64 9.80 33.16 -26.89
C VAL G 64 10.83 34.05 -26.21
N TYR G 65 11.86 34.44 -26.96
CA TYR G 65 12.87 35.38 -26.49
C TYR G 65 12.91 36.55 -27.46
N PHE G 66 12.65 37.76 -26.95
CA PHE G 66 12.59 38.96 -27.76
C PHE G 66 13.72 39.91 -27.36
N ALA G 67 14.44 40.39 -28.36
CA ALA G 67 15.52 41.34 -28.12
C ALA G 67 15.60 42.32 -29.27
N SER G 68 15.88 43.58 -28.94
CA SER G 68 16.01 44.63 -29.95
C SER G 68 16.82 45.77 -29.36
N THR G 69 17.58 46.44 -30.23
CA THR G 69 18.40 47.58 -29.82
C THR G 69 18.26 48.68 -30.85
N GLU G 70 18.16 49.92 -30.37
CA GLU G 70 18.04 51.09 -31.24
C GLU G 70 18.12 52.34 -30.36
N LYS G 71 18.50 53.45 -30.99
CA LYS G 71 18.59 54.73 -30.30
C LYS G 71 17.27 55.50 -30.31
N SER G 72 16.24 54.98 -30.97
CA SER G 72 14.94 55.62 -31.04
C SER G 72 13.92 54.78 -30.26
N ASN G 73 12.65 55.20 -30.35
CA ASN G 73 11.55 54.49 -29.72
C ASN G 73 10.56 53.97 -30.76
N ILE G 74 11.07 53.55 -31.91
CA ILE G 74 10.20 53.06 -32.98
C ILE G 74 9.47 51.80 -32.55
N ILE G 75 10.17 50.88 -31.90
CA ILE G 75 9.59 49.61 -31.49
C ILE G 75 8.70 49.83 -30.27
N ARG G 76 7.48 49.31 -30.33
CA ARG G 76 6.54 49.34 -29.22
C ARG G 76 5.37 48.41 -29.52
N GLY G 77 5.01 47.59 -28.53
CA GLY G 77 3.77 46.83 -28.59
C GLY G 77 3.98 45.42 -29.11
N TRP G 78 3.05 44.54 -28.71
CA TRP G 78 2.98 43.17 -29.18
C TRP G 78 1.54 42.70 -29.15
N ILE G 79 1.23 41.72 -30.00
CA ILE G 79 -0.10 41.12 -30.07
C ILE G 79 0.06 39.61 -30.00
N PHE G 80 -0.77 38.96 -29.18
CA PHE G 80 -0.73 37.52 -28.97
C PHE G 80 -2.11 36.92 -29.22
N GLY G 81 -2.13 35.65 -29.62
CA GLY G 81 -3.38 34.95 -29.84
C GLY G 81 -3.12 33.65 -30.57
N THR G 82 -4.17 32.83 -30.63
CA THR G 82 -4.09 31.55 -31.33
C THR G 82 -4.86 31.54 -32.65
N THR G 83 -5.86 32.41 -32.81
CA THR G 83 -6.62 32.47 -34.05
C THR G 83 -6.78 33.88 -34.60
N LEU G 84 -6.74 34.93 -33.76
CA LEU G 84 -6.91 36.32 -34.19
C LEU G 84 -8.27 36.53 -34.86
N ASP G 85 -9.25 35.72 -34.49
CA ASP G 85 -10.62 35.82 -35.00
C ASP G 85 -11.58 36.02 -33.83
N SER G 86 -12.88 36.05 -34.15
CA SER G 86 -13.88 36.24 -33.12
C SER G 86 -14.12 34.96 -32.33
N LYS G 87 -13.63 33.83 -32.84
CA LYS G 87 -13.86 32.55 -32.18
C LYS G 87 -13.15 32.48 -30.83
N THR G 88 -11.93 32.99 -30.75
CA THR G 88 -11.11 32.86 -29.56
C THR G 88 -10.60 34.23 -29.11
N GLN G 89 -10.50 34.40 -27.80
CA GLN G 89 -10.04 35.64 -27.20
C GLN G 89 -8.59 35.92 -27.58
N SER G 90 -8.28 37.21 -27.76
CA SER G 90 -6.95 37.64 -28.18
C SER G 90 -6.40 38.65 -27.18
N LEU G 91 -5.07 38.78 -27.17
CA LEU G 91 -4.35 39.59 -26.20
C LEU G 91 -3.60 40.70 -26.90
N LEU G 92 -3.50 41.86 -26.25
CA LEU G 92 -2.78 43.02 -26.76
C LEU G 92 -1.87 43.59 -25.69
N ILE G 93 -0.69 44.06 -26.11
CA ILE G 93 0.21 44.85 -25.28
C ILE G 93 0.69 46.03 -26.12
N VAL G 94 0.45 47.24 -25.63
CA VAL G 94 0.90 48.46 -26.28
C VAL G 94 1.42 49.43 -25.22
N ASN G 95 2.56 50.06 -25.52
CA ASN G 95 3.21 50.99 -24.62
C ASN G 95 2.98 52.42 -25.13
N ASN G 96 2.49 53.29 -24.25
CA ASN G 96 2.40 54.70 -24.58
C ASN G 96 3.74 55.39 -24.35
N ALA G 97 3.72 56.71 -24.41
CA ALA G 97 4.93 57.49 -24.11
C ALA G 97 5.20 57.55 -22.61
N THR G 98 4.14 57.47 -21.81
CA THR G 98 4.25 57.60 -20.36
C THR G 98 3.53 56.49 -19.61
N ASN G 99 2.84 55.60 -20.32
CA ASN G 99 2.11 54.51 -19.68
C ASN G 99 2.12 53.29 -20.59
N VAL G 100 1.54 52.21 -20.09
CA VAL G 100 1.35 50.98 -20.86
C VAL G 100 -0.08 50.50 -20.66
N VAL G 101 -0.69 49.98 -21.73
CA VAL G 101 -2.02 49.39 -21.68
C VAL G 101 -1.91 47.94 -22.12
N ILE G 102 -2.46 47.04 -21.31
CA ILE G 102 -2.47 45.61 -21.59
C ILE G 102 -3.89 45.14 -21.39
N LYS G 103 -4.65 45.04 -22.47
CA LYS G 103 -6.03 44.58 -22.44
C LYS G 103 -6.16 43.34 -23.30
N VAL G 104 -6.70 42.27 -22.72
CA VAL G 104 -6.95 41.03 -23.44
C VAL G 104 -8.35 41.11 -24.03
N CYS G 105 -8.46 41.76 -25.18
CA CYS G 105 -9.76 41.99 -25.83
C CYS G 105 -9.70 41.54 -27.27
N GLU G 106 -10.78 40.91 -27.72
CA GLU G 106 -10.82 40.32 -29.04
C GLU G 106 -10.80 41.39 -30.14
N PHE G 107 -10.08 41.09 -31.22
CA PHE G 107 -9.98 41.96 -32.38
C PHE G 107 -10.34 41.15 -33.62
N GLN G 108 -11.26 41.69 -34.43
CA GLN G 108 -11.82 40.94 -35.56
C GLN G 108 -11.08 41.20 -36.86
N PHE G 109 -11.03 42.46 -37.30
CA PHE G 109 -10.50 42.81 -38.62
C PHE G 109 -9.23 43.63 -38.46
N CYS G 110 -8.26 43.38 -39.34
CA CYS G 110 -7.01 44.13 -39.42
C CYS G 110 -6.74 44.37 -40.90
N ASN G 111 -7.20 45.51 -41.42
CA ASN G 111 -7.09 45.79 -42.84
C ASN G 111 -5.63 45.87 -43.27
N ASP G 112 -4.83 46.70 -42.59
CA ASP G 112 -3.41 46.84 -42.87
C ASP G 112 -2.77 47.63 -41.75
N PRO G 113 -1.57 47.28 -41.31
CA PRO G 113 -0.88 48.11 -40.31
C PRO G 113 -0.63 49.51 -40.85
N PHE G 114 -0.73 50.50 -39.98
CA PHE G 114 -0.56 51.89 -40.39
C PHE G 114 0.85 52.13 -40.90
N LEU G 115 0.93 52.79 -42.06
CA LEU G 115 2.21 53.10 -42.69
C LEU G 115 2.04 54.34 -43.54
N ASP G 116 2.74 55.41 -43.15
CA ASP G 116 2.67 56.65 -43.92
C ASP G 116 3.35 56.47 -45.27
N VAL G 117 2.83 57.17 -46.29
CA VAL G 117 3.37 57.05 -47.64
C VAL G 117 4.83 57.50 -47.68
N TYR G 118 5.15 58.53 -46.90
CA TYR G 118 6.54 59.07 -46.88
C TYR G 118 7.36 58.38 -45.78
N TYR G 119 6.85 58.39 -44.54
CA TYR G 119 7.59 57.80 -43.39
C TYR G 119 9.05 58.26 -43.44
N HIS G 120 9.28 59.55 -43.65
CA HIS G 120 10.64 60.09 -43.69
C HIS G 120 10.90 60.89 -42.42
N LYS G 121 11.95 60.53 -41.70
CA LYS G 121 12.34 61.20 -40.46
C LYS G 121 13.38 62.28 -40.69
N ASN G 122 13.81 62.51 -41.93
CA ASN G 122 14.82 63.53 -42.20
C ASN G 122 14.24 64.93 -42.09
N ASN G 123 12.95 65.09 -42.35
CA ASN G 123 12.29 66.39 -42.29
C ASN G 123 11.29 66.49 -41.14
N LYS G 124 10.38 65.54 -41.02
CA LYS G 124 9.38 65.53 -39.96
C LYS G 124 9.56 64.27 -39.11
N SER G 125 9.67 64.44 -37.80
CA SER G 125 9.88 63.33 -36.87
C SER G 125 8.75 63.23 -35.85
N TRP G 126 7.57 63.74 -36.19
CA TRP G 126 6.42 63.73 -35.30
C TRP G 126 5.39 62.73 -35.82
N MET G 127 5.11 61.71 -35.02
CA MET G 127 4.11 60.69 -35.34
C MET G 127 3.31 60.44 -34.06
N GLU G 128 2.20 61.16 -33.90
CA GLU G 128 1.41 61.13 -32.69
C GLU G 128 -0.07 61.00 -33.01
N SER G 129 -0.81 60.39 -32.08
CA SER G 129 -2.26 60.26 -32.17
C SER G 129 -2.68 59.58 -33.48
N GLU G 130 -1.98 58.51 -33.83
CA GLU G 130 -2.23 57.76 -35.04
C GLU G 130 -2.24 56.26 -34.75
N PHE G 131 -2.96 55.84 -33.72
CA PHE G 131 -3.01 54.45 -33.30
C PHE G 131 -4.46 53.97 -33.35
N ARG G 132 -4.78 53.17 -34.38
CA ARG G 132 -6.09 52.54 -34.48
C ARG G 132 -5.89 51.24 -35.26
N VAL G 133 -5.77 50.12 -34.54
CA VAL G 133 -5.51 48.84 -35.16
C VAL G 133 -6.66 47.87 -34.86
N TYR G 134 -7.41 48.15 -33.79
CA TYR G 134 -8.53 47.31 -33.41
C TYR G 134 -9.77 47.80 -34.13
N SER G 135 -10.32 46.95 -35.00
CA SER G 135 -11.54 47.32 -35.73
C SER G 135 -12.75 47.23 -34.83
N SER G 136 -12.86 46.19 -34.01
CA SER G 136 -13.99 45.97 -33.12
C SER G 136 -13.46 45.65 -31.74
N ALA G 137 -13.99 46.35 -30.73
CA ALA G 137 -13.62 46.10 -29.34
C ALA G 137 -14.77 45.35 -28.68
N ASN G 138 -14.74 44.03 -28.79
CA ASN G 138 -15.81 43.19 -28.27
C ASN G 138 -15.67 43.05 -26.75
N ASN G 139 -16.52 42.23 -26.15
CA ASN G 139 -16.47 42.01 -24.71
C ASN G 139 -15.17 41.33 -24.33
N CYS G 140 -14.59 41.76 -23.21
CA CYS G 140 -13.34 41.19 -22.71
C CYS G 140 -13.27 41.30 -21.20
N THR G 141 -12.16 40.78 -20.65
CA THR G 141 -12.09 40.52 -19.22
C THR G 141 -11.12 41.44 -18.48
N PHE G 142 -9.87 41.48 -18.92
CA PHE G 142 -8.79 42.03 -18.10
C PHE G 142 -8.17 43.24 -18.78
N GLU G 143 -7.66 44.17 -17.97
CA GLU G 143 -7.03 45.40 -18.45
C GLU G 143 -6.07 45.92 -17.36
N TYR G 144 -4.79 46.05 -17.72
CA TYR G 144 -3.79 46.47 -16.75
C TYR G 144 -3.00 47.67 -17.26
N VAL G 145 -2.80 48.65 -16.38
CA VAL G 145 -2.03 49.84 -16.69
C VAL G 145 -0.98 50.05 -15.60
N SER G 146 0.26 50.30 -16.03
CA SER G 146 1.38 50.45 -15.11
C SER G 146 2.43 51.34 -15.76
N GLN G 147 3.62 51.34 -15.18
CA GLN G 147 4.73 52.14 -15.69
C GLN G 147 5.21 51.58 -17.02
N PRO G 148 5.75 52.45 -17.91
CA PRO G 148 6.21 51.97 -19.22
C PRO G 148 7.18 50.80 -19.12
N PHE G 149 6.94 49.80 -19.98
CA PHE G 149 7.82 48.63 -20.03
C PHE G 149 9.21 49.01 -20.55
N LEU G 150 9.26 49.78 -21.62
CA LEU G 150 10.53 50.16 -22.22
C LEU G 150 11.07 51.43 -21.57
N MET G 151 12.33 51.73 -21.87
CA MET G 151 12.99 52.92 -21.32
C MET G 151 12.87 54.09 -22.29
N ASN G 162 21.45 51.05 -25.54
CA ASN G 162 20.91 50.05 -24.64
C ASN G 162 20.22 48.94 -25.43
N LEU G 163 20.20 47.75 -24.83
CA LEU G 163 19.57 46.58 -25.42
C LEU G 163 18.45 46.09 -24.52
N ARG G 164 17.29 45.82 -25.11
CA ARG G 164 16.12 45.34 -24.38
C ARG G 164 15.90 43.86 -24.68
N GLU G 165 15.74 43.07 -23.62
CA GLU G 165 15.52 41.63 -23.75
C GLU G 165 14.27 41.24 -22.99
N PHE G 166 13.35 40.56 -23.67
CA PHE G 166 12.09 40.13 -23.09
C PHE G 166 11.87 38.65 -23.36
N VAL G 167 11.37 37.94 -22.35
CA VAL G 167 10.98 36.54 -22.49
C VAL G 167 9.52 36.41 -22.04
N PHE G 168 8.68 35.88 -22.91
CA PHE G 168 7.26 35.71 -22.64
C PHE G 168 6.95 34.23 -22.46
N LYS G 169 6.26 33.90 -21.38
CA LYS G 169 5.89 32.53 -21.07
C LYS G 169 4.40 32.45 -20.77
N ASN G 170 3.84 31.25 -20.94
CA ASN G 170 2.43 30.99 -20.65
C ASN G 170 2.37 29.58 -20.04
N ILE G 171 2.43 29.51 -18.71
CA ILE G 171 2.44 28.25 -17.98
C ILE G 171 1.36 28.29 -16.92
N ASP G 172 0.51 27.26 -16.90
CA ASP G 172 -0.54 27.11 -15.89
C ASP G 172 -1.44 28.35 -15.84
N GLY G 173 -1.85 28.83 -17.00
CA GLY G 173 -2.77 29.94 -17.08
C GLY G 173 -2.20 31.28 -16.72
N TYR G 174 -0.90 31.38 -16.45
CA TYR G 174 -0.25 32.61 -16.07
C TYR G 174 0.69 33.07 -17.18
N PHE G 175 0.55 34.33 -17.59
CA PHE G 175 1.41 34.93 -18.59
C PHE G 175 2.47 35.76 -17.88
N LYS G 176 3.74 35.41 -18.06
CA LYS G 176 4.85 36.03 -17.36
C LYS G 176 5.74 36.78 -18.34
N ILE G 177 6.16 37.97 -17.94
CA ILE G 177 7.00 38.84 -18.76
C ILE G 177 8.26 39.18 -17.96
N TYR G 178 9.42 38.99 -18.58
CA TYR G 178 10.70 39.32 -17.99
C TYR G 178 11.38 40.39 -18.84
N SER G 179 12.26 41.16 -18.20
CA SER G 179 12.89 42.27 -18.91
C SER G 179 14.25 42.57 -18.28
N LYS G 180 15.11 43.23 -19.08
CA LYS G 180 16.42 43.69 -18.64
C LYS G 180 16.99 44.66 -19.67
N HIS G 181 17.67 45.70 -19.19
CA HIS G 181 18.29 46.71 -20.05
C HIS G 181 19.81 46.57 -19.93
N THR G 182 20.44 46.00 -20.95
CA THR G 182 21.87 45.77 -20.95
C THR G 182 22.55 46.71 -21.94
N PRO G 183 23.32 47.69 -21.48
CA PRO G 183 24.05 48.54 -22.42
C PRO G 183 25.13 47.76 -23.15
N ILE G 184 25.35 48.12 -24.41
CA ILE G 184 26.31 47.44 -25.27
C ILE G 184 27.27 48.47 -25.85
N ASN G 185 28.43 48.00 -26.30
CA ASN G 185 29.42 48.89 -26.89
C ASN G 185 29.56 48.61 -28.39
N LEU G 190 23.28 40.11 -30.51
CA LEU G 190 23.39 39.49 -29.20
C LEU G 190 24.84 39.43 -28.73
N PRO G 191 25.28 40.46 -28.02
CA PRO G 191 26.67 40.49 -27.55
C PRO G 191 26.94 39.42 -26.52
N GLN G 192 28.21 39.02 -26.45
CA GLN G 192 28.63 38.02 -25.47
C GLN G 192 28.51 38.58 -24.05
N GLY G 193 28.32 37.68 -23.10
CA GLY G 193 28.15 38.04 -21.71
C GLY G 193 26.95 37.34 -21.09
N PHE G 194 26.78 37.60 -19.79
CA PHE G 194 25.71 37.00 -19.00
C PHE G 194 24.92 38.12 -18.34
N SER G 195 23.61 38.14 -18.58
CA SER G 195 22.71 39.12 -17.99
C SER G 195 21.42 38.40 -17.59
N ALA G 196 21.10 38.43 -16.31
CA ALA G 196 19.91 37.76 -15.79
C ALA G 196 18.68 38.61 -16.01
N LEU G 197 17.58 37.96 -16.39
CA LEU G 197 16.32 38.64 -16.65
C LEU G 197 15.46 38.62 -15.40
N GLU G 198 15.08 39.80 -14.91
CA GLU G 198 14.28 39.89 -13.71
C GLU G 198 12.80 39.92 -14.05
N PRO G 199 11.94 39.30 -13.23
CA PRO G 199 10.50 39.32 -13.49
C PRO G 199 9.96 40.75 -13.48
N LEU G 200 8.99 41.01 -14.36
CA LEU G 200 8.40 42.33 -14.47
C LEU G 200 6.93 42.35 -14.09
N VAL G 201 6.12 41.59 -14.83
CA VAL G 201 4.65 41.63 -14.59
C VAL G 201 4.02 40.26 -14.89
N ASP G 202 3.51 39.59 -13.85
CA ASP G 202 2.80 38.29 -14.05
C ASP G 202 1.30 38.54 -14.19
N LEU G 203 0.84 38.97 -15.36
CA LEU G 203 -0.59 39.26 -15.62
C LEU G 203 -1.36 37.95 -15.85
N PRO G 204 -2.49 37.70 -15.15
CA PRO G 204 -3.25 36.44 -15.27
C PRO G 204 -4.35 36.37 -16.34
N ILE G 205 -3.99 36.41 -17.61
CA ILE G 205 -5.00 36.43 -18.71
C ILE G 205 -5.81 35.13 -18.73
N GLY G 206 -5.16 33.98 -18.68
CA GLY G 206 -5.86 32.68 -18.78
C GLY G 206 -6.10 32.23 -20.21
N ILE G 207 -5.73 33.03 -21.22
CA ILE G 207 -6.02 32.71 -22.65
C ILE G 207 -4.98 31.74 -23.21
N ASN G 208 -5.31 31.00 -24.29
CA ASN G 208 -4.28 30.15 -24.95
C ASN G 208 -3.59 30.98 -26.02
N ILE G 209 -2.25 30.94 -26.11
CA ILE G 209 -1.50 31.75 -27.06
C ILE G 209 -0.70 30.82 -27.96
N THR G 210 -0.87 30.98 -29.27
CA THR G 210 -0.19 30.12 -30.24
C THR G 210 0.48 30.95 -31.34
N ARG G 211 0.26 32.25 -31.38
CA ARG G 211 0.88 33.11 -32.38
C ARG G 211 1.14 34.48 -31.77
N PHE G 212 2.14 35.18 -32.30
CA PHE G 212 2.46 36.51 -31.83
C PHE G 212 3.05 37.33 -32.96
N GLN G 213 2.98 38.64 -32.82
CA GLN G 213 3.42 39.57 -33.86
C GLN G 213 3.77 40.90 -33.21
N THR G 214 4.81 41.54 -33.74
CA THR G 214 5.30 42.82 -33.24
C THR G 214 4.69 43.96 -34.03
N LEU G 215 4.74 45.16 -33.45
CA LEU G 215 4.19 46.36 -34.05
C LEU G 215 5.26 47.43 -34.14
N LEU G 216 4.98 48.45 -34.96
CA LEU G 216 5.91 49.55 -35.20
C LEU G 216 5.29 50.85 -34.67
N ALA G 217 5.96 51.96 -34.93
CA ALA G 217 5.49 53.27 -34.51
C ALA G 217 4.59 53.88 -35.58
N ALA G 238 15.15 44.68 -37.06
CA ALA G 238 15.85 44.80 -35.78
C ALA G 238 15.14 43.99 -34.69
N TYR G 239 14.88 42.73 -34.99
CA TYR G 239 14.20 41.83 -34.06
C TYR G 239 15.05 40.59 -33.85
N TYR G 240 15.14 40.16 -32.59
CA TYR G 240 15.84 38.92 -32.22
C TYR G 240 14.79 37.99 -31.62
N VAL G 241 14.51 36.89 -32.29
CA VAL G 241 13.47 35.96 -31.88
C VAL G 241 14.11 34.60 -31.63
N GLY G 242 13.89 34.06 -30.42
CA GLY G 242 14.36 32.74 -30.08
C GLY G 242 13.29 32.00 -29.30
N TYR G 243 13.37 30.67 -29.39
CA TYR G 243 12.34 29.79 -28.83
C TYR G 243 12.95 28.90 -27.77
N LEU G 244 12.18 28.65 -26.71
CA LEU G 244 12.66 27.93 -25.54
C LEU G 244 12.28 26.46 -25.61
N GLN G 245 13.06 25.64 -24.92
CA GLN G 245 12.86 24.20 -24.84
C GLN G 245 12.94 23.77 -23.38
N PRO G 246 12.28 22.66 -23.03
CA PRO G 246 12.35 22.18 -21.64
C PRO G 246 13.71 21.61 -21.29
N ARG G 247 14.66 22.48 -21.01
CA ARG G 247 16.04 22.11 -20.68
C ARG G 247 16.25 22.14 -19.18
N THR G 248 17.47 21.80 -18.77
CA THR G 248 17.88 21.87 -17.38
C THR G 248 19.16 22.69 -17.28
N PHE G 249 19.23 23.56 -16.27
CA PHE G 249 20.35 24.48 -16.10
C PHE G 249 20.97 24.30 -14.74
N LEU G 250 22.09 24.98 -14.52
CA LEU G 250 22.77 25.02 -13.22
C LEU G 250 23.24 26.46 -13.01
N LEU G 251 22.43 27.24 -12.32
CA LEU G 251 22.72 28.65 -12.13
C LEU G 251 23.71 28.85 -10.97
N LYS G 252 24.45 29.95 -11.03
CA LYS G 252 25.36 30.35 -9.96
C LYS G 252 24.82 31.63 -9.32
N TYR G 253 24.61 31.59 -8.01
CA TYR G 253 24.03 32.70 -7.28
C TYR G 253 25.12 33.43 -6.51
N ASN G 254 25.14 34.76 -6.63
CA ASN G 254 26.10 35.57 -5.90
C ASN G 254 25.69 35.69 -4.43
N GLU G 255 26.60 36.22 -3.62
CA GLU G 255 26.31 36.41 -2.21
C GLU G 255 25.19 37.42 -2.01
N ASN G 256 25.08 38.41 -2.90
CA ASN G 256 24.00 39.37 -2.82
C ASN G 256 22.67 38.81 -3.31
N GLY G 257 22.71 37.73 -4.08
CA GLY G 257 21.51 37.08 -4.54
C GLY G 257 21.21 37.19 -6.03
N THR G 258 22.20 37.49 -6.87
CA THR G 258 22.00 37.64 -8.29
C THR G 258 22.79 36.59 -9.06
N ILE G 259 22.26 36.19 -10.21
CA ILE G 259 22.89 35.15 -11.02
C ILE G 259 24.03 35.78 -11.82
N THR G 260 25.21 35.17 -11.76
CA THR G 260 26.38 35.64 -12.49
C THR G 260 26.77 34.73 -13.64
N ASP G 261 26.72 33.42 -13.44
CA ASP G 261 27.07 32.45 -14.46
C ASP G 261 26.08 31.30 -14.45
N ALA G 262 25.98 30.61 -15.59
CA ALA G 262 25.14 29.43 -15.71
C ALA G 262 25.73 28.52 -16.78
N VAL G 263 25.39 27.23 -16.69
CA VAL G 263 25.87 26.22 -17.62
C VAL G 263 24.68 25.39 -18.08
N ASP G 264 24.60 25.13 -19.39
CA ASP G 264 23.55 24.27 -19.91
C ASP G 264 23.99 22.81 -19.83
N CYS G 265 23.15 21.98 -19.21
CA CYS G 265 23.50 20.61 -18.90
C CYS G 265 23.30 19.66 -20.09
N ALA G 266 23.08 20.19 -21.30
CA ALA G 266 22.90 19.33 -22.46
C ALA G 266 23.63 19.86 -23.69
N LEU G 267 24.74 20.58 -23.50
CA LEU G 267 25.45 21.13 -24.64
C LEU G 267 26.64 20.26 -25.04
N ASP G 268 27.56 20.03 -24.11
CA ASP G 268 28.75 19.24 -24.37
C ASP G 268 29.02 18.37 -23.14
N PRO G 269 29.79 17.29 -23.30
CA PRO G 269 30.01 16.38 -22.16
C PRO G 269 30.64 17.04 -20.95
N LEU G 270 31.46 18.07 -21.15
CA LEU G 270 32.05 18.79 -20.02
C LEU G 270 30.96 19.44 -19.17
N SER G 271 29.95 20.02 -19.80
CA SER G 271 28.84 20.61 -19.05
C SER G 271 28.06 19.55 -18.30
N GLU G 272 27.86 18.38 -18.89
CA GLU G 272 27.20 17.29 -18.20
C GLU G 272 28.00 16.86 -16.97
N THR G 273 29.33 16.79 -17.11
CA THR G 273 30.17 16.46 -15.96
C THR G 273 30.05 17.52 -14.88
N LYS G 274 30.03 18.80 -15.28
CA LYS G 274 29.88 19.88 -14.29
C LYS G 274 28.55 19.77 -13.56
N CYS G 275 27.46 19.49 -14.29
CA CYS G 275 26.16 19.37 -13.66
C CYS G 275 26.09 18.16 -12.74
N THR G 276 26.71 17.04 -13.14
CA THR G 276 26.76 15.87 -12.26
C THR G 276 27.52 16.16 -10.99
N LEU G 277 28.66 16.86 -11.10
CA LEU G 277 29.45 17.21 -9.93
C LEU G 277 28.93 18.42 -9.18
N LYS G 278 27.95 19.13 -9.76
CA LYS G 278 27.38 20.34 -9.14
C LYS G 278 28.47 21.36 -8.81
N SER G 279 29.39 21.56 -9.76
CA SER G 279 30.47 22.52 -9.57
C SER G 279 30.87 23.07 -10.94
N PHE G 280 31.52 24.23 -10.92
CA PHE G 280 32.00 24.85 -12.15
C PHE G 280 33.43 24.50 -12.48
N THR G 281 34.19 23.99 -11.52
CA THR G 281 35.57 23.55 -11.73
C THR G 281 35.63 22.04 -11.52
N VAL G 282 36.14 21.32 -12.52
CA VAL G 282 36.25 19.87 -12.47
C VAL G 282 37.74 19.51 -12.35
N GLU G 283 38.04 18.59 -11.45
CA GLU G 283 39.41 18.14 -11.27
C GLU G 283 39.76 17.04 -12.27
N LYS G 284 41.04 16.67 -12.30
CA LYS G 284 41.49 15.61 -13.17
C LYS G 284 40.87 14.27 -12.75
N GLY G 285 40.37 13.52 -13.73
CA GLY G 285 39.80 12.22 -13.44
C GLY G 285 38.81 11.82 -14.51
N ILE G 286 38.16 10.70 -14.26
CA ILE G 286 37.13 10.15 -15.14
C ILE G 286 35.82 10.16 -14.35
N TYR G 287 34.77 10.72 -14.94
CA TYR G 287 33.50 10.89 -14.28
C TYR G 287 32.37 10.29 -15.12
N GLN G 288 31.46 9.60 -14.46
CA GLN G 288 30.27 9.07 -15.11
C GLN G 288 29.18 10.13 -15.11
N THR G 289 28.61 10.40 -16.29
CA THR G 289 27.65 11.48 -16.45
C THR G 289 26.24 10.96 -16.70
N SER G 290 26.05 10.13 -17.71
CA SER G 290 24.72 9.67 -18.09
C SER G 290 24.82 8.22 -18.56
N ASN G 291 23.77 7.73 -19.21
CA ASN G 291 23.71 6.37 -19.72
C ASN G 291 23.39 6.40 -21.20
N PHE G 292 23.87 5.38 -21.91
CA PHE G 292 23.69 5.24 -23.34
C PHE G 292 22.81 4.04 -23.64
N ARG G 293 21.91 4.19 -24.62
CA ARG G 293 20.98 3.12 -24.96
C ARG G 293 20.57 3.29 -26.42
N VAL G 294 20.65 2.22 -27.19
CA VAL G 294 20.24 2.24 -28.58
C VAL G 294 18.73 2.08 -28.65
N GLN G 295 18.04 3.06 -29.23
CA GLN G 295 16.60 3.01 -29.31
C GLN G 295 16.15 2.13 -30.46
N PRO G 296 14.97 1.51 -30.35
CA PRO G 296 14.45 0.70 -31.46
C PRO G 296 14.21 1.53 -32.70
N THR G 297 14.38 0.90 -33.86
CA THR G 297 14.19 1.57 -35.15
C THR G 297 12.92 1.12 -35.87
N GLU G 298 12.27 0.05 -35.41
CA GLU G 298 11.08 -0.46 -36.07
C GLU G 298 10.31 -1.33 -35.08
N SER G 299 9.04 -1.58 -35.42
CA SER G 299 8.20 -2.49 -34.65
C SER G 299 7.56 -3.50 -35.60
N ILE G 300 7.70 -4.78 -35.29
CA ILE G 300 7.17 -5.85 -36.13
C ILE G 300 6.32 -6.78 -35.30
N VAL G 301 5.33 -7.39 -35.94
CA VAL G 301 4.45 -8.38 -35.33
C VAL G 301 4.35 -9.56 -36.27
N ARG G 302 4.59 -10.76 -35.74
CA ARG G 302 4.58 -11.99 -36.54
C ARG G 302 3.57 -12.97 -35.96
N PHE G 303 2.71 -13.50 -36.82
CA PHE G 303 1.68 -14.46 -36.46
C PHE G 303 1.65 -15.54 -37.52
N PRO G 304 1.16 -16.73 -37.18
CA PRO G 304 1.19 -17.84 -38.14
C PRO G 304 0.25 -17.59 -39.32
N ASN G 305 0.47 -18.38 -40.37
CA ASN G 305 -0.31 -18.14 -41.62
C ASN G 305 -1.79 -18.15 -41.26
N ILE G 306 -2.60 -17.42 -42.01
CA ILE G 306 -4.08 -17.43 -41.77
C ILE G 306 -4.68 -18.57 -42.59
N THR G 307 -5.42 -19.47 -41.94
CA THR G 307 -6.05 -20.63 -42.62
C THR G 307 -7.25 -21.08 -41.80
N ASN G 308 -8.06 -22.02 -42.32
CA ASN G 308 -9.29 -22.43 -41.59
C ASN G 308 -10.18 -21.20 -41.40
N LEU G 309 -10.30 -20.37 -42.45
CA LEU G 309 -11.21 -19.20 -42.38
C LEU G 309 -12.65 -19.72 -42.23
N CYS G 310 -13.45 -19.09 -41.39
CA CYS G 310 -14.83 -19.58 -41.13
C CYS G 310 -15.63 -19.67 -42.43
N PRO G 311 -16.70 -20.48 -42.49
CA PRO G 311 -17.55 -20.60 -43.68
C PRO G 311 -18.60 -19.49 -43.80
N PHE G 312 -18.19 -18.25 -43.56
CA PHE G 312 -19.09 -17.12 -43.80
C PHE G 312 -19.40 -16.98 -45.28
N ASP G 313 -18.49 -17.43 -46.14
CA ASP G 313 -18.76 -17.39 -47.58
C ASP G 313 -19.92 -18.31 -47.94
N GLU G 314 -19.99 -19.49 -47.34
CA GLU G 314 -21.05 -20.44 -47.67
C GLU G 314 -22.40 -19.96 -47.17
N VAL G 315 -22.45 -19.36 -45.97
CA VAL G 315 -23.72 -18.93 -45.40
C VAL G 315 -24.35 -17.82 -46.25
N PHE G 316 -23.55 -16.85 -46.68
CA PHE G 316 -24.11 -15.68 -47.33
C PHE G 316 -24.51 -15.96 -48.78
N ASN G 317 -23.77 -16.81 -49.48
CA ASN G 317 -24.04 -17.07 -50.89
C ASN G 317 -24.75 -18.41 -51.04
N ALA G 318 -25.77 -18.65 -50.22
CA ALA G 318 -26.62 -19.81 -50.46
C ALA G 318 -27.52 -19.54 -51.67
N THR G 319 -27.59 -20.52 -52.57
CA THR G 319 -28.43 -20.37 -53.75
C THR G 319 -29.90 -20.27 -53.37
N ARG G 320 -30.34 -21.08 -52.41
CA ARG G 320 -31.72 -21.06 -51.93
C ARG G 320 -31.72 -21.05 -50.41
N PHE G 321 -32.33 -20.02 -49.83
CA PHE G 321 -32.56 -19.95 -48.40
C PHE G 321 -33.86 -20.67 -48.05
N ALA G 322 -34.24 -20.63 -46.77
CA ALA G 322 -35.46 -21.26 -46.29
C ALA G 322 -36.44 -20.19 -45.84
N SER G 323 -37.67 -20.63 -45.61
CA SER G 323 -38.68 -19.73 -45.09
C SER G 323 -38.37 -19.36 -43.64
N VAL G 324 -39.00 -18.29 -43.16
CA VAL G 324 -38.69 -17.79 -41.82
C VAL G 324 -39.13 -18.78 -40.76
N TYR G 325 -40.24 -19.50 -40.99
CA TYR G 325 -40.79 -20.37 -39.95
C TYR G 325 -39.84 -21.52 -39.63
N ALA G 326 -39.10 -21.99 -40.63
CA ALA G 326 -38.07 -23.01 -40.44
C ALA G 326 -36.75 -22.40 -40.88
N TRP G 327 -36.09 -21.71 -39.95
CA TRP G 327 -34.88 -20.97 -40.27
C TRP G 327 -33.64 -21.81 -39.97
N ASN G 328 -32.66 -21.73 -40.87
CA ASN G 328 -31.42 -22.47 -40.70
C ASN G 328 -30.61 -21.90 -39.54
N ARG G 329 -29.63 -22.67 -39.11
CA ARG G 329 -28.75 -22.26 -38.02
C ARG G 329 -27.42 -22.93 -38.24
N LYS G 330 -26.33 -22.19 -38.03
CA LYS G 330 -24.99 -22.75 -38.20
C LYS G 330 -24.13 -22.31 -37.04
N ARG G 331 -23.61 -23.27 -36.29
CA ARG G 331 -22.75 -23.00 -35.15
C ARG G 331 -21.31 -22.85 -35.65
N ILE G 332 -20.95 -21.62 -36.02
CA ILE G 332 -19.60 -21.35 -36.46
C ILE G 332 -18.68 -21.36 -35.25
N SER G 333 -17.79 -22.34 -35.18
CA SER G 333 -16.87 -22.45 -34.06
C SER G 333 -15.53 -22.94 -34.56
N ASN G 334 -14.46 -22.52 -33.86
CA ASN G 334 -13.10 -22.96 -34.12
C ASN G 334 -12.68 -22.59 -35.55
N CYS G 335 -12.67 -21.28 -35.82
CA CYS G 335 -12.14 -20.79 -37.08
C CYS G 335 -11.90 -19.29 -36.96
N VAL G 336 -11.06 -18.77 -37.86
CA VAL G 336 -10.82 -17.33 -37.94
C VAL G 336 -11.97 -16.70 -38.70
N ALA G 337 -12.51 -15.61 -38.16
CA ALA G 337 -13.74 -15.05 -38.69
C ALA G 337 -13.50 -14.23 -39.94
N ASP G 338 -12.71 -13.16 -39.84
CA ASP G 338 -12.45 -12.23 -40.93
C ASP G 338 -13.77 -11.66 -41.47
N TYR G 339 -14.41 -10.86 -40.60
CA TYR G 339 -15.70 -10.26 -40.90
C TYR G 339 -15.64 -9.26 -42.05
N SER G 340 -14.45 -8.82 -42.46
CA SER G 340 -14.36 -7.82 -43.51
C SER G 340 -14.81 -8.32 -44.87
N VAL G 341 -14.97 -9.63 -45.05
CA VAL G 341 -15.36 -10.17 -46.33
C VAL G 341 -16.80 -9.81 -46.68
N LEU G 342 -17.62 -9.46 -45.69
CA LEU G 342 -19.02 -9.14 -45.96
C LEU G 342 -19.17 -7.90 -46.83
N TYR G 343 -18.49 -6.80 -46.45
CA TYR G 343 -18.66 -5.54 -47.17
C TYR G 343 -18.18 -5.65 -48.61
N ASN G 344 -17.05 -6.32 -48.82
CA ASN G 344 -16.39 -6.27 -50.12
C ASN G 344 -17.25 -6.90 -51.21
N PHE G 345 -17.94 -7.99 -50.88
CA PHE G 345 -18.67 -8.75 -51.89
C PHE G 345 -20.16 -8.41 -51.96
N ALA G 346 -20.86 -8.38 -50.84
CA ALA G 346 -22.31 -8.20 -50.87
C ALA G 346 -22.66 -6.79 -50.42
N PRO G 347 -23.27 -5.96 -51.28
CA PRO G 347 -23.83 -4.69 -50.80
C PRO G 347 -24.98 -4.95 -49.84
N PHE G 348 -25.16 -4.04 -48.88
CA PHE G 348 -26.08 -4.24 -47.78
C PHE G 348 -27.20 -3.21 -47.79
N PHE G 349 -28.33 -3.59 -47.20
CA PHE G 349 -29.48 -2.70 -47.04
C PHE G 349 -29.63 -2.21 -45.61
N ALA G 350 -29.57 -3.12 -44.63
CA ALA G 350 -29.70 -2.76 -43.22
C ALA G 350 -28.65 -3.56 -42.43
N PHE G 351 -27.47 -2.99 -42.28
CA PHE G 351 -26.37 -3.61 -41.55
C PHE G 351 -26.34 -3.00 -40.15
N LYS G 352 -26.84 -3.74 -39.17
CA LYS G 352 -26.99 -3.25 -37.81
C LYS G 352 -26.42 -4.25 -36.83
N CYS G 353 -25.88 -3.76 -35.72
CA CYS G 353 -25.30 -4.59 -34.68
C CYS G 353 -25.74 -4.10 -33.32
N TYR G 354 -25.95 -5.03 -32.40
CA TYR G 354 -26.38 -4.75 -31.04
C TYR G 354 -25.40 -5.38 -30.06
N GLY G 355 -24.80 -4.55 -29.22
CA GLY G 355 -23.83 -5.02 -28.25
C GLY G 355 -22.42 -5.17 -28.77
N VAL G 356 -22.21 -5.06 -30.08
CA VAL G 356 -20.89 -5.18 -30.69
C VAL G 356 -20.76 -4.08 -31.75
N SER G 357 -19.52 -3.87 -32.20
CA SER G 357 -19.24 -2.85 -33.18
C SER G 357 -18.74 -3.48 -34.48
N PRO G 358 -19.03 -2.87 -35.62
CA PRO G 358 -18.62 -3.47 -36.90
C PRO G 358 -17.11 -3.48 -37.10
N THR G 359 -16.47 -2.31 -36.93
CA THR G 359 -15.04 -2.22 -37.13
C THR G 359 -14.27 -3.03 -36.09
N LYS G 360 -14.71 -2.98 -34.83
CA LYS G 360 -14.04 -3.67 -33.74
C LYS G 360 -14.49 -5.11 -33.60
N LEU G 361 -15.14 -5.67 -34.62
CA LEU G 361 -15.58 -7.06 -34.55
C LEU G 361 -14.42 -8.04 -34.75
N ASN G 362 -13.45 -7.70 -35.60
CA ASN G 362 -12.37 -8.62 -35.89
C ASN G 362 -11.49 -8.86 -34.67
N ASP G 363 -11.17 -7.81 -33.92
CA ASP G 363 -10.26 -7.93 -32.77
C ASP G 363 -11.02 -8.26 -31.49
N LEU G 364 -11.84 -9.30 -31.54
CA LEU G 364 -12.56 -9.79 -30.39
C LEU G 364 -12.65 -11.31 -30.47
N CYS G 365 -12.85 -11.94 -29.31
CA CYS G 365 -12.88 -13.38 -29.20
C CYS G 365 -14.23 -13.82 -28.68
N PHE G 366 -14.82 -14.82 -29.32
CA PHE G 366 -16.10 -15.40 -28.91
C PHE G 366 -15.98 -16.90 -28.97
N THR G 367 -16.78 -17.58 -28.15
CA THR G 367 -16.77 -19.04 -28.15
C THR G 367 -17.72 -19.63 -29.18
N ASN G 368 -18.80 -18.92 -29.51
CA ASN G 368 -19.78 -19.39 -30.49
C ASN G 368 -20.35 -18.20 -31.23
N VAL G 369 -20.27 -18.23 -32.55
CA VAL G 369 -20.87 -17.22 -33.41
C VAL G 369 -21.88 -17.94 -34.28
N TYR G 370 -23.16 -17.83 -33.95
CA TYR G 370 -24.17 -18.53 -34.72
C TYR G 370 -24.48 -17.76 -36.00
N ALA G 371 -25.40 -18.32 -36.79
CA ALA G 371 -25.77 -17.71 -38.07
C ALA G 371 -27.14 -18.23 -38.46
N ASP G 372 -28.15 -17.36 -38.44
CA ASP G 372 -29.51 -17.71 -38.76
C ASP G 372 -29.93 -16.97 -40.02
N SER G 373 -30.43 -17.71 -41.01
CA SER G 373 -30.72 -17.16 -42.32
C SER G 373 -32.15 -17.46 -42.75
N PHE G 374 -32.79 -16.46 -43.37
CA PHE G 374 -34.15 -16.60 -43.87
C PHE G 374 -34.42 -15.49 -44.87
N VAL G 375 -35.62 -15.51 -45.44
CA VAL G 375 -36.06 -14.52 -46.42
C VAL G 375 -37.35 -13.87 -45.93
N ILE G 376 -37.34 -12.54 -45.85
CA ILE G 376 -38.43 -11.76 -45.30
C ILE G 376 -38.77 -10.64 -46.29
N ARG G 377 -40.03 -10.22 -46.26
CA ARG G 377 -40.43 -9.03 -47.00
C ARG G 377 -39.58 -7.83 -46.59
N GLY G 378 -39.49 -6.86 -47.49
CA GLY G 378 -38.68 -5.69 -47.22
C GLY G 378 -39.19 -4.87 -46.05
N ASN G 379 -40.50 -4.61 -46.05
CA ASN G 379 -41.10 -3.79 -45.01
C ASN G 379 -41.18 -4.51 -43.66
N GLU G 380 -40.90 -5.81 -43.63
CA GLU G 380 -40.93 -6.59 -42.40
C GLU G 380 -39.53 -6.94 -41.88
N VAL G 381 -38.48 -6.41 -42.51
CA VAL G 381 -37.13 -6.63 -42.02
C VAL G 381 -36.96 -5.99 -40.65
N SER G 382 -37.61 -4.84 -40.44
CA SER G 382 -37.47 -4.08 -39.21
C SER G 382 -38.01 -4.82 -37.98
N GLN G 383 -38.77 -5.90 -38.17
CA GLN G 383 -39.25 -6.67 -37.03
C GLN G 383 -38.15 -7.55 -36.44
N ILE G 384 -37.03 -7.72 -37.12
CA ILE G 384 -35.90 -8.46 -36.60
C ILE G 384 -35.06 -7.46 -35.81
N ALA G 385 -35.30 -7.36 -34.52
CA ALA G 385 -34.64 -6.43 -33.61
C ALA G 385 -35.02 -6.83 -32.20
N PRO G 386 -34.32 -6.35 -31.17
CA PRO G 386 -34.70 -6.73 -29.80
C PRO G 386 -36.13 -6.33 -29.48
N GLY G 387 -36.82 -7.20 -28.76
CA GLY G 387 -38.22 -6.94 -28.46
C GLY G 387 -39.08 -7.04 -29.70
N GLN G 388 -39.84 -5.97 -29.96
CA GLN G 388 -40.68 -5.82 -31.15
C GLN G 388 -41.85 -6.80 -31.17
N THR G 389 -42.93 -6.43 -31.86
CA THR G 389 -44.10 -7.27 -32.00
C THR G 389 -44.58 -7.21 -33.45
N GLY G 390 -45.03 -8.35 -33.95
CA GLY G 390 -45.49 -8.41 -35.32
C GLY G 390 -45.75 -9.84 -35.74
N ASN G 391 -46.11 -10.00 -37.02
CA ASN G 391 -46.38 -11.33 -37.55
C ASN G 391 -45.13 -12.20 -37.54
N ILE G 392 -43.98 -11.64 -37.91
CA ILE G 392 -42.74 -12.41 -38.01
C ILE G 392 -42.05 -12.53 -36.65
N ALA G 393 -41.89 -11.41 -35.94
CA ALA G 393 -41.14 -11.43 -34.69
C ALA G 393 -41.82 -12.30 -33.64
N ASP G 394 -43.14 -12.16 -33.49
CA ASP G 394 -43.83 -12.82 -32.40
C ASP G 394 -44.05 -14.31 -32.67
N TYR G 395 -44.31 -14.68 -33.93
CA TYR G 395 -44.77 -16.02 -34.24
C TYR G 395 -43.81 -16.87 -35.05
N ASN G 396 -42.74 -16.29 -35.59
CA ASN G 396 -41.77 -17.06 -36.39
C ASN G 396 -40.38 -17.08 -35.77
N TYR G 397 -39.81 -15.92 -35.46
CA TYR G 397 -38.43 -15.86 -34.98
C TYR G 397 -38.31 -14.63 -34.09
N LYS G 398 -38.11 -14.83 -32.80
CA LYS G 398 -38.09 -13.75 -31.82
C LYS G 398 -36.67 -13.61 -31.27
N LEU G 399 -36.11 -12.41 -31.44
CA LEU G 399 -34.79 -12.14 -30.88
C LEU G 399 -34.90 -11.78 -29.41
N PRO G 400 -33.86 -12.05 -28.63
CA PRO G 400 -33.90 -11.71 -27.20
C PRO G 400 -33.67 -10.23 -26.97
N ASP G 401 -33.98 -9.81 -25.74
CA ASP G 401 -33.80 -8.40 -25.37
C ASP G 401 -32.33 -8.04 -25.27
N ASP G 402 -31.59 -8.73 -24.40
CA ASP G 402 -30.15 -8.49 -24.22
C ASP G 402 -29.42 -9.26 -25.32
N PHE G 403 -29.45 -8.71 -26.52
CA PHE G 403 -28.96 -9.40 -27.71
C PHE G 403 -27.58 -8.85 -28.08
N THR G 404 -26.61 -9.74 -28.20
CA THR G 404 -25.25 -9.41 -28.61
C THR G 404 -25.01 -10.07 -29.96
N GLY G 405 -25.08 -9.29 -31.03
CA GLY G 405 -24.93 -9.85 -32.36
C GLY G 405 -25.14 -8.79 -33.41
N CYS G 406 -25.18 -9.25 -34.66
CA CYS G 406 -25.34 -8.38 -35.81
C CYS G 406 -26.44 -8.91 -36.71
N VAL G 407 -27.17 -7.99 -37.34
CA VAL G 407 -28.25 -8.33 -38.27
C VAL G 407 -27.89 -7.75 -39.62
N ILE G 408 -27.92 -8.60 -40.66
CA ILE G 408 -27.53 -8.21 -42.01
C ILE G 408 -28.71 -8.47 -42.93
N ALA G 409 -29.12 -7.43 -43.67
CA ALA G 409 -30.20 -7.55 -44.64
C ALA G 409 -29.77 -6.92 -45.95
N TRP G 410 -29.99 -7.62 -47.05
CA TRP G 410 -29.68 -7.09 -48.37
C TRP G 410 -30.71 -7.58 -49.37
N ASN G 411 -31.02 -6.71 -50.33
CA ASN G 411 -32.08 -6.99 -51.28
C ASN G 411 -31.73 -8.17 -52.17
N SER G 412 -32.76 -8.90 -52.58
CA SER G 412 -32.58 -10.05 -53.45
C SER G 412 -33.65 -10.11 -54.52
N ASN G 413 -34.20 -8.96 -54.90
CA ASN G 413 -35.21 -8.95 -55.95
C ASN G 413 -34.65 -9.37 -57.30
N LYS G 414 -33.33 -9.23 -57.49
CA LYS G 414 -32.72 -9.63 -58.75
C LYS G 414 -32.77 -11.14 -58.93
N LEU G 415 -32.56 -11.90 -57.86
CA LEU G 415 -32.42 -13.35 -57.95
C LEU G 415 -33.52 -14.12 -57.26
N ASP G 416 -33.89 -13.73 -56.04
CA ASP G 416 -34.86 -14.52 -55.28
C ASP G 416 -36.26 -14.40 -55.86
N SER G 417 -36.60 -13.25 -56.45
CA SER G 417 -37.90 -13.12 -57.09
C SER G 417 -38.00 -14.05 -58.28
N LYS G 418 -39.18 -14.64 -58.46
CA LYS G 418 -39.38 -15.62 -59.51
C LYS G 418 -40.12 -15.00 -60.69
N VAL G 419 -40.35 -15.81 -61.72
CA VAL G 419 -40.90 -15.29 -62.97
C VAL G 419 -42.33 -14.82 -62.77
N GLY G 420 -43.17 -15.65 -62.17
CA GLY G 420 -44.57 -15.29 -61.97
C GLY G 420 -45.14 -15.77 -60.65
N GLY G 421 -44.30 -16.33 -59.79
CA GLY G 421 -44.76 -16.80 -58.50
C GLY G 421 -43.67 -17.48 -57.68
N ASN G 422 -43.61 -17.15 -56.40
CA ASN G 422 -42.63 -17.71 -55.47
C ASN G 422 -43.34 -18.22 -54.23
N TYR G 423 -44.38 -19.02 -54.44
CA TYR G 423 -45.19 -19.56 -53.34
C TYR G 423 -44.41 -20.51 -52.44
N ASN G 424 -43.13 -20.75 -52.71
CA ASN G 424 -42.35 -21.65 -51.87
C ASN G 424 -42.19 -21.08 -50.46
N TYR G 425 -41.98 -19.78 -50.34
CA TYR G 425 -41.69 -19.18 -49.05
C TYR G 425 -42.98 -18.93 -48.28
N ARG G 426 -42.97 -19.27 -46.99
CA ARG G 426 -44.16 -19.18 -46.16
C ARG G 426 -43.79 -18.60 -44.80
N TYR G 427 -44.80 -18.08 -44.10
CA TYR G 427 -44.61 -17.62 -42.74
C TYR G 427 -45.82 -18.06 -41.92
N ARG G 428 -45.63 -18.14 -40.61
CA ARG G 428 -46.64 -18.68 -39.71
C ARG G 428 -47.59 -17.57 -39.31
N LEU G 429 -48.76 -17.54 -39.93
CA LEU G 429 -49.74 -16.51 -39.64
C LEU G 429 -50.45 -16.76 -38.31
N PHE G 430 -50.73 -18.02 -38.00
CA PHE G 430 -51.56 -18.38 -36.86
C PHE G 430 -50.75 -19.19 -35.85
N ARG G 431 -50.78 -18.74 -34.60
CA ARG G 431 -50.15 -19.46 -33.50
C ARG G 431 -50.87 -19.07 -32.23
N LYS G 432 -50.91 -20.01 -31.28
CA LYS G 432 -51.62 -19.78 -30.02
C LYS G 432 -50.94 -18.73 -29.15
N SER G 433 -49.61 -18.67 -29.14
CA SER G 433 -48.92 -17.77 -28.24
C SER G 433 -47.55 -17.43 -28.82
N ASN G 434 -46.94 -16.39 -28.27
CA ASN G 434 -45.66 -15.90 -28.75
C ASN G 434 -44.56 -16.93 -28.50
N LEU G 435 -43.44 -16.73 -29.19
CA LEU G 435 -42.28 -17.62 -29.08
C LEU G 435 -41.31 -17.10 -28.03
N LYS G 436 -40.76 -18.04 -27.26
CA LYS G 436 -39.61 -17.72 -26.43
C LYS G 436 -38.43 -17.36 -27.32
N PRO G 437 -37.53 -16.49 -26.86
CA PRO G 437 -36.46 -16.01 -27.74
C PRO G 437 -35.65 -17.16 -28.31
N PHE G 438 -35.34 -17.06 -29.61
CA PHE G 438 -34.54 -18.05 -30.32
C PHE G 438 -35.23 -19.42 -30.28
N GLU G 439 -36.40 -19.49 -30.90
CA GLU G 439 -37.17 -20.73 -30.94
C GLU G 439 -37.58 -21.01 -32.38
N ARG G 440 -38.17 -22.18 -32.60
CA ARG G 440 -38.56 -22.59 -33.93
C ARG G 440 -39.72 -23.57 -33.85
N ASP G 441 -40.66 -23.44 -34.78
CA ASP G 441 -41.81 -24.34 -34.89
C ASP G 441 -42.02 -24.67 -36.36
N ILE G 442 -42.04 -25.96 -36.68
CA ILE G 442 -42.23 -26.42 -38.05
C ILE G 442 -43.50 -27.26 -38.19
N SER G 443 -44.41 -27.13 -37.23
CA SER G 443 -45.65 -27.90 -37.29
C SER G 443 -46.58 -27.36 -38.37
N THR G 444 -47.17 -28.26 -39.15
CA THR G 444 -48.13 -27.92 -40.18
C THR G 444 -49.54 -28.35 -39.81
N GLU G 445 -49.81 -28.55 -38.53
CA GLU G 445 -51.13 -28.97 -38.09
C GLU G 445 -52.15 -27.86 -38.33
N ILE G 446 -53.40 -28.26 -38.55
CA ILE G 446 -54.46 -27.30 -38.83
C ILE G 446 -54.84 -26.57 -37.55
N TYR G 447 -54.89 -25.24 -37.62
CA TYR G 447 -55.22 -24.40 -36.48
C TYR G 447 -56.70 -24.54 -36.13
N GLN G 448 -57.02 -24.24 -34.88
CA GLN G 448 -58.38 -24.32 -34.37
C GLN G 448 -58.86 -22.93 -33.97
N ALA G 449 -60.02 -22.55 -34.50
CA ALA G 449 -60.66 -21.29 -34.16
C ALA G 449 -62.09 -21.58 -33.73
N GLY G 450 -62.38 -21.35 -32.46
CA GLY G 450 -63.69 -21.64 -31.91
C GLY G 450 -63.66 -22.87 -31.01
N ASN G 451 -64.63 -22.91 -30.09
CA ASN G 451 -64.71 -24.02 -29.15
C ASN G 451 -65.10 -25.33 -29.81
N LYS G 452 -65.67 -25.28 -31.00
CA LYS G 452 -66.03 -26.51 -31.70
C LYS G 452 -64.77 -27.30 -32.05
N PRO G 453 -64.79 -28.63 -31.90
CA PRO G 453 -63.61 -29.42 -32.25
C PRO G 453 -63.22 -29.24 -33.71
N CYS G 454 -61.92 -29.22 -33.96
CA CYS G 454 -61.38 -28.96 -35.28
C CYS G 454 -60.95 -30.27 -35.92
N ASN G 455 -61.49 -30.55 -37.11
CA ASN G 455 -61.15 -31.77 -37.83
C ASN G 455 -59.91 -31.54 -38.69
N GLY G 456 -59.50 -32.58 -39.43
CA GLY G 456 -58.33 -32.46 -40.27
C GLY G 456 -58.52 -31.49 -41.42
N VAL G 457 -59.69 -31.52 -42.06
CA VAL G 457 -59.96 -30.63 -43.18
C VAL G 457 -60.07 -29.20 -42.67
N ALA G 458 -59.44 -28.26 -43.38
CA ALA G 458 -59.46 -26.87 -42.98
C ALA G 458 -60.88 -26.31 -42.98
N GLY G 459 -61.49 -26.23 -44.17
CA GLY G 459 -62.88 -25.80 -44.25
C GLY G 459 -63.10 -24.43 -43.64
N VAL G 460 -64.08 -24.36 -42.74
CA VAL G 460 -64.45 -23.13 -42.06
C VAL G 460 -64.09 -23.27 -40.58
N ASN G 461 -63.53 -22.19 -40.02
CA ASN G 461 -63.08 -22.07 -38.64
C ASN G 461 -61.86 -22.90 -38.33
N CYS G 462 -61.29 -23.59 -39.32
CA CYS G 462 -59.98 -24.23 -39.20
C CYS G 462 -59.14 -23.83 -40.40
N TYR G 463 -57.93 -23.34 -40.14
CA TYR G 463 -57.09 -22.76 -41.17
C TYR G 463 -55.74 -23.47 -41.22
N PHE G 464 -55.20 -23.60 -42.41
CA PHE G 464 -53.80 -23.96 -42.58
C PHE G 464 -52.97 -22.77 -42.13
N PRO G 465 -52.09 -22.92 -41.14
CA PRO G 465 -51.42 -21.73 -40.58
C PRO G 465 -50.55 -21.00 -41.59
N LEU G 466 -49.68 -21.72 -42.29
CA LEU G 466 -48.70 -21.07 -43.14
C LEU G 466 -49.38 -20.37 -44.30
N GLN G 467 -48.89 -19.17 -44.63
CA GLN G 467 -49.39 -18.38 -45.74
C GLN G 467 -48.23 -18.04 -46.66
N SER G 468 -48.50 -18.04 -47.96
CA SER G 468 -47.46 -17.96 -48.96
C SER G 468 -47.21 -16.52 -49.38
N TYR G 469 -45.93 -16.13 -49.42
CA TYR G 469 -45.53 -14.88 -50.04
C TYR G 469 -45.89 -14.88 -51.52
N GLY G 470 -46.11 -13.69 -52.04
CA GLY G 470 -46.22 -13.52 -53.47
C GLY G 470 -45.07 -12.65 -53.97
N PHE G 471 -44.16 -13.23 -54.75
CA PHE G 471 -43.00 -12.53 -55.24
C PHE G 471 -43.06 -12.46 -56.77
N ARG G 472 -43.03 -11.25 -57.30
CA ARG G 472 -42.95 -11.01 -58.72
C ARG G 472 -42.06 -9.79 -58.96
N PRO G 473 -41.34 -9.74 -60.07
CA PRO G 473 -40.37 -8.66 -60.28
C PRO G 473 -40.99 -7.27 -60.35
N THR G 474 -42.27 -7.16 -60.65
CA THR G 474 -42.92 -5.87 -60.78
C THR G 474 -43.41 -5.30 -59.46
N TYR G 475 -43.23 -6.02 -58.35
CA TYR G 475 -43.75 -5.57 -57.07
C TYR G 475 -42.89 -4.43 -56.52
N GLY G 476 -43.50 -3.62 -55.66
CA GLY G 476 -42.83 -2.46 -55.11
C GLY G 476 -41.74 -2.84 -54.14
N VAL G 477 -40.93 -1.84 -53.79
CA VAL G 477 -39.76 -2.08 -52.93
C VAL G 477 -40.19 -2.57 -51.56
N GLY G 478 -41.41 -2.22 -51.13
CA GLY G 478 -41.89 -2.71 -49.85
C GLY G 478 -42.09 -4.20 -49.82
N HIS G 479 -42.66 -4.75 -50.88
CA HIS G 479 -43.01 -6.16 -50.96
C HIS G 479 -41.94 -7.00 -51.65
N GLN G 480 -40.78 -6.43 -51.93
CA GLN G 480 -39.71 -7.14 -52.61
C GLN G 480 -38.99 -8.09 -51.65
N PRO G 481 -38.46 -9.20 -52.16
CA PRO G 481 -37.80 -10.17 -51.28
C PRO G 481 -36.51 -9.61 -50.70
N TYR G 482 -36.22 -10.06 -49.48
CA TYR G 482 -35.00 -9.68 -48.78
C TYR G 482 -34.37 -10.91 -48.16
N ARG G 483 -33.05 -10.85 -47.96
CA ARG G 483 -32.30 -11.91 -47.32
C ARG G 483 -31.68 -11.38 -46.03
N VAL G 484 -31.97 -12.05 -44.92
CA VAL G 484 -31.53 -11.62 -43.60
C VAL G 484 -30.74 -12.75 -42.96
N VAL G 485 -29.54 -12.42 -42.47
CA VAL G 485 -28.70 -13.36 -41.74
C VAL G 485 -28.38 -12.72 -40.39
N VAL G 486 -28.68 -13.42 -39.31
CA VAL G 486 -28.41 -12.93 -37.97
C VAL G 486 -27.28 -13.75 -37.38
N LEU G 487 -26.20 -13.07 -37.00
CA LEU G 487 -25.03 -13.74 -36.42
C LEU G 487 -25.04 -13.48 -34.92
N SER G 488 -25.59 -14.42 -34.17
CA SER G 488 -25.59 -14.34 -32.72
C SER G 488 -24.19 -14.58 -32.19
N PHE G 489 -23.88 -13.94 -31.07
CA PHE G 489 -22.56 -14.04 -30.46
C PHE G 489 -22.68 -14.64 -29.07
N GLU G 490 -21.62 -15.30 -28.62
CA GLU G 490 -21.64 -15.98 -27.34
C GLU G 490 -20.22 -16.14 -26.78
N THR G 497 -11.84 -19.06 -29.09
CA THR G 497 -11.54 -19.85 -30.28
C THR G 497 -11.85 -19.09 -31.57
N VAL G 498 -13.02 -18.46 -31.61
CA VAL G 498 -13.40 -17.65 -32.82
C VAL G 498 -12.83 -16.24 -32.63
N CYS G 499 -11.66 -15.96 -33.23
CA CYS G 499 -11.01 -14.63 -33.08
C CYS G 499 -10.55 -14.13 -34.45
N GLY G 500 -10.50 -12.81 -34.66
CA GLY G 500 -10.18 -12.23 -35.97
C GLY G 500 -8.76 -12.45 -36.43
N PRO G 501 -8.49 -12.54 -37.75
CA PRO G 501 -7.16 -12.85 -38.24
C PRO G 501 -6.18 -11.75 -37.78
N LYS G 502 -5.00 -12.15 -37.32
CA LYS G 502 -3.98 -11.16 -36.88
C LYS G 502 -2.96 -11.02 -38.02
N LYS G 503 -2.81 -9.81 -38.57
CA LYS G 503 -1.95 -9.63 -39.76
C LYS G 503 -0.48 -9.69 -39.36
N SER G 504 0.41 -9.81 -40.34
CA SER G 504 1.85 -9.98 -40.02
C SER G 504 2.70 -8.82 -40.55
N THR G 505 3.98 -8.83 -40.23
CA THR G 505 4.95 -7.83 -40.66
C THR G 505 6.22 -8.53 -41.13
N ASN G 506 6.91 -7.91 -42.08
CA ASN G 506 8.12 -8.51 -42.64
C ASN G 506 9.20 -8.63 -41.56
N LEU G 507 10.05 -9.64 -41.71
CA LEU G 507 11.07 -9.96 -40.73
C LEU G 507 12.33 -9.15 -41.03
N VAL G 508 12.84 -8.46 -40.02
CA VAL G 508 14.07 -7.68 -40.13
C VAL G 508 15.11 -8.26 -39.18
N LYS G 509 16.36 -8.31 -39.61
CA LYS G 509 17.43 -8.93 -38.86
C LYS G 509 18.59 -7.97 -38.69
N ASN G 510 19.37 -8.22 -37.63
CA ASN G 510 20.58 -7.45 -37.30
C ASN G 510 20.27 -6.00 -36.97
N LYS G 511 19.08 -5.72 -36.45
CA LYS G 511 18.71 -4.39 -35.98
C LYS G 511 17.90 -4.53 -34.69
N CYS G 512 18.03 -3.55 -33.82
CA CYS G 512 17.27 -3.53 -32.57
C CYS G 512 15.82 -3.18 -32.90
N VAL G 513 14.97 -4.21 -32.98
CA VAL G 513 13.60 -4.06 -33.44
C VAL G 513 12.66 -4.68 -32.41
N ASN G 514 11.52 -4.02 -32.19
CA ASN G 514 10.47 -4.57 -31.33
C ASN G 514 9.78 -5.71 -32.04
N PHE G 515 9.60 -6.83 -31.35
CA PHE G 515 9.03 -8.03 -31.95
C PHE G 515 7.87 -8.55 -31.12
N ASN G 516 7.01 -9.33 -31.77
CA ASN G 516 5.86 -9.93 -31.12
C ASN G 516 5.59 -11.28 -31.81
N PHE G 517 6.10 -12.35 -31.22
CA PHE G 517 5.96 -13.70 -31.76
C PHE G 517 4.93 -14.46 -30.92
N ASN G 518 3.70 -14.51 -31.41
CA ASN G 518 2.61 -15.21 -30.75
C ASN G 518 2.43 -14.73 -29.31
N GLY G 519 2.45 -13.41 -29.12
CA GLY G 519 2.27 -12.83 -27.81
C GLY G 519 3.51 -12.77 -26.95
N LEU G 520 4.69 -13.05 -27.51
CA LEU G 520 5.95 -12.96 -26.77
C LEU G 520 6.59 -11.61 -27.05
N THR G 521 6.11 -10.60 -26.33
CA THR G 521 6.59 -9.24 -26.54
C THR G 521 8.01 -9.08 -25.99
N GLY G 522 8.81 -8.28 -26.67
CA GLY G 522 10.16 -8.01 -26.22
C GLY G 522 10.87 -7.07 -27.18
N THR G 523 12.09 -6.69 -26.79
CA THR G 523 12.95 -5.82 -27.58
C THR G 523 14.34 -6.43 -27.66
N GLY G 524 14.94 -6.39 -28.85
CA GLY G 524 16.28 -6.92 -29.02
C GLY G 524 16.62 -7.02 -30.48
N VAL G 525 17.84 -7.49 -30.74
CA VAL G 525 18.31 -7.68 -32.11
C VAL G 525 17.98 -9.11 -32.54
N LEU G 526 17.77 -9.30 -33.84
CA LEU G 526 17.32 -10.58 -34.39
C LEU G 526 18.43 -11.12 -35.28
N THR G 527 19.04 -12.23 -34.86
CA THR G 527 20.12 -12.87 -35.61
C THR G 527 19.86 -14.36 -35.72
N GLU G 528 20.35 -14.95 -36.81
CA GLU G 528 20.20 -16.37 -37.04
C GLU G 528 21.06 -17.16 -36.04
N SER G 529 20.61 -18.37 -35.72
CA SER G 529 21.23 -19.17 -34.68
C SER G 529 21.49 -20.59 -35.17
N ASN G 530 22.59 -21.17 -34.71
CA ASN G 530 22.95 -22.55 -35.04
C ASN G 530 22.46 -23.50 -33.94
N LYS G 531 21.19 -23.37 -33.61
CA LYS G 531 20.53 -24.24 -32.64
C LYS G 531 19.61 -25.19 -33.37
N LYS G 532 19.13 -26.21 -32.64
CA LYS G 532 18.24 -27.24 -33.19
C LYS G 532 17.14 -27.50 -32.17
N PHE G 533 16.03 -26.78 -32.32
CA PHE G 533 14.87 -27.02 -31.45
C PHE G 533 14.17 -28.31 -31.86
N LEU G 534 13.41 -28.88 -30.92
CA LEU G 534 12.57 -30.03 -31.23
C LEU G 534 11.40 -29.58 -32.11
N PRO G 535 10.79 -30.51 -32.84
CA PRO G 535 9.69 -30.13 -33.74
C PRO G 535 8.55 -29.38 -33.06
N PHE G 536 8.25 -29.69 -31.80
CA PHE G 536 7.12 -29.07 -31.13
C PHE G 536 7.48 -27.83 -30.34
N GLN G 537 8.76 -27.62 -30.02
CA GLN G 537 9.14 -26.44 -29.26
C GLN G 537 9.04 -25.19 -30.12
N GLN G 538 8.76 -24.06 -29.48
CA GLN G 538 8.59 -22.78 -30.16
C GLN G 538 9.51 -21.69 -29.64
N PHE G 539 9.72 -21.62 -28.33
CA PHE G 539 10.52 -20.58 -27.71
C PHE G 539 11.85 -21.15 -27.21
N GLY G 540 12.64 -20.29 -26.61
CA GLY G 540 13.87 -20.69 -25.98
C GLY G 540 14.10 -19.88 -24.72
N ARG G 541 14.76 -20.46 -23.73
CA ARG G 541 14.92 -19.72 -22.44
C ARG G 541 16.21 -20.13 -21.75
N ASP G 542 17.01 -19.13 -21.33
CA ASP G 542 18.35 -19.40 -20.74
C ASP G 542 18.25 -19.66 -19.24
N ILE G 543 19.40 -19.79 -18.57
CA ILE G 543 19.44 -20.13 -17.12
C ILE G 543 18.73 -19.06 -16.29
N ALA G 544 18.73 -17.82 -16.74
CA ALA G 544 18.15 -16.71 -15.93
C ALA G 544 16.70 -16.45 -16.35
N ASP G 545 16.05 -17.42 -17.00
CA ASP G 545 14.62 -17.28 -17.40
C ASP G 545 14.43 -16.06 -18.30
N THR G 546 15.34 -15.84 -19.26
CA THR G 546 15.20 -14.72 -20.23
C THR G 546 15.14 -15.30 -21.64
N THR G 547 14.20 -14.82 -22.46
CA THR G 547 14.03 -15.38 -23.83
C THR G 547 15.34 -15.24 -24.62
N ASP G 548 15.89 -16.36 -25.10
CA ASP G 548 17.11 -16.37 -25.89
C ASP G 548 16.82 -16.51 -27.39
N ALA G 549 16.09 -17.55 -27.79
CA ALA G 549 15.81 -17.80 -29.19
C ALA G 549 14.31 -18.03 -29.38
N VAL G 550 13.78 -17.48 -30.46
CA VAL G 550 12.36 -17.58 -30.78
C VAL G 550 12.21 -18.07 -32.21
N ARG G 551 11.29 -19.00 -32.42
CA ARG G 551 10.99 -19.52 -33.76
C ARG G 551 9.80 -18.76 -34.32
N ASP G 552 9.97 -18.15 -35.48
CA ASP G 552 8.88 -17.39 -36.10
C ASP G 552 7.80 -18.34 -36.59
N PRO G 553 6.52 -18.04 -36.35
CA PRO G 553 5.46 -19.01 -36.63
C PRO G 553 5.28 -19.36 -38.10
N GLN G 554 5.78 -18.53 -39.02
CA GLN G 554 5.48 -18.75 -40.44
C GLN G 554 6.46 -19.74 -41.07
N THR G 555 7.75 -19.41 -41.08
CA THR G 555 8.75 -20.29 -41.68
C THR G 555 9.49 -21.07 -40.60
N LEU G 556 10.09 -22.18 -41.01
CA LEU G 556 10.77 -23.08 -40.09
C LEU G 556 12.20 -22.60 -39.90
N GLU G 557 12.33 -21.48 -39.19
CA GLU G 557 13.64 -20.93 -38.86
C GLU G 557 13.62 -20.47 -37.40
N ILE G 558 14.77 -20.55 -36.75
CA ILE G 558 14.91 -20.14 -35.35
C ILE G 558 16.01 -19.10 -35.27
N LEU G 559 15.76 -18.04 -34.51
CA LEU G 559 16.67 -16.90 -34.43
C LEU G 559 16.81 -16.46 -32.98
N ASP G 560 18.01 -15.95 -32.66
CA ASP G 560 18.32 -15.52 -31.30
C ASP G 560 17.73 -14.14 -31.01
N ILE G 561 17.68 -13.80 -29.73
CA ILE G 561 17.23 -12.51 -29.25
C ILE G 561 18.32 -11.97 -28.32
N THR G 562 19.04 -10.96 -28.79
CA THR G 562 20.10 -10.31 -28.01
C THR G 562 19.74 -8.85 -27.82
N PRO G 563 19.79 -8.33 -26.59
CA PRO G 563 19.47 -6.92 -26.37
C PRO G 563 20.44 -6.01 -27.09
N CYS G 564 19.91 -4.99 -27.76
CA CYS G 564 20.76 -4.04 -28.45
C CYS G 564 21.57 -3.23 -27.44
N SER G 565 22.73 -2.75 -27.89
CA SER G 565 23.78 -2.28 -26.98
C SER G 565 23.28 -1.15 -26.06
N PHE G 566 23.60 -1.28 -24.77
CA PHE G 566 23.37 -0.23 -23.79
C PHE G 566 24.60 -0.08 -22.91
N GLY G 567 24.53 0.78 -21.91
CA GLY G 567 25.62 0.94 -20.98
C GLY G 567 25.75 2.39 -20.55
N GLY G 568 26.74 2.63 -19.69
CA GLY G 568 27.02 3.96 -19.19
C GLY G 568 28.06 4.68 -20.02
N VAL G 569 28.18 5.99 -19.76
CA VAL G 569 29.11 6.85 -20.48
C VAL G 569 29.95 7.59 -19.45
N SER G 570 31.21 7.88 -19.82
CA SER G 570 32.15 8.54 -18.93
C SER G 570 32.88 9.63 -19.70
N VAL G 571 33.36 10.63 -18.96
CA VAL G 571 34.07 11.77 -19.52
C VAL G 571 35.44 11.82 -18.89
N ILE G 572 36.49 11.83 -19.72
CA ILE G 572 37.86 11.92 -19.27
C ILE G 572 38.38 13.31 -19.59
N THR G 573 38.75 14.05 -18.55
CA THR G 573 39.25 15.41 -18.72
C THR G 573 40.33 15.69 -17.70
N PRO G 574 41.32 16.51 -18.05
CA PRO G 574 42.23 17.04 -17.03
C PRO G 574 41.54 18.12 -16.21
N GLY G 575 42.34 18.79 -15.39
CA GLY G 575 41.81 19.92 -14.63
C GLY G 575 41.26 20.99 -15.57
N THR G 576 40.12 21.55 -15.19
CA THR G 576 39.47 22.56 -16.03
C THR G 576 40.34 23.80 -16.20
N ASN G 577 41.24 24.08 -15.25
CA ASN G 577 42.19 25.16 -15.44
C ASN G 577 43.31 24.75 -16.38
N THR G 578 43.69 23.48 -16.36
CA THR G 578 44.77 23.00 -17.23
C THR G 578 44.37 23.10 -18.69
N SER G 579 43.16 22.69 -19.03
CA SER G 579 42.67 22.71 -20.39
C SER G 579 41.14 22.59 -20.37
N ASN G 580 40.56 22.49 -21.56
CA ASN G 580 39.11 22.36 -21.70
C ASN G 580 38.69 21.16 -22.54
N GLN G 581 39.61 20.53 -23.26
CA GLN G 581 39.26 19.36 -24.07
C GLN G 581 38.84 18.20 -23.17
N VAL G 582 37.91 17.40 -23.68
CA VAL G 582 37.40 16.25 -22.96
C VAL G 582 37.42 15.03 -23.87
N ALA G 583 37.52 13.86 -23.27
CA ALA G 583 37.45 12.58 -23.96
C ALA G 583 36.31 11.77 -23.37
N VAL G 584 35.53 11.12 -24.24
CA VAL G 584 34.32 10.41 -23.85
C VAL G 584 34.52 8.92 -24.06
N LEU G 585 34.26 8.14 -23.02
CA LEU G 585 34.38 6.69 -23.06
C LEU G 585 32.99 6.07 -22.94
N TYR G 586 32.63 5.22 -23.90
CA TYR G 586 31.39 4.47 -23.87
C TYR G 586 31.70 3.06 -23.38
N GLN G 587 31.14 2.68 -22.24
CA GLN G 587 31.53 1.45 -21.56
C GLN G 587 30.83 0.25 -22.18
N GLY G 588 31.62 -0.74 -22.59
CA GLY G 588 31.11 -2.02 -23.01
C GLY G 588 30.25 -2.03 -24.26
N VAL G 589 30.55 -1.17 -25.22
CA VAL G 589 29.86 -1.14 -26.51
C VAL G 589 30.89 -1.07 -27.62
N ASN G 590 30.65 -1.81 -28.70
CA ASN G 590 31.50 -1.73 -29.87
C ASN G 590 31.34 -0.37 -30.55
N CYS G 591 32.43 0.11 -31.13
CA CYS G 591 32.42 1.44 -31.73
C CYS G 591 31.49 1.53 -32.94
N THR G 592 31.10 0.40 -33.52
CA THR G 592 30.16 0.45 -34.64
C THR G 592 28.78 0.93 -34.20
N GLU G 593 28.34 0.52 -33.02
CA GLU G 593 27.02 0.92 -32.54
C GLU G 593 26.93 2.42 -32.29
N VAL G 594 28.00 3.01 -31.75
CA VAL G 594 28.01 4.44 -31.48
C VAL G 594 28.00 5.24 -32.77
N GLY G 613 35.35 14.86 -30.76
CA GLY G 613 36.50 14.51 -31.56
C GLY G 613 36.20 13.44 -32.60
N SER G 614 37.01 13.42 -33.66
CA SER G 614 36.85 12.45 -34.74
C SER G 614 37.70 11.20 -34.54
N ASN G 615 38.45 11.11 -33.45
CA ASN G 615 39.30 9.95 -33.16
C ASN G 615 38.48 8.90 -32.44
N VAL G 616 38.50 7.68 -32.97
CA VAL G 616 37.78 6.54 -32.40
C VAL G 616 38.77 5.43 -32.16
N PHE G 617 38.85 4.97 -30.90
CA PHE G 617 39.75 3.89 -30.52
C PHE G 617 38.95 2.82 -29.79
N GLN G 618 39.21 1.56 -30.12
CA GLN G 618 38.51 0.42 -29.52
C GLN G 618 39.33 -0.12 -28.36
N THR G 619 38.87 0.13 -27.14
CA THR G 619 39.49 -0.38 -25.93
C THR G 619 38.69 -1.57 -25.41
N ARG G 620 39.37 -2.45 -24.68
CA ARG G 620 38.69 -3.60 -24.08
C ARG G 620 37.58 -3.15 -23.13
N ALA G 621 37.76 -1.99 -22.49
CA ALA G 621 36.71 -1.46 -21.63
C ALA G 621 35.55 -0.88 -22.42
N GLY G 622 35.81 -0.35 -23.61
CA GLY G 622 34.76 0.22 -24.43
C GLY G 622 35.33 1.07 -25.54
N CYS G 623 34.48 1.94 -26.08
CA CYS G 623 34.85 2.82 -27.18
C CYS G 623 35.29 4.17 -26.61
N LEU G 624 36.47 4.64 -27.06
CA LEU G 624 37.05 5.89 -26.59
C LEU G 624 37.01 6.89 -27.73
N ILE G 625 36.39 8.04 -27.48
CA ILE G 625 36.23 9.09 -28.48
C ILE G 625 36.91 10.35 -27.96
N GLY G 626 37.77 10.93 -28.79
CA GLY G 626 38.48 12.15 -28.45
C GLY G 626 39.91 11.97 -27.99
N ALA G 627 40.41 10.74 -27.98
CA ALA G 627 41.78 10.45 -27.58
C ALA G 627 42.45 9.55 -28.62
N GLU G 628 43.76 9.69 -28.74
CA GLU G 628 44.54 8.96 -29.72
C GLU G 628 45.49 7.99 -29.02
N TYR G 629 45.71 6.85 -29.67
CA TYR G 629 46.61 5.83 -29.14
C TYR G 629 48.06 6.20 -29.45
N VAL G 630 48.95 5.85 -28.54
CA VAL G 630 50.37 6.18 -28.65
C VAL G 630 51.17 4.89 -28.45
N ASN G 631 52.26 4.76 -29.21
CA ASN G 631 53.14 3.60 -29.11
C ASN G 631 54.13 3.76 -27.96
N ASN G 632 53.62 4.10 -26.78
CA ASN G 632 54.46 4.39 -25.62
C ASN G 632 53.88 3.73 -24.37
N SER G 633 54.47 4.05 -23.23
CA SER G 633 54.01 3.56 -21.93
C SER G 633 54.52 4.50 -20.86
N TYR G 634 53.60 5.13 -20.12
CA TYR G 634 53.92 6.10 -19.09
C TYR G 634 53.24 5.72 -17.78
N GLU G 635 53.78 6.23 -16.69
CA GLU G 635 53.12 6.10 -15.38
C GLU G 635 51.83 6.89 -15.43
N CYS G 636 50.71 6.20 -15.56
CA CYS G 636 49.45 6.86 -15.88
C CYS G 636 48.77 7.43 -14.64
N ASP G 637 47.99 8.48 -14.86
CA ASP G 637 47.28 9.17 -13.79
C ASP G 637 45.77 9.00 -13.87
N ILE G 638 45.21 8.80 -15.06
CA ILE G 638 43.78 8.61 -15.25
C ILE G 638 43.56 7.18 -15.71
N PRO G 639 43.10 6.28 -14.84
CA PRO G 639 42.89 4.88 -15.25
C PRO G 639 41.59 4.72 -16.03
N ILE G 640 41.72 4.27 -17.29
CA ILE G 640 40.55 4.02 -18.12
C ILE G 640 40.00 2.61 -17.94
N GLY G 641 40.85 1.59 -17.89
CA GLY G 641 40.41 0.23 -17.70
C GLY G 641 41.12 -0.73 -18.64
N ALA G 642 41.28 -1.97 -18.17
CA ALA G 642 41.92 -3.07 -18.87
C ALA G 642 43.35 -2.74 -19.29
N GLY G 643 44.11 -2.05 -18.45
CA GLY G 643 45.49 -1.73 -18.76
C GLY G 643 45.70 -0.49 -19.61
N ILE G 644 44.63 0.26 -19.90
CA ILE G 644 44.71 1.45 -20.73
C ILE G 644 44.52 2.68 -19.84
N CYS G 645 45.37 3.68 -20.00
CA CYS G 645 45.28 4.92 -19.27
C CYS G 645 45.36 6.11 -20.22
N ALA G 646 44.84 7.25 -19.76
CA ALA G 646 44.84 8.47 -20.55
C ALA G 646 45.51 9.59 -19.75
N SER G 647 46.05 10.57 -20.49
CA SER G 647 46.69 11.72 -19.87
C SER G 647 46.68 12.87 -20.87
N TYR G 648 46.88 14.07 -20.34
CA TYR G 648 46.92 15.29 -21.14
C TYR G 648 48.38 15.69 -21.33
N GLN G 649 48.92 15.38 -22.51
CA GLN G 649 50.33 15.65 -22.79
C GLN G 649 50.50 15.84 -24.29
N THR G 650 51.49 16.64 -24.66
CA THR G 650 51.79 16.90 -26.07
C THR G 650 52.22 15.62 -26.78
N SER G 663 48.68 21.42 -30.26
CA SER G 663 49.94 20.81 -29.87
C SER G 663 49.77 19.91 -28.66
N GLN G 664 48.64 20.05 -27.97
CA GLN G 664 48.32 19.27 -26.79
C GLN G 664 47.00 18.55 -26.98
N SER G 665 46.95 17.28 -26.59
CA SER G 665 45.75 16.48 -26.73
C SER G 665 45.80 15.33 -25.75
N ILE G 666 44.64 14.72 -25.53
CA ILE G 666 44.54 13.56 -24.64
C ILE G 666 45.01 12.33 -25.39
N ILE G 667 45.87 11.54 -24.75
CA ILE G 667 46.50 10.38 -25.37
C ILE G 667 46.19 9.15 -24.52
N ALA G 668 45.78 8.07 -25.17
CA ALA G 668 45.53 6.80 -24.53
C ALA G 668 46.70 5.85 -24.76
N TYR G 669 47.12 5.16 -23.71
CA TYR G 669 48.31 4.32 -23.77
C TYR G 669 48.23 3.24 -22.72
N THR G 670 49.06 2.21 -22.88
CA THR G 670 49.17 1.14 -21.90
C THR G 670 50.05 1.57 -20.74
N MET G 671 49.72 1.07 -19.55
CA MET G 671 50.47 1.44 -18.35
C MET G 671 51.91 0.94 -18.43
N SER G 672 52.79 1.66 -17.76
CA SER G 672 54.18 1.26 -17.58
C SER G 672 54.38 0.90 -16.10
N LEU G 673 54.81 -0.33 -15.85
CA LEU G 673 54.98 -0.78 -14.47
C LEU G 673 56.12 -0.05 -13.79
N GLY G 674 57.21 0.21 -14.52
CA GLY G 674 58.34 0.91 -13.96
C GLY G 674 59.57 0.70 -14.81
N ALA G 675 60.65 1.33 -14.38
CA ALA G 675 61.93 1.18 -15.07
C ALA G 675 62.44 -0.25 -14.93
N GLU G 676 62.98 -0.79 -16.01
CA GLU G 676 63.49 -2.15 -16.04
C GLU G 676 64.93 -2.14 -15.56
N ASN G 677 65.20 -2.87 -14.48
CA ASN G 677 66.53 -2.95 -13.89
C ASN G 677 66.93 -4.41 -13.77
N SER G 678 68.13 -4.74 -14.21
CA SER G 678 68.67 -6.10 -14.14
C SER G 678 69.86 -6.07 -13.19
N VAL G 679 69.68 -6.64 -12.00
CA VAL G 679 70.75 -6.67 -11.01
C VAL G 679 71.81 -7.68 -11.44
N ALA G 680 73.06 -7.24 -11.45
CA ALA G 680 74.16 -8.12 -11.84
C ALA G 680 74.37 -9.18 -10.77
N TYR G 681 74.17 -10.44 -11.14
CA TYR G 681 74.31 -11.56 -10.22
C TYR G 681 75.55 -12.36 -10.60
N SER G 682 76.39 -12.65 -9.60
CA SER G 682 77.58 -13.46 -9.79
C SER G 682 77.79 -14.32 -8.55
N ASN G 683 78.54 -15.41 -8.72
CA ASN G 683 78.77 -16.33 -7.62
C ASN G 683 79.67 -15.73 -6.54
N ASN G 684 80.45 -14.70 -6.86
CA ASN G 684 81.38 -14.10 -5.91
C ASN G 684 81.31 -12.57 -5.98
N SER G 685 80.09 -12.03 -6.01
CA SER G 685 79.88 -10.60 -6.07
C SER G 685 78.88 -10.18 -5.00
N ILE G 686 79.24 -9.18 -4.21
CA ILE G 686 78.37 -8.62 -3.17
C ILE G 686 78.50 -7.11 -3.21
N ALA G 687 77.38 -6.41 -3.04
CA ALA G 687 77.35 -4.95 -3.01
C ALA G 687 77.02 -4.49 -1.60
N ILE G 688 77.92 -3.69 -1.03
CA ILE G 688 77.79 -3.20 0.34
C ILE G 688 77.75 -1.69 0.29
N PRO G 689 76.77 -1.04 0.91
CA PRO G 689 76.71 0.43 0.88
C PRO G 689 77.88 1.07 1.59
N THR G 690 78.25 2.26 1.12
CA THR G 690 79.31 3.05 1.73
C THR G 690 78.81 4.35 2.33
N ASN G 691 77.53 4.69 2.16
CA ASN G 691 76.96 5.90 2.72
C ASN G 691 75.46 5.69 2.90
N PHE G 692 74.85 6.55 3.72
CA PHE G 692 73.44 6.42 4.06
C PHE G 692 72.76 7.78 4.00
N THR G 693 71.45 7.74 3.78
CA THR G 693 70.61 8.94 3.78
C THR G 693 69.46 8.73 4.74
N ILE G 694 69.28 9.68 5.65
CA ILE G 694 68.15 9.63 6.59
C ILE G 694 66.94 10.27 5.92
N SER G 695 65.83 9.52 5.89
CA SER G 695 64.61 9.97 5.24
C SER G 695 63.46 9.95 6.23
N VAL G 696 62.58 10.94 6.13
CA VAL G 696 61.41 11.04 7.00
C VAL G 696 60.17 11.03 6.11
N THR G 697 59.25 10.12 6.41
CA THR G 697 58.01 9.98 5.66
C THR G 697 56.83 10.27 6.58
N THR G 698 55.68 10.54 5.95
CA THR G 698 54.46 10.87 6.67
C THR G 698 53.35 9.90 6.31
N GLU G 699 52.58 9.48 7.31
CA GLU G 699 51.44 8.60 7.11
C GLU G 699 50.26 9.16 7.90
N ILE G 700 49.12 9.28 7.24
CA ILE G 700 47.90 9.82 7.84
C ILE G 700 46.88 8.69 7.95
N LEU G 701 46.34 8.51 9.15
CA LEU G 701 45.38 7.45 9.42
C LEU G 701 44.16 8.02 10.12
N PRO G 702 42.96 7.78 9.61
CA PRO G 702 41.75 8.21 10.32
C PRO G 702 41.60 7.47 11.65
N VAL G 703 41.00 8.15 12.62
CA VAL G 703 40.81 7.64 13.97
C VAL G 703 39.34 7.60 14.35
N SER G 704 38.64 8.72 14.16
CA SER G 704 37.25 8.83 14.58
C SER G 704 36.45 9.61 13.56
N MET G 705 35.13 9.44 13.61
CA MET G 705 34.19 10.16 12.77
C MET G 705 33.19 10.90 13.66
N THR G 706 32.46 11.83 13.04
CA THR G 706 31.59 12.71 13.80
C THR G 706 30.43 11.96 14.42
N LYS G 707 30.11 12.32 15.67
CA LYS G 707 29.01 11.71 16.39
C LYS G 707 27.71 12.44 16.07
N THR G 708 26.65 11.67 15.80
CA THR G 708 25.36 12.24 15.41
C THR G 708 24.24 11.49 16.11
N SER G 709 23.11 12.18 16.26
CA SER G 709 21.91 11.61 16.86
C SER G 709 20.70 12.00 16.02
N VAL G 710 19.67 11.16 16.06
CA VAL G 710 18.45 11.36 15.30
C VAL G 710 17.25 11.23 16.22
N ASP G 711 16.35 12.20 16.16
CA ASP G 711 15.08 12.14 16.88
C ASP G 711 13.95 11.86 15.89
N CYS G 712 13.18 10.80 16.16
CA CYS G 712 12.15 10.37 15.21
C CYS G 712 11.05 11.41 15.07
N THR G 713 10.48 11.87 16.20
CA THR G 713 9.32 12.75 16.14
C THR G 713 9.65 14.07 15.44
N MET G 714 10.82 14.64 15.71
CA MET G 714 11.20 15.90 15.09
C MET G 714 11.56 15.72 13.62
N TYR G 715 11.96 14.53 13.21
CA TYR G 715 12.42 14.28 11.84
C TYR G 715 11.28 13.78 10.93
N ILE G 716 10.62 12.71 11.34
CA ILE G 716 9.73 11.99 10.44
C ILE G 716 8.52 12.83 10.07
N CYS G 717 7.91 13.51 11.05
CA CYS G 717 6.76 14.34 10.75
C CYS G 717 6.94 15.76 11.29
N GLY G 718 7.59 15.90 12.44
CA GLY G 718 7.81 17.22 13.00
C GLY G 718 6.76 17.69 14.00
N ASP G 719 6.50 16.91 15.05
CA ASP G 719 5.63 17.26 16.18
C ASP G 719 4.15 17.26 15.82
N SER G 720 3.75 16.50 14.81
CA SER G 720 2.33 16.39 14.50
C SER G 720 1.66 15.34 15.38
N THR G 721 0.48 15.68 15.91
CA THR G 721 -0.21 14.79 16.83
C THR G 721 -0.63 13.49 16.14
N GLU G 722 -1.14 13.59 14.92
CA GLU G 722 -1.57 12.39 14.20
C GLU G 722 -0.40 11.46 13.93
N CYS G 723 0.74 12.00 13.50
CA CYS G 723 1.92 11.19 13.26
C CYS G 723 2.41 10.54 14.55
N SER G 724 2.40 11.29 15.65
CA SER G 724 2.83 10.75 16.93
C SER G 724 1.94 9.58 17.34
N ASN G 725 0.62 9.76 17.22
CA ASN G 725 -0.31 8.71 17.58
C ASN G 725 -0.14 7.47 16.69
N LEU G 726 0.08 7.68 15.39
CA LEU G 726 0.22 6.55 14.48
C LEU G 726 1.53 5.80 14.72
N LEU G 727 2.64 6.54 14.87
CA LEU G 727 3.94 5.90 15.03
C LEU G 727 4.09 5.27 16.40
N LEU G 728 3.37 5.77 17.41
CA LEU G 728 3.37 5.13 18.72
C LEU G 728 2.88 3.69 18.63
N GLN G 729 1.94 3.43 17.74
CA GLN G 729 1.44 2.09 17.48
C GLN G 729 2.14 1.39 16.33
N TYR G 730 3.06 2.07 15.65
CA TYR G 730 3.75 1.54 14.48
C TYR G 730 5.15 1.08 14.89
N GLY G 731 5.23 -0.14 15.42
CA GLY G 731 6.50 -0.76 15.72
C GLY G 731 7.30 -0.08 16.80
N SER G 732 8.55 -0.51 16.96
CA SER G 732 9.48 0.06 17.94
C SER G 732 10.87 0.18 17.32
N PHE G 733 10.92 0.65 16.07
CA PHE G 733 12.20 0.80 15.39
C PHE G 733 13.05 1.89 16.03
N CYS G 734 12.43 2.97 16.50
CA CYS G 734 13.18 4.14 16.97
C CYS G 734 14.12 3.77 18.12
N THR G 735 13.72 2.81 18.95
CA THR G 735 14.62 2.35 20.01
C THR G 735 15.88 1.76 19.41
N GLN G 736 15.75 0.92 18.38
CA GLN G 736 16.92 0.35 17.73
C GLN G 736 17.77 1.44 17.06
N LEU G 737 17.11 2.40 16.41
CA LEU G 737 17.83 3.52 15.79
C LEU G 737 18.69 4.26 16.82
N LYS G 738 18.07 4.65 17.92
CA LYS G 738 18.77 5.42 18.94
C LYS G 738 19.88 4.59 19.60
N ARG G 739 19.61 3.31 19.86
CA ARG G 739 20.63 2.47 20.47
C ARG G 739 21.84 2.31 19.55
N ALA G 740 21.59 2.11 18.25
CA ALA G 740 22.69 1.97 17.30
C ALA G 740 23.51 3.26 17.23
N LEU G 741 22.82 4.42 17.19
CA LEU G 741 23.55 5.69 17.13
C LEU G 741 24.36 5.92 18.39
N THR G 742 23.79 5.61 19.56
CA THR G 742 24.52 5.79 20.81
C THR G 742 25.73 4.87 20.89
N GLY G 743 25.57 3.62 20.45
CA GLY G 743 26.70 2.71 20.41
C GLY G 743 27.80 3.19 19.48
N ILE G 744 27.41 3.74 18.33
CA ILE G 744 28.40 4.29 17.40
C ILE G 744 29.14 5.45 18.04
N ALA G 745 28.42 6.34 18.73
CA ALA G 745 29.06 7.47 19.39
C ALA G 745 30.03 7.00 20.48
N VAL G 746 29.62 6.01 21.27
CA VAL G 746 30.50 5.48 22.30
C VAL G 746 31.75 4.87 21.70
N GLU G 747 31.60 4.12 20.61
CA GLU G 747 32.75 3.52 19.95
C GLU G 747 33.68 4.59 19.39
N GLN G 748 33.11 5.68 18.84
CA GLN G 748 33.95 6.75 18.32
C GLN G 748 34.70 7.45 19.45
N ASP G 749 34.07 7.61 20.61
CA ASP G 749 34.78 8.15 21.76
C ASP G 749 35.91 7.23 22.20
N LYS G 750 35.66 5.92 22.19
CA LYS G 750 36.69 4.95 22.57
C LYS G 750 37.86 4.94 21.57
N ASN G 751 37.58 5.22 20.30
CA ASN G 751 38.62 5.16 19.28
C ASN G 751 39.75 6.14 19.58
N THR G 752 39.41 7.41 19.81
CA THR G 752 40.43 8.39 20.18
C THR G 752 41.03 8.12 21.55
N GLN G 753 40.25 7.50 22.45
CA GLN G 753 40.76 7.15 23.77
C GLN G 753 41.87 6.11 23.71
N GLU G 754 41.75 5.11 22.84
CA GLU G 754 42.70 4.01 22.80
C GLU G 754 43.94 4.29 21.95
N VAL G 755 44.04 5.45 21.32
CA VAL G 755 45.17 5.75 20.44
C VAL G 755 46.13 6.75 21.09
N PHE G 756 45.61 7.81 21.70
CA PHE G 756 46.44 8.87 22.24
C PHE G 756 46.74 8.74 23.72
N ALA G 757 45.98 7.94 24.46
CA ALA G 757 46.14 7.80 25.90
C ALA G 757 46.95 6.58 26.29
N GLN G 758 47.94 6.20 25.48
CA GLN G 758 48.79 5.07 25.81
C GLN G 758 49.87 5.41 26.83
N VAL G 759 50.02 6.68 27.18
CA VAL G 759 51.01 7.11 28.17
C VAL G 759 50.28 7.32 29.50
N LYS G 760 51.01 7.09 30.59
CA LYS G 760 50.41 7.21 31.92
C LYS G 760 50.61 8.59 32.54
N GLN G 761 51.66 9.32 32.14
CA GLN G 761 51.96 10.62 32.69
C GLN G 761 52.22 11.61 31.55
N ILE G 762 52.12 12.89 31.88
CA ILE G 762 52.32 13.97 30.91
C ILE G 762 53.76 14.43 31.07
N TYR G 763 54.65 13.85 30.27
CA TYR G 763 56.05 14.24 30.30
C TYR G 763 56.25 15.61 29.66
N LYS G 764 57.23 16.35 30.18
CA LYS G 764 57.55 17.67 29.68
C LYS G 764 59.04 17.76 29.37
N THR G 765 59.38 18.42 28.28
CA THR G 765 60.77 18.55 27.87
C THR G 765 61.53 19.50 28.80
N PRO G 766 62.83 19.31 28.96
CA PRO G 766 63.62 20.24 29.74
C PRO G 766 63.65 21.60 29.08
N PRO G 767 63.82 22.67 29.86
CA PRO G 767 63.85 24.02 29.25
C PRO G 767 64.98 24.22 28.25
N ILE G 768 66.13 23.58 28.45
CA ILE G 768 67.26 23.69 27.53
C ILE G 768 67.07 22.64 26.44
N LYS G 769 66.72 23.08 25.24
CA LYS G 769 66.44 22.17 24.13
C LYS G 769 67.63 22.06 23.20
N TYR G 770 68.62 21.26 23.62
CA TYR G 770 69.78 21.00 22.77
C TYR G 770 69.59 19.71 21.98
N PHE G 771 69.42 18.59 22.69
CA PHE G 771 69.12 17.30 22.07
C PHE G 771 70.21 16.87 21.08
N GLY G 772 71.44 17.25 21.37
CA GLY G 772 72.58 16.78 20.59
C GLY G 772 72.58 17.22 19.14
N GLY G 773 72.21 18.46 18.86
CA GLY G 773 72.25 18.98 17.51
C GLY G 773 71.05 18.67 16.65
N PHE G 774 70.02 18.04 17.20
CA PHE G 774 68.79 17.76 16.46
C PHE G 774 67.75 18.83 16.75
N ASN G 775 67.09 19.28 15.69
CA ASN G 775 66.11 20.37 15.77
C ASN G 775 64.71 19.78 15.77
N PHE G 776 64.13 19.63 16.96
CA PHE G 776 62.76 19.16 17.12
C PHE G 776 61.76 20.30 17.23
N SER G 777 62.11 21.50 16.75
CA SER G 777 61.23 22.66 16.89
C SER G 777 59.93 22.47 16.12
N GLN G 778 60.00 21.85 14.94
CA GLN G 778 58.82 21.71 14.11
C GLN G 778 57.81 20.73 14.68
N ILE G 779 58.20 19.88 15.61
CA ILE G 779 57.29 18.86 16.16
C ILE G 779 56.93 19.20 17.60
N LEU G 780 57.81 19.92 18.28
CA LEU G 780 57.54 20.31 19.65
C LEU G 780 56.54 21.47 19.70
N PRO G 781 55.79 21.59 20.79
CA PRO G 781 54.82 22.69 20.89
C PRO G 781 55.50 24.05 20.94
N ASP G 782 54.79 25.06 20.42
CA ASP G 782 55.30 26.42 20.38
C ASP G 782 54.65 27.24 21.47
N PRO G 783 55.39 27.65 22.51
CA PRO G 783 54.76 28.44 23.59
C PRO G 783 54.29 29.82 23.13
N SER G 784 54.87 30.37 22.07
CA SER G 784 54.49 31.71 21.63
C SER G 784 53.04 31.74 21.15
N LYS G 785 52.62 30.71 20.42
CA LYS G 785 51.24 30.66 19.93
C LYS G 785 50.28 30.52 21.12
N PRO G 786 49.12 31.17 21.07
CA PRO G 786 48.16 31.03 22.18
C PRO G 786 47.74 29.60 22.45
N SER G 787 47.64 28.78 21.41
CA SER G 787 47.36 27.36 21.57
C SER G 787 48.66 26.58 21.45
N LYS G 788 48.91 25.72 22.43
CA LYS G 788 50.15 24.94 22.46
C LYS G 788 50.11 23.84 21.42
N ARG G 789 50.30 24.19 20.15
CA ARG G 789 50.20 23.24 19.05
C ARG G 789 51.40 23.42 18.12
N SER G 790 51.97 22.31 17.66
CA SER G 790 53.18 22.34 16.86
C SER G 790 52.91 22.95 15.48
N PRO G 791 53.95 23.49 14.84
CA PRO G 791 53.76 24.04 13.48
C PRO G 791 53.21 23.05 12.49
N ILE G 792 53.64 21.78 12.55
CA ILE G 792 53.09 20.76 11.68
C ILE G 792 51.60 20.56 11.97
N GLU G 793 51.24 20.49 13.25
CA GLU G 793 49.84 20.36 13.63
C GLU G 793 49.04 21.58 13.20
N ASP G 794 49.62 22.77 13.34
CA ASP G 794 48.93 23.99 12.90
C ASP G 794 48.67 23.97 11.40
N LEU G 795 49.66 23.55 10.62
CA LEU G 795 49.48 23.46 9.18
C LEU G 795 48.42 22.43 8.82
N LEU G 796 48.44 21.28 9.48
CA LEU G 796 47.45 20.24 9.21
C LEU G 796 46.04 20.72 9.55
N PHE G 797 45.89 21.43 10.67
CA PHE G 797 44.58 21.92 11.07
C PHE G 797 44.11 23.08 10.20
N ASN G 798 45.04 23.86 9.64
CA ASN G 798 44.65 24.92 8.71
C ASN G 798 44.21 24.34 7.37
N LYS G 799 44.88 23.27 6.92
CA LYS G 799 44.52 22.67 5.64
C LYS G 799 43.13 22.03 5.70
N VAL G 800 42.84 21.30 6.77
CA VAL G 800 41.55 20.65 6.95
C VAL G 800 40.83 21.33 8.11
N THR G 801 39.73 22.01 7.80
CA THR G 801 38.95 22.71 8.80
C THR G 801 37.63 21.98 9.08
N GLN G 827 21.86 22.73 15.02
CA GLN G 827 20.79 21.69 15.05
C GLN G 827 19.92 21.79 13.77
N LYS G 828 19.93 20.75 12.93
CA LYS G 828 19.18 20.76 11.66
C LYS G 828 17.70 20.72 11.99
N PHE G 829 16.87 21.19 11.06
CA PHE G 829 15.42 21.30 11.32
C PHE G 829 14.83 19.91 11.48
N ASN G 830 15.48 18.89 10.93
CA ASN G 830 14.84 17.56 10.90
C ASN G 830 15.26 16.71 12.09
N GLY G 831 15.88 17.30 13.09
CA GLY G 831 16.21 16.50 14.27
C GLY G 831 17.57 15.88 14.13
N LEU G 832 18.46 16.53 13.37
CA LEU G 832 19.83 16.03 13.33
C LEU G 832 20.72 16.89 14.22
N THR G 833 21.40 16.26 15.16
CA THR G 833 22.31 16.94 16.07
C THR G 833 23.67 16.27 16.02
N VAL G 834 24.73 17.07 16.15
CA VAL G 834 26.11 16.59 16.16
C VAL G 834 26.65 16.76 17.57
N LEU G 835 26.95 15.65 18.23
CA LEU G 835 27.45 15.68 19.59
C LEU G 835 28.93 16.05 19.60
N PRO G 836 29.39 16.74 20.64
CA PRO G 836 30.81 17.09 20.73
C PRO G 836 31.63 15.93 21.25
N PRO G 837 32.89 15.80 20.81
CA PRO G 837 33.73 14.73 21.32
C PRO G 837 34.11 14.95 22.78
N LEU G 838 34.33 13.85 23.49
CA LEU G 838 34.73 13.95 24.90
C LEU G 838 36.12 14.56 25.03
N LEU G 839 37.06 14.14 24.18
CA LEU G 839 38.40 14.69 24.19
C LEU G 839 38.47 15.89 23.24
N THR G 840 38.89 17.02 23.76
CA THR G 840 39.00 18.23 22.95
C THR G 840 40.30 18.22 22.15
N ASP G 841 40.49 19.26 21.35
CA ASP G 841 41.72 19.39 20.58
C ASP G 841 42.93 19.55 21.49
N GLU G 842 42.79 20.36 22.55
CA GLU G 842 43.91 20.62 23.44
C GLU G 842 44.33 19.36 24.18
N MET G 843 43.37 18.50 24.54
CA MET G 843 43.73 17.26 25.25
C MET G 843 44.53 16.32 24.36
N ILE G 844 44.11 16.18 23.10
CA ILE G 844 44.87 15.34 22.17
C ILE G 844 46.24 15.95 21.90
N ALA G 845 46.33 17.29 21.82
CA ALA G 845 47.62 17.94 21.65
C ALA G 845 48.53 17.67 22.85
N GLN G 846 47.97 17.72 24.07
CA GLN G 846 48.76 17.44 25.26
C GLN G 846 49.23 15.99 25.27
N TYR G 847 48.37 15.06 24.86
CA TYR G 847 48.80 13.66 24.80
C TYR G 847 49.92 13.47 23.80
N THR G 848 49.81 14.10 22.62
CA THR G 848 50.86 14.00 21.62
C THR G 848 52.16 14.61 22.13
N SER G 849 52.08 15.76 22.80
CA SER G 849 53.27 16.40 23.34
C SER G 849 53.92 15.53 24.42
N ALA G 850 53.11 14.89 25.26
CA ALA G 850 53.65 14.00 26.28
C ALA G 850 54.36 12.80 25.64
N LEU G 851 53.76 12.23 24.59
CA LEU G 851 54.41 11.11 23.90
C LEU G 851 55.73 11.56 23.27
N LEU G 852 55.73 12.76 22.66
CA LEU G 852 56.95 13.28 22.04
C LEU G 852 58.04 13.49 23.08
N ALA G 853 57.68 14.09 24.22
CA ALA G 853 58.66 14.34 25.27
C ALA G 853 59.21 13.03 25.81
N GLY G 854 58.33 12.02 25.99
CA GLY G 854 58.80 10.73 26.47
C GLY G 854 59.77 10.08 25.50
N THR G 855 59.41 10.06 24.21
CA THR G 855 60.28 9.38 23.25
C THR G 855 61.57 10.16 23.01
N ILE G 856 61.57 11.47 23.24
CA ILE G 856 62.81 12.24 23.09
C ILE G 856 63.72 12.04 24.30
N THR G 857 63.16 12.12 25.51
CA THR G 857 64.00 12.11 26.71
C THR G 857 64.40 10.70 27.13
N SER G 858 63.45 9.76 27.12
CA SER G 858 63.69 8.43 27.67
C SER G 858 63.82 7.33 26.62
N GLY G 859 63.38 7.55 25.39
CA GLY G 859 63.47 6.51 24.38
C GLY G 859 62.26 5.61 24.41
N TRP G 860 62.49 4.30 24.44
CA TRP G 860 61.42 3.32 24.55
C TRP G 860 61.17 2.88 25.97
N THR G 861 61.89 3.43 26.95
CA THR G 861 61.78 2.94 28.32
C THR G 861 60.46 3.33 28.96
N PHE G 862 59.88 4.46 28.56
CA PHE G 862 58.64 4.92 29.19
C PHE G 862 57.44 4.08 28.80
N GLY G 863 57.58 3.20 27.80
CA GLY G 863 56.48 2.32 27.45
C GLY G 863 56.53 1.00 28.20
N ALA G 864 57.73 0.48 28.43
CA ALA G 864 57.88 -0.78 29.15
C ALA G 864 57.67 -0.61 30.64
N GLY G 865 58.07 0.53 31.20
CA GLY G 865 57.95 0.78 32.62
C GLY G 865 58.27 2.21 32.97
N PRO G 866 58.99 2.40 34.07
CA PRO G 866 59.36 3.77 34.48
C PRO G 866 60.25 4.44 33.44
N ALA G 867 60.08 5.75 33.30
CA ALA G 867 60.88 6.51 32.35
C ALA G 867 62.31 6.61 32.84
N LEU G 868 63.27 6.28 31.97
CA LEU G 868 64.69 6.34 32.29
C LEU G 868 65.37 7.27 31.31
N GLN G 869 65.98 8.33 31.83
CA GLN G 869 66.62 9.32 30.98
C GLN G 869 67.86 8.74 30.29
N ILE G 870 68.11 9.20 29.07
CA ILE G 870 69.25 8.76 28.28
C ILE G 870 69.57 9.85 27.27
N PRO G 871 70.84 10.20 27.07
CA PRO G 871 71.18 11.19 26.04
C PRO G 871 70.73 10.73 24.66
N PHE G 872 70.26 11.70 23.86
CA PHE G 872 69.74 11.36 22.54
C PHE G 872 70.77 10.70 21.62
N PRO G 873 72.03 11.13 21.54
CA PRO G 873 73.00 10.38 20.73
C PRO G 873 73.12 8.92 21.13
N MET G 874 73.10 8.62 22.43
CA MET G 874 73.14 7.23 22.87
C MET G 874 71.90 6.47 22.43
N GLN G 875 70.74 7.12 22.48
CA GLN G 875 69.51 6.48 21.99
C GLN G 875 69.61 6.17 20.51
N MET G 876 70.13 7.11 19.72
CA MET G 876 70.30 6.87 18.29
C MET G 876 71.31 5.75 18.04
N ALA G 877 72.35 5.67 18.87
CA ALA G 877 73.30 4.57 18.76
C ALA G 877 72.62 3.23 19.02
N TYR G 878 71.74 3.20 20.02
CA TYR G 878 70.98 1.98 20.31
C TYR G 878 70.09 1.60 19.13
N ARG G 879 69.44 2.59 18.52
CA ARG G 879 68.63 2.30 17.33
C ARG G 879 69.48 1.77 16.19
N PHE G 880 70.67 2.35 16.00
CA PHE G 880 71.57 1.87 14.96
C PHE G 880 71.99 0.43 15.20
N ASN G 881 72.32 0.09 16.45
CA ASN G 881 72.60 -1.31 16.77
C ASN G 881 71.37 -2.18 16.53
N GLY G 882 70.17 -1.63 16.72
CA GLY G 882 68.96 -2.37 16.42
C GLY G 882 68.82 -2.70 14.95
N ILE G 883 69.14 -1.74 14.07
CA ILE G 883 69.02 -1.96 12.63
C ILE G 883 70.18 -2.75 12.05
N GLY G 884 71.27 -2.94 12.79
CA GLY G 884 72.38 -3.76 12.29
C GLY G 884 73.68 -3.00 12.17
N VAL G 885 73.64 -1.70 11.89
CA VAL G 885 74.86 -0.85 11.81
C VAL G 885 75.43 -0.67 13.22
N THR G 886 76.75 -0.60 13.37
CA THR G 886 77.38 -0.50 14.71
C THR G 886 77.33 0.94 15.22
N GLN G 887 77.57 1.14 16.51
CA GLN G 887 77.46 2.49 17.14
C GLN G 887 78.52 3.45 16.60
N ASN G 888 79.72 2.97 16.34
CA ASN G 888 80.79 3.80 15.74
C ASN G 888 80.23 4.66 14.59
N VAL G 889 79.47 4.05 13.69
CA VAL G 889 78.99 4.78 12.48
C VAL G 889 78.33 6.09 12.92
N LEU G 890 77.48 6.05 13.94
CA LEU G 890 76.76 7.24 14.37
C LEU G 890 77.69 8.23 15.05
N TYR G 891 78.52 7.75 15.97
CA TYR G 891 79.35 8.66 16.77
C TYR G 891 80.34 9.42 15.89
N GLU G 892 80.88 8.77 14.86
CA GLU G 892 81.81 9.45 13.97
C GLU G 892 81.08 10.39 13.02
N ASN G 893 79.82 10.08 12.69
CA ASN G 893 79.04 10.84 11.71
C ASN G 893 77.83 11.51 12.34
N GLN G 894 78.01 12.12 13.51
CA GLN G 894 76.88 12.71 14.23
C GLN G 894 76.35 13.95 13.52
N LYS G 895 77.25 14.84 13.11
CA LYS G 895 76.83 16.11 12.52
C LYS G 895 76.08 15.90 11.21
N LEU G 896 76.58 14.97 10.37
CA LEU G 896 75.92 14.71 9.10
C LEU G 896 74.50 14.18 9.30
N ILE G 897 74.34 13.26 10.27
CA ILE G 897 73.02 12.70 10.52
C ILE G 897 72.08 13.77 11.09
N ALA G 898 72.59 14.64 11.96
CA ALA G 898 71.77 15.73 12.48
C ALA G 898 71.31 16.66 11.36
N ASN G 899 72.24 17.01 10.46
CA ASN G 899 71.89 17.88 9.34
C ASN G 899 70.86 17.22 8.43
N GLN G 900 71.03 15.93 8.15
CA GLN G 900 70.07 15.21 7.32
C GLN G 900 68.70 15.16 7.99
N PHE G 901 68.66 14.95 9.30
CA PHE G 901 67.38 14.92 10.01
C PHE G 901 66.68 16.28 9.93
N ASN G 902 67.43 17.36 10.15
CA ASN G 902 66.82 18.69 10.07
C ASN G 902 66.34 18.99 8.66
N SER G 903 67.13 18.63 7.65
CA SER G 903 66.72 18.86 6.26
C SER G 903 65.47 18.07 5.93
N ALA G 904 65.38 16.82 6.39
CA ALA G 904 64.21 15.99 6.13
C ALA G 904 62.96 16.57 6.80
N ILE G 905 63.11 17.06 8.04
CA ILE G 905 61.98 17.66 8.73
C ILE G 905 61.50 18.89 7.98
N GLY G 906 62.42 19.75 7.56
CA GLY G 906 62.04 20.91 6.77
C GLY G 906 61.36 20.54 5.47
N LYS G 907 61.88 19.52 4.80
CA LYS G 907 61.32 19.10 3.52
C LYS G 907 59.90 18.57 3.69
N ILE G 908 59.66 17.76 4.72
CA ILE G 908 58.30 17.26 4.93
C ILE G 908 57.37 18.38 5.37
N GLN G 909 57.89 19.36 6.11
CA GLN G 909 57.08 20.52 6.47
C GLN G 909 56.64 21.28 5.23
N ASP G 910 57.55 21.46 4.27
CA ASP G 910 57.19 22.12 3.02
C ASP G 910 56.22 21.26 2.21
N SER G 911 56.44 19.94 2.19
CA SER G 911 55.63 19.05 1.37
C SER G 911 54.19 18.99 1.87
N LEU G 912 54.00 19.00 3.20
CA LEU G 912 52.64 18.93 3.75
C LEU G 912 51.78 20.10 3.31
N SER G 913 52.40 21.25 2.99
CA SER G 913 51.66 22.39 2.46
C SER G 913 51.66 22.46 0.94
N SER G 914 52.67 21.88 0.29
CA SER G 914 52.76 21.95 -1.17
C SER G 914 51.63 21.16 -1.82
N THR G 915 51.40 19.93 -1.36
CA THR G 915 50.40 19.06 -1.96
C THR G 915 49.19 18.95 -1.04
N PRO G 916 48.01 19.45 -1.46
CA PRO G 916 46.83 19.34 -0.60
C PRO G 916 46.17 17.98 -0.61
N SER G 917 46.66 17.02 -1.40
CA SER G 917 46.04 15.72 -1.49
C SER G 917 46.50 14.75 -0.40
N ALA G 918 47.43 15.18 0.47
CA ALA G 918 47.91 14.29 1.52
C ALA G 918 46.83 14.00 2.56
N LEU G 919 45.90 14.93 2.76
CA LEU G 919 44.85 14.80 3.76
C LEU G 919 43.58 14.16 3.19
N GLY G 920 43.76 13.32 2.17
CA GLY G 920 42.61 12.81 1.42
C GLY G 920 41.69 11.92 2.24
N LYS G 921 42.26 11.12 3.14
CA LYS G 921 41.43 10.21 3.93
C LYS G 921 40.49 10.99 4.85
N LEU G 922 41.04 11.97 5.57
CA LEU G 922 40.20 12.76 6.47
C LEU G 922 39.21 13.61 5.69
N GLN G 923 39.64 14.17 4.55
CA GLN G 923 38.71 14.93 3.73
C GLN G 923 37.57 14.05 3.21
N ASP G 924 37.89 12.82 2.82
CA ASP G 924 36.86 11.89 2.37
C ASP G 924 35.91 11.53 3.52
N VAL G 925 36.44 11.36 4.73
CA VAL G 925 35.58 11.05 5.87
C VAL G 925 34.58 12.18 6.11
N VAL G 926 35.07 13.41 6.19
CA VAL G 926 34.17 14.53 6.47
C VAL G 926 33.21 14.74 5.31
N ASN G 927 33.67 14.55 4.07
CA ASN G 927 32.80 14.67 2.92
C ASN G 927 31.70 13.62 2.93
N HIS G 928 32.04 12.38 3.31
CA HIS G 928 31.05 11.32 3.39
C HIS G 928 29.99 11.63 4.45
N ASN G 929 30.43 12.12 5.62
CA ASN G 929 29.47 12.48 6.66
C ASN G 929 28.54 13.59 6.18
N ALA G 930 29.11 14.64 5.57
CA ALA G 930 28.29 15.74 5.08
C ALA G 930 27.34 15.28 3.99
N GLN G 931 27.81 14.41 3.10
CA GLN G 931 26.96 13.90 2.02
C GLN G 931 25.81 13.07 2.57
N ALA G 932 26.07 12.24 3.59
CA ALA G 932 25.01 11.44 4.17
C ALA G 932 23.95 12.34 4.82
N LEU G 933 24.41 13.34 5.59
CA LEU G 933 23.44 14.24 6.23
C LEU G 933 22.63 15.02 5.20
N ASN G 934 23.29 15.55 4.17
CA ASN G 934 22.59 16.33 3.15
C ASN G 934 21.64 15.45 2.35
N THR G 935 22.04 14.20 2.08
CA THR G 935 21.17 13.28 1.37
C THR G 935 19.92 12.98 2.18
N LEU G 936 20.07 12.76 3.49
CA LEU G 936 18.90 12.54 4.33
C LEU G 936 17.98 13.74 4.33
N VAL G 937 18.55 14.94 4.49
CA VAL G 937 17.73 16.15 4.54
C VAL G 937 16.99 16.37 3.21
N LYS G 938 17.68 16.17 2.09
CA LYS G 938 17.06 16.35 0.79
C LYS G 938 15.99 15.28 0.55
N GLN G 939 16.26 14.03 0.93
CA GLN G 939 15.31 12.94 0.73
C GLN G 939 14.07 13.07 1.59
N LEU G 940 14.14 13.81 2.70
CA LEU G 940 12.93 14.05 3.48
C LEU G 940 11.89 14.78 2.64
N SER G 941 12.31 15.77 1.86
CA SER G 941 11.39 16.54 1.01
C SER G 941 11.16 15.80 -0.31
N SER G 942 10.44 14.69 -0.21
CA SER G 942 10.11 13.86 -1.36
C SER G 942 8.65 13.43 -1.28
N LYS G 943 8.06 13.17 -2.45
CA LYS G 943 6.66 12.77 -2.50
C LYS G 943 6.44 11.42 -1.84
N PHE G 944 7.33 10.46 -2.10
CA PHE G 944 7.20 9.09 -1.58
C PHE G 944 5.85 8.49 -1.94
N GLY G 945 5.40 8.74 -3.17
CA GLY G 945 4.11 8.23 -3.63
C GLY G 945 2.93 8.80 -2.87
N ALA G 946 2.92 10.11 -2.62
CA ALA G 946 1.85 10.76 -1.90
C ALA G 946 1.39 11.99 -2.67
N ILE G 947 0.27 12.57 -2.22
CA ILE G 947 -0.28 13.75 -2.88
C ILE G 947 0.68 14.93 -2.77
N SER G 948 1.24 15.13 -1.57
CA SER G 948 2.16 16.24 -1.34
C SER G 948 3.21 15.82 -0.33
N SER G 949 4.37 16.46 -0.40
CA SER G 949 5.45 16.17 0.53
C SER G 949 5.19 16.80 1.90
N VAL G 950 4.61 17.99 1.93
CA VAL G 950 4.37 18.71 3.18
C VAL G 950 3.15 18.11 3.85
N LEU G 951 3.31 17.65 5.10
CA LEU G 951 2.22 17.00 5.82
C LEU G 951 1.07 17.97 6.09
N ASN G 952 1.36 19.27 6.18
CA ASN G 952 0.31 20.24 6.47
C ASN G 952 -0.75 20.25 5.39
N ASP G 953 -0.35 20.13 4.12
CA ASP G 953 -1.31 20.12 3.02
C ASP G 953 -2.26 18.94 3.14
N ILE G 954 -1.73 17.75 3.43
CA ILE G 954 -2.60 16.58 3.58
C ILE G 954 -3.52 16.73 4.79
N LEU G 955 -2.99 17.18 5.93
CA LEU G 955 -3.81 17.22 7.13
C LEU G 955 -4.85 18.34 7.06
N SER G 956 -4.63 19.36 6.23
CA SER G 956 -5.61 20.45 6.13
C SER G 956 -6.50 20.33 4.89
N ARG G 957 -6.16 19.43 3.97
CA ARG G 957 -6.94 19.32 2.73
C ARG G 957 -8.00 18.23 2.83
N LEU G 958 -7.57 16.99 3.09
CA LEU G 958 -8.45 15.84 3.04
C LEU G 958 -8.84 15.38 4.44
N ASP G 959 -9.91 14.57 4.49
CA ASP G 959 -10.40 14.00 5.73
C ASP G 959 -9.52 12.83 6.17
N PRO G 960 -9.63 12.40 7.42
CA PRO G 960 -8.77 11.33 7.95
C PRO G 960 -8.81 10.04 7.14
N PRO G 961 -9.96 9.62 6.56
CA PRO G 961 -10.00 8.29 5.90
C PRO G 961 -8.85 7.99 4.95
N GLU G 962 -8.41 8.94 4.11
CA GLU G 962 -7.24 8.72 3.28
C GLU G 962 -6.00 9.46 3.76
N ALA G 963 -6.16 10.47 4.61
CA ALA G 963 -5.00 11.09 5.24
C ALA G 963 -4.21 10.07 6.06
N GLU G 964 -4.91 9.10 6.65
CA GLU G 964 -4.22 8.03 7.37
C GLU G 964 -3.33 7.22 6.45
N VAL G 965 -3.83 6.87 5.26
CA VAL G 965 -3.03 6.12 4.30
C VAL G 965 -1.84 6.95 3.84
N GLN G 966 -2.06 8.24 3.58
CA GLN G 966 -0.96 9.10 3.14
C GLN G 966 0.12 9.20 4.21
N ILE G 967 -0.27 9.42 5.47
CA ILE G 967 0.72 9.54 6.53
C ILE G 967 1.39 8.21 6.80
N ASP G 968 0.69 7.09 6.61
CA ASP G 968 1.34 5.79 6.75
C ASP G 968 2.41 5.59 5.69
N ARG G 969 2.12 5.99 4.45
CA ARG G 969 3.12 5.91 3.39
C ARG G 969 4.33 6.79 3.70
N LEU G 970 4.09 8.01 4.20
CA LEU G 970 5.20 8.88 4.58
C LEU G 970 6.01 8.27 5.72
N ILE G 971 5.33 7.67 6.69
CA ILE G 971 6.00 7.01 7.81
C ILE G 971 6.93 5.93 7.28
N THR G 972 6.42 5.09 6.37
CA THR G 972 7.23 4.01 5.81
C THR G 972 8.44 4.57 5.08
N GLY G 973 8.24 5.63 4.29
CA GLY G 973 9.36 6.20 3.56
C GLY G 973 10.46 6.72 4.46
N ARG G 974 10.07 7.49 5.49
CA ARG G 974 11.08 8.05 6.39
C ARG G 974 11.75 6.97 7.23
N LEU G 975 11.00 5.94 7.64
CA LEU G 975 11.62 4.83 8.37
C LEU G 975 12.66 4.11 7.50
N GLN G 976 12.33 3.89 6.22
CA GLN G 976 13.29 3.26 5.33
C GLN G 976 14.54 4.13 5.16
N SER G 977 14.35 5.45 5.04
CA SER G 977 15.49 6.35 4.91
C SER G 977 16.38 6.28 6.15
N LEU G 978 15.78 6.30 7.34
CA LEU G 978 16.55 6.22 8.57
C LEU G 978 17.30 4.90 8.68
N GLN G 979 16.64 3.80 8.31
CA GLN G 979 17.30 2.50 8.37
C GLN G 979 18.50 2.43 7.44
N THR G 980 18.35 2.95 6.22
CA THR G 980 19.48 2.98 5.29
C THR G 980 20.61 3.84 5.85
N TYR G 981 20.27 5.00 6.43
CA TYR G 981 21.28 5.87 6.99
C TYR G 981 22.08 5.19 8.08
N VAL G 982 21.38 4.52 9.01
CA VAL G 982 22.10 3.89 10.12
C VAL G 982 22.87 2.66 9.66
N THR G 983 22.40 1.95 8.62
CA THR G 983 23.17 0.83 8.11
C THR G 983 24.49 1.31 7.51
N GLN G 984 24.43 2.37 6.68
CA GLN G 984 25.67 2.92 6.13
C GLN G 984 26.56 3.47 7.24
N GLN G 985 25.96 4.07 8.27
CA GLN G 985 26.75 4.59 9.39
C GLN G 985 27.45 3.46 10.13
N LEU G 986 26.77 2.32 10.31
CA LEU G 986 27.39 1.17 10.96
C LEU G 986 28.56 0.63 10.15
N ILE G 987 28.39 0.52 8.83
CA ILE G 987 29.49 0.04 7.99
C ILE G 987 30.69 1.00 8.06
N ARG G 988 30.41 2.30 7.97
CA ARG G 988 31.50 3.28 8.06
C ARG G 988 32.16 3.26 9.43
N ALA G 989 31.37 3.04 10.49
CA ALA G 989 31.93 2.95 11.83
C ALA G 989 32.83 1.73 11.96
N ALA G 990 32.45 0.61 11.35
CA ALA G 990 33.33 -0.57 11.35
C ALA G 990 34.65 -0.28 10.65
N GLU G 991 34.58 0.38 9.49
CA GLU G 991 35.80 0.73 8.78
C GLU G 991 36.68 1.67 9.62
N ILE G 992 36.06 2.67 10.26
CA ILE G 992 36.82 3.60 11.08
C ILE G 992 37.41 2.91 12.30
N ARG G 993 36.71 1.93 12.87
CA ARG G 993 37.26 1.19 14.00
C ARG G 993 38.47 0.37 13.57
N ALA G 994 38.40 -0.25 12.38
CA ALA G 994 39.57 -0.96 11.87
C ALA G 994 40.75 -0.01 11.68
N SER G 995 40.48 1.17 11.11
CA SER G 995 41.56 2.15 10.92
C SER G 995 42.13 2.61 12.25
N ALA G 996 41.28 2.82 13.25
CA ALA G 996 41.75 3.26 14.57
C ALA G 996 42.58 2.17 15.25
N ASN G 997 42.17 0.91 15.11
CA ASN G 997 42.97 -0.19 15.65
C ASN G 997 44.33 -0.24 14.99
N LEU G 998 44.37 -0.05 13.66
CA LEU G 998 45.65 -0.02 12.96
C LEU G 998 46.51 1.14 13.44
N ALA G 999 45.90 2.31 13.64
CA ALA G 999 46.65 3.47 14.12
C ALA G 999 47.21 3.24 15.52
N ALA G 1000 46.41 2.63 16.40
CA ALA G 1000 46.88 2.34 17.75
C ALA G 1000 48.03 1.35 17.73
N THR G 1001 47.93 0.31 16.89
CA THR G 1001 49.01 -0.67 16.80
C THR G 1001 50.28 -0.05 16.25
N LYS G 1002 50.13 0.84 15.25
CA LYS G 1002 51.29 1.56 14.73
C LYS G 1002 51.92 2.45 15.80
N MET G 1003 51.10 3.16 16.56
CA MET G 1003 51.62 3.94 17.68
C MET G 1003 52.43 3.06 18.62
N SER G 1004 51.86 1.93 19.02
CA SER G 1004 52.50 1.05 20.00
C SER G 1004 53.83 0.52 19.48
N GLU G 1005 53.89 0.09 18.23
CA GLU G 1005 55.08 -0.58 17.74
C GLU G 1005 56.07 0.33 17.02
N CYS G 1006 55.74 1.61 16.81
CA CYS G 1006 56.67 2.54 16.19
C CYS G 1006 57.08 3.69 17.09
N VAL G 1007 56.16 4.23 17.89
CA VAL G 1007 56.50 5.35 18.75
C VAL G 1007 57.01 4.88 20.10
N LEU G 1008 56.41 3.85 20.69
CA LEU G 1008 56.83 3.34 21.98
C LEU G 1008 58.02 2.41 21.89
N GLY G 1009 58.45 2.04 20.69
CA GLY G 1009 59.58 1.15 20.54
C GLY G 1009 59.94 0.96 19.08
N GLN G 1010 61.15 0.46 18.87
CA GLN G 1010 61.64 0.19 17.53
C GLN G 1010 61.02 -1.10 16.99
N SER G 1011 60.67 -1.08 15.71
CA SER G 1011 59.99 -2.20 15.07
C SER G 1011 60.90 -2.88 14.06
N LYS G 1012 60.96 -4.21 14.13
CA LYS G 1012 61.69 -5.00 13.15
C LYS G 1012 60.85 -5.41 11.96
N ARG G 1013 59.55 -5.10 11.99
CA ARG G 1013 58.67 -5.44 10.88
C ARG G 1013 59.02 -4.60 9.65
N VAL G 1014 58.95 -5.23 8.48
CA VAL G 1014 59.37 -4.60 7.24
C VAL G 1014 58.21 -3.80 6.66
N ASP G 1015 58.48 -2.56 6.27
CA ASP G 1015 57.51 -1.69 5.62
C ASP G 1015 56.30 -1.41 6.49
N PHE G 1016 56.48 -1.50 7.82
CA PHE G 1016 55.37 -1.23 8.72
C PHE G 1016 55.42 0.20 9.24
N CYS G 1017 56.56 0.62 9.79
CA CYS G 1017 56.75 1.97 10.29
C CYS G 1017 57.56 2.85 9.33
N GLY G 1018 57.36 2.68 8.04
CA GLY G 1018 58.05 3.50 7.06
C GLY G 1018 58.57 2.66 5.91
N LYS G 1019 59.38 3.31 5.08
CA LYS G 1019 60.02 2.67 3.94
C LYS G 1019 61.52 2.62 4.20
N GLY G 1020 62.00 1.48 4.67
CA GLY G 1020 63.39 1.30 5.03
C GLY G 1020 63.54 0.73 6.43
N TYR G 1021 64.74 0.90 6.97
CA TYR G 1021 65.01 0.46 8.33
C TYR G 1021 64.56 1.51 9.33
N HIS G 1022 63.68 1.11 10.24
CA HIS G 1022 63.03 2.03 11.15
C HIS G 1022 63.96 2.44 12.28
N LEU G 1023 64.02 3.74 12.56
CA LEU G 1023 64.77 4.27 13.70
C LEU G 1023 63.84 4.89 14.73
N MET G 1024 63.03 5.88 14.35
CA MET G 1024 62.15 6.57 15.28
C MET G 1024 60.83 6.84 14.59
N SER G 1025 59.85 7.30 15.38
CA SER G 1025 58.56 7.71 14.87
C SER G 1025 57.96 8.73 15.81
N PHE G 1026 57.39 9.80 15.24
CA PHE G 1026 56.82 10.88 16.01
C PHE G 1026 55.36 11.08 15.63
N PRO G 1027 54.45 11.10 16.59
CA PRO G 1027 53.04 11.30 16.28
C PRO G 1027 52.65 12.77 16.24
N GLN G 1028 51.63 13.06 15.43
CA GLN G 1028 51.09 14.41 15.32
C GLN G 1028 49.57 14.34 15.25
N SER G 1029 48.92 15.25 15.97
CA SER G 1029 47.46 15.31 15.95
C SER G 1029 46.97 15.89 14.63
N ALA G 1030 45.74 15.52 14.27
CA ALA G 1030 45.11 15.97 13.04
C ALA G 1030 43.61 15.89 13.22
N PRO G 1031 42.84 16.67 12.45
CA PRO G 1031 41.38 16.59 12.55
C PRO G 1031 40.87 15.20 12.17
N HIS G 1032 40.30 14.52 13.16
CA HIS G 1032 39.75 13.17 12.97
C HIS G 1032 40.80 12.20 12.46
N GLY G 1033 41.99 12.26 13.02
CA GLY G 1033 43.05 11.35 12.62
C GLY G 1033 44.35 11.68 13.32
N VAL G 1034 45.37 10.88 12.98
CA VAL G 1034 46.71 11.03 13.52
C VAL G 1034 47.70 10.94 12.37
N VAL G 1035 48.79 11.70 12.48
CA VAL G 1035 49.84 11.76 11.47
C VAL G 1035 51.13 11.22 12.09
N PHE G 1036 51.74 10.26 11.41
CA PHE G 1036 52.97 9.62 11.88
C PHE G 1036 54.15 10.10 11.05
N LEU G 1037 55.18 10.58 11.72
CA LEU G 1037 56.43 10.99 11.08
C LEU G 1037 57.45 9.87 11.28
N HIS G 1038 57.76 9.16 10.20
CA HIS G 1038 58.60 7.96 10.26
C HIS G 1038 60.01 8.30 9.82
N VAL G 1039 60.97 8.16 10.74
CA VAL G 1039 62.38 8.34 10.42
C VAL G 1039 62.98 6.98 10.07
N THR G 1040 63.63 6.91 8.92
CA THR G 1040 64.13 5.64 8.39
C THR G 1040 65.60 5.77 8.00
N TYR G 1041 66.22 4.61 7.79
CA TYR G 1041 67.62 4.51 7.40
C TYR G 1041 67.69 3.83 6.05
N VAL G 1042 68.29 4.51 5.07
CA VAL G 1042 68.33 4.04 3.70
C VAL G 1042 69.76 4.08 3.18
N PRO G 1043 70.33 2.97 2.72
CA PRO G 1043 71.66 3.01 2.10
C PRO G 1043 71.64 3.85 0.83
N ALA G 1044 72.76 4.51 0.56
CA ALA G 1044 72.83 5.52 -0.50
C ALA G 1044 73.73 5.10 -1.66
N GLN G 1045 75.00 4.80 -1.39
CA GLN G 1045 75.98 4.54 -2.44
C GLN G 1045 76.44 3.10 -2.37
N GLU G 1046 76.32 2.38 -3.48
CA GLU G 1046 76.63 0.95 -3.53
C GLU G 1046 77.95 0.73 -4.24
N LYS G 1047 78.82 -0.08 -3.62
CA LYS G 1047 80.08 -0.49 -4.22
C LYS G 1047 80.20 -2.00 -4.09
N ASN G 1048 80.47 -2.68 -5.21
CA ASN G 1048 80.53 -4.13 -5.23
C ASN G 1048 81.96 -4.63 -5.12
N PHE G 1049 82.12 -5.84 -4.61
CA PHE G 1049 83.42 -6.46 -4.34
C PHE G 1049 83.35 -7.94 -4.66
N THR G 1050 84.40 -8.65 -4.26
CA THR G 1050 84.46 -10.10 -4.38
C THR G 1050 84.40 -10.73 -2.99
N THR G 1051 83.55 -11.74 -2.84
CA THR G 1051 83.30 -12.36 -1.55
C THR G 1051 83.46 -13.87 -1.65
N ALA G 1052 83.80 -14.49 -0.51
CA ALA G 1052 83.95 -15.93 -0.40
C ALA G 1052 83.24 -16.40 0.85
N PRO G 1053 82.63 -17.60 0.82
CA PRO G 1053 81.93 -18.09 2.02
C PRO G 1053 82.84 -18.27 3.23
N ALA G 1054 84.09 -18.68 3.04
CA ALA G 1054 85.00 -18.95 4.14
C ALA G 1054 86.43 -18.79 3.64
N ILE G 1055 87.37 -18.90 4.58
CA ILE G 1055 88.79 -18.74 4.29
C ILE G 1055 89.53 -19.96 4.83
N CYS G 1056 90.40 -20.54 3.99
CA CYS G 1056 91.18 -21.72 4.35
C CYS G 1056 92.55 -21.28 4.82
N HIS G 1057 92.92 -21.66 6.05
CA HIS G 1057 94.21 -21.31 6.61
C HIS G 1057 94.65 -22.42 7.55
N ASP G 1058 95.80 -23.02 7.27
CA ASP G 1058 96.33 -24.14 8.05
C ASP G 1058 95.30 -25.25 8.16
N GLY G 1059 94.62 -25.53 7.05
CA GLY G 1059 93.63 -26.59 6.99
C GLY G 1059 92.43 -26.36 7.87
N LYS G 1060 92.23 -25.11 8.29
CA LYS G 1060 91.14 -24.74 9.18
C LYS G 1060 90.25 -23.72 8.48
N ALA G 1061 88.95 -24.01 8.40
CA ALA G 1061 88.01 -23.12 7.75
C ALA G 1061 87.56 -22.04 8.72
N HIS G 1062 87.75 -20.78 8.33
CA HIS G 1062 87.36 -19.64 9.15
C HIS G 1062 86.12 -19.00 8.57
N PHE G 1063 85.10 -18.83 9.41
CA PHE G 1063 83.84 -18.22 9.00
C PHE G 1063 83.69 -16.85 9.68
N PRO G 1064 83.04 -15.91 9.01
CA PRO G 1064 82.92 -14.56 9.58
C PRO G 1064 81.91 -14.54 10.73
N ARG G 1065 82.29 -13.85 11.81
CA ARG G 1065 81.43 -13.68 12.98
C ARG G 1065 80.74 -12.33 12.86
N GLU G 1066 79.47 -12.36 12.46
CA GLU G 1066 78.67 -11.15 12.24
C GLU G 1066 79.35 -10.22 11.24
N GLY G 1067 79.53 -10.73 10.02
CA GLY G 1067 80.17 -9.96 8.96
C GLY G 1067 80.25 -10.76 7.69
N VAL G 1068 80.87 -10.16 6.69
CA VAL G 1068 81.05 -10.77 5.38
C VAL G 1068 82.45 -10.48 4.87
N PHE G 1069 83.09 -11.47 4.27
CA PHE G 1069 84.43 -11.28 3.71
C PHE G 1069 84.36 -10.46 2.43
N VAL G 1070 85.29 -9.52 2.30
CA VAL G 1070 85.30 -8.58 1.18
C VAL G 1070 86.72 -8.47 0.65
N SER G 1071 86.86 -8.52 -0.68
CA SER G 1071 88.15 -8.37 -1.33
C SER G 1071 88.06 -7.26 -2.38
N ASN G 1072 89.09 -6.42 -2.42
CA ASN G 1072 89.18 -5.35 -3.41
C ASN G 1072 90.05 -5.73 -4.60
N GLY G 1073 90.46 -7.00 -4.70
CA GLY G 1073 91.30 -7.47 -5.77
C GLY G 1073 92.69 -7.89 -5.34
N THR G 1074 93.16 -7.43 -4.18
CA THR G 1074 94.48 -7.80 -3.70
C THR G 1074 94.53 -8.22 -2.24
N HIS G 1075 93.56 -7.85 -1.40
CA HIS G 1075 93.53 -8.27 -0.01
C HIS G 1075 92.09 -8.52 0.41
N TRP G 1076 91.93 -9.31 1.47
CA TRP G 1076 90.61 -9.70 1.98
C TRP G 1076 90.39 -9.07 3.34
N PHE G 1077 89.22 -8.49 3.54
CA PHE G 1077 88.84 -7.86 4.80
C PHE G 1077 87.48 -8.38 5.25
N VAL G 1078 87.09 -7.98 6.46
CA VAL G 1078 85.80 -8.34 7.04
C VAL G 1078 85.08 -7.06 7.42
N THR G 1079 83.78 -7.00 7.13
CA THR G 1079 83.00 -5.81 7.39
C THR G 1079 81.54 -6.18 7.60
N GLN G 1080 80.80 -5.27 8.21
CA GLN G 1080 79.38 -5.47 8.43
C GLN G 1080 78.61 -5.42 7.11
N ARG G 1081 77.40 -5.96 7.12
CA ARG G 1081 76.63 -6.10 5.90
C ARG G 1081 76.08 -4.77 5.41
N ASN G 1082 75.59 -3.93 6.33
CA ASN G 1082 74.88 -2.70 5.96
C ASN G 1082 75.78 -1.49 5.88
N PHE G 1083 77.10 -1.65 6.08
CA PHE G 1083 78.02 -0.52 5.99
C PHE G 1083 79.41 -1.06 5.68
N TYR G 1084 80.18 -0.29 4.94
CA TYR G 1084 81.52 -0.70 4.52
C TYR G 1084 82.53 -0.21 5.56
N GLU G 1085 82.95 -1.10 6.45
CA GLU G 1085 83.96 -0.82 7.46
C GLU G 1085 84.98 -1.94 7.41
N PRO G 1086 85.95 -1.88 6.50
CA PRO G 1086 86.92 -2.96 6.36
C PRO G 1086 87.76 -3.12 7.62
N GLN G 1087 88.12 -4.37 7.92
CA GLN G 1087 88.92 -4.69 9.08
C GLN G 1087 89.85 -5.85 8.74
N ILE G 1088 91.01 -5.87 9.40
CA ILE G 1088 91.97 -6.95 9.19
C ILE G 1088 91.43 -8.23 9.82
N ILE G 1089 91.44 -9.32 9.04
CA ILE G 1089 90.86 -10.57 9.50
C ILE G 1089 91.76 -11.18 10.57
N THR G 1090 91.22 -11.33 11.77
CA THR G 1090 91.96 -11.88 12.91
C THR G 1090 91.15 -13.04 13.50
N THR G 1091 91.63 -13.55 14.63
CA THR G 1091 91.00 -14.69 15.28
C THR G 1091 89.81 -14.30 16.15
N ASP G 1092 89.55 -13.01 16.33
CA ASP G 1092 88.36 -12.57 17.05
C ASP G 1092 87.22 -12.18 16.12
N ASN G 1093 87.52 -11.78 14.89
CA ASN G 1093 86.48 -11.47 13.92
C ASN G 1093 85.91 -12.72 13.25
N THR G 1094 86.59 -13.86 13.38
CA THR G 1094 86.19 -15.09 12.72
C THR G 1094 86.26 -16.25 13.71
N PHE G 1095 85.49 -17.31 13.41
CA PHE G 1095 85.50 -18.53 14.19
C PHE G 1095 85.72 -19.72 13.27
N VAL G 1096 86.33 -20.77 13.81
CA VAL G 1096 86.71 -21.95 13.05
C VAL G 1096 85.71 -23.07 13.33
N SER G 1097 85.31 -23.76 12.27
CA SER G 1097 84.36 -24.87 12.38
C SER G 1097 84.49 -25.76 11.16
N GLY G 1098 84.76 -27.04 11.39
CA GLY G 1098 84.87 -27.99 10.28
C GLY G 1098 86.23 -27.95 9.62
N ASN G 1099 86.30 -28.62 8.47
CA ASN G 1099 87.51 -28.72 7.68
C ASN G 1099 87.42 -27.81 6.46
N CYS G 1100 88.44 -27.88 5.61
CA CYS G 1100 88.56 -26.99 4.46
C CYS G 1100 87.92 -27.54 3.19
N ASP G 1101 87.77 -28.86 3.08
CA ASP G 1101 87.28 -29.46 1.84
C ASP G 1101 85.78 -29.31 1.66
N VAL G 1102 85.02 -29.27 2.75
CA VAL G 1102 83.57 -29.33 2.65
C VAL G 1102 83.00 -28.07 2.01
N VAL G 1103 83.57 -26.91 2.33
CA VAL G 1103 83.01 -25.65 1.87
C VAL G 1103 83.24 -25.49 0.37
N ILE G 1104 82.26 -24.93 -0.33
CA ILE G 1104 82.33 -24.69 -1.76
C ILE G 1104 82.59 -23.20 -1.97
N GLY G 1105 83.65 -22.88 -2.71
CA GLY G 1105 84.02 -21.50 -2.97
C GLY G 1105 84.97 -20.90 -1.96
N ILE G 1106 85.57 -21.71 -1.10
CA ILE G 1106 86.47 -21.22 -0.06
C ILE G 1106 87.79 -20.79 -0.70
N VAL G 1107 88.34 -19.68 -0.22
CA VAL G 1107 89.58 -19.12 -0.75
C VAL G 1107 90.65 -19.20 0.33
N ASN G 1108 91.91 -19.17 -0.11
CA ASN G 1108 93.04 -19.25 0.81
C ASN G 1108 93.53 -17.85 1.16
N ASN G 1109 93.76 -17.65 2.45
CA ASN G 1109 94.29 -16.38 2.96
C ASN G 1109 94.85 -16.64 4.35
N THR G 1110 95.63 -15.69 4.85
CA THR G 1110 96.24 -15.76 6.17
C THR G 1110 95.45 -14.92 7.15
N VAL G 1111 95.16 -15.49 8.32
CA VAL G 1111 94.44 -14.81 9.38
C VAL G 1111 95.44 -14.47 10.48
N TYR G 1112 95.37 -13.23 10.97
CA TYR G 1112 96.31 -12.76 11.98
C TYR G 1112 95.91 -13.23 13.36
N ASP G 1113 96.91 -13.60 14.17
CA ASP G 1113 96.69 -14.02 15.54
C ASP G 1113 97.12 -12.90 16.47
N PRO G 1114 96.20 -12.30 17.24
CA PRO G 1114 96.62 -11.24 18.18
C PRO G 1114 97.74 -11.66 19.11
N LEU G 1115 97.72 -12.90 19.60
CA LEU G 1115 98.77 -13.38 20.49
C LEU G 1115 99.97 -13.88 19.71
N VAL H 1 -71.09 -17.87 -37.61
CA VAL H 1 -70.81 -17.33 -36.28
C VAL H 1 -71.33 -15.90 -36.21
N GLN H 2 -71.82 -15.51 -35.03
CA GLN H 2 -72.42 -14.20 -34.83
C GLN H 2 -71.52 -13.37 -33.93
N LEU H 3 -71.44 -12.07 -34.22
CA LEU H 3 -70.71 -11.11 -33.39
C LEU H 3 -71.68 -9.97 -33.04
N VAL H 4 -72.40 -10.13 -31.94
CA VAL H 4 -73.32 -9.08 -31.48
C VAL H 4 -72.55 -8.09 -30.62
N GLU H 5 -72.74 -6.80 -30.87
CA GLU H 5 -72.03 -5.75 -30.18
C GLU H 5 -73.00 -4.95 -29.32
N SER H 6 -72.52 -4.50 -28.17
CA SER H 6 -73.33 -3.74 -27.23
C SER H 6 -72.61 -2.45 -26.89
N GLY H 7 -73.29 -1.60 -26.14
CA GLY H 7 -72.76 -0.30 -25.77
C GLY H 7 -73.05 0.76 -26.81
N GLY H 8 -72.74 2.00 -26.46
CA GLY H 8 -72.94 3.09 -27.39
C GLY H 8 -73.65 4.28 -26.78
N GLY H 9 -74.64 4.81 -27.49
CA GLY H 9 -75.36 5.97 -27.01
C GLY H 9 -74.63 7.26 -27.32
N LEU H 10 -74.84 8.26 -26.48
CA LEU H 10 -74.22 9.58 -26.63
C LEU H 10 -73.33 9.83 -25.43
N VAL H 11 -72.11 10.30 -25.69
CA VAL H 11 -71.17 10.69 -24.65
C VAL H 11 -70.69 12.11 -24.93
N GLN H 12 -70.60 12.93 -23.90
CA GLN H 12 -70.15 14.29 -24.06
C GLN H 12 -68.67 14.30 -24.43
N PRO H 13 -68.19 15.37 -25.07
CA PRO H 13 -66.76 15.46 -25.37
C PRO H 13 -65.94 15.37 -24.11
N GLY H 14 -64.84 14.63 -24.19
CA GLY H 14 -64.03 14.35 -23.03
C GLY H 14 -64.54 13.21 -22.16
N GLY H 15 -65.65 12.59 -22.53
CA GLY H 15 -66.19 11.49 -21.76
C GLY H 15 -65.52 10.18 -22.09
N SER H 16 -66.18 9.10 -21.69
CA SER H 16 -65.63 7.76 -21.86
C SER H 16 -66.75 6.76 -22.09
N LEU H 17 -66.50 5.78 -22.96
CA LEU H 17 -67.41 4.67 -23.22
C LEU H 17 -66.60 3.39 -23.37
N ARG H 18 -67.30 2.27 -23.25
CA ARG H 18 -66.72 0.96 -23.56
C ARG H 18 -67.71 0.15 -24.37
N LEU H 19 -67.21 -0.56 -25.38
CA LEU H 19 -68.03 -1.42 -26.22
C LEU H 19 -67.55 -2.86 -26.11
N SER H 20 -68.50 -3.79 -26.01
CA SER H 20 -68.20 -5.20 -25.87
C SER H 20 -68.62 -5.94 -27.13
N CYS H 21 -67.76 -6.86 -27.58
CA CYS H 21 -68.00 -7.63 -28.79
C CYS H 21 -68.25 -9.08 -28.39
N ALA H 22 -69.52 -9.48 -28.39
CA ALA H 22 -69.90 -10.84 -27.98
C ALA H 22 -69.84 -11.75 -29.19
N ALA H 23 -69.04 -12.82 -29.09
CA ALA H 23 -68.84 -13.76 -30.17
C ALA H 23 -69.18 -15.16 -29.70
N SER H 24 -70.07 -15.83 -30.43
CA SER H 24 -70.51 -17.19 -30.10
C SER H 24 -70.24 -18.08 -31.31
N GLY H 25 -69.13 -18.80 -31.28
CA GLY H 25 -68.76 -19.68 -32.36
C GLY H 25 -67.27 -19.64 -32.67
N LEU H 26 -66.63 -18.52 -32.34
CA LEU H 26 -65.20 -18.35 -32.53
C LEU H 26 -64.58 -17.86 -31.23
N THR H 27 -63.34 -18.24 -30.99
CA THR H 27 -62.64 -17.85 -29.77
C THR H 27 -61.97 -16.50 -29.99
N VAL H 28 -62.28 -15.53 -29.11
CA VAL H 28 -61.63 -14.24 -29.20
C VAL H 28 -60.14 -14.35 -28.90
N SER H 29 -59.73 -15.28 -28.04
CA SER H 29 -58.35 -15.45 -27.66
C SER H 29 -57.56 -16.30 -28.65
N SER H 30 -58.07 -16.48 -29.87
CA SER H 30 -57.41 -17.31 -30.86
C SER H 30 -57.40 -16.71 -32.26
N ASN H 31 -58.10 -15.62 -32.53
CA ASN H 31 -58.23 -15.08 -33.87
C ASN H 31 -57.81 -13.62 -33.90
N TYR H 32 -57.43 -13.16 -35.10
CA TYR H 32 -57.18 -11.74 -35.29
C TYR H 32 -58.50 -10.99 -35.20
N MET H 33 -58.65 -10.17 -34.18
CA MET H 33 -59.86 -9.38 -33.99
C MET H 33 -59.51 -7.90 -34.07
N ASN H 34 -60.40 -7.11 -34.65
CA ASN H 34 -60.09 -5.71 -34.92
C ASN H 34 -61.37 -4.88 -34.91
N TRP H 35 -61.18 -3.56 -34.82
CA TRP H 35 -62.27 -2.60 -34.77
C TRP H 35 -62.23 -1.71 -36.01
N VAL H 36 -63.39 -1.53 -36.64
CA VAL H 36 -63.51 -0.78 -37.88
C VAL H 36 -64.53 0.33 -37.68
N ARG H 37 -64.20 1.53 -38.15
CA ARG H 37 -64.99 2.73 -37.93
C ARG H 37 -65.53 3.26 -39.25
N GLN H 38 -66.75 3.80 -39.23
CA GLN H 38 -67.39 4.30 -40.45
C GLN H 38 -68.22 5.53 -40.10
N ALA H 39 -67.69 6.70 -40.40
CA ALA H 39 -68.46 7.92 -40.22
C ALA H 39 -69.64 7.93 -41.18
N PRO H 40 -70.74 8.59 -40.81
CA PRO H 40 -71.93 8.58 -41.68
C PRO H 40 -71.62 9.17 -43.05
N GLY H 41 -72.04 8.45 -44.09
CA GLY H 41 -71.85 8.91 -45.46
C GLY H 41 -70.41 9.03 -45.89
N LYS H 42 -69.53 8.16 -45.38
CA LYS H 42 -68.12 8.19 -45.74
C LYS H 42 -67.58 6.77 -45.76
N GLY H 43 -66.31 6.62 -46.12
CA GLY H 43 -65.69 5.32 -46.20
C GLY H 43 -65.32 4.78 -44.83
N LEU H 44 -64.81 3.55 -44.84
CA LEU H 44 -64.45 2.87 -43.61
C LEU H 44 -63.01 3.18 -43.22
N GLU H 45 -62.70 2.94 -41.94
CA GLU H 45 -61.38 3.21 -41.40
C GLU H 45 -61.09 2.17 -40.32
N TRP H 46 -59.81 1.97 -40.05
CA TRP H 46 -59.34 0.95 -39.12
C TRP H 46 -58.87 1.58 -37.82
N VAL H 47 -59.23 0.96 -36.69
CA VAL H 47 -58.98 1.53 -35.38
C VAL H 47 -57.96 0.73 -34.59
N SER H 48 -58.24 -0.56 -34.36
CA SER H 48 -57.40 -1.38 -33.50
C SER H 48 -57.21 -2.75 -34.13
N VAL H 49 -56.42 -3.59 -33.46
CA VAL H 49 -56.20 -4.97 -33.85
C VAL H 49 -55.68 -5.68 -32.61
N PHE H 50 -55.94 -6.98 -32.50
CA PHE H 50 -55.60 -7.69 -31.28
C PHE H 50 -55.30 -9.14 -31.62
N TYR H 51 -54.02 -9.49 -31.61
CA TYR H 51 -53.52 -10.79 -32.03
C TYR H 51 -53.84 -11.86 -30.99
N PRO H 52 -53.70 -13.15 -31.36
CA PRO H 52 -53.81 -14.19 -30.33
C PRO H 52 -52.82 -14.01 -29.18
N GLY H 53 -51.61 -13.58 -29.46
CA GLY H 53 -50.69 -13.24 -28.40
C GLY H 53 -51.00 -11.88 -27.81
N GLY H 54 -50.28 -11.54 -26.76
CA GLY H 54 -50.49 -10.26 -26.11
C GLY H 54 -49.95 -9.10 -26.91
N SER H 55 -50.53 -8.85 -28.08
CA SER H 55 -50.08 -7.79 -28.97
C SER H 55 -51.26 -6.94 -29.39
N THR H 56 -50.99 -5.68 -29.67
CA THR H 56 -52.03 -4.74 -30.08
C THR H 56 -51.39 -3.59 -30.86
N PHE H 57 -51.99 -3.26 -32.00
CA PHE H 57 -51.55 -2.14 -32.82
C PHE H 57 -52.73 -1.22 -33.05
N TYR H 58 -52.49 0.09 -32.94
CA TYR H 58 -53.53 1.09 -33.11
C TYR H 58 -53.23 1.96 -34.31
N ALA H 59 -54.28 2.55 -34.86
CA ALA H 59 -54.10 3.55 -35.90
C ALA H 59 -53.57 4.84 -35.27
N ASP H 60 -53.05 5.71 -36.14
CA ASP H 60 -52.48 6.96 -35.66
C ASP H 60 -53.53 7.86 -35.03
N SER H 61 -54.74 7.89 -35.59
CA SER H 61 -55.78 8.78 -35.11
C SER H 61 -56.44 8.29 -33.83
N VAL H 62 -56.18 7.07 -33.40
CA VAL H 62 -56.83 6.51 -32.21
C VAL H 62 -55.79 5.97 -31.24
N ARG H 63 -54.59 6.54 -31.24
CA ARG H 63 -53.51 6.07 -30.39
C ARG H 63 -53.42 6.93 -29.15
N GLY H 64 -53.35 6.28 -27.98
CA GLY H 64 -53.21 6.97 -26.72
C GLY H 64 -54.51 7.28 -26.01
N ARG H 65 -55.62 7.30 -26.73
CA ARG H 65 -56.94 7.48 -26.13
C ARG H 65 -57.81 6.25 -26.20
N PHE H 66 -57.46 5.31 -27.08
CA PHE H 66 -58.24 4.10 -27.30
C PHE H 66 -57.47 2.91 -26.77
N THR H 67 -58.12 2.11 -25.94
CA THR H 67 -57.53 0.91 -25.38
C THR H 67 -58.45 -0.28 -25.62
N ILE H 68 -57.86 -1.40 -26.00
CA ILE H 68 -58.63 -2.61 -26.30
C ILE H 68 -58.33 -3.63 -25.22
N SER H 69 -59.30 -4.50 -24.97
CA SER H 69 -59.14 -5.53 -23.95
C SER H 69 -59.93 -6.76 -24.34
N ARG H 70 -59.46 -7.92 -23.85
CA ARG H 70 -60.08 -9.21 -24.14
C ARG H 70 -60.29 -9.96 -22.83
N ASP H 71 -61.43 -10.62 -22.70
CA ASP H 71 -61.76 -11.40 -21.52
C ASP H 71 -62.23 -12.78 -21.97
N ASN H 72 -61.44 -13.81 -21.65
CA ASN H 72 -61.79 -15.16 -22.05
C ASN H 72 -62.91 -15.73 -21.20
N SER H 73 -63.20 -15.10 -20.07
CA SER H 73 -64.27 -15.60 -19.20
C SER H 73 -65.63 -15.48 -19.88
N LYS H 74 -65.91 -14.33 -20.49
CA LYS H 74 -67.16 -14.10 -21.20
C LYS H 74 -67.04 -14.31 -22.70
N ASN H 75 -65.83 -14.63 -23.18
CA ASN H 75 -65.58 -14.83 -24.62
C ASN H 75 -66.03 -13.60 -25.41
N THR H 76 -65.56 -12.43 -24.97
CA THR H 76 -65.98 -11.16 -25.54
C THR H 76 -64.77 -10.24 -25.68
N LEU H 77 -64.91 -9.27 -26.58
CA LEU H 77 -63.87 -8.30 -26.85
C LEU H 77 -64.36 -6.90 -26.46
N TYR H 78 -63.52 -6.15 -25.74
CA TYR H 78 -63.89 -4.84 -25.24
C TYR H 78 -62.97 -3.78 -25.85
N LEU H 79 -63.55 -2.61 -26.11
CA LEU H 79 -62.79 -1.43 -26.55
C LEU H 79 -63.09 -0.28 -25.61
N GLN H 80 -62.05 0.33 -25.07
CA GLN H 80 -62.18 1.45 -24.15
C GLN H 80 -61.76 2.73 -24.87
N MET H 81 -62.58 3.77 -24.76
CA MET H 81 -62.36 5.02 -25.48
C MET H 81 -62.44 6.20 -24.52
N ASN H 82 -61.66 7.24 -24.79
CA ASN H 82 -61.75 8.49 -24.06
C ASN H 82 -62.07 9.59 -25.08
N SER H 83 -63.34 9.78 -25.36
CA SER H 83 -63.83 10.27 -26.63
C SER H 83 -63.40 11.71 -26.90
N LEU H 84 -63.51 12.08 -28.18
CA LEU H 84 -63.27 13.44 -28.66
C LEU H 84 -64.32 13.72 -29.74
N ARG H 85 -64.58 15.01 -29.97
CA ARG H 85 -65.73 15.41 -30.77
C ARG H 85 -65.64 14.91 -32.22
N ALA H 86 -64.44 14.79 -32.77
CA ALA H 86 -64.26 14.32 -34.13
C ALA H 86 -63.59 12.96 -34.21
N GLU H 87 -63.06 12.46 -33.09
CA GLU H 87 -62.43 11.15 -33.06
C GLU H 87 -63.45 10.02 -33.10
N ASP H 88 -64.65 10.23 -32.55
CA ASP H 88 -65.63 9.17 -32.39
C ASP H 88 -67.01 9.73 -32.71
N THR H 89 -67.41 9.63 -33.97
CA THR H 89 -68.74 10.03 -34.41
C THR H 89 -69.26 9.03 -35.45
N ALA H 90 -69.09 7.74 -35.16
CA ALA H 90 -69.30 6.75 -36.19
C ALA H 90 -69.80 5.44 -35.61
N VAL H 91 -70.33 4.59 -36.50
CA VAL H 91 -70.68 3.22 -36.15
C VAL H 91 -69.41 2.39 -36.09
N TYR H 92 -69.38 1.45 -35.15
CA TYR H 92 -68.19 0.64 -34.87
C TYR H 92 -68.48 -0.81 -35.18
N TYR H 93 -67.53 -1.48 -35.82
CA TYR H 93 -67.70 -2.85 -36.28
C TYR H 93 -66.63 -3.76 -35.69
N CYS H 94 -67.01 -5.02 -35.49
CA CYS H 94 -66.15 -6.05 -34.94
C CYS H 94 -66.00 -7.16 -35.99
N ALA H 95 -64.77 -7.60 -36.25
CA ALA H 95 -64.55 -8.53 -37.35
C ALA H 95 -63.45 -9.54 -37.01
N ARG H 96 -63.41 -10.62 -37.78
CA ARG H 96 -62.37 -11.64 -37.70
C ARG H 96 -61.63 -11.76 -39.03
N ASP H 97 -60.35 -12.11 -38.95
CA ASP H 97 -59.48 -12.22 -40.11
C ASP H 97 -59.19 -13.69 -40.39
N HIS H 98 -59.54 -14.13 -41.60
CA HIS H 98 -59.25 -15.51 -41.99
C HIS H 98 -57.82 -15.66 -42.48
N SER H 99 -57.51 -15.02 -43.60
CA SER H 99 -56.28 -15.25 -44.36
C SER H 99 -55.32 -14.09 -44.24
N GLY H 100 -55.36 -13.39 -43.11
CA GLY H 100 -54.42 -12.32 -42.86
C GLY H 100 -54.72 -11.03 -43.57
N HIS H 101 -55.76 -10.98 -44.41
CA HIS H 101 -56.15 -9.73 -45.04
C HIS H 101 -57.66 -9.49 -45.10
N ALA H 102 -58.49 -10.53 -45.00
CA ALA H 102 -59.92 -10.41 -45.26
C ALA H 102 -60.70 -10.53 -43.97
N LEU H 103 -61.62 -9.60 -43.75
CA LEU H 103 -62.49 -9.59 -42.58
C LEU H 103 -63.84 -10.14 -43.01
N ASP H 104 -64.22 -11.31 -42.49
CA ASP H 104 -65.43 -11.98 -42.93
C ASP H 104 -66.62 -11.76 -41.98
N ILE H 105 -66.48 -12.16 -40.72
CA ILE H 105 -67.60 -12.13 -39.79
C ILE H 105 -67.69 -10.72 -39.22
N TRP H 106 -68.46 -9.87 -39.88
CA TRP H 106 -68.70 -8.49 -39.45
C TRP H 106 -69.97 -8.45 -38.62
N GLY H 107 -69.87 -7.92 -37.41
CA GLY H 107 -71.02 -7.78 -36.57
C GLY H 107 -71.83 -6.54 -36.89
N GLN H 108 -73.01 -6.47 -36.28
CA GLN H 108 -73.87 -5.31 -36.45
C GLN H 108 -73.23 -4.09 -35.79
N GLY H 109 -73.39 -2.93 -36.41
CA GLY H 109 -72.76 -1.73 -35.90
C GLY H 109 -73.44 -1.19 -34.65
N THR H 110 -72.68 -0.41 -33.89
CA THR H 110 -73.18 0.31 -32.74
C THR H 110 -72.93 1.80 -32.93
N MET H 111 -73.99 2.59 -32.80
CA MET H 111 -73.87 4.04 -32.95
C MET H 111 -73.21 4.63 -31.71
N VAL H 112 -72.15 5.40 -31.91
CA VAL H 112 -71.43 6.07 -30.83
C VAL H 112 -71.25 7.52 -31.26
N THR H 113 -72.16 8.39 -30.84
CA THR H 113 -72.11 9.80 -31.18
C THR H 113 -71.71 10.62 -29.96
N VAL H 114 -71.08 11.75 -30.20
CA VAL H 114 -70.61 12.63 -29.13
C VAL H 114 -71.31 13.97 -29.24
N SER H 115 -71.86 14.43 -28.12
CA SER H 115 -72.54 15.73 -28.03
C SER H 115 -72.86 16.08 -26.58
N ASP I 1 -45.15 3.75 -47.77
CA ASP I 1 -46.60 3.83 -47.66
C ASP I 1 -47.24 3.77 -49.05
N ILE I 2 -48.44 3.19 -49.12
CA ILE I 2 -49.18 3.05 -50.36
C ILE I 2 -50.56 3.66 -50.17
N GLN I 3 -51.13 4.19 -51.26
CA GLN I 3 -52.44 4.81 -51.24
C GLN I 3 -53.36 4.05 -52.18
N MET I 4 -54.54 3.68 -51.69
CA MET I 4 -55.52 2.92 -52.46
C MET I 4 -56.59 3.88 -52.96
N THR I 5 -56.77 3.92 -54.28
CA THR I 5 -57.77 4.78 -54.89
C THR I 5 -58.55 4.00 -55.94
N GLN I 6 -59.81 4.39 -56.12
CA GLN I 6 -60.70 3.78 -57.09
C GLN I 6 -61.11 4.80 -58.13
N SER I 7 -61.05 4.42 -59.39
CA SER I 7 -61.34 5.33 -60.50
C SER I 7 -62.84 5.57 -60.71
N PRO I 8 -63.69 4.53 -60.77
CA PRO I 8 -65.08 4.77 -61.18
C PRO I 8 -65.83 5.76 -60.32
N SER I 9 -65.65 5.71 -59.00
CA SER I 9 -66.45 6.49 -58.05
C SER I 9 -67.92 6.20 -58.34
N PHE I 10 -68.76 7.19 -58.54
CA PHE I 10 -70.16 6.95 -58.89
C PHE I 10 -70.27 6.37 -60.29
N LEU I 11 -71.26 5.50 -60.49
CA LEU I 11 -71.54 4.91 -61.79
C LEU I 11 -73.04 4.81 -61.98
N SER I 12 -73.44 4.63 -63.25
CA SER I 12 -74.82 4.34 -63.60
C SER I 12 -74.83 3.10 -64.49
N ALA I 13 -75.48 2.04 -64.03
CA ALA I 13 -75.53 0.78 -64.75
C ALA I 13 -76.95 0.25 -64.74
N SER I 14 -77.44 -0.17 -65.90
CA SER I 14 -78.78 -0.71 -66.00
C SER I 14 -78.78 -2.19 -65.62
N VAL I 15 -79.98 -2.77 -65.56
CA VAL I 15 -80.11 -4.18 -65.23
C VAL I 15 -79.51 -5.05 -66.33
N GLY I 16 -79.75 -4.67 -67.60
CA GLY I 16 -79.32 -5.51 -68.71
C GLY I 16 -77.81 -5.67 -68.80
N ASP I 17 -77.07 -4.58 -68.62
CA ASP I 17 -75.63 -4.62 -68.83
C ASP I 17 -74.91 -5.04 -67.55
N ARG I 18 -73.58 -5.17 -67.66
CA ARG I 18 -72.71 -5.53 -66.55
C ARG I 18 -71.96 -4.30 -66.07
N VAL I 19 -71.19 -4.48 -65.00
CA VAL I 19 -70.42 -3.40 -64.39
C VAL I 19 -69.03 -3.90 -64.05
N THR I 20 -68.03 -3.05 -64.32
CA THR I 20 -66.63 -3.36 -64.04
C THR I 20 -66.05 -2.26 -63.17
N ILE I 21 -65.39 -2.65 -62.08
CA ILE I 21 -64.85 -1.75 -61.08
C ILE I 21 -63.35 -1.99 -60.96
N THR I 22 -62.59 -0.91 -60.78
CA THR I 22 -61.15 -1.03 -60.63
C THR I 22 -60.65 -0.11 -59.54
N CYS I 23 -59.71 -0.60 -58.72
CA CYS I 23 -59.06 0.21 -57.70
C CYS I 23 -57.56 0.01 -57.81
N ARG I 24 -56.82 1.11 -57.76
CA ARG I 24 -55.38 1.11 -57.98
C ARG I 24 -54.62 1.26 -56.67
N ALA I 25 -53.43 0.67 -56.62
CA ALA I 25 -52.56 0.75 -55.45
C ALA I 25 -51.24 1.36 -55.85
N SER I 26 -50.85 2.43 -55.17
CA SER I 26 -49.58 3.08 -55.47
C SER I 26 -48.41 2.22 -55.01
N GLN I 27 -47.29 2.37 -55.71
CA GLN I 27 -46.03 1.70 -55.35
C GLN I 27 -46.18 0.18 -55.34
N GLY I 28 -46.93 -0.35 -56.30
CA GLY I 28 -47.06 -1.79 -56.42
C GLY I 28 -47.90 -2.41 -55.34
N ILE I 29 -48.09 -3.73 -55.39
CA ILE I 29 -48.98 -4.41 -54.45
C ILE I 29 -48.74 -5.92 -54.51
N SER I 30 -49.09 -6.62 -53.45
CA SER I 30 -49.04 -8.08 -53.43
C SER I 30 -50.33 -8.63 -54.06
N SER I 31 -50.57 -9.92 -53.85
CA SER I 31 -51.74 -10.60 -54.40
C SER I 31 -52.91 -10.64 -53.43
N TYR I 32 -52.79 -10.01 -52.27
CA TYR I 32 -53.82 -10.07 -51.24
C TYR I 32 -54.67 -8.80 -51.30
N LEU I 33 -55.92 -8.95 -51.74
CA LEU I 33 -56.87 -7.85 -51.75
C LEU I 33 -58.28 -8.42 -51.60
N ALA I 34 -59.11 -7.73 -50.85
CA ALA I 34 -60.47 -8.16 -50.56
C ALA I 34 -61.47 -7.14 -51.06
N TRP I 35 -62.62 -7.64 -51.52
CA TRP I 35 -63.72 -6.81 -51.98
C TRP I 35 -64.92 -6.98 -51.05
N TYR I 36 -65.52 -5.86 -50.66
CA TYR I 36 -66.67 -5.85 -49.76
C TYR I 36 -67.89 -5.25 -50.43
N GLN I 37 -69.05 -5.67 -49.97
CA GLN I 37 -70.33 -5.14 -50.42
C GLN I 37 -71.08 -4.61 -49.21
N GLN I 38 -71.59 -3.39 -49.32
CA GLN I 38 -72.26 -2.73 -48.19
C GLN I 38 -73.54 -2.07 -48.68
N LYS I 39 -74.66 -2.77 -48.53
CA LYS I 39 -75.95 -2.16 -48.76
C LYS I 39 -76.16 -1.08 -47.70
N PRO I 40 -76.84 0.02 -48.04
CA PRO I 40 -76.98 1.13 -47.09
C PRO I 40 -77.63 0.67 -45.79
N GLY I 41 -77.04 1.10 -44.68
CA GLY I 41 -77.56 0.74 -43.37
C GLY I 41 -77.36 -0.72 -42.98
N LYS I 42 -76.36 -1.39 -43.53
CA LYS I 42 -76.09 -2.77 -43.17
C LYS I 42 -74.58 -2.97 -43.04
N ALA I 43 -74.20 -3.87 -42.15
CA ALA I 43 -72.79 -4.19 -41.97
C ALA I 43 -72.24 -4.87 -43.21
N PRO I 44 -71.08 -4.47 -43.71
CA PRO I 44 -70.57 -5.04 -44.95
C PRO I 44 -70.16 -6.49 -44.77
N LYS I 45 -70.26 -7.25 -45.86
CA LYS I 45 -69.93 -8.66 -45.87
C LYS I 45 -68.87 -8.93 -46.94
N LEU I 46 -67.97 -9.87 -46.63
CA LEU I 46 -66.92 -10.24 -47.56
C LEU I 46 -67.52 -10.81 -48.84
N LEU I 47 -66.98 -10.36 -49.97
CA LEU I 47 -67.46 -10.80 -51.28
C LEU I 47 -66.41 -11.59 -52.03
N ILE I 48 -65.21 -11.04 -52.23
CA ILE I 48 -64.10 -11.73 -52.88
C ILE I 48 -62.84 -11.41 -52.09
N TYR I 49 -62.07 -12.45 -51.78
CA TYR I 49 -60.82 -12.26 -51.05
C TYR I 49 -59.68 -12.97 -51.78
N ALA I 50 -58.47 -12.52 -51.45
CA ALA I 50 -57.21 -13.03 -52.04
C ALA I 50 -57.28 -12.80 -53.55
N ALA I 51 -56.77 -13.73 -54.37
CA ALA I 51 -56.71 -13.56 -55.82
C ALA I 51 -57.84 -14.38 -56.42
N SER I 52 -59.02 -13.76 -56.51
CA SER I 52 -60.18 -14.38 -57.15
C SER I 52 -60.52 -15.73 -56.52
N THR I 53 -60.40 -15.81 -55.20
CA THR I 53 -60.69 -17.05 -54.50
C THR I 53 -62.17 -17.38 -54.50
N LEU I 54 -63.04 -16.38 -54.43
CA LEU I 54 -64.48 -16.55 -54.26
C LEU I 54 -64.77 -17.16 -52.90
N GLN I 55 -65.95 -16.90 -52.35
CA GLN I 55 -66.26 -17.30 -50.98
C GLN I 55 -67.57 -18.06 -50.94
N SER I 56 -67.66 -19.00 -50.00
CA SER I 56 -68.90 -19.73 -49.80
C SER I 56 -70.02 -18.79 -49.39
N GLY I 57 -71.16 -18.92 -50.05
CA GLY I 57 -72.28 -18.03 -49.87
C GLY I 57 -72.30 -16.85 -50.81
N VAL I 58 -71.16 -16.48 -51.37
CA VAL I 58 -71.08 -15.47 -52.42
C VAL I 58 -71.43 -16.15 -53.74
N PRO I 59 -72.37 -15.61 -54.51
CA PRO I 59 -72.77 -16.26 -55.76
C PRO I 59 -71.62 -16.30 -56.76
N SER I 60 -71.65 -17.33 -57.61
CA SER I 60 -70.72 -17.42 -58.73
C SER I 60 -70.92 -16.29 -59.72
N ARG I 61 -72.03 -15.55 -59.59
CA ARG I 61 -72.24 -14.33 -60.35
C ARG I 61 -71.05 -13.38 -60.26
N PHE I 62 -70.50 -13.22 -59.06
CA PHE I 62 -69.38 -12.32 -58.84
C PHE I 62 -68.07 -13.02 -59.16
N SER I 63 -67.14 -12.26 -59.74
CA SER I 63 -65.80 -12.78 -60.04
C SER I 63 -64.86 -11.60 -60.20
N GLY I 64 -63.88 -11.50 -59.32
CA GLY I 64 -62.91 -10.42 -59.39
C GLY I 64 -61.50 -10.92 -59.56
N SER I 65 -60.90 -10.66 -60.71
CA SER I 65 -59.59 -11.16 -61.06
C SER I 65 -58.66 -10.01 -61.43
N GLY I 66 -57.40 -10.13 -61.00
CA GLY I 66 -56.42 -9.10 -61.31
C GLY I 66 -55.07 -9.53 -60.78
N SER I 67 -54.05 -8.81 -61.21
CA SER I 67 -52.69 -9.09 -60.78
C SER I 67 -51.90 -7.79 -60.74
N GLY I 68 -51.02 -7.69 -59.74
CA GLY I 68 -50.18 -6.51 -59.65
C GLY I 68 -50.99 -5.25 -59.41
N THR I 69 -50.46 -4.14 -59.92
CA THR I 69 -51.05 -2.83 -59.61
C THR I 69 -52.49 -2.73 -60.05
N GLU I 70 -52.81 -3.25 -61.24
CA GLU I 70 -54.15 -3.17 -61.79
C GLU I 70 -55.01 -4.30 -61.22
N PHE I 71 -56.04 -3.93 -60.48
CA PHE I 71 -56.99 -4.86 -59.88
C PHE I 71 -58.41 -4.47 -60.26
N THR I 72 -59.26 -5.47 -60.49
CA THR I 72 -60.61 -5.20 -60.95
C THR I 72 -61.54 -6.32 -60.55
N LEU I 73 -62.83 -6.00 -60.49
CA LEU I 73 -63.88 -6.96 -60.24
C LEU I 73 -65.01 -6.73 -61.22
N THR I 74 -65.64 -7.81 -61.68
CA THR I 74 -66.71 -7.72 -62.65
C THR I 74 -67.88 -8.59 -62.21
N ILE I 75 -69.09 -8.13 -62.53
CA ILE I 75 -70.33 -8.85 -62.27
C ILE I 75 -70.95 -9.23 -63.61
N SER I 76 -71.23 -10.53 -63.77
CA SER I 76 -71.68 -11.04 -65.06
C SER I 76 -73.20 -10.93 -65.25
N SER I 77 -73.97 -11.24 -64.21
CA SER I 77 -75.41 -11.39 -64.36
C SER I 77 -76.09 -10.01 -64.38
N LEU I 78 -77.42 -10.00 -64.34
CA LEU I 78 -78.21 -8.80 -64.57
C LEU I 78 -78.43 -7.98 -63.31
N GLN I 79 -77.93 -8.42 -62.15
CA GLN I 79 -78.02 -7.65 -60.92
C GLN I 79 -79.48 -7.38 -60.55
N PRO I 80 -80.22 -8.41 -60.11
CA PRO I 80 -81.65 -8.19 -59.77
C PRO I 80 -81.83 -7.16 -58.67
N GLU I 81 -81.21 -7.39 -57.52
CA GLU I 81 -81.20 -6.40 -56.44
C GLU I 81 -80.02 -5.47 -56.69
N ASP I 82 -80.31 -4.24 -57.09
CA ASP I 82 -79.25 -3.30 -57.46
C ASP I 82 -78.33 -3.05 -56.28
N PHE I 83 -77.06 -3.44 -56.44
CA PHE I 83 -76.08 -3.29 -55.38
C PHE I 83 -75.75 -1.81 -55.19
N ALA I 84 -75.13 -1.49 -54.05
CA ALA I 84 -74.93 -0.11 -53.67
C ALA I 84 -73.46 0.30 -53.58
N THR I 85 -72.67 -0.32 -52.72
CA THR I 85 -71.32 0.17 -52.45
C THR I 85 -70.32 -0.97 -52.44
N TYR I 86 -69.06 -0.62 -52.70
CA TYR I 86 -67.99 -1.59 -52.81
C TYR I 86 -66.68 -0.95 -52.40
N TYR I 87 -65.77 -1.77 -51.87
CA TYR I 87 -64.52 -1.27 -51.31
C TYR I 87 -63.38 -2.24 -51.57
N CYS I 88 -62.16 -1.72 -51.47
CA CYS I 88 -60.93 -2.48 -51.55
C CYS I 88 -60.21 -2.44 -50.20
N GLN I 89 -59.26 -3.34 -50.00
CA GLN I 89 -58.33 -3.19 -48.89
C GLN I 89 -57.06 -3.96 -49.18
N HIS I 90 -56.07 -3.78 -48.31
CA HIS I 90 -54.83 -4.53 -48.35
C HIS I 90 -54.11 -4.28 -47.04
N LEU I 91 -53.73 -5.35 -46.34
CA LEU I 91 -53.00 -5.18 -45.09
C LEU I 91 -51.58 -4.70 -45.37
N ASN I 92 -51.09 -3.82 -44.49
CA ASN I 92 -49.80 -3.14 -44.68
C ASN I 92 -48.87 -3.35 -43.49
N SER I 93 -47.85 -2.51 -43.40
CA SER I 93 -46.84 -2.61 -42.35
C SER I 93 -47.35 -1.93 -41.09
N TYR I 94 -46.50 -1.85 -40.07
CA TYR I 94 -46.89 -1.43 -38.72
C TYR I 94 -47.78 -0.20 -38.65
N PRO I 95 -47.46 0.93 -39.31
CA PRO I 95 -48.19 2.17 -38.97
C PRO I 95 -49.61 2.22 -39.49
N SER I 96 -49.84 1.73 -40.70
CA SER I 96 -51.14 1.90 -41.36
C SER I 96 -52.03 0.68 -41.27
N MET I 97 -51.50 -0.51 -41.55
CA MET I 97 -52.25 -1.77 -41.53
C MET I 97 -53.38 -1.69 -42.54
N TYR I 98 -54.65 -1.76 -42.12
CA TYR I 98 -55.74 -1.92 -43.07
C TYR I 98 -56.07 -0.59 -43.75
N THR I 99 -55.95 -0.57 -45.07
CA THR I 99 -56.23 0.61 -45.87
C THR I 99 -57.38 0.30 -46.82
N PHE I 100 -58.49 1.02 -46.65
CA PHE I 100 -59.70 0.76 -47.41
C PHE I 100 -59.84 1.63 -48.66
N GLY I 101 -59.35 2.85 -48.62
CA GLY I 101 -59.45 3.72 -49.77
C GLY I 101 -60.86 4.26 -49.97
N GLN I 102 -61.01 5.06 -51.02
CA GLN I 102 -62.29 5.66 -51.32
C GLN I 102 -63.30 4.61 -51.74
N GLY I 103 -64.57 4.86 -51.43
CA GLY I 103 -65.63 3.95 -51.79
C GLY I 103 -66.08 4.09 -53.23
N THR I 104 -67.02 3.21 -53.61
CA THR I 104 -67.61 3.21 -54.93
C THR I 104 -69.12 3.07 -54.82
N LYS I 105 -69.84 3.69 -55.74
CA LYS I 105 -71.28 3.69 -55.77
C LYS I 105 -71.76 3.27 -57.15
N VAL I 106 -72.68 2.31 -57.20
CA VAL I 106 -73.30 1.86 -58.43
C VAL I 106 -74.79 1.71 -58.18
N ASP I 107 -75.60 2.08 -59.16
CA ASP I 107 -77.05 2.04 -58.99
C ASP I 107 -77.71 2.01 -60.36
N ILE I 108 -79.04 2.09 -60.35
CA ILE I 108 -79.83 2.14 -61.57
C ILE I 108 -79.78 3.54 -62.17
#